data_2JUZ
#
_entry.id   2JUZ
#
_entity_poly.entity_id   1
_entity_poly.type   'polypeptide(L)'
_entity_poly.pdbx_seq_one_letter_code
;MAQHSKYSDAQLSAIVNDMIAVLEKHKAPVDLSLIALGNMASNLLTTSVPQTQCEALAQAFSNSLINAVKTRLEHHHHHH
;
_entity_poly.pdbx_strand_id   A,B
#
# COMPACT_ATOMS: atom_id res chain seq x y z
N MET A 1 -28.49 -1.70 2.42
CA MET A 1 -27.61 -1.05 1.41
C MET A 1 -26.73 0.02 2.06
N ALA A 2 -27.06 0.38 3.29
CA ALA A 2 -26.28 1.39 4.01
C ALA A 2 -25.06 0.76 4.68
N GLN A 3 -24.53 1.44 5.69
CA GLN A 3 -23.34 0.97 6.38
C GLN A 3 -23.67 -0.24 7.27
N HIS A 4 -23.21 -1.41 6.84
CA HIS A 4 -23.42 -2.63 7.61
C HIS A 4 -22.09 -3.31 7.88
N SER A 5 -21.01 -2.66 7.48
CA SER A 5 -19.68 -3.17 7.73
C SER A 5 -19.28 -2.93 9.18
N LYS A 6 -19.29 -3.98 9.98
CA LYS A 6 -19.00 -3.87 11.39
C LYS A 6 -17.50 -4.05 11.65
N TYR A 7 -16.73 -4.03 10.56
CA TYR A 7 -15.27 -4.19 10.61
C TYR A 7 -14.91 -5.56 11.18
N SER A 8 -14.91 -6.56 10.32
CA SER A 8 -14.62 -7.92 10.74
C SER A 8 -13.29 -8.39 10.15
N ASP A 9 -12.55 -9.18 10.92
CA ASP A 9 -11.34 -9.81 10.43
C ASP A 9 -11.71 -10.73 9.28
N ALA A 10 -12.92 -11.26 9.35
CA ALA A 10 -13.45 -12.09 8.30
C ALA A 10 -13.75 -11.26 7.06
N GLN A 11 -14.25 -10.04 7.27
CA GLN A 11 -14.56 -9.17 6.16
C GLN A 11 -13.28 -8.65 5.52
N LEU A 12 -12.34 -8.27 6.38
CA LEU A 12 -11.04 -7.79 5.93
C LEU A 12 -10.33 -8.86 5.10
N SER A 13 -10.17 -10.05 5.67
CA SER A 13 -9.44 -11.12 5.00
C SER A 13 -10.03 -11.43 3.63
N ALA A 14 -11.36 -11.37 3.53
CA ALA A 14 -12.02 -11.58 2.25
C ALA A 14 -11.57 -10.55 1.22
N ILE A 15 -11.45 -9.30 1.65
CA ILE A 15 -11.01 -8.22 0.79
C ILE A 15 -9.56 -8.42 0.35
N VAL A 16 -8.69 -8.67 1.32
CA VAL A 16 -7.25 -8.82 1.04
C VAL A 16 -7.00 -10.06 0.20
N ASN A 17 -7.75 -11.13 0.49
CA ASN A 17 -7.66 -12.38 -0.24
C ASN A 17 -7.89 -12.16 -1.74
N ASP A 18 -8.94 -11.42 -2.06
CA ASP A 18 -9.27 -11.12 -3.44
C ASP A 18 -8.20 -10.24 -4.06
N MET A 19 -7.81 -9.19 -3.36
CA MET A 19 -6.79 -8.27 -3.85
C MET A 19 -5.53 -9.04 -4.27
N ILE A 20 -5.09 -9.96 -3.42
CA ILE A 20 -3.92 -10.77 -3.71
C ILE A 20 -4.20 -11.76 -4.84
N ALA A 21 -5.35 -12.42 -4.79
CA ALA A 21 -5.70 -13.43 -5.78
C ALA A 21 -5.87 -12.83 -7.17
N VAL A 22 -6.39 -11.61 -7.22
CA VAL A 22 -6.55 -10.89 -8.47
C VAL A 22 -5.20 -10.49 -9.04
N LEU A 23 -4.34 -9.96 -8.17
CA LEU A 23 -2.98 -9.61 -8.56
C LEU A 23 -2.23 -10.85 -9.01
N GLU A 24 -2.54 -11.97 -8.37
CA GLU A 24 -1.95 -13.27 -8.70
C GLU A 24 -2.38 -13.73 -10.09
N LYS A 25 -3.60 -13.37 -10.49
CA LYS A 25 -4.11 -13.75 -11.81
C LYS A 25 -3.32 -13.04 -12.91
N HIS A 26 -3.06 -11.76 -12.73
CA HIS A 26 -2.26 -11.01 -13.68
C HIS A 26 -0.79 -11.41 -13.49
N LYS A 27 -0.48 -11.74 -12.24
CA LYS A 27 0.84 -12.21 -11.85
C LYS A 27 1.90 -11.13 -12.11
N ALA A 28 1.90 -10.12 -11.27
CA ALA A 28 2.87 -9.03 -11.37
C ALA A 28 4.20 -9.44 -10.74
N PRO A 29 5.32 -9.06 -11.37
CA PRO A 29 6.66 -9.42 -10.90
C PRO A 29 7.14 -8.56 -9.73
N VAL A 30 6.23 -8.28 -8.79
CA VAL A 30 6.53 -7.50 -7.59
C VAL A 30 6.73 -6.01 -7.91
N ASP A 31 7.62 -5.73 -8.84
CA ASP A 31 7.95 -4.36 -9.22
C ASP A 31 6.70 -3.58 -9.66
N LEU A 32 5.99 -4.12 -10.65
CA LEU A 32 4.80 -3.48 -11.18
C LEU A 32 3.73 -3.27 -10.11
N SER A 33 3.54 -4.25 -9.25
CA SER A 33 2.52 -4.18 -8.22
C SER A 33 2.85 -3.10 -7.18
N LEU A 34 4.14 -2.85 -6.97
CA LEU A 34 4.56 -1.81 -6.03
C LEU A 34 4.34 -0.43 -6.65
N ILE A 35 4.43 -0.35 -7.97
CA ILE A 35 4.18 0.91 -8.66
C ILE A 35 2.69 1.23 -8.65
N ALA A 36 1.86 0.21 -8.86
CA ALA A 36 0.41 0.36 -8.76
C ALA A 36 0.04 0.80 -7.34
N LEU A 37 0.70 0.18 -6.37
CA LEU A 37 0.53 0.55 -4.97
C LEU A 37 0.95 2.00 -4.77
N GLY A 38 2.09 2.37 -5.34
CA GLY A 38 2.56 3.74 -5.24
C GLY A 38 1.59 4.73 -5.85
N ASN A 39 1.12 4.43 -7.05
CA ASN A 39 0.12 5.25 -7.72
C ASN A 39 -1.12 5.42 -6.83
N MET A 40 -1.61 4.30 -6.30
CA MET A 40 -2.84 4.31 -5.49
C MET A 40 -2.62 5.02 -4.16
N ALA A 41 -1.47 4.77 -3.53
CA ALA A 41 -1.12 5.39 -2.26
C ALA A 41 -1.10 6.90 -2.40
N SER A 42 -0.47 7.39 -3.45
CA SER A 42 -0.42 8.82 -3.73
C SER A 42 -1.83 9.37 -3.90
N ASN A 43 -2.63 8.66 -4.70
CA ASN A 43 -4.01 9.05 -4.97
C ASN A 43 -4.81 9.18 -3.67
N LEU A 44 -4.69 8.18 -2.80
CA LEU A 44 -5.41 8.17 -1.54
C LEU A 44 -4.88 9.24 -0.58
N LEU A 45 -3.56 9.33 -0.48
CA LEU A 45 -2.93 10.27 0.46
C LEU A 45 -3.12 11.72 0.02
N THR A 46 -3.61 11.92 -1.20
CA THR A 46 -3.88 13.27 -1.65
C THR A 46 -5.39 13.53 -1.75
N THR A 47 -6.20 12.58 -1.32
CA THR A 47 -7.64 12.69 -1.47
C THR A 47 -8.41 12.36 -0.19
N SER A 48 -8.03 11.27 0.48
CA SER A 48 -8.86 10.73 1.56
C SER A 48 -8.18 10.85 2.92
N VAL A 49 -7.31 11.84 3.08
CA VAL A 49 -6.64 12.05 4.36
C VAL A 49 -6.92 13.46 4.87
N PRO A 50 -6.91 13.65 6.19
CA PRO A 50 -7.05 14.98 6.80
C PRO A 50 -5.93 15.91 6.35
N GLN A 51 -6.30 17.08 5.87
CA GLN A 51 -5.36 18.00 5.24
C GLN A 51 -4.26 18.42 6.20
N THR A 52 -4.63 18.73 7.43
CA THR A 52 -3.69 19.23 8.40
C THR A 52 -3.04 18.11 9.21
N GLN A 53 -3.56 16.90 9.06
CA GLN A 53 -3.05 15.75 9.80
C GLN A 53 -2.50 14.70 8.83
N CYS A 54 -2.20 15.14 7.62
CA CYS A 54 -1.70 14.26 6.57
C CYS A 54 -0.37 13.62 6.97
N GLU A 55 0.53 14.43 7.50
CA GLU A 55 1.86 13.96 7.89
C GLU A 55 1.75 12.96 9.03
N ALA A 56 0.89 13.27 10.00
CA ALA A 56 0.72 12.45 11.19
C ALA A 56 0.23 11.04 10.83
N LEU A 57 -0.90 10.98 10.12
CA LEU A 57 -1.49 9.69 9.76
C LEU A 57 -0.60 8.90 8.82
N ALA A 58 0.10 9.59 7.94
CA ALA A 58 1.04 8.95 7.03
C ALA A 58 2.20 8.34 7.79
N GLN A 59 2.70 9.06 8.80
CA GLN A 59 3.77 8.54 9.63
C GLN A 59 3.27 7.37 10.47
N ALA A 60 2.05 7.50 10.97
CA ALA A 60 1.45 6.45 11.78
C ALA A 60 1.30 5.15 11.00
N PHE A 61 0.80 5.26 9.77
CA PHE A 61 0.62 4.08 8.91
C PHE A 61 1.97 3.40 8.71
N SER A 62 2.96 4.20 8.31
CA SER A 62 4.31 3.68 8.08
C SER A 62 4.87 3.07 9.35
N ASN A 63 4.86 3.85 10.42
CA ASN A 63 5.40 3.44 11.72
C ASN A 63 4.81 2.11 12.18
N SER A 64 3.49 1.97 12.01
CA SER A 64 2.80 0.74 12.41
C SER A 64 3.29 -0.43 11.59
N LEU A 65 3.61 -0.19 10.32
CA LEU A 65 4.11 -1.25 9.45
C LEU A 65 5.56 -1.59 9.78
N ILE A 66 6.34 -0.57 10.11
CA ILE A 66 7.73 -0.78 10.49
C ILE A 66 7.80 -1.66 11.74
N ASN A 67 6.93 -1.35 12.71
CA ASN A 67 6.80 -2.16 13.91
C ASN A 67 6.37 -3.59 13.56
N ALA A 68 5.45 -3.71 12.61
CA ALA A 68 4.99 -5.01 12.16
C ALA A 68 6.14 -5.81 11.56
N VAL A 69 6.97 -5.13 10.77
CA VAL A 69 8.16 -5.76 10.19
C VAL A 69 9.13 -6.21 11.29
N LYS A 70 9.30 -5.34 12.30
CA LYS A 70 10.19 -5.63 13.41
C LYS A 70 9.77 -6.92 14.13
N THR A 71 8.51 -6.99 14.54
CA THR A 71 8.01 -8.14 15.26
C THR A 71 7.84 -9.36 14.34
N ARG A 72 7.82 -9.12 13.04
CA ARG A 72 7.78 -10.20 12.07
C ARG A 72 9.15 -10.89 12.02
N LEU A 73 10.17 -10.09 11.75
CA LEU A 73 11.54 -10.58 11.69
C LEU A 73 11.98 -11.08 13.07
N GLU A 74 11.77 -10.24 14.08
CA GLU A 74 12.13 -10.60 15.44
C GLU A 74 10.93 -11.23 16.13
N HIS A 75 10.91 -12.54 16.16
CA HIS A 75 9.81 -13.29 16.74
C HIS A 75 10.31 -14.31 17.75
N HIS A 76 11.59 -14.20 18.09
CA HIS A 76 12.21 -15.12 19.03
C HIS A 76 12.66 -14.34 20.26
N HIS A 77 11.74 -13.51 20.74
CA HIS A 77 12.01 -12.52 21.80
C HIS A 77 12.76 -13.15 22.98
N HIS A 78 12.10 -14.06 23.68
CA HIS A 78 12.72 -14.72 24.82
C HIS A 78 13.63 -15.84 24.33
N HIS A 79 14.90 -15.74 24.74
CA HIS A 79 15.92 -16.70 24.35
C HIS A 79 16.24 -16.61 22.86
N HIS A 80 17.30 -15.88 22.55
CA HIS A 80 17.75 -15.76 21.17
C HIS A 80 18.88 -16.73 20.92
N MET B 1 4.26 14.58 -17.10
CA MET B 1 3.69 13.29 -17.56
C MET B 1 4.55 12.14 -17.02
N ALA B 2 5.81 12.11 -17.46
CA ALA B 2 6.83 11.18 -16.95
C ALA B 2 6.49 9.71 -17.25
N GLN B 3 7.44 8.83 -16.95
CA GLN B 3 7.22 7.40 -17.09
C GLN B 3 6.56 6.85 -15.85
N HIS B 4 5.80 5.78 -16.01
CA HIS B 4 5.15 5.14 -14.88
C HIS B 4 5.58 3.67 -14.83
N SER B 5 5.63 3.04 -15.99
CA SER B 5 6.15 1.70 -16.12
C SER B 5 7.15 1.64 -17.27
N LYS B 6 8.31 1.04 -17.02
CA LYS B 6 9.34 0.93 -18.04
C LYS B 6 9.01 -0.23 -18.98
N TYR B 7 8.20 -1.16 -18.50
CA TYR B 7 7.87 -2.36 -19.24
C TYR B 7 6.63 -2.13 -20.09
N SER B 8 5.50 -1.97 -19.42
CA SER B 8 4.26 -1.65 -20.09
C SER B 8 3.45 -0.71 -19.22
N ASP B 9 3.46 0.56 -19.60
CA ASP B 9 2.68 1.58 -18.90
C ASP B 9 1.21 1.23 -19.00
N ALA B 10 0.87 0.44 -20.01
CA ALA B 10 -0.48 -0.02 -20.23
C ALA B 10 -0.84 -1.11 -19.22
N GLN B 11 0.04 -2.10 -19.09
CA GLN B 11 -0.18 -3.18 -18.13
C GLN B 11 -0.25 -2.63 -16.72
N LEU B 12 0.62 -1.68 -16.40
CA LEU B 12 0.60 -1.06 -15.08
C LEU B 12 -0.75 -0.43 -14.83
N SER B 13 -1.18 0.44 -15.74
CA SER B 13 -2.45 1.12 -15.62
C SER B 13 -3.60 0.12 -15.47
N ALA B 14 -3.53 -0.98 -16.21
CA ALA B 14 -4.54 -2.03 -16.13
C ALA B 14 -4.60 -2.61 -14.72
N ILE B 15 -3.44 -2.85 -14.13
CA ILE B 15 -3.35 -3.40 -12.78
C ILE B 15 -3.97 -2.45 -11.76
N VAL B 16 -3.57 -1.18 -11.81
CA VAL B 16 -4.06 -0.18 -10.87
C VAL B 16 -5.56 0.03 -11.06
N ASN B 17 -5.99 0.00 -12.31
CA ASN B 17 -7.39 0.18 -12.66
C ASN B 17 -8.26 -0.94 -12.09
N ASP B 18 -7.83 -2.19 -12.30
CA ASP B 18 -8.59 -3.34 -11.86
C ASP B 18 -8.52 -3.47 -10.34
N MET B 19 -7.44 -2.98 -9.76
CA MET B 19 -7.28 -2.95 -8.31
C MET B 19 -8.40 -2.11 -7.69
N ILE B 20 -8.70 -0.99 -8.31
CA ILE B 20 -9.80 -0.14 -7.88
C ILE B 20 -11.13 -0.87 -8.12
N ALA B 21 -11.23 -1.54 -9.26
CA ALA B 21 -12.44 -2.27 -9.64
C ALA B 21 -12.75 -3.38 -8.63
N VAL B 22 -11.75 -4.18 -8.30
CA VAL B 22 -11.94 -5.29 -7.37
C VAL B 22 -12.26 -4.78 -5.96
N LEU B 23 -11.78 -3.58 -5.65
CA LEU B 23 -12.13 -2.91 -4.41
C LEU B 23 -13.62 -2.58 -4.41
N GLU B 24 -14.07 -1.92 -5.47
CA GLU B 24 -15.47 -1.55 -5.64
C GLU B 24 -16.35 -2.80 -5.72
N LYS B 25 -15.76 -3.89 -6.23
CA LYS B 25 -16.43 -5.17 -6.31
C LYS B 25 -16.78 -5.70 -4.92
N HIS B 26 -15.99 -5.33 -3.92
CA HIS B 26 -16.22 -5.81 -2.56
C HIS B 26 -16.90 -4.77 -1.68
N LYS B 27 -16.82 -3.50 -2.09
CA LYS B 27 -17.43 -2.39 -1.35
C LYS B 27 -16.76 -2.21 0.01
N ALA B 28 -15.62 -1.55 0.03
CA ALA B 28 -14.87 -1.35 1.26
C ALA B 28 -14.65 0.14 1.50
N PRO B 29 -14.85 0.59 2.75
CA PRO B 29 -14.56 1.96 3.14
C PRO B 29 -13.06 2.23 3.13
N VAL B 30 -12.68 3.50 3.19
CA VAL B 30 -11.27 3.90 3.17
C VAL B 30 -10.48 3.18 4.26
N ASP B 31 -11.12 2.93 5.41
CA ASP B 31 -10.48 2.24 6.52
C ASP B 31 -10.00 0.86 6.10
N LEU B 32 -10.96 -0.02 5.81
CA LEU B 32 -10.67 -1.40 5.45
C LEU B 32 -9.76 -1.48 4.23
N SER B 33 -9.93 -0.56 3.30
CA SER B 33 -9.12 -0.51 2.09
C SER B 33 -7.65 -0.29 2.46
N LEU B 34 -7.42 0.56 3.47
CA LEU B 34 -6.06 0.83 3.93
C LEU B 34 -5.54 -0.32 4.77
N ILE B 35 -6.43 -0.96 5.53
CA ILE B 35 -6.04 -2.09 6.37
C ILE B 35 -5.55 -3.24 5.51
N ALA B 36 -6.31 -3.54 4.45
CA ALA B 36 -5.91 -4.58 3.50
C ALA B 36 -4.59 -4.22 2.83
N LEU B 37 -4.46 -2.96 2.45
CA LEU B 37 -3.25 -2.47 1.80
C LEU B 37 -2.06 -2.54 2.75
N GLY B 38 -2.29 -2.22 4.02
CA GLY B 38 -1.24 -2.29 5.02
C GLY B 38 -0.71 -3.70 5.20
N ASN B 39 -1.62 -4.66 5.34
CA ASN B 39 -1.24 -6.06 5.45
C ASN B 39 -0.51 -6.52 4.20
N MET B 40 -1.03 -6.11 3.05
CA MET B 40 -0.45 -6.45 1.75
C MET B 40 0.95 -5.88 1.62
N ALA B 41 1.09 -4.58 1.88
CA ALA B 41 2.38 -3.90 1.76
C ALA B 41 3.45 -4.58 2.62
N SER B 42 3.12 -4.81 3.87
CA SER B 42 4.05 -5.41 4.82
C SER B 42 4.40 -6.84 4.41
N ASN B 43 3.39 -7.62 4.04
CA ASN B 43 3.59 -9.03 3.71
C ASN B 43 4.50 -9.19 2.50
N LEU B 44 4.34 -8.33 1.50
CA LEU B 44 5.16 -8.42 0.29
C LEU B 44 6.62 -8.09 0.57
N LEU B 45 6.84 -7.01 1.31
CA LEU B 45 8.19 -6.57 1.63
C LEU B 45 8.91 -7.60 2.50
N THR B 46 8.15 -8.38 3.24
CA THR B 46 8.74 -9.35 4.15
C THR B 46 8.82 -10.74 3.52
N THR B 47 8.61 -10.82 2.22
CA THR B 47 8.64 -12.09 1.53
C THR B 47 9.46 -12.02 0.23
N SER B 48 9.16 -11.03 -0.60
CA SER B 48 9.73 -10.97 -1.94
C SER B 48 11.15 -10.40 -1.94
N VAL B 49 11.41 -9.44 -1.06
CA VAL B 49 12.69 -8.73 -1.06
C VAL B 49 13.45 -8.96 0.25
N PRO B 50 14.78 -8.69 0.26
CA PRO B 50 15.65 -8.87 1.44
C PRO B 50 15.13 -8.14 2.68
N GLN B 51 15.00 -8.89 3.78
CA GLN B 51 14.42 -8.39 5.03
C GLN B 51 15.11 -7.12 5.53
N THR B 52 16.43 -7.19 5.69
CA THR B 52 17.18 -6.08 6.29
C THR B 52 17.23 -4.85 5.38
N GLN B 53 16.80 -5.02 4.13
CA GLN B 53 16.90 -3.95 3.15
C GLN B 53 15.53 -3.37 2.83
N CYS B 54 14.51 -4.22 2.79
CA CYS B 54 13.16 -3.79 2.45
C CYS B 54 12.65 -2.79 3.49
N GLU B 55 13.10 -2.97 4.73
CA GLU B 55 12.76 -2.06 5.81
C GLU B 55 13.19 -0.63 5.47
N ALA B 56 14.41 -0.50 4.95
CA ALA B 56 14.95 0.79 4.57
C ALA B 56 14.20 1.36 3.37
N LEU B 57 13.95 0.49 2.39
CA LEU B 57 13.20 0.89 1.19
C LEU B 57 11.79 1.33 1.56
N ALA B 58 11.19 0.62 2.52
CA ALA B 58 9.88 0.99 3.02
C ALA B 58 9.89 2.40 3.58
N GLN B 59 10.88 2.69 4.42
CA GLN B 59 11.06 4.03 4.96
C GLN B 59 11.30 5.04 3.86
N ALA B 60 12.23 4.73 2.97
CA ALA B 60 12.57 5.62 1.86
C ALA B 60 11.34 5.94 1.00
N PHE B 61 10.62 4.91 0.61
CA PHE B 61 9.42 5.08 -0.21
C PHE B 61 8.35 5.85 0.57
N SER B 62 8.20 5.51 1.84
CA SER B 62 7.23 6.18 2.70
C SER B 62 7.57 7.65 2.84
N ASN B 63 8.84 7.94 3.14
CA ASN B 63 9.30 9.33 3.27
C ASN B 63 9.14 10.07 1.96
N SER B 64 9.31 9.36 0.85
CA SER B 64 9.12 9.93 -0.46
C SER B 64 7.65 10.32 -0.65
N LEU B 65 6.75 9.48 -0.17
CA LEU B 65 5.32 9.78 -0.19
C LEU B 65 5.02 10.99 0.69
N ILE B 66 5.71 11.07 1.83
CA ILE B 66 5.57 12.22 2.72
C ILE B 66 6.00 13.48 1.99
N ASN B 67 7.11 13.38 1.27
CA ASN B 67 7.64 14.49 0.49
C ASN B 67 6.63 14.91 -0.57
N ALA B 68 5.96 13.93 -1.18
CA ALA B 68 4.94 14.21 -2.18
C ALA B 68 3.80 15.03 -1.59
N VAL B 69 3.25 14.56 -0.48
CA VAL B 69 2.16 15.26 0.20
C VAL B 69 2.63 16.64 0.68
N LYS B 70 3.80 16.65 1.31
CA LYS B 70 4.40 17.89 1.82
C LYS B 70 4.51 18.93 0.72
N THR B 71 5.14 18.56 -0.38
CA THR B 71 5.43 19.49 -1.46
C THR B 71 4.21 19.69 -2.37
N ARG B 72 3.12 19.00 -2.07
CA ARG B 72 1.85 19.28 -2.73
C ARG B 72 1.20 20.48 -2.07
N LEU B 73 1.34 20.56 -0.75
CA LEU B 73 0.91 21.74 -0.01
C LEU B 73 1.94 22.85 -0.17
N GLU B 74 3.20 22.47 -0.06
CA GLU B 74 4.31 23.38 -0.28
C GLU B 74 4.66 23.45 -1.76
N HIS B 75 3.61 23.52 -2.57
CA HIS B 75 3.74 23.60 -4.01
C HIS B 75 4.04 25.05 -4.43
N HIS B 76 4.98 25.67 -3.74
CA HIS B 76 5.33 27.06 -3.99
C HIS B 76 6.61 27.11 -4.82
N HIS B 77 6.74 28.14 -5.65
CA HIS B 77 7.90 28.24 -6.53
C HIS B 77 7.93 29.59 -7.25
N HIS B 78 8.29 30.65 -6.53
CA HIS B 78 8.49 31.96 -7.14
C HIS B 78 9.95 32.37 -7.06
N HIS B 79 10.68 32.04 -8.12
CA HIS B 79 12.12 32.28 -8.22
C HIS B 79 12.61 31.71 -9.54
N HIS B 80 11.95 30.64 -9.95
CA HIS B 80 12.19 30.01 -11.24
C HIS B 80 10.96 29.20 -11.63
N MET A 1 -28.17 -3.20 -2.32
CA MET A 1 -27.57 -2.45 -1.20
C MET A 1 -27.35 -3.38 -0.02
N ALA A 2 -26.30 -3.13 0.75
CA ALA A 2 -25.99 -3.94 1.91
C ALA A 2 -25.88 -3.06 3.16
N GLN A 3 -25.95 -3.69 4.33
CA GLN A 3 -25.85 -2.96 5.58
C GLN A 3 -24.41 -2.71 5.96
N HIS A 4 -24.19 -1.87 6.98
CA HIS A 4 -22.85 -1.55 7.43
C HIS A 4 -22.24 -2.73 8.18
N SER A 5 -21.14 -3.24 7.65
CA SER A 5 -20.46 -4.36 8.25
C SER A 5 -19.83 -3.95 9.58
N LYS A 6 -19.81 -4.88 10.54
CA LYS A 6 -19.31 -4.61 11.89
C LYS A 6 -17.79 -4.68 11.92
N TYR A 7 -17.14 -4.34 10.81
CA TYR A 7 -15.70 -4.52 10.65
C TYR A 7 -15.35 -5.98 10.85
N SER A 8 -16.08 -6.85 10.18
CA SER A 8 -15.88 -8.28 10.29
C SER A 8 -14.50 -8.68 9.81
N ASP A 9 -13.79 -9.37 10.68
CA ASP A 9 -12.51 -9.96 10.30
C ASP A 9 -12.71 -10.95 9.17
N ALA A 10 -13.95 -11.39 9.00
CA ALA A 10 -14.31 -12.29 7.91
C ALA A 10 -14.48 -11.51 6.63
N GLN A 11 -15.07 -10.32 6.75
CA GLN A 11 -15.29 -9.45 5.59
C GLN A 11 -13.96 -8.90 5.10
N LEU A 12 -13.14 -8.45 6.03
CA LEU A 12 -11.83 -7.90 5.71
C LEU A 12 -10.96 -8.94 5.02
N SER A 13 -10.77 -10.08 5.67
CA SER A 13 -9.91 -11.14 5.14
C SER A 13 -10.36 -11.56 3.73
N ALA A 14 -11.67 -11.57 3.51
CA ALA A 14 -12.22 -11.91 2.20
C ALA A 14 -11.73 -10.93 1.14
N ILE A 15 -11.72 -9.65 1.49
CA ILE A 15 -11.32 -8.62 0.55
C ILE A 15 -9.81 -8.63 0.35
N VAL A 16 -9.05 -8.74 1.43
CA VAL A 16 -7.59 -8.73 1.35
C VAL A 16 -7.10 -9.95 0.56
N ASN A 17 -7.69 -11.10 0.85
CA ASN A 17 -7.29 -12.35 0.19
C ASN A 17 -7.71 -12.36 -1.27
N ASP A 18 -8.78 -11.62 -1.58
CA ASP A 18 -9.24 -11.49 -2.95
C ASP A 18 -8.20 -10.74 -3.75
N MET A 19 -7.74 -9.62 -3.19
CA MET A 19 -6.71 -8.78 -3.80
C MET A 19 -5.43 -9.58 -4.06
N ILE A 20 -5.14 -10.52 -3.17
CA ILE A 20 -4.01 -11.42 -3.36
C ILE A 20 -4.19 -12.23 -4.64
N ALA A 21 -5.40 -12.74 -4.83
CA ALA A 21 -5.73 -13.50 -6.02
C ALA A 21 -5.78 -12.57 -7.23
N VAL A 22 -6.20 -11.33 -7.00
CA VAL A 22 -6.21 -10.30 -8.03
C VAL A 22 -4.79 -10.04 -8.53
N LEU A 23 -3.84 -10.02 -7.60
CA LEU A 23 -2.44 -9.86 -7.94
C LEU A 23 -1.98 -11.01 -8.84
N GLU A 24 -2.44 -12.21 -8.54
CA GLU A 24 -2.12 -13.39 -9.33
C GLU A 24 -2.89 -13.39 -10.66
N LYS A 25 -3.93 -12.57 -10.71
CA LYS A 25 -4.77 -12.46 -11.90
C LYS A 25 -4.06 -11.64 -12.98
N HIS A 26 -3.00 -10.96 -12.58
CA HIS A 26 -2.17 -10.20 -13.52
C HIS A 26 -0.73 -10.66 -13.46
N LYS A 27 -0.31 -11.12 -12.28
CA LYS A 27 1.06 -11.57 -12.01
C LYS A 27 2.06 -10.44 -12.21
N ALA A 28 2.10 -9.52 -11.24
CA ALA A 28 3.07 -8.45 -11.27
C ALA A 28 4.22 -8.77 -10.33
N PRO A 29 5.47 -8.49 -10.74
CA PRO A 29 6.68 -8.90 -10.01
C PRO A 29 6.95 -8.10 -8.72
N VAL A 30 5.88 -7.78 -7.99
CA VAL A 30 5.97 -7.11 -6.68
C VAL A 30 6.29 -5.62 -6.82
N ASP A 31 7.35 -5.30 -7.55
CA ASP A 31 7.79 -3.92 -7.70
C ASP A 31 6.74 -3.11 -8.46
N LEU A 32 6.30 -3.65 -9.60
CA LEU A 32 5.26 -3.01 -10.38
C LEU A 32 3.95 -2.98 -9.61
N SER A 33 3.74 -3.99 -8.77
CA SER A 33 2.54 -4.08 -7.95
C SER A 33 2.49 -2.93 -6.96
N LEU A 34 3.64 -2.63 -6.35
CA LEU A 34 3.73 -1.58 -5.35
C LEU A 34 3.63 -0.20 -5.99
N ILE A 35 3.97 -0.10 -7.27
CA ILE A 35 3.80 1.16 -7.99
C ILE A 35 2.32 1.48 -8.17
N ALA A 36 1.55 0.49 -8.57
CA ALA A 36 0.10 0.64 -8.72
C ALA A 36 -0.53 1.04 -7.39
N LEU A 37 -0.16 0.33 -6.35
CA LEU A 37 -0.67 0.62 -5.02
C LEU A 37 -0.08 1.91 -4.47
N GLY A 38 1.05 2.31 -5.03
CA GLY A 38 1.69 3.55 -4.62
C GLY A 38 0.92 4.77 -5.08
N ASN A 39 0.55 4.77 -6.36
CA ASN A 39 -0.29 5.83 -6.91
C ASN A 39 -1.64 5.87 -6.19
N MET A 40 -2.12 4.69 -5.81
CA MET A 40 -3.37 4.57 -5.08
C MET A 40 -3.21 5.12 -3.66
N ALA A 41 -2.15 4.69 -2.97
CA ALA A 41 -1.89 5.12 -1.61
C ALA A 41 -1.81 6.63 -1.50
N SER A 42 -0.97 7.23 -2.34
CA SER A 42 -0.77 8.67 -2.30
C SER A 42 -2.07 9.42 -2.63
N ASN A 43 -2.80 8.91 -3.61
CA ASN A 43 -4.07 9.49 -4.02
C ASN A 43 -5.05 9.56 -2.85
N LEU A 44 -5.19 8.44 -2.16
CA LEU A 44 -6.13 8.34 -1.03
C LEU A 44 -5.66 9.18 0.15
N LEU A 45 -4.35 9.12 0.42
CA LEU A 45 -3.79 9.84 1.56
C LEU A 45 -3.88 11.35 1.38
N THR A 46 -4.02 11.80 0.14
CA THR A 46 -4.10 13.22 -0.12
C THR A 46 -5.54 13.68 -0.33
N THR A 47 -6.47 12.74 -0.34
CA THR A 47 -7.86 13.07 -0.61
C THR A 47 -8.78 12.73 0.58
N SER A 48 -8.55 11.60 1.22
CA SER A 48 -9.43 11.14 2.27
C SER A 48 -9.00 11.66 3.65
N VAL A 49 -7.80 11.27 4.09
CA VAL A 49 -7.33 11.64 5.42
C VAL A 49 -6.91 13.12 5.47
N PRO A 50 -6.77 13.68 6.68
CA PRO A 50 -6.38 15.09 6.84
C PRO A 50 -5.04 15.41 6.18
N GLN A 51 -5.10 16.27 5.17
CA GLN A 51 -3.93 16.66 4.39
C GLN A 51 -2.85 17.25 5.27
N THR A 52 -3.27 18.02 6.28
CA THR A 52 -2.33 18.70 7.17
C THR A 52 -1.66 17.71 8.14
N GLN A 53 -2.14 16.47 8.15
CA GLN A 53 -1.59 15.46 9.03
C GLN A 53 -1.13 14.25 8.23
N CYS A 54 -1.10 14.40 6.92
CA CYS A 54 -0.86 13.27 6.03
C CYS A 54 0.53 12.69 6.24
N GLU A 55 1.56 13.53 6.14
CA GLU A 55 2.94 13.05 6.28
C GLU A 55 3.17 12.49 7.67
N ALA A 56 2.52 13.10 8.66
CA ALA A 56 2.65 12.68 10.04
C ALA A 56 2.06 11.28 10.25
N LEU A 57 0.83 11.09 9.80
CA LEU A 57 0.13 9.81 9.97
C LEU A 57 0.71 8.74 9.06
N ALA A 58 1.07 9.12 7.83
CA ALA A 58 1.66 8.18 6.90
C ALA A 58 2.98 7.64 7.44
N GLN A 59 3.80 8.54 7.97
CA GLN A 59 5.06 8.16 8.58
C GLN A 59 4.82 7.26 9.79
N ALA A 60 3.83 7.63 10.60
CA ALA A 60 3.48 6.87 11.78
C ALA A 60 3.10 5.43 11.43
N PHE A 61 2.22 5.28 10.43
CA PHE A 61 1.80 3.95 9.99
C PHE A 61 2.97 3.20 9.38
N SER A 62 3.76 3.91 8.58
CA SER A 62 4.94 3.33 7.95
C SER A 62 5.89 2.79 9.02
N ASN A 63 6.25 3.62 9.98
CA ASN A 63 7.16 3.23 11.06
C ASN A 63 6.57 2.12 11.91
N SER A 64 5.25 2.06 11.99
CA SER A 64 4.60 0.96 12.70
C SER A 64 4.89 -0.38 12.01
N LEU A 65 4.95 -0.34 10.69
CA LEU A 65 5.31 -1.51 9.91
C LEU A 65 6.80 -1.75 9.99
N ILE A 66 7.58 -0.68 10.07
CA ILE A 66 9.02 -0.77 10.27
C ILE A 66 9.31 -1.49 11.58
N ASN A 67 8.53 -1.16 12.61
CA ASN A 67 8.65 -1.81 13.91
C ASN A 67 8.27 -3.28 13.82
N ALA A 68 7.33 -3.58 12.93
CA ALA A 68 6.96 -4.96 12.66
C ALA A 68 8.10 -5.69 11.96
N VAL A 69 8.78 -4.99 11.05
CA VAL A 69 9.99 -5.50 10.42
C VAL A 69 11.05 -5.78 11.48
N LYS A 70 11.21 -4.85 12.41
CA LYS A 70 12.13 -5.03 13.53
C LYS A 70 11.74 -6.27 14.35
N THR A 71 10.44 -6.54 14.41
CA THR A 71 9.94 -7.72 15.11
C THR A 71 10.35 -9.00 14.37
N ARG A 72 10.53 -8.90 13.06
CA ARG A 72 11.06 -10.02 12.28
C ARG A 72 12.55 -10.19 12.53
N LEU A 73 13.20 -9.10 12.93
CA LEU A 73 14.60 -9.15 13.33
C LEU A 73 14.71 -9.61 14.78
N GLU A 74 13.57 -9.63 15.46
CA GLU A 74 13.48 -10.21 16.80
C GLU A 74 13.29 -11.72 16.66
N HIS A 75 14.36 -12.45 16.96
CA HIS A 75 14.39 -13.90 16.75
C HIS A 75 13.42 -14.58 17.71
N HIS A 76 13.36 -14.08 18.92
CA HIS A 76 12.37 -14.52 19.90
C HIS A 76 11.84 -13.32 20.65
N HIS A 77 12.64 -12.83 21.60
CA HIS A 77 12.32 -11.61 22.35
C HIS A 77 10.86 -11.65 22.82
N HIS A 78 10.59 -12.56 23.74
CA HIS A 78 9.22 -12.88 24.12
C HIS A 78 8.53 -11.72 24.86
N HIS A 79 7.80 -10.90 24.11
CA HIS A 79 7.00 -9.84 24.71
C HIS A 79 5.52 -10.08 24.43
N HIS A 80 5.02 -11.18 24.96
CA HIS A 80 3.63 -11.56 24.79
C HIS A 80 3.27 -12.66 25.80
N MET B 1 8.60 -15.99 -27.81
CA MET B 1 8.35 -15.33 -26.51
C MET B 1 7.23 -14.32 -26.65
N ALA B 2 6.43 -14.16 -25.60
CA ALA B 2 5.30 -13.26 -25.64
C ALA B 2 5.71 -11.81 -25.44
N GLN B 3 5.85 -11.39 -24.19
CA GLN B 3 6.13 -9.99 -23.89
C GLN B 3 7.27 -9.85 -22.89
N HIS B 4 7.86 -8.66 -22.85
CA HIS B 4 8.89 -8.33 -21.89
C HIS B 4 8.57 -6.98 -21.25
N SER B 5 8.32 -6.98 -19.95
CA SER B 5 7.92 -5.76 -19.27
C SER B 5 9.14 -4.95 -18.85
N LYS B 6 9.07 -3.66 -19.14
CA LYS B 6 10.09 -2.71 -18.74
C LYS B 6 9.44 -1.51 -18.08
N TYR B 7 8.29 -1.76 -17.45
CA TYR B 7 7.40 -0.73 -16.92
C TYR B 7 6.61 -0.06 -18.04
N SER B 8 5.44 -0.60 -18.33
CA SER B 8 4.54 -0.01 -19.29
C SER B 8 3.49 0.78 -18.53
N ASP B 9 3.38 2.06 -18.85
CA ASP B 9 2.39 2.92 -18.21
C ASP B 9 0.99 2.47 -18.59
N ALA B 10 0.93 1.67 -19.65
CA ALA B 10 -0.33 1.09 -20.09
C ALA B 10 -0.61 -0.19 -19.31
N GLN B 11 0.45 -0.92 -18.99
CA GLN B 11 0.32 -2.14 -18.21
C GLN B 11 0.03 -1.77 -16.76
N LEU B 12 0.75 -0.77 -16.26
CA LEU B 12 0.56 -0.30 -14.90
C LEU B 12 -0.87 0.16 -14.69
N SER B 13 -1.33 1.07 -15.55
CA SER B 13 -2.68 1.61 -15.41
C SER B 13 -3.73 0.50 -15.40
N ALA B 14 -3.56 -0.48 -16.28
CA ALA B 14 -4.46 -1.63 -16.32
C ALA B 14 -4.50 -2.34 -14.97
N ILE B 15 -3.35 -2.47 -14.33
CA ILE B 15 -3.26 -3.12 -13.04
C ILE B 15 -3.92 -2.28 -11.95
N VAL B 16 -3.63 -0.99 -11.92
CA VAL B 16 -4.22 -0.09 -10.92
C VAL B 16 -5.73 -0.04 -11.11
N ASN B 17 -6.15 0.06 -12.37
CA ASN B 17 -7.57 0.11 -12.71
C ASN B 17 -8.25 -1.22 -12.45
N ASP B 18 -7.47 -2.29 -12.37
CA ASP B 18 -8.02 -3.59 -12.08
C ASP B 18 -8.39 -3.64 -10.62
N MET B 19 -7.47 -3.20 -9.77
CA MET B 19 -7.70 -3.11 -8.33
C MET B 19 -8.92 -2.24 -8.04
N ILE B 20 -9.00 -1.11 -8.74
CA ILE B 20 -10.14 -0.22 -8.61
C ILE B 20 -11.42 -0.94 -9.05
N ALA B 21 -11.33 -1.71 -10.12
CA ALA B 21 -12.45 -2.50 -10.59
C ALA B 21 -12.83 -3.55 -9.55
N VAL B 22 -11.83 -4.17 -8.94
CA VAL B 22 -12.04 -5.15 -7.89
C VAL B 22 -12.84 -4.54 -6.73
N LEU B 23 -12.50 -3.31 -6.37
CA LEU B 23 -13.23 -2.57 -5.35
C LEU B 23 -14.68 -2.36 -5.77
N GLU B 24 -14.90 -2.23 -7.08
CA GLU B 24 -16.23 -2.07 -7.62
C GLU B 24 -16.99 -3.39 -7.66
N LYS B 25 -16.26 -4.50 -7.66
CA LYS B 25 -16.89 -5.82 -7.68
C LYS B 25 -17.46 -6.17 -6.32
N HIS B 26 -16.63 -6.03 -5.29
CA HIS B 26 -17.03 -6.41 -3.93
C HIS B 26 -17.66 -5.23 -3.21
N LYS B 27 -17.36 -4.03 -3.68
CA LYS B 27 -17.80 -2.79 -3.04
C LYS B 27 -17.17 -2.63 -1.66
N ALA B 28 -16.01 -1.99 -1.63
CA ALA B 28 -15.31 -1.73 -0.39
C ALA B 28 -14.87 -0.27 -0.34
N PRO B 29 -15.25 0.46 0.71
CA PRO B 29 -14.88 1.86 0.86
C PRO B 29 -13.40 2.01 1.22
N VAL B 30 -12.89 3.23 1.02
CA VAL B 30 -11.48 3.54 1.30
C VAL B 30 -11.08 3.09 2.71
N ASP B 31 -12.01 3.19 3.64
CA ASP B 31 -11.78 2.80 5.03
C ASP B 31 -11.30 1.34 5.13
N LEU B 32 -12.19 0.40 4.82
CA LEU B 32 -11.85 -1.03 4.86
C LEU B 32 -10.78 -1.38 3.82
N SER B 33 -10.82 -0.72 2.68
CA SER B 33 -9.86 -0.98 1.62
C SER B 33 -8.44 -0.61 2.07
N LEU B 34 -8.33 0.44 2.88
CA LEU B 34 -7.04 0.88 3.39
C LEU B 34 -6.51 -0.14 4.39
N ILE B 35 -7.41 -0.67 5.21
CA ILE B 35 -7.04 -1.71 6.17
C ILE B 35 -6.54 -2.96 5.45
N ALA B 36 -7.21 -3.31 4.35
CA ALA B 36 -6.79 -4.42 3.51
C ALA B 36 -5.40 -4.17 2.93
N LEU B 37 -5.17 -2.94 2.48
CA LEU B 37 -3.88 -2.54 1.92
C LEU B 37 -2.79 -2.65 2.99
N GLY B 38 -3.13 -2.25 4.22
CA GLY B 38 -2.18 -2.35 5.31
C GLY B 38 -1.77 -3.78 5.60
N ASN B 39 -2.75 -4.67 5.60
CA ASN B 39 -2.48 -6.10 5.81
C ASN B 39 -1.58 -6.61 4.67
N MET B 40 -1.91 -6.23 3.44
CA MET B 40 -1.13 -6.64 2.28
C MET B 40 0.29 -6.13 2.38
N ALA B 41 0.44 -4.84 2.70
CA ALA B 41 1.77 -4.23 2.85
C ALA B 41 2.61 -5.02 3.86
N SER B 42 2.00 -5.39 4.97
CA SER B 42 2.67 -6.16 6.00
C SER B 42 3.15 -7.50 5.44
N ASN B 43 2.24 -8.20 4.77
CA ASN B 43 2.53 -9.50 4.19
C ASN B 43 3.67 -9.41 3.17
N LEU B 44 3.64 -8.37 2.35
CA LEU B 44 4.64 -8.18 1.32
C LEU B 44 5.99 -7.84 1.92
N LEU B 45 5.99 -7.00 2.94
CA LEU B 45 7.24 -6.56 3.54
C LEU B 45 7.86 -7.63 4.42
N THR B 46 7.09 -8.66 4.74
CA THR B 46 7.61 -9.75 5.55
C THR B 46 7.88 -11.00 4.71
N THR B 47 7.61 -10.95 3.41
CA THR B 47 7.72 -12.13 2.58
C THR B 47 8.29 -11.83 1.18
N SER B 48 7.93 -10.69 0.60
CA SER B 48 8.24 -10.43 -0.81
C SER B 48 9.56 -9.68 -0.96
N VAL B 49 9.89 -8.85 0.02
CA VAL B 49 11.14 -8.10 -0.02
C VAL B 49 12.15 -8.68 0.96
N PRO B 50 13.46 -8.47 0.70
CA PRO B 50 14.52 -8.93 1.59
C PRO B 50 14.38 -8.30 2.99
N GLN B 51 13.98 -9.12 3.95
CA GLN B 51 13.64 -8.65 5.29
C GLN B 51 14.81 -7.95 5.98
N THR B 52 16.03 -8.42 5.71
CA THR B 52 17.22 -7.82 6.32
C THR B 52 17.37 -6.34 5.96
N GLN B 53 16.87 -5.97 4.78
CA GLN B 53 16.99 -4.61 4.30
C GLN B 53 15.61 -4.03 4.01
N CYS B 54 14.60 -4.65 4.59
CA CYS B 54 13.20 -4.25 4.37
C CYS B 54 12.98 -2.81 4.80
N GLU B 55 13.59 -2.43 5.92
CA GLU B 55 13.48 -1.08 6.44
C GLU B 55 13.94 -0.06 5.40
N ALA B 56 15.03 -0.39 4.70
CA ALA B 56 15.60 0.50 3.71
C ALA B 56 14.64 0.69 2.54
N LEU B 57 14.02 -0.39 2.09
CA LEU B 57 13.05 -0.32 1.00
C LEU B 57 11.78 0.40 1.45
N ALA B 58 11.31 0.06 2.64
CA ALA B 58 10.09 0.62 3.19
C ALA B 58 10.26 2.13 3.45
N GLN B 59 11.36 2.51 4.08
CA GLN B 59 11.63 3.92 4.36
C GLN B 59 11.78 4.71 3.06
N ALA B 60 12.36 4.09 2.05
CA ALA B 60 12.52 4.74 0.75
C ALA B 60 11.15 5.10 0.16
N PHE B 61 10.25 4.11 0.15
CA PHE B 61 8.90 4.32 -0.36
C PHE B 61 8.16 5.33 0.51
N SER B 62 8.35 5.22 1.82
CA SER B 62 7.74 6.13 2.78
C SER B 62 8.16 7.58 2.49
N ASN B 63 9.46 7.83 2.55
CA ASN B 63 10.01 9.18 2.36
C ASN B 63 9.62 9.77 1.01
N SER B 64 9.54 8.93 -0.02
CA SER B 64 9.16 9.41 -1.34
C SER B 64 7.70 9.89 -1.34
N LEU B 65 6.87 9.24 -0.52
CA LEU B 65 5.48 9.64 -0.40
C LEU B 65 5.38 10.91 0.45
N ILE B 66 6.20 10.99 1.49
CA ILE B 66 6.20 12.15 2.38
C ILE B 66 6.46 13.43 1.58
N ASN B 67 7.48 13.39 0.74
CA ASN B 67 7.83 14.54 -0.09
C ASN B 67 6.72 14.84 -1.09
N ALA B 68 6.18 13.80 -1.72
CA ALA B 68 5.14 13.96 -2.73
C ALA B 68 3.90 14.62 -2.13
N VAL B 69 3.45 14.12 -0.99
CA VAL B 69 2.28 14.66 -0.32
C VAL B 69 2.53 16.10 0.12
N LYS B 70 3.69 16.33 0.72
CA LYS B 70 4.05 17.65 1.22
C LYS B 70 4.12 18.66 0.07
N THR B 71 4.55 18.20 -1.10
CA THR B 71 4.61 19.05 -2.29
C THR B 71 3.20 19.37 -2.81
N ARG B 72 2.25 18.45 -2.55
CA ARG B 72 0.87 18.68 -2.95
C ARG B 72 0.20 19.70 -2.03
N LEU B 73 0.55 19.66 -0.74
CA LEU B 73 0.12 20.68 0.21
C LEU B 73 0.81 21.99 -0.11
N GLU B 74 2.09 21.87 -0.45
CA GLU B 74 2.89 22.98 -0.96
C GLU B 74 3.13 24.05 0.11
N HIS B 75 2.27 25.06 0.13
CA HIS B 75 2.45 26.23 0.99
C HIS B 75 3.81 26.87 0.77
N HIS B 76 4.01 27.38 -0.45
CA HIS B 76 5.24 28.09 -0.78
C HIS B 76 5.39 29.33 0.10
N HIS B 77 6.27 29.24 1.09
CA HIS B 77 6.47 30.31 2.06
C HIS B 77 7.37 31.40 1.49
N HIS B 78 6.93 31.98 0.38
CA HIS B 78 7.63 33.06 -0.28
C HIS B 78 6.63 34.08 -0.80
N HIS B 79 7.10 35.29 -1.08
CA HIS B 79 6.23 36.33 -1.60
C HIS B 79 6.07 36.18 -3.12
N HIS B 80 6.36 34.99 -3.60
CA HIS B 80 6.14 34.65 -5.00
C HIS B 80 5.26 33.41 -5.07
N MET A 1 -24.79 7.22 5.11
CA MET A 1 -25.93 6.65 4.35
C MET A 1 -26.68 5.63 5.18
N ALA A 2 -26.07 4.48 5.39
CA ALA A 2 -26.70 3.40 6.14
C ALA A 2 -25.66 2.43 6.65
N GLN A 3 -25.96 1.75 7.75
CA GLN A 3 -25.04 0.79 8.32
C GLN A 3 -25.15 -0.52 7.55
N HIS A 4 -24.20 -0.74 6.64
CA HIS A 4 -24.22 -1.92 5.80
C HIS A 4 -22.99 -2.77 6.08
N SER A 5 -21.98 -2.17 6.69
CA SER A 5 -20.74 -2.88 7.02
C SER A 5 -20.41 -2.69 8.49
N LYS A 6 -20.41 -3.78 9.24
CA LYS A 6 -20.09 -3.74 10.66
C LYS A 6 -18.65 -4.20 10.89
N TYR A 7 -17.91 -4.31 9.79
CA TYR A 7 -16.50 -4.71 9.82
C TYR A 7 -16.32 -6.09 10.43
N SER A 8 -16.72 -7.11 9.70
CA SER A 8 -16.52 -8.48 10.13
C SER A 8 -15.12 -8.93 9.74
N ASP A 9 -14.46 -9.62 10.66
CA ASP A 9 -13.15 -10.20 10.35
C ASP A 9 -13.31 -11.19 9.21
N ALA A 10 -14.51 -11.72 9.07
CA ALA A 10 -14.84 -12.64 8.00
C ALA A 10 -14.99 -11.86 6.70
N GLN A 11 -15.58 -10.67 6.79
CA GLN A 11 -15.71 -9.81 5.63
C GLN A 11 -14.34 -9.33 5.18
N LEU A 12 -13.51 -8.97 6.16
CA LEU A 12 -12.14 -8.57 5.87
C LEU A 12 -11.40 -9.67 5.13
N SER A 13 -11.41 -10.86 5.71
CA SER A 13 -10.67 -11.99 5.18
C SER A 13 -10.95 -12.21 3.71
N ALA A 14 -12.23 -12.20 3.34
CA ALA A 14 -12.63 -12.41 1.95
C ALA A 14 -12.09 -11.29 1.05
N ILE A 15 -12.08 -10.06 1.56
CA ILE A 15 -11.59 -8.93 0.80
C ILE A 15 -10.08 -9.04 0.60
N VAL A 16 -9.35 -9.37 1.65
CA VAL A 16 -7.89 -9.50 1.55
C VAL A 16 -7.53 -10.67 0.65
N ASN A 17 -8.29 -11.76 0.74
CA ASN A 17 -8.10 -12.91 -0.13
C ASN A 17 -8.34 -12.53 -1.58
N ASP A 18 -9.34 -11.69 -1.81
CA ASP A 18 -9.64 -11.21 -3.14
C ASP A 18 -8.47 -10.40 -3.66
N MET A 19 -7.99 -9.46 -2.84
CA MET A 19 -6.85 -8.62 -3.21
C MET A 19 -5.66 -9.48 -3.66
N ILE A 20 -5.37 -10.52 -2.90
CA ILE A 20 -4.28 -11.43 -3.22
C ILE A 20 -4.52 -12.13 -4.56
N ALA A 21 -5.75 -12.59 -4.77
CA ALA A 21 -6.11 -13.29 -5.99
C ALA A 21 -6.08 -12.35 -7.19
N VAL A 22 -6.58 -11.14 -6.99
CA VAL A 22 -6.57 -10.11 -8.03
C VAL A 22 -5.15 -9.86 -8.50
N LEU A 23 -4.23 -9.67 -7.56
CA LEU A 23 -2.83 -9.46 -7.87
C LEU A 23 -2.24 -10.71 -8.53
N GLU A 24 -2.57 -11.87 -7.96
CA GLU A 24 -2.08 -13.15 -8.44
C GLU A 24 -2.39 -13.36 -9.93
N LYS A 25 -3.65 -13.15 -10.30
CA LYS A 25 -4.10 -13.49 -11.65
C LYS A 25 -3.77 -12.39 -12.65
N HIS A 26 -3.31 -11.25 -12.15
CA HIS A 26 -2.76 -10.21 -13.02
C HIS A 26 -1.25 -10.41 -13.15
N LYS A 27 -0.68 -10.98 -12.09
CA LYS A 27 0.74 -11.28 -11.99
C LYS A 27 1.59 -10.05 -12.22
N ALA A 28 1.81 -9.28 -11.17
CA ALA A 28 2.70 -8.15 -11.22
C ALA A 28 3.95 -8.45 -10.41
N PRO A 29 5.15 -8.22 -10.99
CA PRO A 29 6.40 -8.48 -10.30
C PRO A 29 6.58 -7.56 -9.10
N VAL A 30 7.45 -7.95 -8.19
CA VAL A 30 7.66 -7.23 -6.94
C VAL A 30 7.91 -5.73 -7.16
N ASP A 31 8.52 -5.41 -8.30
CA ASP A 31 8.83 -4.02 -8.62
C ASP A 31 7.56 -3.23 -8.87
N LEU A 32 6.76 -3.72 -9.80
CA LEU A 32 5.57 -3.01 -10.25
C LEU A 32 4.48 -3.01 -9.18
N SER A 33 4.43 -4.08 -8.39
CA SER A 33 3.43 -4.17 -7.33
C SER A 33 3.67 -3.08 -6.29
N LEU A 34 4.94 -2.85 -5.95
CA LEU A 34 5.29 -1.82 -4.98
C LEU A 34 4.97 -0.44 -5.50
N ILE A 35 5.21 -0.21 -6.79
CA ILE A 35 4.94 1.08 -7.41
C ILE A 35 3.44 1.33 -7.51
N ALA A 36 2.68 0.28 -7.84
CA ALA A 36 1.23 0.38 -7.91
C ALA A 36 0.67 0.75 -6.53
N LEU A 37 1.11 0.02 -5.51
CA LEU A 37 0.73 0.31 -4.13
C LEU A 37 1.17 1.72 -3.76
N GLY A 38 2.38 2.07 -4.16
CA GLY A 38 2.90 3.41 -3.94
C GLY A 38 2.00 4.49 -4.47
N ASN A 39 1.67 4.43 -5.75
CA ASN A 39 0.81 5.42 -6.37
C ASN A 39 -0.58 5.42 -5.72
N MET A 40 -1.10 4.22 -5.45
CA MET A 40 -2.43 4.08 -4.87
C MET A 40 -2.48 4.63 -3.44
N ALA A 41 -1.47 4.30 -2.65
CA ALA A 41 -1.39 4.78 -1.27
C ALA A 41 -1.37 6.30 -1.23
N SER A 42 -0.64 6.89 -2.16
CA SER A 42 -0.59 8.34 -2.28
C SER A 42 -1.99 8.89 -2.56
N ASN A 43 -2.68 8.26 -3.52
CA ASN A 43 -4.02 8.65 -3.90
C ASN A 43 -4.97 8.57 -2.71
N LEU A 44 -4.84 7.50 -1.93
CA LEU A 44 -5.68 7.30 -0.76
C LEU A 44 -5.43 8.37 0.30
N LEU A 45 -4.17 8.59 0.63
CA LEU A 45 -3.79 9.55 1.66
C LEU A 45 -4.23 10.95 1.28
N THR A 46 -4.42 11.19 0.00
CA THR A 46 -4.84 12.50 -0.46
C THR A 46 -6.34 12.56 -0.77
N THR A 47 -7.07 11.55 -0.32
CA THR A 47 -8.50 11.48 -0.60
C THR A 47 -9.31 11.06 0.63
N SER A 48 -8.91 9.98 1.29
CA SER A 48 -9.76 9.36 2.28
C SER A 48 -9.49 9.82 3.71
N VAL A 49 -8.21 10.00 4.04
CA VAL A 49 -7.84 10.35 5.40
C VAL A 49 -8.03 11.86 5.65
N PRO A 50 -8.28 12.24 6.92
CA PRO A 50 -8.45 13.64 7.31
C PRO A 50 -7.31 14.52 6.78
N GLN A 51 -7.68 15.61 6.11
CA GLN A 51 -6.72 16.44 5.40
C GLN A 51 -5.72 17.11 6.35
N THR A 52 -6.15 17.40 7.57
CA THR A 52 -5.25 18.00 8.55
C THR A 52 -4.29 16.95 9.12
N GLN A 53 -4.67 15.69 8.97
CA GLN A 53 -3.90 14.59 9.53
C GLN A 53 -3.29 13.77 8.40
N CYS A 54 -3.33 14.35 7.20
CA CYS A 54 -2.92 13.69 5.98
C CYS A 54 -1.50 13.15 6.08
N GLU A 55 -0.56 14.01 6.44
CA GLU A 55 0.84 13.62 6.50
C GLU A 55 1.13 12.93 7.82
N ALA A 56 0.36 13.27 8.85
CA ALA A 56 0.50 12.63 10.15
C ALA A 56 0.20 11.14 10.05
N LEU A 57 -0.91 10.82 9.37
CA LEU A 57 -1.29 9.43 9.17
C LEU A 57 -0.39 8.78 8.13
N ALA A 58 0.11 9.57 7.19
CA ALA A 58 1.06 9.09 6.19
C ALA A 58 2.33 8.59 6.86
N GLN A 59 2.89 9.40 7.73
CA GLN A 59 4.09 9.02 8.47
C GLN A 59 3.78 7.93 9.48
N ALA A 60 2.55 7.92 9.99
CA ALA A 60 2.11 6.88 10.92
C ALA A 60 2.12 5.52 10.22
N PHE A 61 1.52 5.46 9.04
CA PHE A 61 1.51 4.24 8.24
C PHE A 61 2.94 3.82 7.90
N SER A 62 3.77 4.81 7.58
CA SER A 62 5.17 4.56 7.24
C SER A 62 5.90 3.90 8.41
N ASN A 63 5.95 4.58 9.55
CA ASN A 63 6.73 4.13 10.71
C ASN A 63 6.20 2.81 11.28
N SER A 64 4.89 2.63 11.25
CA SER A 64 4.29 1.40 11.78
C SER A 64 4.70 0.19 10.95
N LEU A 65 4.80 0.39 9.63
CA LEU A 65 5.26 -0.67 8.74
C LEU A 65 6.74 -0.98 8.97
N ILE A 66 7.53 0.06 9.25
CA ILE A 66 8.95 -0.13 9.57
C ILE A 66 9.06 -1.02 10.80
N ASN A 67 8.27 -0.70 11.81
CA ASN A 67 8.23 -1.46 13.05
C ASN A 67 7.79 -2.91 12.79
N ALA A 68 6.74 -3.06 12.00
CA ALA A 68 6.19 -4.38 11.68
C ALA A 68 7.24 -5.26 10.99
N VAL A 69 7.89 -4.71 9.98
CA VAL A 69 8.91 -5.45 9.24
C VAL A 69 10.08 -5.80 10.14
N LYS A 70 10.52 -4.84 10.94
CA LYS A 70 11.65 -5.04 11.84
C LYS A 70 11.35 -6.11 12.88
N THR A 71 10.11 -6.16 13.33
CA THR A 71 9.68 -7.16 14.30
C THR A 71 9.63 -8.56 13.65
N ARG A 72 9.30 -8.61 12.36
CA ARG A 72 9.26 -9.88 11.64
C ARG A 72 10.67 -10.30 11.22
N LEU A 73 11.57 -9.34 11.11
CA LEU A 73 12.96 -9.62 10.87
C LEU A 73 13.58 -10.26 12.13
N GLU A 74 13.19 -9.73 13.27
CA GLU A 74 13.59 -10.30 14.56
C GLU A 74 12.56 -11.32 15.02
N HIS A 75 12.65 -11.70 16.30
CA HIS A 75 11.69 -12.61 16.92
C HIS A 75 11.54 -13.90 16.10
N HIS A 76 12.55 -14.76 16.20
CA HIS A 76 12.53 -16.01 15.47
C HIS A 76 11.93 -17.10 16.32
N HIS A 77 10.90 -17.76 15.80
CA HIS A 77 10.06 -18.64 16.60
C HIS A 77 10.74 -19.97 16.89
N HIS A 78 11.51 -19.99 17.98
CA HIS A 78 12.11 -21.22 18.48
C HIS A 78 12.04 -21.21 20.01
N HIS A 79 10.90 -20.76 20.51
CA HIS A 79 10.67 -20.68 21.94
C HIS A 79 9.85 -21.87 22.42
N HIS A 80 9.96 -22.17 23.70
CA HIS A 80 9.20 -23.25 24.30
C HIS A 80 7.88 -22.70 24.84
N MET B 1 14.63 -13.97 -24.02
CA MET B 1 14.76 -13.19 -22.77
C MET B 1 13.65 -12.16 -22.68
N ALA B 2 13.66 -11.35 -21.62
CA ALA B 2 12.62 -10.35 -21.41
C ALA B 2 12.85 -9.13 -22.28
N GLN B 3 12.32 -9.18 -23.50
CA GLN B 3 12.39 -8.06 -24.42
C GLN B 3 11.05 -7.34 -24.42
N HIS B 4 9.99 -8.12 -24.16
CA HIS B 4 8.65 -7.58 -24.00
C HIS B 4 8.49 -7.00 -22.60
N SER B 5 9.16 -7.62 -21.63
CA SER B 5 9.09 -7.19 -20.26
C SER B 5 10.17 -6.14 -19.96
N LYS B 6 9.86 -4.88 -20.24
CA LYS B 6 10.79 -3.78 -19.97
C LYS B 6 10.17 -2.78 -19.01
N TYR B 7 9.25 -3.25 -18.18
CA TYR B 7 8.54 -2.38 -17.24
C TYR B 7 7.71 -1.34 -17.98
N SER B 8 6.51 -1.72 -18.38
CA SER B 8 5.63 -0.84 -19.11
C SER B 8 4.91 0.08 -18.14
N ASP B 9 5.24 1.37 -18.22
CA ASP B 9 4.58 2.38 -17.41
C ASP B 9 3.10 2.40 -17.73
N ALA B 10 2.76 1.86 -18.89
CA ALA B 10 1.39 1.83 -19.36
C ALA B 10 0.65 0.68 -18.71
N GLN B 11 1.40 -0.38 -18.42
CA GLN B 11 0.84 -1.54 -17.74
C GLN B 11 0.76 -1.25 -16.24
N LEU B 12 1.67 -0.43 -15.75
CA LEU B 12 1.62 -0.01 -14.35
C LEU B 12 0.36 0.80 -14.10
N SER B 13 0.16 1.86 -14.87
CA SER B 13 -1.03 2.70 -14.72
C SER B 13 -2.29 1.85 -14.85
N ALA B 14 -2.24 0.88 -15.76
CA ALA B 14 -3.36 -0.03 -15.96
C ALA B 14 -3.56 -0.94 -14.76
N ILE B 15 -2.48 -1.27 -14.06
CA ILE B 15 -2.56 -2.20 -12.94
C ILE B 15 -3.03 -1.48 -11.68
N VAL B 16 -2.63 -0.22 -11.52
CA VAL B 16 -3.05 0.57 -10.39
C VAL B 16 -4.51 1.00 -10.58
N ASN B 17 -4.84 1.35 -11.81
CA ASN B 17 -6.20 1.76 -12.17
C ASN B 17 -7.13 0.56 -12.08
N ASP B 18 -6.58 -0.63 -12.25
CA ASP B 18 -7.33 -1.87 -12.09
C ASP B 18 -7.77 -1.97 -10.64
N MET B 19 -6.80 -1.84 -9.74
CA MET B 19 -7.03 -1.90 -8.29
C MET B 19 -8.07 -0.89 -7.86
N ILE B 20 -7.99 0.32 -8.41
CA ILE B 20 -8.96 1.37 -8.12
C ILE B 20 -10.37 0.88 -8.47
N ALA B 21 -10.51 0.30 -9.64
CA ALA B 21 -11.79 -0.24 -10.08
C ALA B 21 -12.20 -1.44 -9.24
N VAL B 22 -11.22 -2.26 -8.85
CA VAL B 22 -11.47 -3.40 -7.98
C VAL B 22 -12.06 -2.94 -6.65
N LEU B 23 -11.49 -1.86 -6.11
CA LEU B 23 -11.95 -1.28 -4.87
C LEU B 23 -13.41 -0.85 -4.98
N GLU B 24 -13.74 -0.16 -6.07
CA GLU B 24 -15.10 0.32 -6.29
C GLU B 24 -16.09 -0.83 -6.45
N LYS B 25 -15.59 -1.97 -6.91
CA LYS B 25 -16.43 -3.16 -7.08
C LYS B 25 -16.77 -3.78 -5.72
N HIS B 26 -16.03 -3.37 -4.70
CA HIS B 26 -16.28 -3.85 -3.35
C HIS B 26 -16.92 -2.76 -2.51
N LYS B 27 -16.59 -1.50 -2.82
CA LYS B 27 -17.11 -0.33 -2.12
C LYS B 27 -16.79 -0.42 -0.62
N ALA B 28 -15.60 -0.93 -0.33
CA ALA B 28 -15.17 -1.11 1.05
C ALA B 28 -14.82 0.23 1.68
N PRO B 29 -15.13 0.39 2.97
CA PRO B 29 -14.78 1.60 3.72
C PRO B 29 -13.28 1.72 3.91
N VAL B 30 -12.78 2.94 4.07
CA VAL B 30 -11.35 3.17 4.18
C VAL B 30 -10.77 2.46 5.39
N ASP B 31 -11.60 2.30 6.43
CA ASP B 31 -11.19 1.58 7.63
C ASP B 31 -10.82 0.14 7.27
N LEU B 32 -11.81 -0.60 6.78
CA LEU B 32 -11.65 -2.00 6.45
C LEU B 32 -10.63 -2.18 5.33
N SER B 33 -10.65 -1.25 4.39
CA SER B 33 -9.71 -1.26 3.27
C SER B 33 -8.27 -1.21 3.77
N LEU B 34 -7.97 -0.27 4.67
CA LEU B 34 -6.62 -0.09 5.17
C LEU B 34 -6.21 -1.23 6.10
N ILE B 35 -7.19 -1.97 6.60
CA ILE B 35 -6.89 -3.17 7.38
C ILE B 35 -6.44 -4.30 6.45
N ALA B 36 -7.20 -4.48 5.36
CA ALA B 36 -6.86 -5.47 4.35
C ALA B 36 -5.52 -5.15 3.70
N LEU B 37 -5.39 -3.92 3.23
CA LEU B 37 -4.14 -3.48 2.60
C LEU B 37 -3.02 -3.41 3.62
N GLY B 38 -3.37 -3.19 4.88
CA GLY B 38 -2.38 -3.18 5.94
C GLY B 38 -1.77 -4.56 6.15
N ASN B 39 -2.63 -5.56 6.26
CA ASN B 39 -2.17 -6.94 6.38
C ASN B 39 -1.43 -7.38 5.12
N MET B 40 -1.86 -6.85 3.98
CA MET B 40 -1.26 -7.18 2.70
C MET B 40 0.14 -6.54 2.57
N ALA B 41 0.23 -5.26 2.92
CA ALA B 41 1.48 -4.51 2.82
C ALA B 41 2.59 -5.19 3.62
N SER B 42 2.30 -5.48 4.88
CA SER B 42 3.28 -6.12 5.76
C SER B 42 3.66 -7.50 5.22
N ASN B 43 2.64 -8.26 4.82
CA ASN B 43 2.83 -9.58 4.24
C ASN B 43 3.81 -9.53 3.08
N LEU B 44 3.52 -8.66 2.11
CA LEU B 44 4.35 -8.55 0.91
C LEU B 44 5.76 -8.10 1.26
N LEU B 45 5.89 -7.16 2.18
CA LEU B 45 7.20 -6.63 2.53
C LEU B 45 8.03 -7.66 3.29
N THR B 46 7.40 -8.71 3.80
CA THR B 46 8.15 -9.75 4.46
C THR B 46 8.11 -11.07 3.69
N THR B 47 7.64 -11.00 2.45
CA THR B 47 7.55 -12.19 1.61
C THR B 47 8.17 -11.94 0.23
N SER B 48 7.87 -10.79 -0.36
CA SER B 48 8.29 -10.51 -1.73
C SER B 48 9.70 -9.93 -1.77
N VAL B 49 9.99 -8.99 -0.87
CA VAL B 49 11.30 -8.36 -0.84
C VAL B 49 12.18 -8.98 0.25
N PRO B 50 13.51 -8.82 0.12
CA PRO B 50 14.45 -9.28 1.14
C PRO B 50 14.27 -8.51 2.46
N GLN B 51 13.93 -9.24 3.52
CA GLN B 51 13.64 -8.63 4.82
C GLN B 51 14.78 -7.73 5.31
N THR B 52 16.02 -8.16 5.10
CA THR B 52 17.17 -7.41 5.57
C THR B 52 17.25 -6.04 4.90
N GLN B 53 16.92 -5.98 3.62
CA GLN B 53 16.99 -4.72 2.86
C GLN B 53 15.63 -4.01 2.88
N CYS B 54 14.64 -4.69 3.44
CA CYS B 54 13.27 -4.20 3.45
C CYS B 54 13.15 -2.90 4.24
N GLU B 55 13.99 -2.73 5.25
CA GLU B 55 14.00 -1.49 6.02
C GLU B 55 14.30 -0.31 5.10
N ALA B 56 15.35 -0.45 4.30
CA ALA B 56 15.73 0.58 3.35
C ALA B 56 14.66 0.74 2.28
N LEU B 57 14.08 -0.38 1.87
CA LEU B 57 13.00 -0.38 0.88
C LEU B 57 11.82 0.43 1.38
N ALA B 58 11.37 0.12 2.59
CA ALA B 58 10.23 0.79 3.19
C ALA B 58 10.54 2.26 3.47
N GLN B 59 11.77 2.54 3.85
CA GLN B 59 12.21 3.93 4.09
C GLN B 59 12.16 4.73 2.80
N ALA B 60 12.56 4.12 1.69
CA ALA B 60 12.49 4.77 0.39
C ALA B 60 11.03 4.95 -0.03
N PHE B 61 10.23 3.91 0.21
CA PHE B 61 8.81 3.93 -0.10
C PHE B 61 8.12 5.06 0.65
N SER B 62 8.31 5.11 1.95
CA SER B 62 7.64 6.09 2.80
C SER B 62 8.00 7.52 2.41
N ASN B 63 9.29 7.81 2.31
CA ASN B 63 9.77 9.14 1.93
C ASN B 63 9.17 9.58 0.58
N SER B 64 9.17 8.67 -0.38
CA SER B 64 8.58 8.95 -1.69
C SER B 64 7.07 9.15 -1.56
N LEU B 65 6.47 8.40 -0.63
CA LEU B 65 5.05 8.49 -0.36
C LEU B 65 4.68 9.87 0.18
N ILE B 66 5.46 10.33 1.15
CA ILE B 66 5.26 11.66 1.74
C ILE B 66 5.42 12.72 0.67
N ASN B 67 6.43 12.55 -0.17
CA ASN B 67 6.73 13.48 -1.24
C ASN B 67 5.59 13.52 -2.26
N ALA B 68 5.04 12.37 -2.58
CA ALA B 68 3.93 12.27 -3.53
C ALA B 68 2.71 13.02 -3.03
N VAL B 69 2.43 12.86 -1.74
CA VAL B 69 1.35 13.60 -1.10
C VAL B 69 1.62 15.11 -1.18
N LYS B 70 2.83 15.51 -0.80
CA LYS B 70 3.22 16.91 -0.88
C LYS B 70 3.09 17.45 -2.29
N THR B 71 3.36 16.61 -3.28
CA THR B 71 3.24 17.01 -4.67
C THR B 71 1.79 17.23 -5.07
N ARG B 72 0.90 16.41 -4.56
CA ARG B 72 -0.52 16.53 -4.89
C ARG B 72 -1.15 17.68 -4.12
N LEU B 73 -0.62 17.96 -2.94
CA LEU B 73 -1.06 19.10 -2.14
C LEU B 73 -0.56 20.40 -2.75
N GLU B 74 0.75 20.45 -3.03
CA GLU B 74 1.39 21.62 -3.64
C GLU B 74 1.34 22.83 -2.70
N HIS B 75 2.02 23.91 -3.07
CA HIS B 75 2.05 25.12 -2.23
C HIS B 75 2.39 26.37 -3.03
N HIS B 76 3.01 26.22 -4.19
CA HIS B 76 3.36 27.36 -5.02
C HIS B 76 2.40 27.43 -6.20
N HIS B 77 1.14 27.71 -5.88
CA HIS B 77 0.06 27.63 -6.86
C HIS B 77 -0.08 28.90 -7.70
N HIS B 78 0.87 29.82 -7.54
CA HIS B 78 0.85 31.05 -8.33
C HIS B 78 1.41 30.78 -9.72
N HIS B 79 0.55 30.86 -10.72
CA HIS B 79 0.97 30.63 -12.09
C HIS B 79 1.12 31.95 -12.83
N HIS B 80 1.28 31.89 -14.15
CA HIS B 80 1.45 33.10 -14.94
C HIS B 80 0.14 33.46 -15.64
N MET A 1 -33.19 -7.81 12.97
CA MET A 1 -32.72 -8.73 11.92
C MET A 1 -31.21 -8.89 12.01
N ALA A 2 -30.60 -9.49 10.99
CA ALA A 2 -29.17 -9.72 10.99
C ALA A 2 -28.42 -8.46 10.56
N GLN A 3 -27.18 -8.35 11.00
CA GLN A 3 -26.32 -7.23 10.64
C GLN A 3 -26.04 -7.20 9.14
N HIS A 4 -25.49 -6.10 8.67
CA HIS A 4 -25.08 -5.96 7.28
C HIS A 4 -23.56 -6.05 7.21
N SER A 5 -22.97 -6.51 8.32
CA SER A 5 -21.53 -6.63 8.48
C SER A 5 -20.88 -5.26 8.65
N LYS A 6 -20.33 -5.03 9.83
CA LYS A 6 -19.73 -3.77 10.16
C LYS A 6 -18.28 -4.02 10.57
N TYR A 7 -17.46 -4.17 9.55
CA TYR A 7 -16.03 -4.45 9.70
C TYR A 7 -15.81 -5.91 10.11
N SER A 8 -15.81 -6.79 9.12
CA SER A 8 -15.61 -8.20 9.34
C SER A 8 -14.17 -8.56 9.07
N ASP A 9 -13.50 -9.09 10.08
CA ASP A 9 -12.13 -9.56 9.93
C ASP A 9 -12.09 -10.71 8.93
N ALA A 10 -13.25 -11.34 8.76
CA ALA A 10 -13.37 -12.45 7.83
C ALA A 10 -13.46 -11.91 6.43
N GLN A 11 -14.20 -10.82 6.28
CA GLN A 11 -14.30 -10.16 4.99
C GLN A 11 -13.02 -9.45 4.65
N LEU A 12 -12.29 -9.05 5.70
CA LEU A 12 -10.97 -8.44 5.53
C LEU A 12 -10.07 -9.36 4.73
N SER A 13 -9.86 -10.57 5.27
CA SER A 13 -9.03 -11.56 4.61
C SER A 13 -9.52 -11.83 3.19
N ALA A 14 -10.84 -11.87 3.02
CA ALA A 14 -11.43 -12.11 1.70
C ALA A 14 -11.01 -11.01 0.72
N ILE A 15 -10.91 -9.78 1.20
CA ILE A 15 -10.52 -8.65 0.38
C ILE A 15 -9.05 -8.77 -0.04
N VAL A 16 -8.17 -9.00 0.94
CA VAL A 16 -6.74 -9.08 0.67
C VAL A 16 -6.44 -10.28 -0.23
N ASN A 17 -7.15 -11.38 0.01
CA ASN A 17 -6.96 -12.60 -0.77
C ASN A 17 -7.35 -12.34 -2.24
N ASP A 18 -8.49 -11.72 -2.44
CA ASP A 18 -8.97 -11.41 -3.79
C ASP A 18 -7.97 -10.53 -4.52
N MET A 19 -7.58 -9.44 -3.87
CA MET A 19 -6.64 -8.49 -4.47
C MET A 19 -5.37 -9.20 -4.94
N ILE A 20 -4.86 -10.10 -4.11
CA ILE A 20 -3.66 -10.87 -4.44
C ILE A 20 -3.95 -11.88 -5.56
N ALA A 21 -5.04 -12.63 -5.41
CA ALA A 21 -5.40 -13.66 -6.37
C ALA A 21 -5.65 -13.06 -7.76
N VAL A 22 -6.43 -11.99 -7.80
CA VAL A 22 -6.75 -11.31 -9.05
C VAL A 22 -5.46 -10.75 -9.68
N LEU A 23 -4.60 -10.22 -8.83
CA LEU A 23 -3.31 -9.67 -9.26
C LEU A 23 -2.46 -10.77 -9.90
N GLU A 24 -2.41 -11.92 -9.25
CA GLU A 24 -1.59 -13.03 -9.72
C GLU A 24 -2.18 -13.60 -11.02
N LYS A 25 -3.50 -13.60 -11.14
CA LYS A 25 -4.16 -14.08 -12.34
C LYS A 25 -3.85 -13.19 -13.54
N HIS A 26 -3.84 -11.88 -13.30
CA HIS A 26 -3.42 -10.94 -14.34
C HIS A 26 -1.90 -11.04 -14.52
N LYS A 27 -1.26 -11.49 -13.45
CA LYS A 27 0.17 -11.75 -13.41
C LYS A 27 0.97 -10.46 -13.45
N ALA A 28 1.12 -9.86 -12.28
CA ALA A 28 1.98 -8.70 -12.11
C ALA A 28 3.05 -9.01 -11.08
N PRO A 29 4.33 -8.87 -11.47
CA PRO A 29 5.46 -9.14 -10.58
C PRO A 29 5.52 -8.14 -9.43
N VAL A 30 6.28 -8.46 -8.39
CA VAL A 30 6.39 -7.60 -7.21
C VAL A 30 6.81 -6.19 -7.59
N ASP A 31 7.75 -6.10 -8.53
CA ASP A 31 8.23 -4.81 -9.01
C ASP A 31 7.12 -4.01 -9.68
N LEU A 32 6.48 -4.61 -10.68
CA LEU A 32 5.38 -3.96 -11.40
C LEU A 32 4.22 -3.64 -10.44
N SER A 33 3.91 -4.59 -9.57
CA SER A 33 2.83 -4.42 -8.59
C SER A 33 3.17 -3.29 -7.62
N LEU A 34 4.45 -3.15 -7.29
CA LEU A 34 4.89 -2.12 -6.36
C LEU A 34 4.65 -0.73 -6.95
N ILE A 35 4.84 -0.62 -8.26
CA ILE A 35 4.63 0.64 -8.95
C ILE A 35 3.14 1.04 -8.89
N ALA A 36 2.27 0.07 -9.16
CA ALA A 36 0.84 0.29 -9.10
C ALA A 36 0.40 0.62 -7.68
N LEU A 37 0.82 -0.22 -6.74
CA LEU A 37 0.45 -0.04 -5.34
C LEU A 37 1.00 1.27 -4.80
N GLY A 38 2.22 1.61 -5.20
CA GLY A 38 2.83 2.86 -4.78
C GLY A 38 2.04 4.06 -5.28
N ASN A 39 1.68 4.04 -6.55
CA ASN A 39 0.88 5.10 -7.13
C ASN A 39 -0.47 5.18 -6.42
N MET A 40 -1.10 4.02 -6.24
CA MET A 40 -2.39 3.94 -5.57
C MET A 40 -2.32 4.49 -4.16
N ALA A 41 -1.23 4.19 -3.46
CA ALA A 41 -1.00 4.71 -2.12
C ALA A 41 -0.95 6.23 -2.11
N SER A 42 -0.21 6.82 -3.04
CA SER A 42 -0.11 8.27 -3.11
C SER A 42 -1.46 8.90 -3.51
N ASN A 43 -2.16 8.24 -4.43
CA ASN A 43 -3.51 8.66 -4.82
C ASN A 43 -4.44 8.62 -3.62
N LEU A 44 -4.33 7.54 -2.86
CA LEU A 44 -5.12 7.35 -1.65
C LEU A 44 -4.94 8.50 -0.67
N LEU A 45 -3.69 8.81 -0.36
CA LEU A 45 -3.37 9.86 0.59
C LEU A 45 -3.84 11.22 0.09
N THR A 46 -3.83 11.41 -1.22
CA THR A 46 -4.17 12.70 -1.79
C THR A 46 -5.66 12.78 -2.16
N THR A 47 -6.46 11.85 -1.63
CA THR A 47 -7.89 11.85 -1.92
C THR A 47 -8.73 11.50 -0.69
N SER A 48 -8.33 10.46 0.03
CA SER A 48 -9.15 9.93 1.11
C SER A 48 -8.87 10.60 2.45
N VAL A 49 -7.61 10.60 2.88
CA VAL A 49 -7.26 11.11 4.20
C VAL A 49 -7.19 12.63 4.22
N PRO A 50 -7.49 13.24 5.38
CA PRO A 50 -7.44 14.70 5.55
C PRO A 50 -6.09 15.28 5.13
N GLN A 51 -6.14 16.34 4.34
CA GLN A 51 -4.97 16.90 3.69
C GLN A 51 -4.02 17.56 4.69
N THR A 52 -4.58 18.02 5.80
CA THR A 52 -3.79 18.72 6.82
C THR A 52 -2.82 17.78 7.53
N GLN A 53 -3.14 16.50 7.51
CA GLN A 53 -2.35 15.50 8.21
C GLN A 53 -2.03 14.35 7.27
N CYS A 54 -2.01 14.67 5.99
CA CYS A 54 -1.84 13.68 4.94
C CYS A 54 -0.50 12.95 5.09
N GLU A 55 0.59 13.70 5.17
CA GLU A 55 1.91 13.10 5.27
C GLU A 55 2.18 12.68 6.70
N ALA A 56 1.51 13.34 7.64
CA ALA A 56 1.62 12.98 9.05
C ALA A 56 1.13 11.55 9.27
N LEU A 57 0.03 11.20 8.60
CA LEU A 57 -0.52 9.85 8.67
C LEU A 57 0.32 8.87 7.89
N ALA A 58 0.91 9.33 6.79
CA ALA A 58 1.81 8.49 5.99
C ALA A 58 3.06 8.15 6.80
N GLN A 59 3.55 9.12 7.55
CA GLN A 59 4.70 8.92 8.43
C GLN A 59 4.31 8.01 9.59
N ALA A 60 3.07 8.16 10.06
CA ALA A 60 2.55 7.30 11.11
C ALA A 60 2.42 5.86 10.63
N PHE A 61 1.89 5.70 9.42
CA PHE A 61 1.74 4.37 8.80
C PHE A 61 3.07 3.66 8.72
N SER A 62 4.08 4.35 8.20
CA SER A 62 5.40 3.77 8.04
C SER A 62 6.01 3.39 9.39
N ASN A 63 5.93 4.30 10.37
CA ASN A 63 6.46 4.01 11.70
C ASN A 63 5.73 2.84 12.36
N SER A 64 4.42 2.80 12.18
CA SER A 64 3.62 1.69 12.67
C SER A 64 4.02 0.41 11.94
N LEU A 65 4.34 0.57 10.66
CA LEU A 65 4.78 -0.54 9.82
C LEU A 65 6.11 -1.07 10.33
N ILE A 66 6.99 -0.16 10.76
CA ILE A 66 8.28 -0.54 11.34
C ILE A 66 8.08 -1.47 12.52
N ASN A 67 7.10 -1.14 13.36
CA ASN A 67 6.76 -1.96 14.51
C ASN A 67 6.17 -3.30 14.08
N ALA A 68 5.37 -3.27 13.02
CA ALA A 68 4.76 -4.48 12.49
C ALA A 68 5.82 -5.45 11.96
N VAL A 69 6.76 -4.90 11.19
CA VAL A 69 7.87 -5.68 10.65
C VAL A 69 8.73 -6.24 11.78
N LYS A 70 8.93 -5.43 12.81
CA LYS A 70 9.73 -5.84 13.96
C LYS A 70 9.19 -7.11 14.60
N THR A 71 7.87 -7.20 14.70
CA THR A 71 7.24 -8.39 15.26
C THR A 71 7.36 -9.59 14.32
N ARG A 72 7.34 -9.32 13.02
CA ARG A 72 7.53 -10.38 12.02
C ARG A 72 8.96 -10.92 12.07
N LEU A 73 9.91 -10.02 12.28
CA LEU A 73 11.31 -10.39 12.35
C LEU A 73 11.65 -11.03 13.70
N GLU A 74 11.20 -10.39 14.77
CA GLU A 74 11.49 -10.88 16.11
C GLU A 74 10.31 -11.65 16.68
N HIS A 75 10.39 -12.96 16.60
CA HIS A 75 9.36 -13.83 17.16
C HIS A 75 9.83 -14.43 18.47
N HIS A 76 9.02 -14.28 19.51
CA HIS A 76 9.31 -14.87 20.81
C HIS A 76 8.70 -16.28 20.89
N HIS A 77 8.58 -16.92 19.73
CA HIS A 77 7.96 -18.23 19.64
C HIS A 77 9.00 -19.34 19.78
N HIS A 78 9.43 -19.56 21.02
CA HIS A 78 10.35 -20.64 21.37
C HIS A 78 10.72 -20.55 22.84
N HIS A 79 10.94 -21.69 23.46
CA HIS A 79 11.23 -21.75 24.89
C HIS A 79 12.62 -22.33 25.14
N HIS A 80 13.34 -21.74 26.08
CA HIS A 80 14.65 -22.24 26.45
C HIS A 80 14.64 -22.67 27.92
N MET B 1 12.79 -13.66 -18.31
CA MET B 1 12.11 -13.95 -19.60
C MET B 1 10.61 -14.11 -19.39
N ALA B 2 10.15 -13.92 -18.15
CA ALA B 2 8.72 -14.00 -17.85
C ALA B 2 8.04 -12.69 -18.24
N GLN B 3 8.85 -11.66 -18.48
CA GLN B 3 8.34 -10.36 -18.86
C GLN B 3 8.00 -10.35 -20.34
N HIS B 4 6.72 -10.47 -20.66
CA HIS B 4 6.27 -10.42 -22.05
C HIS B 4 5.42 -9.19 -22.28
N SER B 5 5.24 -8.41 -21.23
CA SER B 5 4.53 -7.16 -21.32
C SER B 5 5.51 -6.03 -21.63
N LYS B 6 5.01 -4.86 -21.97
CA LYS B 6 5.87 -3.75 -22.37
C LYS B 6 5.83 -2.61 -21.36
N TYR B 7 5.14 -2.84 -20.24
CA TYR B 7 5.15 -1.90 -19.12
C TYR B 7 4.68 -0.51 -19.53
N SER B 8 3.64 -0.45 -20.36
CA SER B 8 3.09 0.82 -20.79
C SER B 8 2.40 1.51 -19.62
N ASP B 9 2.29 2.83 -19.70
CA ASP B 9 1.54 3.58 -18.70
C ASP B 9 0.08 3.19 -18.79
N ALA B 10 -0.30 2.72 -19.97
CA ALA B 10 -1.62 2.15 -20.20
C ALA B 10 -1.73 0.80 -19.49
N GLN B 11 -0.63 0.04 -19.50
CA GLN B 11 -0.62 -1.25 -18.82
C GLN B 11 -0.68 -1.05 -17.31
N LEU B 12 0.17 -0.17 -16.81
CA LEU B 12 0.22 0.13 -15.40
C LEU B 12 -1.14 0.60 -14.90
N SER B 13 -1.69 1.60 -15.57
CA SER B 13 -2.96 2.19 -15.17
C SER B 13 -4.08 1.14 -15.13
N ALA B 14 -4.08 0.23 -16.11
CA ALA B 14 -5.07 -0.83 -16.16
C ALA B 14 -5.01 -1.70 -14.91
N ILE B 15 -3.80 -1.96 -14.43
CA ILE B 15 -3.60 -2.76 -13.23
C ILE B 15 -4.06 -2.02 -11.98
N VAL B 16 -3.65 -0.76 -11.85
CA VAL B 16 -4.04 0.03 -10.68
C VAL B 16 -5.55 0.29 -10.69
N ASN B 17 -6.09 0.49 -11.90
CA ASN B 17 -7.52 0.70 -12.09
C ASN B 17 -8.28 -0.56 -11.68
N ASP B 18 -7.66 -1.71 -11.86
CA ASP B 18 -8.26 -2.97 -11.51
C ASP B 18 -8.32 -3.07 -10.00
N MET B 19 -7.25 -2.62 -9.34
CA MET B 19 -7.19 -2.56 -7.89
C MET B 19 -8.29 -1.67 -7.34
N ILE B 20 -8.52 -0.54 -8.00
CA ILE B 20 -9.61 0.35 -7.64
C ILE B 20 -10.96 -0.38 -7.78
N ALA B 21 -11.09 -1.13 -8.86
CA ALA B 21 -12.29 -1.93 -9.09
C ALA B 21 -12.40 -3.05 -8.06
N VAL B 22 -11.25 -3.52 -7.57
CA VAL B 22 -11.22 -4.53 -6.52
C VAL B 22 -11.80 -3.95 -5.23
N LEU B 23 -11.42 -2.72 -4.94
CA LEU B 23 -11.93 -2.00 -3.77
C LEU B 23 -13.44 -1.82 -3.87
N GLU B 24 -13.90 -1.44 -5.06
CA GLU B 24 -15.32 -1.22 -5.30
C GLU B 24 -16.08 -2.55 -5.36
N LYS B 25 -15.36 -3.63 -5.70
CA LYS B 25 -15.95 -4.96 -5.80
C LYS B 25 -16.60 -5.37 -4.50
N HIS B 26 -15.85 -5.28 -3.41
CA HIS B 26 -16.35 -5.69 -2.11
C HIS B 26 -16.94 -4.50 -1.37
N LYS B 27 -16.57 -3.30 -1.82
CA LYS B 27 -16.94 -2.06 -1.14
C LYS B 27 -16.37 -2.02 0.28
N ALA B 28 -15.16 -1.49 0.39
CA ALA B 28 -14.50 -1.36 1.67
C ALA B 28 -14.14 0.08 1.95
N PRO B 29 -14.62 0.62 3.07
CA PRO B 29 -14.28 1.98 3.51
C PRO B 29 -12.77 2.12 3.75
N VAL B 30 -12.30 3.36 3.81
CA VAL B 30 -10.86 3.63 3.92
C VAL B 30 -10.28 3.03 5.20
N ASP B 31 -11.15 2.72 6.16
CA ASP B 31 -10.73 2.08 7.39
C ASP B 31 -10.45 0.60 7.15
N LEU B 32 -11.47 -0.11 6.67
CA LEU B 32 -11.36 -1.55 6.42
C LEU B 32 -10.32 -1.82 5.32
N SER B 33 -10.33 -0.98 4.30
CA SER B 33 -9.39 -1.12 3.19
C SER B 33 -7.96 -0.90 3.67
N LEU B 34 -7.79 0.02 4.62
CA LEU B 34 -6.47 0.34 5.14
C LEU B 34 -5.89 -0.85 5.89
N ILE B 35 -6.75 -1.59 6.58
CA ILE B 35 -6.33 -2.77 7.32
C ILE B 35 -5.81 -3.84 6.36
N ALA B 36 -6.54 -4.05 5.26
CA ALA B 36 -6.14 -5.00 4.24
C ALA B 36 -4.85 -4.55 3.58
N LEU B 37 -4.80 -3.26 3.23
CA LEU B 37 -3.62 -2.67 2.61
C LEU B 37 -2.41 -2.80 3.52
N GLY B 38 -2.60 -2.48 4.79
CA GLY B 38 -1.52 -2.60 5.75
C GLY B 38 -1.04 -4.03 5.89
N ASN B 39 -1.98 -4.96 5.97
CA ASN B 39 -1.66 -6.38 6.05
C ASN B 39 -0.86 -6.80 4.81
N MET B 40 -1.35 -6.41 3.64
CA MET B 40 -0.71 -6.78 2.38
C MET B 40 0.68 -6.15 2.26
N ALA B 41 0.77 -4.86 2.58
CA ALA B 41 2.04 -4.14 2.54
C ALA B 41 3.06 -4.81 3.44
N SER B 42 2.65 -5.13 4.65
CA SER B 42 3.51 -5.82 5.61
C SER B 42 4.00 -7.14 5.04
N ASN B 43 3.07 -7.94 4.52
CA ASN B 43 3.41 -9.26 3.98
C ASN B 43 4.42 -9.16 2.84
N LEU B 44 4.20 -8.22 1.94
CA LEU B 44 5.07 -8.06 0.78
C LEU B 44 6.48 -7.65 1.21
N LEU B 45 6.56 -6.67 2.08
CA LEU B 45 7.85 -6.11 2.50
C LEU B 45 8.58 -7.07 3.45
N THR B 46 7.88 -8.06 3.97
CA THR B 46 8.53 -9.02 4.86
C THR B 46 8.87 -10.32 4.15
N THR B 47 8.61 -10.35 2.85
CA THR B 47 8.90 -11.53 2.06
C THR B 47 9.74 -11.20 0.82
N SER B 48 9.33 -10.17 0.09
CA SER B 48 9.96 -9.84 -1.18
C SER B 48 11.32 -9.15 -0.98
N VAL B 49 11.37 -8.19 -0.08
CA VAL B 49 12.61 -7.47 0.18
C VAL B 49 13.32 -8.02 1.41
N PRO B 50 14.64 -7.81 1.50
CA PRO B 50 15.45 -8.34 2.62
C PRO B 50 15.00 -7.79 3.97
N GLN B 51 14.80 -8.69 4.93
CA GLN B 51 14.33 -8.32 6.26
C GLN B 51 15.36 -7.49 7.04
N THR B 52 16.58 -7.45 6.53
CA THR B 52 17.64 -6.67 7.16
C THR B 52 17.58 -5.21 6.70
N GLN B 53 16.79 -4.96 5.66
CA GLN B 53 16.69 -3.63 5.09
C GLN B 53 15.22 -3.22 5.02
N CYS B 54 14.35 -4.07 5.55
CA CYS B 54 12.91 -3.90 5.43
C CYS B 54 12.44 -2.59 6.03
N GLU B 55 12.74 -2.38 7.32
CA GLU B 55 12.27 -1.18 8.02
C GLU B 55 12.79 0.07 7.35
N ALA B 56 14.05 0.05 6.94
CA ALA B 56 14.68 1.22 6.38
C ALA B 56 14.14 1.50 4.98
N LEU B 57 13.86 0.42 4.26
CA LEU B 57 13.36 0.53 2.89
C LEU B 57 11.90 0.99 2.89
N ALA B 58 11.09 0.38 3.75
CA ALA B 58 9.69 0.74 3.88
C ALA B 58 9.55 2.19 4.32
N GLN B 59 10.38 2.59 5.27
CA GLN B 59 10.35 3.95 5.78
C GLN B 59 10.81 4.92 4.68
N ALA B 60 11.86 4.53 3.96
CA ALA B 60 12.40 5.33 2.87
C ALA B 60 11.37 5.57 1.79
N PHE B 61 10.68 4.50 1.40
CA PHE B 61 9.62 4.60 0.38
C PHE B 61 8.52 5.53 0.86
N SER B 62 8.12 5.36 2.11
CA SER B 62 7.06 6.19 2.69
C SER B 62 7.52 7.65 2.78
N ASN B 63 8.78 7.86 3.14
CA ASN B 63 9.34 9.20 3.22
C ASN B 63 9.43 9.84 1.84
N SER B 64 9.58 9.02 0.82
CA SER B 64 9.55 9.50 -0.55
C SER B 64 8.14 10.00 -0.89
N LEU B 65 7.13 9.31 -0.36
CA LEU B 65 5.75 9.75 -0.52
C LEU B 65 5.46 10.98 0.32
N ILE B 66 6.19 11.14 1.42
CA ILE B 66 6.08 12.36 2.22
C ILE B 66 6.40 13.57 1.37
N ASN B 67 7.49 13.47 0.60
CA ASN B 67 7.85 14.51 -0.35
C ASN B 67 6.76 14.69 -1.38
N ALA B 68 6.26 13.58 -1.92
CA ALA B 68 5.22 13.60 -2.93
C ALA B 68 3.96 14.30 -2.42
N VAL B 69 3.55 13.96 -1.20
CA VAL B 69 2.39 14.60 -0.57
C VAL B 69 2.58 16.12 -0.50
N LYS B 70 3.72 16.55 0.02
CA LYS B 70 4.01 17.97 0.16
C LYS B 70 4.19 18.62 -1.22
N THR B 71 4.62 17.82 -2.18
CA THR B 71 4.73 18.27 -3.56
C THR B 71 3.34 18.57 -4.14
N ARG B 72 2.35 17.81 -3.69
CA ARG B 72 0.98 17.98 -4.13
C ARG B 72 0.31 19.15 -3.41
N LEU B 73 0.65 19.30 -2.14
CA LEU B 73 0.05 20.33 -1.29
C LEU B 73 0.63 21.71 -1.60
N GLU B 74 1.92 21.76 -1.90
CA GLU B 74 2.59 23.03 -2.14
C GLU B 74 2.68 23.30 -3.63
N HIS B 75 1.95 24.32 -4.09
CA HIS B 75 1.99 24.71 -5.49
C HIS B 75 3.36 25.27 -5.83
N HIS B 76 3.83 24.96 -7.03
CA HIS B 76 5.20 25.28 -7.39
C HIS B 76 5.21 26.43 -8.39
N HIS B 77 6.27 27.23 -8.35
CA HIS B 77 6.43 28.30 -9.32
C HIS B 77 6.67 27.68 -10.69
N HIS B 78 5.67 27.80 -11.54
CA HIS B 78 5.68 27.14 -12.85
C HIS B 78 6.89 27.59 -13.67
N HIS B 79 7.81 26.65 -13.89
CA HIS B 79 9.04 26.94 -14.60
C HIS B 79 9.53 25.67 -15.30
N HIS B 80 9.96 25.80 -16.54
CA HIS B 80 10.51 24.67 -17.27
C HIS B 80 11.99 24.54 -16.97
N MET A 1 -30.16 -0.08 13.91
CA MET A 1 -30.28 0.33 12.49
C MET A 1 -29.05 -0.09 11.70
N ALA A 2 -27.88 0.24 12.22
CA ALA A 2 -26.63 -0.12 11.56
C ALA A 2 -26.29 -1.58 11.81
N GLN A 3 -25.63 -2.20 10.85
CA GLN A 3 -25.26 -3.62 10.94
C GLN A 3 -24.03 -3.81 11.84
N HIS A 4 -23.81 -2.86 12.74
CA HIS A 4 -22.71 -2.89 13.70
C HIS A 4 -21.36 -2.80 13.00
N SER A 5 -20.88 -1.57 12.86
CA SER A 5 -19.58 -1.33 12.24
C SER A 5 -18.46 -1.67 13.22
N LYS A 6 -18.31 -2.96 13.48
CA LYS A 6 -17.34 -3.45 14.46
C LYS A 6 -15.99 -3.73 13.82
N TYR A 7 -15.88 -3.46 12.52
CA TYR A 7 -14.69 -3.77 11.74
C TYR A 7 -14.42 -5.27 11.75
N SER A 8 -15.02 -5.97 10.79
CA SER A 8 -14.86 -7.40 10.68
C SER A 8 -13.53 -7.70 10.03
N ASP A 9 -12.59 -8.21 10.82
CA ASP A 9 -11.32 -8.71 10.28
C ASP A 9 -11.58 -9.82 9.28
N ALA A 10 -12.79 -10.38 9.35
CA ALA A 10 -13.19 -11.44 8.45
C ALA A 10 -13.55 -10.86 7.10
N GLN A 11 -14.37 -9.81 7.12
CA GLN A 11 -14.74 -9.12 5.89
C GLN A 11 -13.54 -8.36 5.33
N LEU A 12 -12.80 -7.76 6.25
CA LEU A 12 -11.60 -6.99 5.92
C LEU A 12 -10.63 -7.82 5.09
N SER A 13 -10.19 -8.93 5.66
CA SER A 13 -9.13 -9.69 5.04
C SER A 13 -9.64 -10.47 3.85
N ALA A 14 -10.93 -10.76 3.81
CA ALA A 14 -11.52 -11.41 2.64
C ALA A 14 -11.33 -10.52 1.42
N ILE A 15 -11.45 -9.22 1.65
CA ILE A 15 -11.24 -8.22 0.61
C ILE A 15 -9.78 -8.19 0.18
N VAL A 16 -8.86 -8.17 1.14
CA VAL A 16 -7.44 -8.08 0.81
C VAL A 16 -6.92 -9.41 0.24
N ASN A 17 -7.51 -10.52 0.65
CA ASN A 17 -7.13 -11.83 0.11
C ASN A 17 -7.58 -11.96 -1.33
N ASP A 18 -8.68 -11.28 -1.66
CA ASP A 18 -9.18 -11.26 -3.02
C ASP A 18 -8.22 -10.46 -3.87
N MET A 19 -7.78 -9.32 -3.34
CA MET A 19 -6.79 -8.47 -4.00
C MET A 19 -5.53 -9.26 -4.34
N ILE A 20 -5.15 -10.16 -3.44
CA ILE A 20 -4.01 -11.04 -3.69
C ILE A 20 -4.32 -11.98 -4.85
N ALA A 21 -5.54 -12.48 -4.89
CA ALA A 21 -5.99 -13.34 -5.98
C ALA A 21 -6.00 -12.56 -7.28
N VAL A 22 -6.45 -11.31 -7.22
CA VAL A 22 -6.45 -10.41 -8.36
C VAL A 22 -5.05 -10.28 -8.95
N LEU A 23 -4.06 -10.19 -8.05
CA LEU A 23 -2.67 -10.12 -8.45
C LEU A 23 -2.28 -11.40 -9.20
N GLU A 24 -2.61 -12.54 -8.62
CA GLU A 24 -2.29 -13.83 -9.20
C GLU A 24 -2.95 -14.02 -10.56
N LYS A 25 -4.21 -13.60 -10.68
CA LYS A 25 -4.97 -13.74 -11.92
C LYS A 25 -4.35 -12.92 -13.04
N HIS A 26 -3.82 -11.75 -12.70
CA HIS A 26 -3.25 -10.85 -13.70
C HIS A 26 -1.77 -11.13 -13.91
N LYS A 27 -1.19 -11.88 -12.98
CA LYS A 27 0.24 -12.22 -13.02
C LYS A 27 1.09 -10.95 -12.98
N ALA A 28 0.89 -10.15 -11.94
CA ALA A 28 1.63 -8.91 -11.78
C ALA A 28 2.91 -9.17 -11.00
N PRO A 29 4.06 -8.74 -11.55
CA PRO A 29 5.35 -8.91 -10.87
C PRO A 29 5.46 -7.99 -9.67
N VAL A 30 6.38 -8.32 -8.76
CA VAL A 30 6.57 -7.53 -7.54
C VAL A 30 6.89 -6.08 -7.89
N ASP A 31 7.54 -5.90 -9.03
CA ASP A 31 7.94 -4.58 -9.51
C ASP A 31 6.73 -3.67 -9.66
N LEU A 32 5.86 -4.04 -10.59
CA LEU A 32 4.71 -3.22 -10.93
C LEU A 32 3.67 -3.23 -9.81
N SER A 33 3.55 -4.36 -9.12
CA SER A 33 2.59 -4.47 -8.04
C SER A 33 2.96 -3.53 -6.89
N LEU A 34 4.26 -3.34 -6.69
CA LEU A 34 4.75 -2.46 -5.63
C LEU A 34 4.56 -0.99 -6.04
N ILE A 35 4.74 -0.71 -7.33
CA ILE A 35 4.56 0.65 -7.83
C ILE A 35 3.08 1.04 -7.77
N ALA A 36 2.20 0.11 -8.11
CA ALA A 36 0.77 0.33 -7.98
C ALA A 36 0.42 0.61 -6.53
N LEU A 37 1.02 -0.14 -5.62
CA LEU A 37 0.87 0.09 -4.20
C LEU A 37 1.32 1.50 -3.82
N GLY A 38 2.49 1.87 -4.32
CA GLY A 38 3.03 3.18 -4.06
C GLY A 38 2.12 4.29 -4.54
N ASN A 39 1.66 4.18 -5.78
CA ASN A 39 0.75 5.18 -6.34
C ASN A 39 -0.56 5.21 -5.55
N MET A 40 -1.07 4.03 -5.21
CA MET A 40 -2.35 3.92 -4.51
C MET A 40 -2.26 4.49 -3.10
N ALA A 41 -1.26 4.02 -2.34
CA ALA A 41 -1.06 4.47 -0.95
C ALA A 41 -0.98 5.99 -0.87
N SER A 42 -0.19 6.57 -1.77
CA SER A 42 -0.02 8.02 -1.80
C SER A 42 -1.36 8.70 -2.14
N ASN A 43 -1.95 8.32 -3.26
CA ASN A 43 -3.17 8.94 -3.74
C ASN A 43 -4.29 8.79 -2.71
N LEU A 44 -4.43 7.59 -2.17
CA LEU A 44 -5.46 7.29 -1.18
C LEU A 44 -5.35 8.18 0.04
N LEU A 45 -4.16 8.23 0.61
CA LEU A 45 -3.93 8.99 1.85
C LEU A 45 -3.93 10.49 1.62
N THR A 46 -3.92 10.91 0.35
CA THR A 46 -3.99 12.34 0.06
C THR A 46 -5.34 12.75 -0.55
N THR A 47 -6.28 11.82 -0.67
CA THR A 47 -7.59 12.15 -1.25
C THR A 47 -8.74 11.65 -0.38
N SER A 48 -8.57 10.51 0.28
CA SER A 48 -9.64 9.90 1.06
C SER A 48 -9.45 10.13 2.56
N VAL A 49 -8.79 11.23 2.89
CA VAL A 49 -8.54 11.58 4.29
C VAL A 49 -9.27 12.87 4.65
N PRO A 50 -9.54 13.10 5.94
CA PRO A 50 -10.22 14.32 6.41
C PRO A 50 -9.51 15.59 5.95
N GLN A 51 -8.32 15.84 6.48
CA GLN A 51 -7.51 16.99 6.08
C GLN A 51 -6.14 16.95 6.77
N THR A 52 -6.10 17.40 8.01
CA THR A 52 -4.85 17.48 8.76
C THR A 52 -4.27 16.09 9.01
N GLN A 53 -5.15 15.10 9.05
CA GLN A 53 -4.74 13.73 9.32
C GLN A 53 -4.08 13.11 8.09
N CYS A 54 -4.07 13.84 6.98
CA CYS A 54 -3.46 13.36 5.74
C CYS A 54 -2.01 12.96 5.98
N GLU A 55 -1.23 13.90 6.49
CA GLU A 55 0.19 13.67 6.71
C GLU A 55 0.40 12.85 7.97
N ALA A 56 -0.42 13.10 8.98
CA ALA A 56 -0.33 12.38 10.25
C ALA A 56 -0.49 10.88 10.05
N LEU A 57 -1.54 10.51 9.34
CA LEU A 57 -1.81 9.09 9.07
C LEU A 57 -0.75 8.51 8.14
N ALA A 58 -0.29 9.30 7.19
CA ALA A 58 0.76 8.88 6.29
C ALA A 58 2.02 8.48 7.05
N GLN A 59 2.46 9.35 7.95
CA GLN A 59 3.63 9.09 8.77
C GLN A 59 3.40 7.90 9.70
N ALA A 60 2.24 7.87 10.35
CA ALA A 60 1.90 6.80 11.27
C ALA A 60 1.86 5.45 10.57
N PHE A 61 1.19 5.42 9.43
CA PHE A 61 1.06 4.19 8.64
C PHE A 61 2.43 3.67 8.20
N SER A 62 3.24 4.57 7.66
CA SER A 62 4.54 4.19 7.13
C SER A 62 5.47 3.70 8.23
N ASN A 63 5.49 4.41 9.36
CA ASN A 63 6.30 4.01 10.51
C ASN A 63 5.78 2.71 11.12
N SER A 64 4.47 2.50 11.04
CA SER A 64 3.87 1.26 11.49
C SER A 64 4.39 0.11 10.64
N LEU A 65 4.55 0.37 9.34
CA LEU A 65 5.13 -0.61 8.42
C LEU A 65 6.55 -0.95 8.85
N ILE A 66 7.32 0.08 9.19
CA ILE A 66 8.70 -0.11 9.65
C ILE A 66 8.74 -1.05 10.84
N ASN A 67 7.86 -0.80 11.80
CA ASN A 67 7.75 -1.63 12.98
C ASN A 67 7.37 -3.06 12.63
N ALA A 68 6.41 -3.21 11.72
CA ALA A 68 5.96 -4.54 11.30
C ALA A 68 7.10 -5.30 10.64
N VAL A 69 7.81 -4.63 9.75
CA VAL A 69 8.96 -5.23 9.07
C VAL A 69 10.04 -5.62 10.09
N LYS A 70 10.36 -4.69 10.97
CA LYS A 70 11.39 -4.91 11.98
C LYS A 70 11.01 -6.05 12.91
N THR A 71 9.73 -6.16 13.24
CA THR A 71 9.26 -7.21 14.14
C THR A 71 9.47 -8.59 13.52
N ARG A 72 9.11 -8.76 12.25
CA ARG A 72 9.30 -10.03 11.57
C ARG A 72 10.78 -10.30 11.33
N LEU A 73 11.53 -9.27 11.01
CA LEU A 73 12.98 -9.39 10.83
C LEU A 73 13.64 -9.82 12.15
N GLU A 74 13.12 -9.29 13.25
CA GLU A 74 13.62 -9.60 14.58
C GLU A 74 13.51 -11.08 14.90
N HIS A 75 12.36 -11.68 14.56
CA HIS A 75 12.08 -13.07 14.89
C HIS A 75 13.01 -14.03 14.16
N HIS A 76 13.74 -13.53 13.18
CA HIS A 76 14.72 -14.32 12.47
C HIS A 76 16.10 -14.08 13.07
N HIS A 77 16.49 -14.94 14.01
CA HIS A 77 17.76 -14.76 14.71
C HIS A 77 18.81 -15.73 14.22
N HIS A 78 20.03 -15.55 14.73
CA HIS A 78 21.15 -16.44 14.47
C HIS A 78 22.16 -16.28 15.61
N HIS A 79 22.17 -17.22 16.54
CA HIS A 79 23.02 -17.10 17.71
C HIS A 79 24.46 -17.51 17.38
N HIS A 80 25.13 -16.64 16.63
CA HIS A 80 26.52 -16.83 16.23
C HIS A 80 26.93 -15.64 15.37
N MET B 1 17.25 -12.11 -27.11
CA MET B 1 16.11 -11.92 -26.18
C MET B 1 16.20 -10.56 -25.51
N ALA B 2 15.22 -10.25 -24.67
CA ALA B 2 15.20 -8.99 -23.95
C ALA B 2 14.40 -9.14 -22.66
N GLN B 3 14.17 -8.04 -21.95
CA GLN B 3 13.34 -8.07 -20.75
C GLN B 3 11.95 -8.58 -21.10
N HIS B 4 11.48 -9.56 -20.33
CA HIS B 4 10.22 -10.22 -20.61
C HIS B 4 9.05 -9.36 -20.14
N SER B 5 9.32 -8.54 -19.13
CA SER B 5 8.35 -7.55 -18.68
C SER B 5 8.77 -6.17 -19.20
N LYS B 6 7.87 -5.53 -19.96
CA LYS B 6 8.20 -4.26 -20.60
C LYS B 6 8.12 -3.08 -19.63
N TYR B 7 7.58 -3.32 -18.43
CA TYR B 7 7.48 -2.27 -17.40
C TYR B 7 6.69 -1.07 -17.92
N SER B 8 5.67 -1.31 -18.72
CA SER B 8 4.93 -0.24 -19.34
C SER B 8 4.14 0.55 -18.31
N ASP B 9 4.20 1.87 -18.43
CA ASP B 9 3.37 2.75 -17.62
C ASP B 9 1.90 2.44 -17.90
N ALA B 10 1.64 1.92 -19.08
CA ALA B 10 0.29 1.59 -19.48
C ALA B 10 -0.12 0.28 -18.84
N GLN B 11 0.86 -0.61 -18.67
CA GLN B 11 0.62 -1.88 -18.01
C GLN B 11 0.44 -1.64 -16.51
N LEU B 12 1.25 -0.73 -15.97
CA LEU B 12 1.13 -0.33 -14.58
C LEU B 12 -0.24 0.30 -14.33
N SER B 13 -0.57 1.30 -15.12
CA SER B 13 -1.84 2.02 -14.97
C SER B 13 -3.02 1.06 -14.97
N ALA B 14 -2.94 0.01 -15.79
CA ALA B 14 -3.99 -0.99 -15.84
C ALA B 14 -4.13 -1.70 -14.50
N ILE B 15 -3.01 -2.13 -13.93
CA ILE B 15 -3.00 -2.85 -12.66
C ILE B 15 -3.52 -1.98 -11.52
N VAL B 16 -3.13 -0.70 -11.51
CA VAL B 16 -3.58 0.21 -10.49
C VAL B 16 -5.08 0.48 -10.64
N ASN B 17 -5.55 0.53 -11.89
CA ASN B 17 -6.98 0.69 -12.17
C ASN B 17 -7.75 -0.53 -11.71
N ASP B 18 -7.18 -1.71 -11.96
CA ASP B 18 -7.76 -2.96 -11.47
C ASP B 18 -7.98 -2.91 -9.97
N MET B 19 -6.95 -2.46 -9.25
CA MET B 19 -7.02 -2.35 -7.80
C MET B 19 -8.23 -1.50 -7.38
N ILE B 20 -8.41 -0.37 -8.07
CA ILE B 20 -9.53 0.52 -7.77
C ILE B 20 -10.87 -0.11 -8.20
N ALA B 21 -10.89 -0.71 -9.39
CA ALA B 21 -12.10 -1.31 -9.92
C ALA B 21 -12.55 -2.49 -9.06
N VAL B 22 -11.65 -3.43 -8.82
CA VAL B 22 -11.96 -4.63 -8.05
C VAL B 22 -12.35 -4.26 -6.62
N LEU B 23 -11.79 -3.14 -6.15
CA LEU B 23 -12.15 -2.60 -4.84
C LEU B 23 -13.64 -2.27 -4.79
N GLU B 24 -14.12 -1.60 -5.82
CA GLU B 24 -15.54 -1.26 -5.94
C GLU B 24 -16.36 -2.49 -6.30
N LYS B 25 -15.74 -3.45 -6.96
CA LYS B 25 -16.40 -4.71 -7.30
C LYS B 25 -16.71 -5.53 -6.05
N HIS B 26 -16.10 -5.16 -4.94
CA HIS B 26 -16.40 -5.75 -3.65
C HIS B 26 -16.98 -4.70 -2.71
N LYS B 27 -16.90 -3.45 -3.16
CA LYS B 27 -17.34 -2.29 -2.41
C LYS B 27 -16.66 -2.21 -1.05
N ALA B 28 -15.39 -1.86 -1.05
CA ALA B 28 -14.64 -1.70 0.18
C ALA B 28 -14.60 -0.23 0.59
N PRO B 29 -15.06 0.08 1.81
CA PRO B 29 -15.03 1.44 2.35
C PRO B 29 -13.61 1.92 2.60
N VAL B 30 -13.43 3.24 2.68
CA VAL B 30 -12.10 3.82 2.85
C VAL B 30 -11.37 3.24 4.06
N ASP B 31 -12.10 3.01 5.15
CA ASP B 31 -11.51 2.49 6.37
C ASP B 31 -11.01 1.05 6.19
N LEU B 32 -11.86 0.18 5.69
CA LEU B 32 -11.50 -1.22 5.51
C LEU B 32 -10.49 -1.38 4.37
N SER B 33 -10.64 -0.58 3.33
CA SER B 33 -9.72 -0.60 2.21
C SER B 33 -8.32 -0.23 2.68
N LEU B 34 -8.25 0.76 3.58
CA LEU B 34 -6.99 1.24 4.12
C LEU B 34 -6.31 0.13 4.91
N ILE B 35 -7.09 -0.62 5.68
CA ILE B 35 -6.53 -1.69 6.50
C ILE B 35 -6.09 -2.87 5.64
N ALA B 36 -6.94 -3.28 4.69
CA ALA B 36 -6.55 -4.28 3.70
C ALA B 36 -5.25 -3.87 3.01
N LEU B 37 -5.20 -2.63 2.53
CA LEU B 37 -4.00 -2.11 1.89
C LEU B 37 -2.82 -2.16 2.84
N GLY B 38 -3.08 -1.89 4.11
CA GLY B 38 -2.04 -1.96 5.12
C GLY B 38 -1.51 -3.37 5.31
N ASN B 39 -2.42 -4.33 5.47
CA ASN B 39 -2.03 -5.73 5.60
C ASN B 39 -1.27 -6.19 4.37
N MET B 40 -1.74 -5.75 3.20
CA MET B 40 -1.09 -6.07 1.94
C MET B 40 0.34 -5.53 1.92
N ALA B 41 0.47 -4.22 2.12
CA ALA B 41 1.79 -3.57 2.10
C ALA B 41 2.74 -4.21 3.10
N SER B 42 2.26 -4.42 4.31
CA SER B 42 3.09 -5.01 5.37
C SER B 42 3.61 -6.38 4.92
N ASN B 43 2.71 -7.27 4.55
CA ASN B 43 3.07 -8.64 4.21
C ASN B 43 3.92 -8.68 2.93
N LEU B 44 3.72 -7.70 2.05
CA LEU B 44 4.47 -7.62 0.80
C LEU B 44 5.96 -7.39 1.09
N LEU B 45 6.26 -6.36 1.87
CA LEU B 45 7.64 -5.99 2.14
C LEU B 45 8.31 -6.96 3.10
N THR B 46 7.50 -7.74 3.79
CA THR B 46 8.04 -8.71 4.72
C THR B 46 8.10 -10.13 4.14
N THR B 47 7.63 -10.30 2.91
CA THR B 47 7.63 -11.63 2.31
C THR B 47 8.22 -11.64 0.89
N SER B 48 7.89 -10.63 0.10
CA SER B 48 8.26 -10.63 -1.31
C SER B 48 9.67 -10.09 -1.54
N VAL B 49 10.05 -9.05 -0.81
CA VAL B 49 11.38 -8.46 -0.98
C VAL B 49 12.36 -9.04 0.04
N PRO B 50 13.66 -9.01 -0.28
CA PRO B 50 14.72 -9.51 0.61
C PRO B 50 14.72 -8.82 1.97
N GLN B 51 14.67 -9.61 3.03
CA GLN B 51 14.60 -9.09 4.38
C GLN B 51 15.94 -8.54 4.84
N THR B 52 16.95 -8.70 4.02
CA THR B 52 18.26 -8.14 4.30
C THR B 52 18.27 -6.65 3.98
N GLN B 53 17.27 -6.20 3.22
CA GLN B 53 17.20 -4.80 2.81
C GLN B 53 15.79 -4.25 2.95
N CYS B 54 14.90 -5.04 3.54
CA CYS B 54 13.50 -4.66 3.65
C CYS B 54 13.32 -3.41 4.52
N GLU B 55 14.02 -3.37 5.65
CA GLU B 55 13.92 -2.27 6.58
C GLU B 55 14.45 -0.98 5.95
N ALA B 56 15.47 -1.12 5.12
CA ALA B 56 16.04 0.02 4.40
C ALA B 56 15.08 0.51 3.32
N LEU B 57 14.58 -0.42 2.51
CA LEU B 57 13.66 -0.08 1.43
C LEU B 57 12.35 0.48 1.96
N ALA B 58 11.88 -0.06 3.09
CA ALA B 58 10.68 0.46 3.73
C ALA B 58 10.90 1.88 4.24
N GLN B 59 12.12 2.14 4.72
CA GLN B 59 12.49 3.46 5.20
C GLN B 59 12.51 4.45 4.05
N ALA B 60 12.99 4.00 2.90
CA ALA B 60 13.00 4.82 1.70
C ALA B 60 11.59 5.06 1.20
N PHE B 61 10.81 3.99 1.11
CA PHE B 61 9.43 4.04 0.63
C PHE B 61 8.60 5.01 1.45
N SER B 62 8.73 4.91 2.77
CA SER B 62 7.98 5.76 3.68
C SER B 62 8.34 7.24 3.50
N ASN B 63 9.63 7.55 3.60
CA ASN B 63 10.11 8.93 3.45
C ASN B 63 9.78 9.48 2.07
N SER B 64 9.82 8.62 1.05
CA SER B 64 9.45 9.03 -0.29
C SER B 64 7.98 9.41 -0.34
N LEU B 65 7.15 8.62 0.36
CA LEU B 65 5.73 8.90 0.44
C LEU B 65 5.46 10.19 1.22
N ILE B 66 6.30 10.47 2.21
CA ILE B 66 6.15 11.69 2.99
C ILE B 66 6.27 12.91 2.08
N ASN B 67 7.29 12.93 1.25
CA ASN B 67 7.49 14.02 0.30
C ASN B 67 6.40 13.99 -0.77
N ALA B 68 5.94 12.79 -1.10
CA ALA B 68 4.89 12.62 -2.07
C ALA B 68 3.58 13.21 -1.57
N VAL B 69 3.26 12.95 -0.30
CA VAL B 69 2.04 13.50 0.33
C VAL B 69 2.03 15.02 0.27
N LYS B 70 3.15 15.63 0.67
CA LYS B 70 3.28 17.08 0.64
C LYS B 70 3.05 17.62 -0.77
N THR B 71 3.59 16.91 -1.76
CA THR B 71 3.45 17.32 -3.15
C THR B 71 2.02 17.08 -3.65
N ARG B 72 1.43 15.96 -3.24
CA ARG B 72 0.05 15.61 -3.61
C ARG B 72 -0.91 16.69 -3.16
N LEU B 73 -0.86 17.02 -1.88
CA LEU B 73 -1.76 18.00 -1.29
C LEU B 73 -1.53 19.37 -1.90
N GLU B 74 -0.27 19.80 -1.94
CA GLU B 74 0.05 21.11 -2.48
C GLU B 74 0.24 21.05 -3.99
N HIS B 75 -0.86 20.93 -4.70
CA HIS B 75 -0.85 20.98 -6.15
C HIS B 75 -1.78 22.08 -6.63
N HIS B 76 -1.37 22.78 -7.68
CA HIS B 76 -2.20 23.82 -8.27
C HIS B 76 -3.07 23.22 -9.38
N HIS B 77 -3.12 21.90 -9.39
CA HIS B 77 -3.95 21.17 -10.35
C HIS B 77 -4.78 20.10 -9.65
N HIS B 78 -6.00 19.93 -10.14
CA HIS B 78 -6.92 18.97 -9.56
C HIS B 78 -7.41 18.02 -10.64
N HIS B 79 -7.08 16.75 -10.51
CA HIS B 79 -7.49 15.76 -11.48
C HIS B 79 -8.83 15.14 -11.09
N HIS B 80 -9.75 15.08 -12.03
CA HIS B 80 -11.05 14.49 -11.82
C HIS B 80 -11.26 13.37 -12.83
N MET A 1 -29.76 -5.76 1.18
CA MET A 1 -28.52 -6.45 0.76
C MET A 1 -27.46 -6.30 1.84
N ALA A 2 -27.14 -5.06 2.20
CA ALA A 2 -26.13 -4.79 3.20
C ALA A 2 -26.75 -4.76 4.59
N GLN A 3 -26.74 -5.91 5.26
CA GLN A 3 -27.33 -6.01 6.59
C GLN A 3 -26.27 -5.68 7.64
N HIS A 4 -25.90 -4.41 7.70
CA HIS A 4 -24.85 -3.94 8.61
C HIS A 4 -23.50 -4.58 8.25
N SER A 5 -23.37 -5.00 6.99
CA SER A 5 -22.15 -5.59 6.51
C SER A 5 -21.12 -4.50 6.18
N LYS A 6 -20.60 -3.88 7.23
CA LYS A 6 -19.62 -2.81 7.09
C LYS A 6 -18.27 -3.26 7.63
N TYR A 7 -18.30 -4.04 8.70
CA TYR A 7 -17.09 -4.43 9.41
C TYR A 7 -17.19 -5.88 9.85
N SER A 8 -16.72 -6.76 9.00
CA SER A 8 -16.61 -8.16 9.33
C SER A 8 -15.21 -8.64 9.03
N ASP A 9 -14.62 -9.34 9.98
CA ASP A 9 -13.29 -9.94 9.80
C ASP A 9 -13.30 -10.81 8.55
N ALA A 10 -14.46 -11.41 8.29
CA ALA A 10 -14.64 -12.25 7.12
C ALA A 10 -14.71 -11.39 5.87
N GLN A 11 -15.33 -10.23 6.00
CA GLN A 11 -15.46 -9.31 4.88
C GLN A 11 -14.11 -8.70 4.54
N LEU A 12 -13.39 -8.29 5.58
CA LEU A 12 -12.07 -7.69 5.40
C LEU A 12 -11.12 -8.68 4.75
N SER A 13 -10.95 -9.85 5.37
CA SER A 13 -10.00 -10.84 4.89
C SER A 13 -10.28 -11.24 3.45
N ALA A 14 -11.55 -11.30 3.08
CA ALA A 14 -11.93 -11.60 1.70
C ALA A 14 -11.36 -10.54 0.75
N ILE A 15 -11.53 -9.27 1.11
CA ILE A 15 -11.06 -8.16 0.28
C ILE A 15 -9.54 -8.17 0.16
N VAL A 16 -8.85 -8.39 1.27
CA VAL A 16 -7.39 -8.37 1.25
C VAL A 16 -6.86 -9.58 0.49
N ASN A 17 -7.52 -10.72 0.62
CA ASN A 17 -7.11 -11.94 -0.09
C ASN A 17 -7.38 -11.82 -1.58
N ASP A 18 -8.40 -11.04 -1.95
CA ASP A 18 -8.67 -10.75 -3.35
C ASP A 18 -7.49 -10.00 -3.94
N MET A 19 -7.01 -8.99 -3.23
CA MET A 19 -5.85 -8.20 -3.67
C MET A 19 -4.66 -9.11 -3.96
N ILE A 20 -4.44 -10.07 -3.07
CA ILE A 20 -3.37 -11.04 -3.24
C ILE A 20 -3.61 -11.94 -4.44
N ALA A 21 -4.84 -12.47 -4.54
CA ALA A 21 -5.20 -13.39 -5.61
C ALA A 21 -5.14 -12.70 -6.97
N VAL A 22 -5.83 -11.57 -7.09
CA VAL A 22 -5.89 -10.82 -8.34
C VAL A 22 -4.48 -10.46 -8.82
N LEU A 23 -3.61 -10.16 -7.87
CA LEU A 23 -2.22 -9.87 -8.18
C LEU A 23 -1.56 -11.03 -8.91
N GLU A 24 -1.72 -12.23 -8.35
CA GLU A 24 -1.12 -13.43 -8.93
C GLU A 24 -1.83 -13.80 -10.22
N LYS A 25 -3.16 -13.70 -10.21
CA LYS A 25 -3.98 -14.06 -11.38
C LYS A 25 -3.66 -13.17 -12.57
N HIS A 26 -3.41 -11.89 -12.31
CA HIS A 26 -3.10 -10.94 -13.38
C HIS A 26 -1.65 -11.05 -13.79
N LYS A 27 -0.89 -11.83 -13.01
CA LYS A 27 0.53 -12.09 -13.30
C LYS A 27 1.36 -10.82 -13.32
N ALA A 28 1.31 -10.06 -12.22
CA ALA A 28 2.15 -8.88 -12.08
C ALA A 28 3.39 -9.23 -11.29
N PRO A 29 4.58 -8.81 -11.77
CA PRO A 29 5.84 -9.07 -11.08
C PRO A 29 5.90 -8.31 -9.77
N VAL A 30 6.68 -8.82 -8.83
CA VAL A 30 6.75 -8.25 -7.49
C VAL A 30 7.14 -6.77 -7.53
N ASP A 31 8.04 -6.44 -8.44
CA ASP A 31 8.58 -5.09 -8.52
C ASP A 31 7.58 -4.15 -9.18
N LEU A 32 6.92 -4.62 -10.23
CA LEU A 32 5.91 -3.84 -10.91
C LEU A 32 4.67 -3.69 -10.02
N SER A 33 4.41 -4.72 -9.22
CA SER A 33 3.32 -4.71 -8.26
C SER A 33 3.56 -3.63 -7.20
N LEU A 34 4.81 -3.51 -6.75
CA LEU A 34 5.18 -2.49 -5.79
C LEU A 34 4.94 -1.10 -6.36
N ILE A 35 5.20 -0.94 -7.65
CA ILE A 35 4.95 0.32 -8.34
C ILE A 35 3.44 0.62 -8.36
N ALA A 36 2.63 -0.39 -8.67
CA ALA A 36 1.18 -0.25 -8.66
C ALA A 36 0.70 0.12 -7.27
N LEU A 37 1.13 -0.65 -6.29
CA LEU A 37 0.77 -0.40 -4.89
C LEU A 37 1.20 1.00 -4.48
N GLY A 38 2.39 1.40 -4.90
CA GLY A 38 2.90 2.72 -4.58
C GLY A 38 2.00 3.83 -5.10
N ASN A 39 1.65 3.75 -6.38
CA ASN A 39 0.80 4.76 -6.98
C ASN A 39 -0.60 4.74 -6.36
N MET A 40 -1.08 3.54 -6.04
CA MET A 40 -2.40 3.39 -5.44
C MET A 40 -2.43 3.96 -4.02
N ALA A 41 -1.41 3.61 -3.23
CA ALA A 41 -1.31 4.09 -1.87
C ALA A 41 -1.19 5.61 -1.84
N SER A 42 -0.35 6.16 -2.72
CA SER A 42 -0.18 7.60 -2.82
C SER A 42 -1.50 8.29 -3.11
N ASN A 43 -2.25 7.73 -4.06
CA ASN A 43 -3.54 8.31 -4.47
C ASN A 43 -4.50 8.41 -3.29
N LEU A 44 -4.62 7.32 -2.56
CA LEU A 44 -5.53 7.27 -1.41
C LEU A 44 -5.01 8.12 -0.26
N LEU A 45 -3.70 8.13 -0.08
CA LEU A 45 -3.08 8.85 1.02
C LEU A 45 -3.10 10.37 0.79
N THR A 46 -3.40 10.77 -0.43
CA THR A 46 -3.50 12.19 -0.74
C THR A 46 -4.94 12.61 -0.99
N THR A 47 -5.88 11.71 -0.73
CA THR A 47 -7.28 11.96 -1.04
C THR A 47 -8.22 11.46 0.05
N SER A 48 -8.01 10.25 0.53
CA SER A 48 -9.01 9.56 1.34
C SER A 48 -8.71 9.65 2.84
N VAL A 49 -7.53 10.14 3.19
CA VAL A 49 -7.14 10.26 4.59
C VAL A 49 -7.38 11.68 5.10
N PRO A 50 -7.32 11.89 6.42
CA PRO A 50 -7.40 13.24 7.02
C PRO A 50 -6.33 14.17 6.43
N GLN A 51 -6.78 15.11 5.62
CA GLN A 51 -5.88 15.93 4.82
C GLN A 51 -5.04 16.85 5.70
N THR A 52 -5.63 17.30 6.81
CA THR A 52 -4.96 18.22 7.70
C THR A 52 -3.99 17.47 8.64
N GLN A 53 -4.11 16.15 8.67
CA GLN A 53 -3.31 15.33 9.56
C GLN A 53 -2.52 14.31 8.76
N CYS A 54 -2.40 14.58 7.47
CA CYS A 54 -1.80 13.65 6.52
C CYS A 54 -0.39 13.22 6.95
N GLU A 55 0.46 14.18 7.24
CA GLU A 55 1.85 13.89 7.62
C GLU A 55 1.90 13.00 8.87
N ALA A 56 1.03 13.28 9.83
CA ALA A 56 0.99 12.52 11.07
C ALA A 56 0.53 11.09 10.82
N LEU A 57 -0.52 10.94 10.02
CA LEU A 57 -1.07 9.62 9.72
C LEU A 57 -0.14 8.83 8.81
N ALA A 58 0.55 9.52 7.91
CA ALA A 58 1.50 8.88 7.01
C ALA A 58 2.66 8.29 7.81
N GLN A 59 3.21 9.07 8.72
CA GLN A 59 4.31 8.61 9.56
C GLN A 59 3.84 7.50 10.51
N ALA A 60 2.61 7.61 10.98
CA ALA A 60 2.02 6.57 11.83
C ALA A 60 1.87 5.27 11.04
N PHE A 61 1.35 5.38 9.82
CA PHE A 61 1.23 4.25 8.92
C PHE A 61 2.61 3.66 8.64
N SER A 62 3.57 4.54 8.36
CA SER A 62 4.94 4.15 8.12
C SER A 62 5.49 3.34 9.29
N ASN A 63 5.50 3.96 10.48
CA ASN A 63 6.03 3.30 11.69
C ASN A 63 5.41 1.93 11.91
N SER A 64 4.11 1.81 11.63
CA SER A 64 3.41 0.54 11.77
C SER A 64 4.03 -0.51 10.85
N LEU A 65 4.28 -0.14 9.60
CA LEU A 65 4.90 -1.05 8.64
C LEU A 65 6.37 -1.27 8.96
N ILE A 66 7.02 -0.26 9.52
CA ILE A 66 8.41 -0.38 9.93
C ILE A 66 8.52 -1.43 11.04
N ASN A 67 7.49 -1.50 11.87
CA ASN A 67 7.44 -2.51 12.94
C ASN A 67 7.10 -3.89 12.38
N ALA A 68 6.40 -3.92 11.26
CA ALA A 68 6.16 -5.17 10.56
C ALA A 68 7.48 -5.73 10.03
N VAL A 69 8.24 -4.87 9.37
CA VAL A 69 9.58 -5.21 8.91
C VAL A 69 10.48 -5.54 10.10
N LYS A 70 10.31 -4.76 11.17
CA LYS A 70 11.01 -4.99 12.43
C LYS A 70 10.80 -6.43 12.91
N THR A 71 9.56 -6.89 12.81
CA THR A 71 9.20 -8.24 13.24
C THR A 71 9.80 -9.29 12.31
N ARG A 72 10.03 -8.92 11.05
CA ARG A 72 10.69 -9.82 10.11
C ARG A 72 12.18 -9.91 10.45
N LEU A 73 12.74 -8.79 10.90
CA LEU A 73 14.14 -8.72 11.29
C LEU A 73 14.36 -9.45 12.61
N GLU A 74 13.31 -9.54 13.40
CA GLU A 74 13.34 -10.26 14.67
C GLU A 74 13.52 -11.76 14.40
N HIS A 75 14.52 -12.33 15.03
CA HIS A 75 14.89 -13.72 14.80
C HIS A 75 15.65 -14.28 16.00
N HIS A 76 15.48 -13.63 17.15
CA HIS A 76 16.21 -14.00 18.35
C HIS A 76 15.57 -15.19 19.06
N HIS A 77 15.89 -16.39 18.61
CA HIS A 77 15.41 -17.60 19.27
C HIS A 77 16.53 -18.62 19.39
N HIS A 78 17.35 -18.67 18.36
CA HIS A 78 18.54 -19.50 18.36
C HIS A 78 19.69 -18.74 17.74
N HIS A 79 20.48 -18.06 18.56
CA HIS A 79 21.63 -17.34 18.04
C HIS A 79 22.75 -18.32 17.71
N HIS A 80 23.09 -19.19 18.66
CA HIS A 80 24.06 -20.27 18.47
C HIS A 80 23.89 -21.30 19.57
N MET B 1 3.80 -15.11 -28.30
CA MET B 1 3.08 -14.69 -27.08
C MET B 1 4.02 -14.70 -25.88
N ALA B 2 4.50 -13.53 -25.51
CA ALA B 2 5.42 -13.41 -24.40
C ALA B 2 5.01 -12.26 -23.49
N GLN B 3 5.86 -11.96 -22.50
CA GLN B 3 5.60 -10.86 -21.59
C GLN B 3 5.74 -9.53 -22.32
N HIS B 4 6.93 -9.27 -22.88
CA HIS B 4 7.19 -8.10 -23.73
C HIS B 4 6.88 -6.81 -22.97
N SER B 5 6.92 -6.86 -21.66
CA SER B 5 6.56 -5.70 -20.85
C SER B 5 7.70 -5.28 -19.94
N LYS B 6 8.41 -4.24 -20.35
CA LYS B 6 9.48 -3.69 -19.56
C LYS B 6 8.97 -2.48 -18.80
N TYR B 7 8.14 -2.77 -17.81
CA TYR B 7 7.53 -1.74 -16.98
C TYR B 7 6.57 -0.88 -17.80
N SER B 8 5.71 -1.54 -18.56
CA SER B 8 4.73 -0.88 -19.37
C SER B 8 3.83 -0.04 -18.49
N ASP B 9 3.78 1.25 -18.79
CA ASP B 9 2.90 2.16 -18.06
C ASP B 9 1.47 1.83 -18.40
N ALA B 10 1.30 1.02 -19.43
CA ALA B 10 -0.02 0.58 -19.86
C ALA B 10 -0.40 -0.69 -19.14
N GLN B 11 0.58 -1.55 -18.91
CA GLN B 11 0.37 -2.75 -18.12
C GLN B 11 0.17 -2.35 -16.66
N LEU B 12 0.98 -1.39 -16.23
CA LEU B 12 0.89 -0.87 -14.87
C LEU B 12 -0.50 -0.31 -14.60
N SER B 13 -0.91 0.68 -15.40
CA SER B 13 -2.18 1.36 -15.20
C SER B 13 -3.34 0.36 -15.16
N ALA B 14 -3.35 -0.58 -16.10
CA ALA B 14 -4.41 -1.59 -16.17
C ALA B 14 -4.46 -2.43 -14.90
N ILE B 15 -3.30 -2.65 -14.28
CA ILE B 15 -3.23 -3.44 -13.05
C ILE B 15 -3.76 -2.63 -11.87
N VAL B 16 -3.27 -1.41 -11.71
CA VAL B 16 -3.68 -0.56 -10.60
C VAL B 16 -5.16 -0.20 -10.73
N ASN B 17 -5.59 -0.02 -11.98
CA ASN B 17 -6.98 0.29 -12.29
C ASN B 17 -7.90 -0.84 -11.86
N ASP B 18 -7.48 -2.07 -12.14
CA ASP B 18 -8.29 -3.23 -11.84
C ASP B 18 -8.40 -3.40 -10.33
N MET B 19 -7.28 -3.23 -9.63
CA MET B 19 -7.25 -3.34 -8.18
C MET B 19 -8.29 -2.42 -7.52
N ILE B 20 -8.40 -1.19 -8.03
CA ILE B 20 -9.39 -0.25 -7.53
C ILE B 20 -10.80 -0.72 -7.86
N ALA B 21 -10.98 -1.20 -9.09
CA ALA B 21 -12.27 -1.70 -9.53
C ALA B 21 -12.69 -2.92 -8.71
N VAL B 22 -11.72 -3.76 -8.36
CA VAL B 22 -11.96 -4.93 -7.53
C VAL B 22 -12.32 -4.50 -6.11
N LEU B 23 -11.61 -3.49 -5.62
CA LEU B 23 -11.88 -2.92 -4.32
C LEU B 23 -13.32 -2.41 -4.23
N GLU B 24 -13.68 -1.52 -5.15
CA GLU B 24 -15.01 -0.92 -5.15
C GLU B 24 -16.05 -1.93 -5.67
N LYS B 25 -15.58 -3.06 -6.19
CA LYS B 25 -16.46 -4.12 -6.63
C LYS B 25 -17.15 -4.74 -5.41
N HIS B 26 -16.46 -4.69 -4.28
CA HIS B 26 -17.03 -5.09 -3.01
C HIS B 26 -17.49 -3.86 -2.24
N LYS B 27 -16.94 -2.72 -2.66
CA LYS B 27 -17.22 -1.41 -2.07
C LYS B 27 -16.81 -1.36 -0.60
N ALA B 28 -15.57 -0.98 -0.35
CA ALA B 28 -15.07 -0.83 1.00
C ALA B 28 -14.89 0.64 1.34
N PRO B 29 -15.32 1.06 2.54
CA PRO B 29 -15.11 2.43 3.02
C PRO B 29 -13.63 2.76 3.15
N VAL B 30 -13.31 4.05 3.14
CA VAL B 30 -11.91 4.50 3.21
C VAL B 30 -11.19 3.93 4.44
N ASP B 31 -11.95 3.69 5.51
CA ASP B 31 -11.39 3.14 6.72
C ASP B 31 -11.13 1.63 6.56
N LEU B 32 -12.16 0.90 6.15
CA LEU B 32 -12.05 -0.54 5.96
C LEU B 32 -11.02 -0.87 4.89
N SER B 33 -11.01 -0.08 3.83
CA SER B 33 -10.06 -0.25 2.74
C SER B 33 -8.64 0.02 3.23
N LEU B 34 -8.52 0.94 4.18
CA LEU B 34 -7.23 1.30 4.73
C LEU B 34 -6.65 0.13 5.51
N ILE B 35 -7.53 -0.63 6.15
CA ILE B 35 -7.11 -1.82 6.90
C ILE B 35 -6.64 -2.90 5.94
N ALA B 36 -7.38 -3.11 4.85
CA ALA B 36 -6.99 -4.05 3.82
C ALA B 36 -5.68 -3.63 3.19
N LEU B 37 -5.53 -2.33 2.94
CA LEU B 37 -4.29 -1.78 2.42
C LEU B 37 -3.14 -2.03 3.38
N GLY B 38 -3.41 -1.78 4.67
CA GLY B 38 -2.42 -2.01 5.70
C GLY B 38 -2.01 -3.48 5.77
N ASN B 39 -2.98 -4.37 5.87
CA ASN B 39 -2.72 -5.80 5.94
C ASN B 39 -1.98 -6.27 4.68
N MET B 40 -2.37 -5.71 3.53
CA MET B 40 -1.73 -6.05 2.26
C MET B 40 -0.29 -5.58 2.23
N ALA B 41 -0.08 -4.32 2.62
CA ALA B 41 1.27 -3.74 2.64
C ALA B 41 2.18 -4.52 3.57
N SER B 42 1.63 -4.94 4.71
CA SER B 42 2.37 -5.73 5.67
C SER B 42 2.85 -7.03 5.03
N ASN B 43 1.95 -7.67 4.28
CA ASN B 43 2.26 -8.92 3.60
C ASN B 43 3.43 -8.73 2.64
N LEU B 44 3.33 -7.71 1.79
CA LEU B 44 4.36 -7.42 0.80
C LEU B 44 5.71 -7.15 1.46
N LEU B 45 5.71 -6.33 2.50
CA LEU B 45 6.94 -5.90 3.13
C LEU B 45 7.55 -6.98 4.02
N THR B 46 6.81 -8.02 4.33
CA THR B 46 7.35 -9.10 5.14
C THR B 46 7.79 -10.30 4.31
N THR B 47 7.35 -10.35 3.05
CA THR B 47 7.61 -11.53 2.22
C THR B 47 8.26 -11.18 0.89
N SER B 48 7.86 -10.05 0.29
CA SER B 48 8.16 -9.81 -1.12
C SER B 48 9.15 -8.66 -1.31
N VAL B 49 9.98 -8.40 -0.31
CA VAL B 49 10.99 -7.36 -0.41
C VAL B 49 12.36 -7.93 -0.05
N PRO B 50 13.44 -7.25 -0.44
CA PRO B 50 14.80 -7.62 -0.02
C PRO B 50 14.91 -7.63 1.50
N GLN B 51 15.07 -8.82 2.07
CA GLN B 51 14.99 -9.01 3.51
C GLN B 51 16.07 -8.20 4.26
N THR B 52 17.15 -7.89 3.58
CA THR B 52 18.25 -7.15 4.18
C THR B 52 18.07 -5.65 4.00
N GLN B 53 17.75 -5.25 2.77
CA GLN B 53 17.63 -3.84 2.43
C GLN B 53 16.20 -3.38 2.62
N CYS B 54 15.44 -4.18 3.35
CA CYS B 54 14.04 -3.89 3.62
C CYS B 54 13.86 -2.52 4.26
N GLU B 55 14.73 -2.22 5.22
CA GLU B 55 14.66 -0.96 5.96
C GLU B 55 14.84 0.22 5.02
N ALA B 56 15.75 0.08 4.08
CA ALA B 56 16.04 1.15 3.13
C ALA B 56 14.83 1.47 2.28
N LEU B 57 14.32 0.45 1.60
CA LEU B 57 13.19 0.63 0.68
C LEU B 57 11.92 1.05 1.42
N ALA B 58 11.69 0.45 2.58
CA ALA B 58 10.50 0.75 3.37
C ALA B 58 10.44 2.23 3.73
N GLN B 59 11.53 2.75 4.26
CA GLN B 59 11.56 4.15 4.69
C GLN B 59 11.74 5.08 3.51
N ALA B 60 12.36 4.59 2.43
CA ALA B 60 12.47 5.37 1.20
C ALA B 60 11.08 5.62 0.63
N PHE B 61 10.27 4.58 0.60
CA PHE B 61 8.88 4.69 0.16
C PHE B 61 8.11 5.63 1.08
N SER B 62 8.34 5.48 2.39
CA SER B 62 7.68 6.31 3.38
C SER B 62 7.98 7.79 3.16
N ASN B 63 9.25 8.14 3.16
CA ASN B 63 9.67 9.55 2.97
C ASN B 63 9.19 10.08 1.62
N SER B 64 9.12 9.22 0.62
CA SER B 64 8.60 9.60 -0.68
C SER B 64 7.13 10.00 -0.55
N LEU B 65 6.37 9.25 0.25
CA LEU B 65 4.98 9.56 0.51
C LEU B 65 4.87 10.90 1.22
N ILE B 66 5.69 11.09 2.26
CA ILE B 66 5.67 12.32 3.04
C ILE B 66 5.93 13.52 2.15
N ASN B 67 6.97 13.42 1.33
CA ASN B 67 7.31 14.48 0.40
C ASN B 67 6.21 14.69 -0.64
N ALA B 68 5.65 13.58 -1.13
CA ALA B 68 4.58 13.61 -2.11
C ALA B 68 3.37 14.36 -1.56
N VAL B 69 2.91 13.96 -0.39
CA VAL B 69 1.76 14.59 0.24
C VAL B 69 2.04 16.07 0.54
N LYS B 70 3.21 16.34 1.12
CA LYS B 70 3.61 17.69 1.47
C LYS B 70 3.62 18.60 0.23
N THR B 71 4.05 18.06 -0.91
CA THR B 71 4.12 18.83 -2.14
C THR B 71 2.74 19.02 -2.76
N ARG B 72 1.90 17.98 -2.70
CA ARG B 72 0.56 18.04 -3.27
C ARG B 72 -0.31 19.06 -2.52
N LEU B 73 -0.27 19.01 -1.20
CA LEU B 73 -1.02 19.96 -0.39
C LEU B 73 -0.33 21.33 -0.43
N GLU B 74 1.00 21.31 -0.33
CA GLU B 74 1.82 22.52 -0.40
C GLU B 74 1.50 23.47 0.76
N HIS B 75 0.84 22.94 1.79
CA HIS B 75 0.47 23.76 2.93
C HIS B 75 1.72 24.11 3.74
N HIS B 76 2.51 23.10 4.06
CA HIS B 76 3.82 23.31 4.63
C HIS B 76 4.81 23.58 3.51
N HIS B 77 5.06 24.85 3.22
CA HIS B 77 5.88 25.22 2.07
C HIS B 77 7.37 25.18 2.42
N HIS B 78 7.75 24.18 3.21
CA HIS B 78 9.14 23.99 3.58
C HIS B 78 9.81 23.09 2.54
N HIS B 79 9.34 23.23 1.31
CA HIS B 79 9.85 22.47 0.18
C HIS B 79 9.67 23.28 -1.09
N HIS B 80 10.66 23.24 -1.98
CA HIS B 80 10.60 23.95 -3.23
C HIS B 80 10.14 23.03 -4.34
N MET A 1 -30.00 -3.34 11.59
CA MET A 1 -30.55 -2.43 10.55
C MET A 1 -29.80 -2.63 9.24
N ALA A 2 -28.63 -2.02 9.14
CA ALA A 2 -27.80 -2.16 7.94
C ALA A 2 -26.35 -2.41 8.34
N GLN A 3 -26.05 -3.66 8.65
CA GLN A 3 -24.71 -4.04 9.10
C GLN A 3 -23.83 -4.46 7.92
N HIS A 4 -23.86 -3.64 6.88
CA HIS A 4 -23.03 -3.85 5.69
C HIS A 4 -21.56 -3.86 6.10
N SER A 5 -21.17 -2.84 6.84
CA SER A 5 -19.82 -2.73 7.34
C SER A 5 -19.81 -2.85 8.87
N LYS A 6 -19.88 -4.09 9.35
CA LYS A 6 -19.92 -4.34 10.78
C LYS A 6 -18.51 -4.54 11.34
N TYR A 7 -17.52 -4.42 10.46
CA TYR A 7 -16.10 -4.52 10.82
C TYR A 7 -15.78 -5.92 11.38
N SER A 8 -15.47 -6.83 10.48
CA SER A 8 -15.21 -8.20 10.86
C SER A 8 -13.85 -8.65 10.37
N ASP A 9 -13.19 -9.49 11.17
CA ASP A 9 -11.97 -10.16 10.75
C ASP A 9 -12.27 -10.95 9.49
N ALA A 10 -13.48 -11.47 9.43
CA ALA A 10 -13.96 -12.20 8.27
C ALA A 10 -14.04 -11.27 7.07
N GLN A 11 -14.49 -10.03 7.29
CA GLN A 11 -14.60 -9.07 6.19
C GLN A 11 -13.21 -8.68 5.71
N LEU A 12 -12.32 -8.38 6.66
CA LEU A 12 -10.96 -7.99 6.34
C LEU A 12 -10.24 -9.11 5.61
N SER A 13 -10.13 -10.27 6.26
CA SER A 13 -9.38 -11.39 5.72
C SER A 13 -9.87 -11.78 4.34
N ALA A 14 -11.18 -11.75 4.14
CA ALA A 14 -11.76 -12.10 2.84
C ALA A 14 -11.25 -11.16 1.76
N ILE A 15 -11.20 -9.87 2.06
CA ILE A 15 -10.74 -8.87 1.10
C ILE A 15 -9.24 -9.02 0.82
N VAL A 16 -8.44 -9.10 1.88
CA VAL A 16 -6.99 -9.17 1.72
C VAL A 16 -6.58 -10.45 1.00
N ASN A 17 -7.16 -11.57 1.40
CA ASN A 17 -6.84 -12.86 0.82
C ASN A 17 -7.29 -12.93 -0.64
N ASP A 18 -8.41 -12.28 -0.94
CA ASP A 18 -8.94 -12.25 -2.29
C ASP A 18 -8.07 -11.37 -3.17
N MET A 19 -7.59 -10.27 -2.59
CA MET A 19 -6.69 -9.36 -3.29
C MET A 19 -5.39 -10.07 -3.66
N ILE A 20 -4.82 -10.81 -2.72
CA ILE A 20 -3.62 -11.58 -2.97
C ILE A 20 -3.89 -12.65 -4.05
N ALA A 21 -5.08 -13.24 -3.97
CA ALA A 21 -5.47 -14.26 -4.93
C ALA A 21 -5.61 -13.66 -6.33
N VAL A 22 -6.37 -12.58 -6.46
CA VAL A 22 -6.59 -11.94 -7.75
C VAL A 22 -5.30 -11.31 -8.27
N LEU A 23 -4.40 -10.97 -7.35
CA LEU A 23 -3.09 -10.44 -7.72
C LEU A 23 -2.29 -11.51 -8.45
N GLU A 24 -2.41 -12.75 -8.01
CA GLU A 24 -1.75 -13.88 -8.63
C GLU A 24 -2.29 -14.10 -10.04
N LYS A 25 -3.61 -14.03 -10.17
CA LYS A 25 -4.24 -14.25 -11.47
C LYS A 25 -4.05 -13.04 -12.39
N HIS A 26 -3.77 -11.89 -11.79
CA HIS A 26 -3.39 -10.71 -12.57
C HIS A 26 -1.92 -10.85 -13.00
N LYS A 27 -1.14 -11.46 -12.12
CA LYS A 27 0.30 -11.61 -12.29
C LYS A 27 1.00 -10.27 -12.47
N ALA A 28 1.13 -9.57 -11.36
CA ALA A 28 1.89 -8.34 -11.30
C ALA A 28 3.03 -8.50 -10.31
N PRO A 29 4.27 -8.64 -10.82
CA PRO A 29 5.44 -8.84 -9.96
C PRO A 29 5.69 -7.66 -9.04
N VAL A 30 6.53 -7.87 -8.03
CA VAL A 30 6.84 -6.83 -7.03
C VAL A 30 7.25 -5.52 -7.71
N ASP A 31 7.85 -5.61 -8.89
CA ASP A 31 8.21 -4.43 -9.67
C ASP A 31 6.97 -3.61 -10.01
N LEU A 32 6.14 -4.17 -10.88
CA LEU A 32 4.96 -3.49 -11.40
C LEU A 32 3.94 -3.25 -10.29
N SER A 33 3.82 -4.20 -9.37
CA SER A 33 2.86 -4.11 -8.28
C SER A 33 3.21 -2.92 -7.38
N LEU A 34 4.50 -2.74 -7.10
CA LEU A 34 4.94 -1.66 -6.24
C LEU A 34 4.66 -0.31 -6.89
N ILE A 35 4.85 -0.24 -8.20
CA ILE A 35 4.58 0.99 -8.94
C ILE A 35 3.08 1.29 -8.98
N ALA A 36 2.28 0.24 -9.19
CA ALA A 36 0.83 0.36 -9.19
C ALA A 36 0.34 0.84 -7.83
N LEU A 37 0.80 0.18 -6.77
CA LEU A 37 0.45 0.55 -5.41
C LEU A 37 1.00 1.93 -5.07
N GLY A 38 2.13 2.28 -5.69
CA GLY A 38 2.69 3.60 -5.49
C GLY A 38 1.77 4.70 -5.96
N ASN A 39 1.29 4.59 -7.20
CA ASN A 39 0.35 5.55 -7.75
C ASN A 39 -0.97 5.52 -6.98
N MET A 40 -1.36 4.33 -6.57
CA MET A 40 -2.60 4.12 -5.83
C MET A 40 -2.52 4.79 -4.45
N ALA A 41 -1.43 4.54 -3.74
CA ALA A 41 -1.23 5.06 -2.39
C ALA A 41 -1.34 6.58 -2.36
N SER A 42 -0.52 7.25 -3.17
CA SER A 42 -0.50 8.71 -3.17
C SER A 42 -1.87 9.28 -3.50
N ASN A 43 -2.50 8.74 -4.53
CA ASN A 43 -3.83 9.18 -4.94
C ASN A 43 -4.83 9.04 -3.81
N LEU A 44 -4.91 7.85 -3.24
CA LEU A 44 -5.87 7.57 -2.17
C LEU A 44 -5.58 8.38 -0.93
N LEU A 45 -4.30 8.49 -0.55
CA LEU A 45 -3.91 9.26 0.63
C LEU A 45 -4.33 10.72 0.50
N THR A 46 -4.44 11.20 -0.72
CA THR A 46 -4.83 12.59 -0.93
C THR A 46 -6.33 12.74 -1.21
N THR A 47 -7.13 11.71 -0.90
CA THR A 47 -8.57 11.81 -1.13
C THR A 47 -9.41 11.03 -0.11
N SER A 48 -8.82 10.04 0.56
CA SER A 48 -9.58 9.21 1.49
C SER A 48 -9.39 9.66 2.94
N VAL A 49 -8.16 10.01 3.29
CA VAL A 49 -7.83 10.38 4.66
C VAL A 49 -8.31 11.81 4.97
N PRO A 50 -8.23 12.25 6.25
CA PRO A 50 -8.64 13.60 6.67
C PRO A 50 -7.93 14.73 5.91
N GLN A 51 -6.88 14.36 5.18
CA GLN A 51 -6.15 15.28 4.29
C GLN A 51 -5.25 16.23 5.07
N THR A 52 -5.84 16.96 6.01
CA THR A 52 -5.11 17.95 6.79
C THR A 52 -4.07 17.28 7.69
N GLN A 53 -4.29 16.02 7.99
CA GLN A 53 -3.37 15.25 8.82
C GLN A 53 -2.83 14.06 8.03
N CYS A 54 -2.89 14.18 6.71
CA CYS A 54 -2.49 13.08 5.82
C CYS A 54 -1.06 12.63 6.10
N GLU A 55 -0.15 13.58 6.23
CA GLU A 55 1.27 13.28 6.40
C GLU A 55 1.51 12.52 7.69
N ALA A 56 0.83 12.91 8.76
CA ALA A 56 0.99 12.26 10.05
C ALA A 56 0.48 10.83 10.00
N LEU A 57 -0.64 10.62 9.31
CA LEU A 57 -1.21 9.29 9.13
C LEU A 57 -0.28 8.42 8.29
N ALA A 58 0.33 9.03 7.28
CA ALA A 58 1.26 8.32 6.41
C ALA A 58 2.47 7.82 7.19
N GLN A 59 3.04 8.69 8.02
CA GLN A 59 4.17 8.32 8.86
C GLN A 59 3.76 7.29 9.91
N ALA A 60 2.56 7.42 10.45
CA ALA A 60 2.04 6.48 11.43
C ALA A 60 1.84 5.11 10.79
N PHE A 61 1.37 5.11 9.55
CA PHE A 61 1.20 3.88 8.79
C PHE A 61 2.56 3.24 8.55
N SER A 62 3.53 4.08 8.21
CA SER A 62 4.91 3.63 7.99
C SER A 62 5.44 2.91 9.23
N ASN A 63 5.39 3.60 10.37
CA ASN A 63 5.88 3.03 11.63
C ASN A 63 5.19 1.71 11.96
N SER A 64 3.91 1.61 11.62
CA SER A 64 3.15 0.39 11.85
C SER A 64 3.74 -0.75 11.02
N LEU A 65 4.13 -0.45 9.79
CA LEU A 65 4.76 -1.44 8.91
C LEU A 65 6.12 -1.82 9.46
N ILE A 66 6.90 -0.80 9.85
CA ILE A 66 8.22 -1.03 10.42
C ILE A 66 8.12 -1.94 11.64
N ASN A 67 7.18 -1.61 12.52
CA ASN A 67 6.95 -2.37 13.74
C ASN A 67 6.66 -3.83 13.43
N ALA A 68 5.82 -4.06 12.43
CA ALA A 68 5.46 -5.41 12.03
C ALA A 68 6.67 -6.17 11.49
N VAL A 69 7.44 -5.51 10.63
CA VAL A 69 8.64 -6.11 10.05
C VAL A 69 9.65 -6.45 11.15
N LYS A 70 9.92 -5.50 12.03
CA LYS A 70 10.89 -5.68 13.10
C LYS A 70 10.49 -6.85 14.00
N THR A 71 9.21 -6.97 14.28
CA THR A 71 8.71 -8.04 15.15
C THR A 71 8.82 -9.40 14.48
N ARG A 72 8.76 -9.44 13.16
CA ARG A 72 8.82 -10.69 12.41
C ARG A 72 10.26 -11.09 12.11
N LEU A 73 11.07 -10.11 11.71
CA LEU A 73 12.46 -10.36 11.34
C LEU A 73 13.39 -10.24 12.54
N GLU A 74 12.80 -9.92 13.70
CA GLU A 74 13.52 -9.74 14.97
C GLU A 74 14.72 -10.69 15.10
N HIS A 75 15.91 -10.12 15.02
CA HIS A 75 17.13 -10.86 15.30
C HIS A 75 17.58 -10.53 16.72
N HIS A 76 17.95 -11.55 17.47
CA HIS A 76 18.27 -11.37 18.87
C HIS A 76 19.72 -10.94 19.05
N HIS A 77 19.95 -9.66 18.81
CA HIS A 77 21.27 -9.07 18.97
C HIS A 77 21.16 -7.80 19.82
N HIS A 78 21.70 -7.85 21.03
CA HIS A 78 21.78 -6.67 21.86
C HIS A 78 23.00 -5.87 21.45
N HIS A 79 22.88 -5.15 20.32
CA HIS A 79 24.00 -4.50 19.65
C HIS A 79 24.92 -5.56 19.04
N HIS A 80 25.65 -5.17 17.99
CA HIS A 80 26.56 -6.09 17.29
C HIS A 80 25.73 -7.09 16.46
N MET B 1 9.76 -12.84 -27.13
CA MET B 1 9.01 -11.65 -26.70
C MET B 1 7.51 -11.88 -26.90
N ALA B 2 6.85 -12.36 -25.85
CA ALA B 2 5.42 -12.64 -25.91
C ALA B 2 4.72 -12.18 -24.64
N GLN B 3 5.47 -11.47 -23.80
CA GLN B 3 4.94 -11.01 -22.53
C GLN B 3 4.49 -9.56 -22.63
N HIS B 4 3.29 -9.28 -22.13
CA HIS B 4 2.74 -7.92 -22.16
C HIS B 4 3.22 -7.17 -20.93
N SER B 5 3.59 -7.92 -19.90
CA SER B 5 4.10 -7.35 -18.64
C SER B 5 5.58 -6.99 -18.78
N LYS B 6 5.99 -6.68 -20.00
CA LYS B 6 7.38 -6.38 -20.33
C LYS B 6 7.77 -4.95 -19.92
N TYR B 7 7.28 -4.52 -18.76
CA TYR B 7 7.44 -3.14 -18.30
C TYR B 7 6.79 -2.18 -19.30
N SER B 8 5.47 -2.08 -19.21
CA SER B 8 4.69 -1.25 -20.10
C SER B 8 3.90 -0.23 -19.31
N ASP B 9 3.89 1.01 -19.78
CA ASP B 9 3.07 2.05 -19.17
C ASP B 9 1.62 1.71 -19.37
N ALA B 10 1.36 0.97 -20.43
CA ALA B 10 0.00 0.53 -20.73
C ALA B 10 -0.36 -0.63 -19.83
N GLN B 11 0.61 -1.51 -19.59
CA GLN B 11 0.42 -2.62 -18.67
C GLN B 11 0.17 -2.10 -17.26
N LEU B 12 0.99 -1.13 -16.85
CA LEU B 12 0.88 -0.54 -15.52
C LEU B 12 -0.48 0.11 -15.33
N SER B 13 -0.83 1.02 -16.22
CA SER B 13 -2.09 1.78 -16.11
C SER B 13 -3.28 0.85 -15.93
N ALA B 14 -3.33 -0.23 -16.71
CA ALA B 14 -4.44 -1.17 -16.63
C ALA B 14 -4.50 -1.86 -15.27
N ILE B 15 -3.33 -2.17 -14.72
CA ILE B 15 -3.27 -2.82 -13.41
C ILE B 15 -3.74 -1.87 -12.31
N VAL B 16 -3.25 -0.64 -12.35
CA VAL B 16 -3.61 0.35 -11.34
C VAL B 16 -5.08 0.74 -11.49
N ASN B 17 -5.53 0.84 -12.74
CA ASN B 17 -6.91 1.18 -13.06
C ASN B 17 -7.86 0.11 -12.56
N ASP B 18 -7.43 -1.15 -12.63
CA ASP B 18 -8.25 -2.24 -12.18
C ASP B 18 -8.39 -2.16 -10.68
N MET B 19 -7.27 -1.90 -9.99
CA MET B 19 -7.28 -1.72 -8.54
C MET B 19 -8.29 -0.66 -8.12
N ILE B 20 -8.28 0.46 -8.84
CA ILE B 20 -9.24 1.54 -8.59
C ILE B 20 -10.67 1.04 -8.77
N ALA B 21 -10.87 0.24 -9.81
CA ALA B 21 -12.17 -0.34 -10.09
C ALA B 21 -12.57 -1.33 -9.00
N VAL B 22 -11.63 -2.16 -8.57
CA VAL B 22 -11.88 -3.16 -7.53
C VAL B 22 -12.39 -2.49 -6.26
N LEU B 23 -11.79 -1.37 -5.92
CA LEU B 23 -12.19 -0.59 -4.74
C LEU B 23 -13.60 -0.02 -4.93
N GLU B 24 -13.86 0.49 -6.13
CA GLU B 24 -15.14 1.12 -6.43
C GLU B 24 -16.27 0.10 -6.51
N LYS B 25 -16.00 -1.02 -7.16
CA LYS B 25 -17.00 -2.09 -7.33
C LYS B 25 -17.39 -2.69 -5.99
N HIS B 26 -16.39 -2.91 -5.14
CA HIS B 26 -16.62 -3.54 -3.84
C HIS B 26 -16.99 -2.51 -2.78
N LYS B 27 -16.70 -1.24 -3.06
CA LYS B 27 -16.94 -0.14 -2.12
C LYS B 27 -16.31 -0.44 -0.76
N ALA B 28 -15.07 -0.89 -0.77
CA ALA B 28 -14.36 -1.17 0.46
C ALA B 28 -14.07 0.13 1.19
N PRO B 29 -14.50 0.23 2.46
CA PRO B 29 -14.31 1.44 3.27
C PRO B 29 -12.85 1.84 3.33
N VAL B 30 -12.60 3.14 3.31
CA VAL B 30 -11.23 3.68 3.34
C VAL B 30 -10.57 3.44 4.70
N ASP B 31 -11.27 2.71 5.54
CA ASP B 31 -10.71 2.24 6.80
C ASP B 31 -10.10 0.86 6.61
N LEU B 32 -10.92 -0.09 6.17
CA LEU B 32 -10.50 -1.48 6.05
C LEU B 32 -9.65 -1.71 4.82
N SER B 33 -9.89 -0.94 3.77
CA SER B 33 -9.10 -1.10 2.55
C SER B 33 -7.64 -0.78 2.82
N LEU B 34 -7.40 0.22 3.67
CA LEU B 34 -6.05 0.59 4.06
C LEU B 34 -5.48 -0.43 5.05
N ILE B 35 -6.35 -1.00 5.87
CA ILE B 35 -5.92 -2.08 6.77
C ILE B 35 -5.50 -3.31 5.97
N ALA B 36 -6.34 -3.71 5.01
CA ALA B 36 -6.01 -4.78 4.08
C ALA B 36 -4.71 -4.48 3.35
N LEU B 37 -4.55 -3.22 2.93
CA LEU B 37 -3.33 -2.78 2.28
C LEU B 37 -2.14 -2.97 3.22
N GLY B 38 -2.30 -2.56 4.47
CA GLY B 38 -1.24 -2.72 5.44
C GLY B 38 -0.88 -4.17 5.67
N ASN B 39 -1.89 -5.02 5.78
CA ASN B 39 -1.69 -6.46 5.93
C ASN B 39 -0.89 -7.00 4.74
N MET B 40 -1.32 -6.64 3.53
CA MET B 40 -0.69 -7.13 2.32
C MET B 40 0.73 -6.57 2.19
N ALA B 41 0.87 -5.27 2.47
CA ALA B 41 2.16 -4.60 2.38
C ALA B 41 3.19 -5.28 3.27
N SER B 42 2.81 -5.57 4.50
CA SER B 42 3.71 -6.21 5.46
C SER B 42 4.20 -7.55 4.91
N ASN B 43 3.27 -8.36 4.42
CA ASN B 43 3.61 -9.69 3.90
C ASN B 43 4.52 -9.57 2.69
N LEU B 44 4.24 -8.60 1.82
CA LEU B 44 5.04 -8.39 0.62
C LEU B 44 6.42 -7.83 0.96
N LEU B 45 6.47 -6.89 1.88
CA LEU B 45 7.73 -6.23 2.25
C LEU B 45 8.67 -7.20 2.98
N THR B 46 8.12 -8.26 3.54
CA THR B 46 8.95 -9.22 4.25
C THR B 46 9.23 -10.46 3.40
N THR B 47 8.94 -10.38 2.10
CA THR B 47 9.15 -11.52 1.21
C THR B 47 9.72 -11.10 -0.15
N SER B 48 9.10 -10.10 -0.76
CA SER B 48 9.36 -9.79 -2.17
C SER B 48 10.42 -8.71 -2.34
N VAL B 49 10.80 -8.05 -1.26
CA VAL B 49 11.86 -7.06 -1.32
C VAL B 49 13.01 -7.47 -0.39
N PRO B 50 14.19 -6.86 -0.54
CA PRO B 50 15.35 -7.15 0.31
C PRO B 50 15.02 -7.00 1.80
N GLN B 51 14.82 -8.13 2.46
CA GLN B 51 14.36 -8.14 3.84
C GLN B 51 15.49 -7.85 4.82
N THR B 52 16.69 -7.65 4.29
CA THR B 52 17.83 -7.28 5.11
C THR B 52 17.89 -5.76 5.26
N GLN B 53 17.30 -5.07 4.30
CA GLN B 53 17.17 -3.62 4.34
C GLN B 53 15.69 -3.27 4.37
N CYS B 54 14.90 -4.23 4.82
CA CYS B 54 13.44 -4.08 4.88
C CYS B 54 13.03 -2.77 5.54
N GLU B 55 13.63 -2.47 6.69
CA GLU B 55 13.33 -1.26 7.43
C GLU B 55 13.66 -0.02 6.59
N ALA B 56 14.82 -0.05 5.95
CA ALA B 56 15.30 1.08 5.15
C ALA B 56 14.37 1.34 3.96
N LEU B 57 14.06 0.29 3.22
CA LEU B 57 13.22 0.42 2.03
C LEU B 57 11.82 0.90 2.38
N ALA B 58 11.27 0.35 3.46
CA ALA B 58 9.93 0.73 3.91
C ALA B 58 9.90 2.21 4.31
N GLN B 59 10.91 2.65 5.04
CA GLN B 59 11.00 4.05 5.45
C GLN B 59 11.28 4.94 4.25
N ALA B 60 12.09 4.47 3.32
CA ALA B 60 12.40 5.24 2.12
C ALA B 60 11.16 5.49 1.28
N PHE B 61 10.37 4.43 1.07
CA PHE B 61 9.15 4.53 0.27
C PHE B 61 8.15 5.47 0.93
N SER B 62 7.98 5.35 2.24
CA SER B 62 7.03 6.18 2.96
C SER B 62 7.47 7.64 2.97
N ASN B 63 8.77 7.89 3.19
CA ASN B 63 9.31 9.24 3.15
C ASN B 63 9.10 9.87 1.78
N SER B 64 9.14 9.05 0.75
CA SER B 64 8.87 9.52 -0.61
C SER B 64 7.42 9.95 -0.73
N LEU B 65 6.52 9.19 -0.10
CA LEU B 65 5.11 9.52 -0.07
C LEU B 65 4.88 10.82 0.70
N ILE B 66 5.66 11.01 1.76
CA ILE B 66 5.59 12.22 2.57
C ILE B 66 5.83 13.46 1.70
N ASN B 67 6.81 13.34 0.81
CA ASN B 67 7.12 14.41 -0.14
C ASN B 67 5.96 14.63 -1.11
N ALA B 68 5.33 13.53 -1.51
CA ALA B 68 4.19 13.58 -2.42
C ALA B 68 3.00 14.27 -1.77
N VAL B 69 2.81 14.03 -0.47
CA VAL B 69 1.76 14.70 0.28
C VAL B 69 1.94 16.21 0.22
N LYS B 70 3.17 16.67 0.44
CA LYS B 70 3.49 18.09 0.35
C LYS B 70 3.24 18.62 -1.05
N THR B 71 3.56 17.81 -2.06
CA THR B 71 3.37 18.20 -3.45
C THR B 71 1.90 18.50 -3.76
N ARG B 72 1.01 17.76 -3.11
CA ARG B 72 -0.43 17.96 -3.29
C ARG B 72 -0.91 19.16 -2.46
N LEU B 73 -0.34 19.28 -1.26
CA LEU B 73 -0.72 20.34 -0.34
C LEU B 73 -0.34 21.72 -0.87
N GLU B 74 0.80 21.78 -1.57
CA GLU B 74 1.28 23.01 -2.13
C GLU B 74 0.48 23.42 -3.36
N HIS B 75 -0.34 24.46 -3.22
CA HIS B 75 -0.99 25.04 -4.38
C HIS B 75 -0.03 25.97 -5.11
N HIS B 76 1.13 26.19 -4.49
CA HIS B 76 2.24 26.87 -5.15
C HIS B 76 2.94 25.88 -6.06
N HIS B 77 2.88 24.60 -5.66
CA HIS B 77 3.22 23.46 -6.50
C HIS B 77 4.73 23.31 -6.77
N HIS B 78 5.54 24.20 -6.18
CA HIS B 78 6.96 24.27 -6.51
C HIS B 78 7.12 24.45 -8.02
N HIS B 79 7.07 25.71 -8.45
CA HIS B 79 6.91 26.07 -9.86
C HIS B 79 5.48 25.76 -10.29
N HIS B 80 4.66 26.80 -10.31
CA HIS B 80 3.24 26.64 -10.60
C HIS B 80 3.04 26.47 -12.10
N MET A 1 -32.05 -0.38 7.20
CA MET A 1 -31.86 -0.39 5.73
C MET A 1 -30.59 -1.17 5.40
N ALA A 2 -30.10 -1.06 4.17
CA ALA A 2 -28.91 -1.80 3.76
C ALA A 2 -27.69 -1.40 4.59
N GLN A 3 -27.29 -2.28 5.48
CA GLN A 3 -26.16 -2.03 6.36
C GLN A 3 -24.95 -2.80 5.85
N HIS A 4 -23.82 -2.11 5.72
CA HIS A 4 -22.62 -2.71 5.14
C HIS A 4 -21.83 -3.51 6.18
N SER A 5 -22.49 -4.50 6.78
CA SER A 5 -21.89 -5.34 7.81
C SER A 5 -21.51 -4.49 9.03
N LYS A 6 -20.90 -5.12 10.02
CA LYS A 6 -20.62 -4.44 11.27
C LYS A 6 -19.12 -4.38 11.54
N TYR A 7 -18.35 -4.12 10.49
CA TYR A 7 -16.89 -3.98 10.59
C TYR A 7 -16.27 -5.25 11.16
N SER A 8 -16.07 -6.23 10.29
CA SER A 8 -15.57 -7.53 10.71
C SER A 8 -14.13 -7.72 10.27
N ASP A 9 -13.35 -8.40 11.10
CA ASP A 9 -11.97 -8.74 10.74
C ASP A 9 -12.00 -9.82 9.66
N ALA A 10 -13.11 -10.53 9.59
CA ALA A 10 -13.32 -11.53 8.56
C ALA A 10 -13.75 -10.84 7.28
N GLN A 11 -14.50 -9.75 7.45
CA GLN A 11 -14.88 -8.89 6.34
C GLN A 11 -13.62 -8.30 5.71
N LEU A 12 -12.74 -7.80 6.57
CA LEU A 12 -11.44 -7.29 6.15
C LEU A 12 -10.67 -8.38 5.39
N SER A 13 -10.55 -9.55 6.01
CA SER A 13 -9.81 -10.66 5.42
C SER A 13 -10.36 -11.01 4.03
N ALA A 14 -11.68 -11.00 3.88
CA ALA A 14 -12.31 -11.30 2.60
C ALA A 14 -11.91 -10.28 1.53
N ILE A 15 -11.75 -9.03 1.95
CA ILE A 15 -11.36 -7.97 1.02
C ILE A 15 -9.90 -8.13 0.60
N VAL A 16 -9.03 -8.42 1.57
CA VAL A 16 -7.62 -8.63 1.27
C VAL A 16 -7.46 -9.87 0.41
N ASN A 17 -8.28 -10.89 0.71
CA ASN A 17 -8.28 -12.15 -0.05
C ASN A 17 -8.55 -11.88 -1.53
N ASP A 18 -9.49 -10.99 -1.81
CA ASP A 18 -9.84 -10.61 -3.16
C ASP A 18 -8.64 -9.99 -3.83
N MET A 19 -8.14 -8.92 -3.22
CA MET A 19 -7.01 -8.15 -3.76
C MET A 19 -5.81 -9.05 -4.05
N ILE A 20 -5.49 -9.94 -3.12
CA ILE A 20 -4.37 -10.87 -3.31
C ILE A 20 -4.62 -11.75 -4.52
N ALA A 21 -5.83 -12.28 -4.63
CA ALA A 21 -6.19 -13.14 -5.76
C ALA A 21 -6.19 -12.35 -7.06
N VAL A 22 -6.57 -11.08 -6.97
CA VAL A 22 -6.58 -10.20 -8.13
C VAL A 22 -5.16 -9.93 -8.62
N LEU A 23 -4.24 -9.70 -7.69
CA LEU A 23 -2.84 -9.46 -8.04
C LEU A 23 -2.21 -10.73 -8.61
N GLU A 24 -2.61 -11.87 -8.07
CA GLU A 24 -2.20 -13.17 -8.60
C GLU A 24 -2.75 -13.36 -10.00
N LYS A 25 -3.87 -12.70 -10.27
CA LYS A 25 -4.53 -12.78 -11.58
C LYS A 25 -3.77 -11.95 -12.62
N HIS A 26 -3.04 -10.94 -12.15
CA HIS A 26 -2.30 -10.06 -13.06
C HIS A 26 -0.84 -10.48 -13.16
N LYS A 27 -0.31 -10.97 -12.04
CA LYS A 27 1.08 -11.43 -11.96
C LYS A 27 2.06 -10.30 -12.34
N ALA A 28 2.28 -9.39 -11.40
CA ALA A 28 3.22 -8.31 -11.61
C ALA A 28 4.57 -8.64 -10.96
N PRO A 29 5.69 -8.23 -11.59
CA PRO A 29 7.05 -8.62 -11.16
C PRO A 29 7.55 -7.88 -9.92
N VAL A 30 6.65 -7.67 -8.96
CA VAL A 30 6.97 -7.04 -7.66
C VAL A 30 7.26 -5.54 -7.80
N ASP A 31 8.16 -5.19 -8.72
CA ASP A 31 8.57 -3.81 -8.93
C ASP A 31 7.35 -2.92 -9.20
N LEU A 32 6.64 -3.25 -10.28
CA LEU A 32 5.45 -2.49 -10.66
C LEU A 32 4.35 -2.62 -9.62
N SER A 33 4.34 -3.76 -8.91
CA SER A 33 3.34 -4.00 -7.89
C SER A 33 3.48 -2.97 -6.75
N LEU A 34 4.72 -2.64 -6.43
CA LEU A 34 5.00 -1.64 -5.39
C LEU A 34 4.64 -0.25 -5.87
N ILE A 35 4.92 0.04 -7.14
CA ILE A 35 4.61 1.34 -7.72
C ILE A 35 3.11 1.57 -7.74
N ALA A 36 2.36 0.55 -8.12
CA ALA A 36 0.90 0.61 -8.11
C ALA A 36 0.39 0.86 -6.70
N LEU A 37 0.94 0.11 -5.75
CA LEU A 37 0.58 0.28 -4.34
C LEU A 37 0.88 1.70 -3.86
N GLY A 38 2.02 2.23 -4.29
CA GLY A 38 2.40 3.59 -3.94
C GLY A 38 1.38 4.60 -4.43
N ASN A 39 1.07 4.56 -5.72
CA ASN A 39 0.08 5.46 -6.30
C ASN A 39 -1.29 5.26 -5.64
N MET A 40 -1.63 4.00 -5.41
CA MET A 40 -2.93 3.64 -4.83
C MET A 40 -3.06 4.17 -3.40
N ALA A 41 -2.10 3.84 -2.55
CA ALA A 41 -2.14 4.22 -1.14
C ALA A 41 -2.15 5.73 -0.97
N SER A 42 -1.24 6.41 -1.68
CA SER A 42 -1.10 7.85 -1.56
C SER A 42 -2.38 8.55 -2.04
N ASN A 43 -2.96 8.04 -3.12
CA ASN A 43 -4.14 8.63 -3.73
C ASN A 43 -5.30 8.67 -2.73
N LEU A 44 -5.52 7.55 -2.06
CA LEU A 44 -6.62 7.43 -1.11
C LEU A 44 -6.37 8.30 0.13
N LEU A 45 -5.11 8.36 0.55
CA LEU A 45 -4.76 9.11 1.75
C LEU A 45 -4.75 10.61 1.49
N THR A 46 -4.79 11.01 0.22
CA THR A 46 -4.79 12.43 -0.10
C THR A 46 -6.16 12.88 -0.60
N THR A 47 -7.16 12.01 -0.50
CA THR A 47 -8.50 12.34 -0.97
C THR A 47 -9.56 12.12 0.10
N SER A 48 -9.51 10.99 0.79
CA SER A 48 -10.58 10.63 1.71
C SER A 48 -10.34 11.22 3.10
N VAL A 49 -9.19 10.89 3.69
CA VAL A 49 -8.86 11.35 5.03
C VAL A 49 -8.47 12.82 5.03
N PRO A 50 -8.49 13.48 6.21
CA PRO A 50 -8.12 14.89 6.35
C PRO A 50 -6.82 15.23 5.62
N GLN A 51 -6.91 16.15 4.66
CA GLN A 51 -5.80 16.44 3.77
C GLN A 51 -4.68 17.19 4.49
N THR A 52 -5.02 17.81 5.60
CA THR A 52 -4.03 18.51 6.41
C THR A 52 -3.32 17.52 7.33
N GLN A 53 -3.92 16.35 7.46
CA GLN A 53 -3.35 15.31 8.29
C GLN A 53 -2.76 14.21 7.41
N CYS A 54 -2.77 14.44 6.09
CA CYS A 54 -2.26 13.45 5.14
C CYS A 54 -0.83 13.03 5.50
N GLU A 55 0.00 14.02 5.81
CA GLU A 55 1.39 13.77 6.12
C GLU A 55 1.52 12.93 7.41
N ALA A 56 0.75 13.30 8.42
CA ALA A 56 0.81 12.62 9.71
C ALA A 56 0.24 11.21 9.62
N LEU A 57 -0.87 11.06 8.90
CA LEU A 57 -1.50 9.76 8.73
C LEU A 57 -0.64 8.83 7.89
N ALA A 58 0.01 9.39 6.88
CA ALA A 58 0.95 8.62 6.07
C ALA A 58 2.10 8.11 6.92
N GLN A 59 2.62 8.99 7.77
CA GLN A 59 3.68 8.61 8.71
C GLN A 59 3.19 7.51 9.65
N ALA A 60 1.97 7.67 10.16
CA ALA A 60 1.39 6.68 11.07
C ALA A 60 1.26 5.33 10.38
N PHE A 61 0.79 5.37 9.13
CA PHE A 61 0.59 4.15 8.35
C PHE A 61 1.93 3.46 8.09
N SER A 62 2.87 4.20 7.51
CA SER A 62 4.15 3.64 7.13
C SER A 62 4.91 3.12 8.34
N ASN A 63 4.97 3.93 9.40
CA ASN A 63 5.68 3.54 10.63
C ASN A 63 5.07 2.29 11.26
N SER A 64 3.76 2.12 11.09
CA SER A 64 3.10 0.93 11.60
C SER A 64 3.61 -0.30 10.85
N LEU A 65 3.86 -0.12 9.55
CA LEU A 65 4.45 -1.19 8.75
C LEU A 65 5.91 -1.39 9.11
N ILE A 66 6.64 -0.29 9.34
CA ILE A 66 8.03 -0.37 9.74
C ILE A 66 8.17 -1.15 11.05
N ASN A 67 7.32 -0.81 12.01
CA ASN A 67 7.29 -1.49 13.29
C ASN A 67 6.92 -2.97 13.12
N ALA A 68 6.06 -3.24 12.15
CA ALA A 68 5.70 -4.62 11.84
C ALA A 68 6.91 -5.38 11.33
N VAL A 69 7.72 -4.74 10.50
CA VAL A 69 8.95 -5.33 9.99
C VAL A 69 9.91 -5.62 11.16
N LYS A 70 9.99 -4.67 12.10
CA LYS A 70 10.84 -4.84 13.28
C LYS A 70 10.40 -6.08 14.08
N THR A 71 9.09 -6.25 14.21
CA THR A 71 8.53 -7.37 14.96
C THR A 71 8.71 -8.68 14.19
N ARG A 72 8.68 -8.60 12.86
CA ARG A 72 8.84 -9.78 12.02
C ARG A 72 10.32 -10.16 11.90
N LEU A 73 11.20 -9.24 12.28
CA LEU A 73 12.63 -9.50 12.27
C LEU A 73 13.05 -10.13 13.59
N GLU A 74 12.66 -9.50 14.69
CA GLU A 74 13.01 -9.97 16.02
C GLU A 74 12.05 -11.06 16.45
N HIS A 75 12.58 -12.25 16.75
CA HIS A 75 11.74 -13.36 17.16
C HIS A 75 12.07 -13.76 18.59
N HIS A 76 12.88 -14.80 18.75
CA HIS A 76 13.25 -15.28 20.08
C HIS A 76 14.62 -14.76 20.47
N HIS A 77 14.79 -14.50 21.75
CA HIS A 77 16.08 -14.03 22.28
C HIS A 77 17.01 -15.20 22.55
N HIS A 78 18.03 -15.35 21.72
CA HIS A 78 19.01 -16.42 21.90
C HIS A 78 20.30 -15.89 22.49
N HIS A 79 20.75 -14.75 21.99
CA HIS A 79 22.02 -14.16 22.40
C HIS A 79 21.92 -13.44 23.74
N HIS A 80 20.83 -13.66 24.48
CA HIS A 80 20.65 -13.03 25.77
C HIS A 80 19.50 -13.69 26.53
N MET B 1 15.98 0.63 -28.28
CA MET B 1 14.84 0.56 -27.34
C MET B 1 15.22 -0.27 -26.13
N ALA B 2 15.29 -1.59 -26.33
CA ALA B 2 15.77 -2.54 -25.33
C ALA B 2 14.87 -2.60 -24.10
N GLN B 3 15.08 -1.69 -23.15
CA GLN B 3 14.43 -1.79 -21.86
C GLN B 3 13.32 -0.75 -21.69
N HIS B 4 12.11 -1.14 -22.07
CA HIS B 4 10.93 -0.33 -21.77
C HIS B 4 9.70 -1.23 -21.61
N SER B 5 9.86 -2.51 -21.96
CA SER B 5 8.77 -3.46 -21.84
C SER B 5 8.39 -3.69 -20.38
N LYS B 6 9.40 -3.91 -19.55
CA LYS B 6 9.20 -4.13 -18.12
C LYS B 6 8.55 -2.92 -17.47
N TYR B 7 9.02 -1.75 -17.87
CA TYR B 7 8.53 -0.51 -17.28
C TYR B 7 7.56 0.20 -18.20
N SER B 8 6.45 -0.46 -18.47
CA SER B 8 5.37 0.14 -19.19
C SER B 8 4.40 0.76 -18.20
N ASP B 9 4.39 2.08 -18.13
CA ASP B 9 3.42 2.78 -17.29
C ASP B 9 2.02 2.50 -17.78
N ALA B 10 1.93 1.97 -19.00
CA ALA B 10 0.66 1.56 -19.56
C ALA B 10 0.20 0.30 -18.86
N GLN B 11 1.15 -0.59 -18.59
CA GLN B 11 0.87 -1.80 -17.83
C GLN B 11 0.55 -1.44 -16.39
N LEU B 12 1.32 -0.50 -15.83
CA LEU B 12 1.10 -0.03 -14.47
C LEU B 12 -0.31 0.55 -14.34
N SER B 13 -0.65 1.50 -15.22
CA SER B 13 -1.93 2.18 -15.16
C SER B 13 -3.09 1.18 -15.16
N ALA B 14 -2.99 0.15 -16.00
CA ALA B 14 -4.01 -0.88 -16.06
C ALA B 14 -4.16 -1.60 -14.71
N ILE B 15 -3.04 -1.85 -14.05
CA ILE B 15 -3.04 -2.56 -12.78
C ILE B 15 -3.58 -1.67 -11.65
N VAL B 16 -3.08 -0.43 -11.58
CA VAL B 16 -3.49 0.48 -10.50
C VAL B 16 -4.98 0.82 -10.62
N ASN B 17 -5.42 1.02 -11.86
CA ASN B 17 -6.83 1.30 -12.12
C ASN B 17 -7.70 0.11 -11.78
N ASP B 18 -7.16 -1.09 -12.00
CA ASP B 18 -7.90 -2.30 -11.71
C ASP B 18 -7.97 -2.48 -10.21
N MET B 19 -6.92 -2.07 -9.51
CA MET B 19 -6.89 -2.11 -8.05
C MET B 19 -8.03 -1.30 -7.45
N ILE B 20 -8.29 -0.13 -8.02
CA ILE B 20 -9.41 0.69 -7.59
C ILE B 20 -10.72 -0.04 -7.89
N ALA B 21 -10.77 -0.69 -9.05
CA ALA B 21 -11.93 -1.47 -9.44
C ALA B 21 -12.12 -2.67 -8.51
N VAL B 22 -11.02 -3.18 -7.96
CA VAL B 22 -11.06 -4.25 -6.98
C VAL B 22 -11.80 -3.80 -5.73
N LEU B 23 -11.44 -2.61 -5.24
CA LEU B 23 -12.07 -2.03 -4.07
C LEU B 23 -13.56 -1.81 -4.32
N GLU B 24 -13.88 -1.36 -5.53
CA GLU B 24 -15.26 -1.10 -5.91
C GLU B 24 -16.02 -2.41 -6.07
N LYS B 25 -15.34 -3.42 -6.63
CA LYS B 25 -15.93 -4.72 -6.90
C LYS B 25 -16.42 -5.40 -5.62
N HIS B 26 -15.60 -5.34 -4.57
CA HIS B 26 -15.93 -5.98 -3.31
C HIS B 26 -16.56 -4.97 -2.36
N LYS B 27 -16.63 -3.72 -2.81
CA LYS B 27 -17.16 -2.60 -2.01
C LYS B 27 -16.41 -2.47 -0.69
N ALA B 28 -15.20 -1.91 -0.75
CA ALA B 28 -14.40 -1.72 0.43
C ALA B 28 -14.24 -0.24 0.73
N PRO B 29 -14.71 0.21 1.91
CA PRO B 29 -14.50 1.58 2.36
C PRO B 29 -13.04 1.80 2.72
N VAL B 30 -12.64 3.06 2.86
CA VAL B 30 -11.23 3.39 3.09
C VAL B 30 -10.70 2.70 4.35
N ASP B 31 -11.58 2.49 5.32
CA ASP B 31 -11.21 1.82 6.57
C ASP B 31 -10.60 0.47 6.27
N LEU B 32 -11.42 -0.41 5.72
CA LEU B 32 -11.02 -1.78 5.42
C LEU B 32 -9.98 -1.80 4.30
N SER B 33 -10.10 -0.87 3.37
CA SER B 33 -9.18 -0.79 2.24
C SER B 33 -7.77 -0.51 2.72
N LEU B 34 -7.62 0.42 3.66
CA LEU B 34 -6.31 0.77 4.19
C LEU B 34 -5.72 -0.40 4.98
N ILE B 35 -6.56 -1.11 5.72
CA ILE B 35 -6.11 -2.28 6.45
C ILE B 35 -5.62 -3.37 5.50
N ALA B 36 -6.40 -3.60 4.44
CA ALA B 36 -6.03 -4.57 3.41
C ALA B 36 -4.68 -4.20 2.79
N LEU B 37 -4.50 -2.92 2.48
CA LEU B 37 -3.23 -2.43 1.95
C LEU B 37 -2.11 -2.64 2.96
N GLY B 38 -2.41 -2.36 4.22
CA GLY B 38 -1.44 -2.56 5.29
C GLY B 38 -1.01 -4.00 5.41
N ASN B 39 -1.97 -4.92 5.35
CA ASN B 39 -1.66 -6.34 5.40
C ASN B 39 -0.79 -6.76 4.23
N MET B 40 -1.17 -6.30 3.04
CA MET B 40 -0.43 -6.64 1.82
C MET B 40 0.97 -6.07 1.86
N ALA B 41 1.10 -4.83 2.32
CA ALA B 41 2.39 -4.17 2.44
C ALA B 41 3.32 -4.97 3.35
N SER B 42 2.79 -5.43 4.48
CA SER B 42 3.56 -6.24 5.41
C SER B 42 3.99 -7.54 4.75
N ASN B 43 3.04 -8.21 4.11
CA ASN B 43 3.32 -9.48 3.42
C ASN B 43 4.45 -9.30 2.42
N LEU B 44 4.37 -8.26 1.62
CA LEU B 44 5.36 -7.98 0.60
C LEU B 44 6.73 -7.73 1.21
N LEU B 45 6.78 -6.85 2.20
CA LEU B 45 8.04 -6.45 2.81
C LEU B 45 8.68 -7.58 3.61
N THR B 46 7.92 -8.64 3.87
CA THR B 46 8.46 -9.77 4.62
C THR B 46 8.75 -10.96 3.71
N THR B 47 8.53 -10.82 2.41
CA THR B 47 8.74 -11.92 1.48
C THR B 47 9.47 -11.47 0.21
N SER B 48 9.06 -10.33 -0.34
CA SER B 48 9.53 -9.90 -1.64
C SER B 48 10.79 -9.06 -1.54
N VAL B 49 11.38 -9.01 -0.36
CA VAL B 49 12.64 -8.31 -0.15
C VAL B 49 13.79 -9.30 -0.17
N PRO B 50 14.98 -8.87 -0.65
CA PRO B 50 16.17 -9.72 -0.67
C PRO B 50 16.45 -10.34 0.70
N GLN B 51 16.81 -9.49 1.66
CA GLN B 51 17.00 -9.90 3.05
C GLN B 51 17.16 -8.67 3.94
N THR B 52 18.40 -8.21 4.09
CA THR B 52 18.70 -7.05 4.92
C THR B 52 18.20 -5.76 4.27
N GLN B 53 17.82 -5.86 3.00
CA GLN B 53 17.35 -4.72 2.24
C GLN B 53 15.89 -4.40 2.54
N CYS B 54 15.30 -5.14 3.48
CA CYS B 54 13.93 -4.88 3.91
C CYS B 54 13.79 -3.45 4.42
N GLU B 55 14.76 -3.03 5.21
CA GLU B 55 14.80 -1.67 5.76
C GLU B 55 14.72 -0.64 4.63
N ALA B 56 15.60 -0.77 3.66
CA ALA B 56 15.69 0.19 2.56
C ALA B 56 14.38 0.30 1.81
N LEU B 57 13.78 -0.83 1.48
CA LEU B 57 12.55 -0.84 0.70
C LEU B 57 11.36 -0.36 1.52
N ALA B 58 11.34 -0.69 2.80
CA ALA B 58 10.27 -0.28 3.69
C ALA B 58 10.27 1.24 3.86
N GLN B 59 11.43 1.79 4.18
CA GLN B 59 11.56 3.24 4.32
C GLN B 59 11.37 3.95 2.99
N ALA B 60 11.78 3.29 1.90
CA ALA B 60 11.63 3.86 0.57
C ALA B 60 10.16 4.09 0.23
N PHE B 61 9.32 3.08 0.49
CA PHE B 61 7.88 3.20 0.25
C PHE B 61 7.31 4.33 1.10
N SER B 62 7.80 4.43 2.33
CA SER B 62 7.37 5.49 3.23
C SER B 62 7.71 6.87 2.65
N ASN B 63 9.00 7.14 2.51
CA ASN B 63 9.49 8.46 2.11
C ASN B 63 8.89 8.91 0.79
N SER B 64 8.83 7.99 -0.17
CA SER B 64 8.30 8.32 -1.49
C SER B 64 6.83 8.72 -1.40
N LEU B 65 6.09 8.03 -0.55
CA LEU B 65 4.68 8.33 -0.35
C LEU B 65 4.52 9.65 0.38
N ILE B 66 5.39 9.89 1.37
CA ILE B 66 5.37 11.15 2.11
C ILE B 66 5.63 12.32 1.17
N ASN B 67 6.65 12.16 0.33
CA ASN B 67 7.04 13.19 -0.62
C ASN B 67 5.92 13.43 -1.63
N ALA B 68 5.14 12.39 -1.93
CA ALA B 68 4.01 12.53 -2.83
C ALA B 68 2.98 13.48 -2.24
N VAL B 69 2.72 13.33 -0.95
CA VAL B 69 1.84 14.24 -0.23
C VAL B 69 2.43 15.65 -0.22
N LYS B 70 3.73 15.72 0.05
CA LYS B 70 4.47 16.97 0.02
C LYS B 70 4.32 17.68 -1.31
N THR B 71 4.34 16.92 -2.39
CA THR B 71 4.26 17.48 -3.74
C THR B 71 2.84 17.92 -4.09
N ARG B 72 1.85 17.28 -3.46
CA ARG B 72 0.46 17.66 -3.68
C ARG B 72 0.13 18.92 -2.90
N LEU B 73 0.65 19.00 -1.68
CA LEU B 73 0.43 20.15 -0.82
C LEU B 73 1.24 21.35 -1.34
N GLU B 74 2.50 21.11 -1.67
CA GLU B 74 3.35 22.14 -2.23
C GLU B 74 3.47 21.93 -3.73
N HIS B 75 2.65 22.68 -4.48
CA HIS B 75 2.51 22.48 -5.93
C HIS B 75 3.85 22.33 -6.63
N HIS B 76 3.99 21.24 -7.37
CA HIS B 76 5.20 20.93 -8.10
C HIS B 76 5.50 22.01 -9.14
N HIS B 77 6.69 22.59 -9.06
CA HIS B 77 7.09 23.64 -9.96
C HIS B 77 7.37 23.06 -11.35
N HIS B 78 7.27 23.90 -12.37
CA HIS B 78 7.55 23.47 -13.73
C HIS B 78 8.66 24.33 -14.32
N HIS B 79 9.88 24.11 -13.80
CA HIS B 79 11.04 24.97 -14.07
C HIS B 79 10.82 26.33 -13.41
N HIS B 80 9.84 27.07 -13.89
CA HIS B 80 9.46 28.33 -13.29
C HIS B 80 7.95 28.50 -13.37
N MET A 1 -14.95 -6.77 25.85
CA MET A 1 -14.68 -7.14 24.44
C MET A 1 -13.36 -7.87 24.34
N ALA A 2 -13.37 -9.04 23.74
CA ALA A 2 -12.15 -9.81 23.53
C ALA A 2 -12.03 -10.25 22.07
N GLN A 3 -13.18 -10.39 21.41
CA GLN A 3 -13.19 -10.75 20.00
C GLN A 3 -12.87 -9.52 19.14
N HIS A 4 -11.65 -9.49 18.62
CA HIS A 4 -11.19 -8.38 17.79
C HIS A 4 -11.92 -8.34 16.45
N SER A 5 -13.00 -7.59 16.39
CA SER A 5 -13.75 -7.46 15.16
C SER A 5 -14.37 -6.06 15.05
N LYS A 6 -13.90 -5.29 14.08
CA LYS A 6 -14.43 -3.95 13.86
C LYS A 6 -15.73 -4.03 13.05
N TYR A 7 -15.58 -4.18 11.75
CA TYR A 7 -16.72 -4.43 10.88
C TYR A 7 -16.88 -5.94 10.73
N SER A 8 -15.78 -6.57 10.32
CA SER A 8 -15.64 -8.00 10.32
C SER A 8 -14.21 -8.35 9.94
N ASP A 9 -13.52 -9.05 10.83
CA ASP A 9 -12.15 -9.48 10.55
C ASP A 9 -12.15 -10.55 9.47
N ALA A 10 -13.31 -11.17 9.30
CA ALA A 10 -13.50 -12.15 8.22
C ALA A 10 -13.71 -11.43 6.90
N GLN A 11 -14.39 -10.29 6.98
CA GLN A 11 -14.58 -9.42 5.82
C GLN A 11 -13.23 -8.86 5.38
N LEU A 12 -12.38 -8.53 6.35
CA LEU A 12 -11.04 -8.03 6.05
C LEU A 12 -10.27 -9.06 5.22
N SER A 13 -10.18 -10.29 5.72
CA SER A 13 -9.45 -11.34 5.02
C SER A 13 -9.98 -11.52 3.60
N ALA A 14 -11.28 -11.35 3.42
CA ALA A 14 -11.89 -11.49 2.10
C ALA A 14 -11.34 -10.44 1.15
N ILE A 15 -11.26 -9.20 1.61
CA ILE A 15 -10.76 -8.11 0.80
C ILE A 15 -9.30 -8.32 0.42
N VAL A 16 -8.49 -8.74 1.39
CA VAL A 16 -7.07 -8.98 1.13
C VAL A 16 -6.89 -10.23 0.26
N ASN A 17 -7.85 -11.15 0.37
CA ASN A 17 -7.83 -12.39 -0.41
C ASN A 17 -8.15 -12.10 -1.87
N ASP A 18 -9.04 -11.13 -2.11
CA ASP A 18 -9.34 -10.68 -3.44
C ASP A 18 -8.09 -10.09 -4.06
N MET A 19 -7.36 -9.31 -3.27
CA MET A 19 -6.08 -8.73 -3.71
C MET A 19 -5.16 -9.80 -4.25
N ILE A 20 -5.04 -10.90 -3.51
CA ILE A 20 -4.20 -12.02 -3.91
C ILE A 20 -4.66 -12.60 -5.25
N ALA A 21 -5.98 -12.71 -5.41
CA ALA A 21 -6.55 -13.20 -6.66
C ALA A 21 -6.28 -12.22 -7.80
N VAL A 22 -6.63 -10.96 -7.56
CA VAL A 22 -6.47 -9.91 -8.56
C VAL A 22 -5.02 -9.85 -9.06
N LEU A 23 -4.08 -9.99 -8.13
CA LEU A 23 -2.66 -9.98 -8.44
C LEU A 23 -2.26 -11.20 -9.27
N GLU A 24 -2.86 -12.34 -8.94
CA GLU A 24 -2.51 -13.61 -9.57
C GLU A 24 -3.02 -13.70 -11.00
N LYS A 25 -4.25 -13.25 -11.23
CA LYS A 25 -4.88 -13.34 -12.56
C LYS A 25 -4.02 -12.69 -13.64
N HIS A 26 -3.70 -11.42 -13.44
CA HIS A 26 -2.88 -10.70 -14.41
C HIS A 26 -1.41 -11.07 -14.25
N LYS A 27 -1.09 -11.62 -13.08
CA LYS A 27 0.28 -11.95 -12.69
C LYS A 27 1.16 -10.71 -12.76
N ALA A 28 1.04 -9.86 -11.77
CA ALA A 28 1.82 -8.64 -11.71
C ALA A 28 3.01 -8.82 -10.79
N PRO A 29 4.24 -8.67 -11.32
CA PRO A 29 5.46 -8.82 -10.52
C PRO A 29 5.57 -7.75 -9.45
N VAL A 30 6.43 -8.00 -8.47
CA VAL A 30 6.61 -7.07 -7.35
C VAL A 30 6.97 -5.66 -7.83
N ASP A 31 7.59 -5.57 -9.00
CA ASP A 31 7.95 -4.28 -9.57
C ASP A 31 6.71 -3.47 -9.90
N LEU A 32 5.90 -3.96 -10.83
CA LEU A 32 4.72 -3.25 -11.28
C LEU A 32 3.66 -3.19 -10.17
N SER A 33 3.59 -4.23 -9.36
CA SER A 33 2.63 -4.29 -8.27
C SER A 33 2.91 -3.19 -7.26
N LEU A 34 4.18 -2.98 -6.95
CA LEU A 34 4.57 -1.96 -5.97
C LEU A 34 4.27 -0.57 -6.50
N ILE A 35 4.50 -0.36 -7.80
CA ILE A 35 4.23 0.93 -8.42
C ILE A 35 2.74 1.21 -8.42
N ALA A 36 1.93 0.18 -8.74
CA ALA A 36 0.49 0.30 -8.71
C ALA A 36 0.00 0.68 -7.32
N LEU A 37 0.51 -0.04 -6.31
CA LEU A 37 0.17 0.25 -4.93
C LEU A 37 0.64 1.65 -4.54
N GLY A 38 1.83 2.00 -4.97
CA GLY A 38 2.38 3.32 -4.69
C GLY A 38 1.53 4.44 -5.27
N ASN A 39 1.20 4.32 -6.56
CA ASN A 39 0.35 5.30 -7.22
C ASN A 39 -1.01 5.39 -6.54
N MET A 40 -1.57 4.23 -6.20
CA MET A 40 -2.87 4.17 -5.56
C MET A 40 -2.81 4.79 -4.15
N ALA A 41 -1.85 4.35 -3.35
CA ALA A 41 -1.74 4.79 -1.96
C ALA A 41 -1.57 6.31 -1.87
N SER A 42 -0.67 6.85 -2.68
CA SER A 42 -0.42 8.29 -2.67
C SER A 42 -1.68 9.06 -3.04
N ASN A 43 -2.34 8.60 -4.10
CA ASN A 43 -3.61 9.18 -4.55
C ASN A 43 -4.64 9.12 -3.43
N LEU A 44 -4.76 7.95 -2.82
CA LEU A 44 -5.73 7.72 -1.75
C LEU A 44 -5.52 8.68 -0.58
N LEU A 45 -4.28 8.80 -0.13
CA LEU A 45 -3.97 9.66 1.01
C LEU A 45 -4.27 11.13 0.69
N THR A 46 -4.12 11.50 -0.56
CA THR A 46 -4.32 12.90 -0.95
C THR A 46 -5.72 13.15 -1.50
N THR A 47 -6.60 12.17 -1.33
CA THR A 47 -7.97 12.29 -1.84
C THR A 47 -8.99 11.83 -0.79
N SER A 48 -8.75 10.68 -0.19
CA SER A 48 -9.74 10.06 0.69
C SER A 48 -9.69 10.65 2.10
N VAL A 49 -8.54 10.56 2.75
CA VAL A 49 -8.39 11.06 4.10
C VAL A 49 -8.07 12.55 4.08
N PRO A 50 -8.10 13.22 5.26
CA PRO A 50 -7.74 14.65 5.35
C PRO A 50 -6.42 14.94 4.66
N GLN A 51 -6.47 15.79 3.65
CA GLN A 51 -5.35 16.02 2.73
C GLN A 51 -4.06 16.40 3.46
N THR A 52 -4.14 17.28 4.45
CA THR A 52 -2.94 17.73 5.14
C THR A 52 -2.58 16.87 6.33
N GLN A 53 -3.54 16.07 6.78
CA GLN A 53 -3.32 15.20 7.92
C GLN A 53 -2.88 13.82 7.44
N CYS A 54 -2.87 13.65 6.11
CA CYS A 54 -2.56 12.35 5.54
C CYS A 54 -1.08 12.02 5.73
N GLU A 55 -0.25 13.06 5.77
CA GLU A 55 1.16 12.89 6.01
C GLU A 55 1.40 12.28 7.37
N ALA A 56 0.59 12.69 8.34
CA ALA A 56 0.66 12.16 9.69
C ALA A 56 0.30 10.68 9.69
N LEU A 57 -0.75 10.33 8.95
CA LEU A 57 -1.17 8.93 8.80
C LEU A 57 -0.12 8.11 8.06
N ALA A 58 0.48 8.70 7.04
CA ALA A 58 1.51 8.03 6.26
C ALA A 58 2.73 7.73 7.12
N GLN A 59 3.10 8.69 7.97
CA GLN A 59 4.20 8.49 8.91
C GLN A 59 3.84 7.45 9.96
N ALA A 60 2.57 7.45 10.38
CA ALA A 60 2.09 6.46 11.32
C ALA A 60 2.15 5.07 10.72
N PHE A 61 1.76 4.96 9.45
CA PHE A 61 1.84 3.69 8.73
C PHE A 61 3.28 3.24 8.60
N SER A 62 4.19 4.19 8.39
CA SER A 62 5.61 3.92 8.33
C SER A 62 6.08 3.27 9.63
N ASN A 63 5.85 3.96 10.74
CA ASN A 63 6.24 3.46 12.06
C ASN A 63 5.59 2.10 12.33
N SER A 64 4.39 1.89 11.82
CA SER A 64 3.70 0.62 11.96
C SER A 64 4.46 -0.48 11.22
N LEU A 65 4.96 -0.16 10.04
CA LEU A 65 5.77 -1.10 9.26
C LEU A 65 7.10 -1.35 9.94
N ILE A 66 7.69 -0.29 10.50
CA ILE A 66 8.95 -0.42 11.24
C ILE A 66 8.75 -1.36 12.42
N ASN A 67 7.62 -1.20 13.11
CA ASN A 67 7.25 -2.07 14.21
C ASN A 67 7.05 -3.51 13.70
N ALA A 68 6.45 -3.65 12.53
CA ALA A 68 6.24 -4.96 11.93
C ALA A 68 7.56 -5.65 11.66
N VAL A 69 8.50 -4.90 11.08
CA VAL A 69 9.84 -5.40 10.82
C VAL A 69 10.52 -5.81 12.13
N LYS A 70 10.43 -4.94 13.12
CA LYS A 70 10.99 -5.22 14.43
C LYS A 70 10.41 -6.52 15.00
N THR A 71 9.09 -6.66 14.93
CA THR A 71 8.42 -7.82 15.51
C THR A 71 8.78 -9.10 14.74
N ARG A 72 9.24 -8.94 13.51
CA ARG A 72 9.61 -10.09 12.68
C ARG A 72 11.03 -10.56 13.01
N LEU A 73 11.92 -9.60 13.24
CA LEU A 73 13.33 -9.93 13.47
C LEU A 73 13.66 -10.06 14.95
N GLU A 74 12.87 -9.41 15.80
CA GLU A 74 13.12 -9.40 17.23
C GLU A 74 12.25 -10.44 17.92
N HIS A 75 12.85 -11.56 18.26
CA HIS A 75 12.14 -12.66 18.90
C HIS A 75 12.33 -12.61 20.41
N HIS A 76 11.22 -12.61 21.13
CA HIS A 76 11.25 -12.46 22.58
C HIS A 76 11.10 -13.82 23.25
N HIS A 77 10.62 -13.81 24.49
CA HIS A 77 10.48 -15.02 25.29
C HIS A 77 11.84 -15.68 25.50
N HIS A 78 12.86 -14.84 25.71
CA HIS A 78 14.21 -15.33 25.94
C HIS A 78 14.26 -16.13 27.24
N HIS A 79 14.49 -17.43 27.12
CA HIS A 79 14.40 -18.33 28.26
C HIS A 79 15.73 -18.42 28.98
N HIS A 80 16.81 -18.12 28.28
CA HIS A 80 18.15 -18.19 28.83
C HIS A 80 19.13 -17.42 27.96
N MET B 1 3.96 -2.33 -24.75
CA MET B 1 2.92 -3.02 -25.55
C MET B 1 2.42 -4.25 -24.81
N ALA B 2 1.71 -5.13 -25.52
CA ALA B 2 1.26 -6.39 -24.95
C ALA B 2 2.46 -7.22 -24.50
N GLN B 3 3.44 -7.35 -25.37
CA GLN B 3 4.72 -7.93 -25.01
C GLN B 3 5.49 -6.93 -24.15
N HIS B 4 6.00 -7.38 -23.02
CA HIS B 4 6.63 -6.49 -22.06
C HIS B 4 8.14 -6.39 -22.28
N SER B 5 8.56 -5.30 -22.90
CA SER B 5 9.97 -5.03 -23.11
C SER B 5 10.49 -4.09 -22.02
N LYS B 6 9.83 -2.95 -21.87
CA LYS B 6 10.24 -1.95 -20.90
C LYS B 6 9.03 -1.41 -20.13
N TYR B 7 8.60 -2.19 -19.13
CA TYR B 7 7.55 -1.82 -18.17
C TYR B 7 6.52 -0.85 -18.77
N SER B 8 5.61 -1.40 -19.54
CA SER B 8 4.59 -0.61 -20.21
C SER B 8 3.74 0.14 -19.20
N ASP B 9 3.65 1.45 -19.40
CA ASP B 9 2.74 2.29 -18.64
C ASP B 9 1.32 1.80 -18.89
N ALA B 10 1.15 1.08 -19.99
CA ALA B 10 -0.13 0.49 -20.34
C ALA B 10 -0.43 -0.69 -19.44
N GLN B 11 0.63 -1.42 -19.09
CA GLN B 11 0.51 -2.54 -18.15
C GLN B 11 0.15 -2.01 -16.77
N LEU B 12 0.91 -1.02 -16.34
CA LEU B 12 0.71 -0.43 -15.02
C LEU B 12 -0.69 0.15 -14.87
N SER B 13 -1.05 1.05 -15.77
CA SER B 13 -2.32 1.75 -15.68
C SER B 13 -3.49 0.78 -15.66
N ALA B 14 -3.42 -0.26 -16.48
CA ALA B 14 -4.48 -1.27 -16.52
C ALA B 14 -4.67 -1.90 -15.15
N ILE B 15 -3.56 -2.21 -14.48
CA ILE B 15 -3.60 -2.82 -13.16
C ILE B 15 -4.18 -1.85 -12.14
N VAL B 16 -3.59 -0.65 -12.05
CA VAL B 16 -3.97 0.31 -11.01
C VAL B 16 -5.43 0.74 -11.17
N ASN B 17 -5.84 1.02 -12.40
CA ASN B 17 -7.19 1.53 -12.66
C ASN B 17 -8.23 0.44 -12.46
N ASP B 18 -7.87 -0.80 -12.74
CA ASP B 18 -8.80 -1.89 -12.57
C ASP B 18 -8.98 -2.15 -11.09
N MET B 19 -7.87 -2.11 -10.34
CA MET B 19 -7.91 -2.27 -8.89
C MET B 19 -8.86 -1.27 -8.26
N ILE B 20 -8.76 0.00 -8.68
CA ILE B 20 -9.67 1.04 -8.20
C ILE B 20 -11.12 0.62 -8.43
N ALA B 21 -11.40 0.11 -9.63
CA ALA B 21 -12.75 -0.33 -9.99
C ALA B 21 -13.16 -1.56 -9.17
N VAL B 22 -12.21 -2.46 -8.94
CA VAL B 22 -12.46 -3.68 -8.18
C VAL B 22 -12.71 -3.35 -6.70
N LEU B 23 -11.98 -2.38 -6.17
CA LEU B 23 -12.19 -1.92 -4.80
C LEU B 23 -13.55 -1.25 -4.67
N GLU B 24 -13.87 -0.40 -5.65
CA GLU B 24 -15.19 0.23 -5.72
C GLU B 24 -16.26 -0.84 -5.80
N LYS B 25 -15.96 -1.89 -6.55
CA LYS B 25 -16.85 -3.04 -6.71
C LYS B 25 -17.19 -3.68 -5.37
N HIS B 26 -16.25 -3.64 -4.44
CA HIS B 26 -16.43 -4.25 -3.13
C HIS B 26 -16.98 -3.24 -2.13
N LYS B 27 -16.90 -1.96 -2.49
CA LYS B 27 -17.32 -0.87 -1.61
C LYS B 27 -16.62 -0.96 -0.26
N ALA B 28 -15.32 -1.21 -0.31
CA ALA B 28 -14.52 -1.31 0.90
C ALA B 28 -14.17 0.07 1.42
N PRO B 29 -14.53 0.36 2.69
CA PRO B 29 -14.22 1.64 3.32
C PRO B 29 -12.71 1.87 3.41
N VAL B 30 -12.30 3.12 3.54
CA VAL B 30 -10.88 3.46 3.61
C VAL B 30 -10.22 2.84 4.83
N ASP B 31 -11.04 2.43 5.79
CA ASP B 31 -10.55 1.77 6.98
C ASP B 31 -9.99 0.39 6.65
N LEU B 32 -10.87 -0.48 6.17
CA LEU B 32 -10.50 -1.88 5.91
C LEU B 32 -9.54 -2.01 4.74
N SER B 33 -9.68 -1.13 3.75
CA SER B 33 -8.84 -1.19 2.56
C SER B 33 -7.39 -0.91 2.90
N LEU B 34 -7.16 0.03 3.81
CA LEU B 34 -5.80 0.36 4.25
C LEU B 34 -5.25 -0.75 5.14
N ILE B 35 -6.12 -1.40 5.91
CA ILE B 35 -5.70 -2.53 6.74
C ILE B 35 -5.28 -3.71 5.85
N ALA B 36 -6.02 -3.91 4.77
CA ALA B 36 -5.66 -4.92 3.78
C ALA B 36 -4.28 -4.62 3.20
N LEU B 37 -4.07 -3.35 2.84
CA LEU B 37 -2.78 -2.90 2.34
C LEU B 37 -1.70 -3.10 3.39
N GLY B 38 -2.04 -2.83 4.65
CA GLY B 38 -1.11 -3.02 5.75
C GLY B 38 -0.62 -4.46 5.84
N ASN B 39 -1.57 -5.40 5.90
CA ASN B 39 -1.22 -6.81 5.94
C ASN B 39 -0.44 -7.22 4.70
N MET B 40 -0.89 -6.74 3.54
CA MET B 40 -0.23 -7.07 2.27
C MET B 40 1.21 -6.58 2.24
N ALA B 41 1.39 -5.30 2.59
CA ALA B 41 2.72 -4.68 2.58
C ALA B 41 3.67 -5.39 3.54
N SER B 42 3.20 -5.69 4.74
CA SER B 42 4.01 -6.33 5.76
C SER B 42 4.51 -7.70 5.29
N ASN B 43 3.60 -8.52 4.76
CA ASN B 43 3.95 -9.84 4.28
C ASN B 43 4.89 -9.74 3.07
N LEU B 44 4.65 -8.72 2.24
CA LEU B 44 5.49 -8.48 1.07
C LEU B 44 6.91 -8.13 1.47
N LEU B 45 7.05 -7.15 2.35
CA LEU B 45 8.36 -6.64 2.75
C LEU B 45 9.16 -7.70 3.50
N THR B 46 8.48 -8.64 4.13
CA THR B 46 9.18 -9.65 4.93
C THR B 46 9.55 -10.88 4.09
N THR B 47 9.19 -10.87 2.81
CA THR B 47 9.46 -12.02 1.97
C THR B 47 10.18 -11.64 0.67
N SER B 48 9.72 -10.58 0.02
CA SER B 48 10.17 -10.27 -1.34
C SER B 48 11.41 -9.38 -1.36
N VAL B 49 11.67 -8.67 -0.26
CA VAL B 49 12.85 -7.80 -0.19
C VAL B 49 13.74 -8.21 0.97
N PRO B 50 14.99 -7.70 1.01
CA PRO B 50 15.93 -7.99 2.11
C PRO B 50 15.31 -7.80 3.49
N GLN B 51 15.28 -8.88 4.27
CA GLN B 51 14.63 -8.88 5.57
C GLN B 51 15.31 -7.91 6.55
N THR B 52 16.61 -7.73 6.40
CA THR B 52 17.35 -6.86 7.31
C THR B 52 17.29 -5.39 6.85
N GLN B 53 16.73 -5.15 5.68
CA GLN B 53 16.68 -3.81 5.13
C GLN B 53 15.25 -3.39 4.76
N CYS B 54 14.29 -4.23 5.08
CA CYS B 54 12.90 -3.96 4.72
C CYS B 54 12.37 -2.76 5.49
N GLU B 55 12.86 -2.56 6.71
CA GLU B 55 12.48 -1.40 7.51
C GLU B 55 12.95 -0.11 6.82
N ALA B 56 14.10 -0.18 6.16
CA ALA B 56 14.63 0.96 5.43
C ALA B 56 13.77 1.26 4.22
N LEU B 57 13.40 0.21 3.49
CA LEU B 57 12.55 0.37 2.30
C LEU B 57 11.16 0.84 2.69
N ALA B 58 10.62 0.30 3.77
CA ALA B 58 9.31 0.71 4.27
C ALA B 58 9.32 2.18 4.65
N GLN B 59 10.36 2.58 5.37
CA GLN B 59 10.52 3.97 5.78
C GLN B 59 10.69 4.86 4.55
N ALA B 60 11.46 4.39 3.59
CA ALA B 60 11.72 5.13 2.36
C ALA B 60 10.44 5.31 1.54
N PHE B 61 9.69 4.22 1.39
CA PHE B 61 8.43 4.27 0.65
C PHE B 61 7.51 5.32 1.26
N SER B 62 7.44 5.33 2.58
CA SER B 62 6.66 6.34 3.28
C SER B 62 7.19 7.74 2.99
N ASN B 63 8.50 7.94 3.16
CA ASN B 63 9.13 9.24 2.93
C ASN B 63 8.85 9.75 1.52
N SER B 64 8.94 8.86 0.53
CA SER B 64 8.65 9.23 -0.85
C SER B 64 7.22 9.74 -0.97
N LEU B 65 6.31 9.12 -0.23
CA LEU B 65 4.91 9.54 -0.23
C LEU B 65 4.73 10.84 0.54
N ILE B 66 5.47 10.98 1.64
CA ILE B 66 5.44 12.19 2.46
C ILE B 66 5.74 13.42 1.59
N ASN B 67 6.82 13.33 0.83
CA ASN B 67 7.22 14.41 -0.06
C ASN B 67 6.24 14.55 -1.22
N ALA B 68 5.67 13.44 -1.64
CA ALA B 68 4.67 13.45 -2.72
C ALA B 68 3.42 14.19 -2.28
N VAL B 69 3.05 14.01 -1.01
CA VAL B 69 1.93 14.75 -0.42
C VAL B 69 2.18 16.25 -0.55
N LYS B 70 3.36 16.68 -0.11
CA LYS B 70 3.77 18.07 -0.22
C LYS B 70 3.76 18.52 -1.68
N THR B 71 4.12 17.60 -2.57
CA THR B 71 4.20 17.90 -4.00
C THR B 71 2.82 18.21 -4.60
N ARG B 72 1.79 17.55 -4.10
CA ARG B 72 0.44 17.74 -4.64
C ARG B 72 -0.27 18.89 -3.94
N LEU B 73 -0.05 19.02 -2.64
CA LEU B 73 -0.71 20.07 -1.87
C LEU B 73 -0.02 21.42 -2.07
N GLU B 74 1.14 21.40 -2.68
CA GLU B 74 1.88 22.61 -2.98
C GLU B 74 1.20 23.39 -4.10
N HIS B 75 1.35 24.70 -4.08
CA HIS B 75 0.79 25.55 -5.11
C HIS B 75 1.65 25.47 -6.37
N HIS B 76 1.56 24.34 -7.07
CA HIS B 76 2.33 24.12 -8.28
C HIS B 76 1.89 25.06 -9.40
N HIS B 77 0.68 24.87 -9.90
CA HIS B 77 0.14 25.71 -10.96
C HIS B 77 -1.35 25.93 -10.78
N HIS B 78 -2.09 24.85 -10.60
CA HIS B 78 -3.54 24.95 -10.46
C HIS B 78 -3.99 24.28 -9.17
N HIS B 79 -5.13 24.72 -8.65
CA HIS B 79 -5.69 24.15 -7.43
C HIS B 79 -7.22 24.12 -7.50
N HIS B 80 -7.81 25.10 -8.17
CA HIS B 80 -9.25 25.14 -8.38
C HIS B 80 -9.58 26.13 -9.48
N MET A 1 -23.13 5.15 12.57
CA MET A 1 -21.70 4.85 12.29
C MET A 1 -21.46 3.35 12.28
N ALA A 2 -20.21 2.94 12.50
CA ALA A 2 -19.83 1.53 12.45
C ALA A 2 -20.56 0.69 13.48
N GLN A 3 -21.62 0.03 13.05
CA GLN A 3 -22.30 -0.98 13.86
C GLN A 3 -22.30 -2.29 13.11
N HIS A 4 -22.73 -2.22 11.86
CA HIS A 4 -22.62 -3.34 10.93
C HIS A 4 -21.24 -3.26 10.26
N SER A 5 -20.64 -4.42 9.98
CA SER A 5 -19.27 -4.46 9.48
C SER A 5 -18.33 -3.82 10.51
N LYS A 6 -18.42 -4.32 11.74
CA LYS A 6 -17.72 -3.75 12.88
C LYS A 6 -16.27 -4.26 12.89
N TYR A 7 -15.57 -3.97 11.81
CA TYR A 7 -14.18 -4.39 11.63
C TYR A 7 -14.07 -5.91 11.67
N SER A 8 -15.00 -6.56 10.98
CA SER A 8 -15.00 -8.00 10.85
C SER A 8 -13.73 -8.47 10.18
N ASP A 9 -12.90 -9.18 10.93
CA ASP A 9 -11.71 -9.79 10.39
C ASP A 9 -12.11 -10.82 9.34
N ALA A 10 -13.40 -11.14 9.36
CA ALA A 10 -13.97 -12.03 8.38
C ALA A 10 -14.13 -11.31 7.06
N GLN A 11 -14.65 -10.08 7.12
CA GLN A 11 -14.83 -9.29 5.91
C GLN A 11 -13.51 -8.70 5.45
N LEU A 12 -12.66 -8.36 6.41
CA LEU A 12 -11.34 -7.84 6.09
C LEU A 12 -10.54 -8.87 5.31
N SER A 13 -10.34 -10.04 5.90
CA SER A 13 -9.55 -11.10 5.28
C SER A 13 -10.14 -11.52 3.94
N ALA A 14 -11.46 -11.46 3.83
CA ALA A 14 -12.13 -11.76 2.56
C ALA A 14 -11.64 -10.84 1.45
N ILE A 15 -11.55 -9.54 1.75
CA ILE A 15 -11.11 -8.55 0.78
C ILE A 15 -9.65 -8.76 0.40
N VAL A 16 -8.79 -8.94 1.40
CA VAL A 16 -7.36 -9.15 1.14
C VAL A 16 -7.15 -10.47 0.42
N ASN A 17 -8.11 -11.38 0.59
CA ASN A 17 -8.08 -12.69 -0.05
C ASN A 17 -8.22 -12.55 -1.57
N ASP A 18 -9.23 -11.81 -2.02
CA ASP A 18 -9.46 -11.68 -3.44
C ASP A 18 -8.45 -10.73 -4.03
N MET A 19 -7.87 -9.86 -3.19
CA MET A 19 -6.73 -9.04 -3.60
C MET A 19 -5.59 -9.94 -4.08
N ILE A 20 -5.34 -11.02 -3.34
CA ILE A 20 -4.34 -12.01 -3.74
C ILE A 20 -4.72 -12.59 -5.10
N ALA A 21 -5.99 -12.91 -5.26
CA ALA A 21 -6.51 -13.42 -6.53
C ALA A 21 -6.31 -12.39 -7.65
N VAL A 22 -6.50 -11.11 -7.31
CA VAL A 22 -6.28 -10.02 -8.26
C VAL A 22 -4.83 -9.99 -8.72
N LEU A 23 -3.92 -10.21 -7.77
CA LEU A 23 -2.50 -10.23 -8.06
C LEU A 23 -2.15 -11.38 -9.02
N GLU A 24 -2.81 -12.52 -8.83
CA GLU A 24 -2.58 -13.68 -9.68
C GLU A 24 -3.23 -13.51 -11.05
N LYS A 25 -4.22 -12.63 -11.13
CA LYS A 25 -4.89 -12.37 -12.40
C LYS A 25 -4.03 -11.49 -13.31
N HIS A 26 -3.14 -10.72 -12.71
CA HIS A 26 -2.31 -9.80 -13.49
C HIS A 26 -0.85 -10.26 -13.51
N LYS A 27 -0.41 -10.85 -12.41
CA LYS A 27 0.95 -11.37 -12.26
C LYS A 27 2.02 -10.32 -12.59
N ALA A 28 2.25 -9.43 -11.64
CA ALA A 28 3.28 -8.42 -11.78
C ALA A 28 4.51 -8.82 -10.98
N PRO A 29 5.71 -8.43 -11.44
CA PRO A 29 6.99 -8.84 -10.83
C PRO A 29 7.29 -8.16 -9.48
N VAL A 30 6.27 -8.05 -8.63
CA VAL A 30 6.40 -7.53 -7.26
C VAL A 30 6.59 -6.02 -7.25
N ASP A 31 7.59 -5.55 -7.97
CA ASP A 31 7.94 -4.13 -7.99
C ASP A 31 6.77 -3.31 -8.53
N LEU A 32 6.30 -3.68 -9.72
CA LEU A 32 5.15 -3.01 -10.33
C LEU A 32 3.92 -3.11 -9.44
N SER A 33 3.82 -4.22 -8.70
CA SER A 33 2.70 -4.43 -7.79
C SER A 33 2.72 -3.38 -6.68
N LEU A 34 3.91 -3.10 -6.17
CA LEU A 34 4.08 -2.10 -5.13
C LEU A 34 3.85 -0.70 -5.67
N ILE A 35 4.16 -0.50 -6.95
CA ILE A 35 3.94 0.79 -7.60
C ILE A 35 2.44 1.06 -7.73
N ALA A 36 1.68 0.03 -8.09
CA ALA A 36 0.22 0.14 -8.16
C ALA A 36 -0.34 0.51 -6.80
N LEU A 37 0.17 -0.15 -5.76
CA LEU A 37 -0.24 0.14 -4.39
C LEU A 37 0.20 1.55 -3.99
N GLY A 38 1.40 1.93 -4.42
CA GLY A 38 1.91 3.27 -4.13
C GLY A 38 1.05 4.36 -4.75
N ASN A 39 0.64 4.14 -6.00
CA ASN A 39 -0.26 5.07 -6.67
C ASN A 39 -1.57 5.18 -5.91
N MET A 40 -2.08 4.04 -5.46
CA MET A 40 -3.31 3.99 -4.69
C MET A 40 -3.13 4.74 -3.35
N ALA A 41 -2.04 4.43 -2.66
CA ALA A 41 -1.73 5.06 -1.38
C ALA A 41 -1.70 6.58 -1.51
N SER A 42 -0.94 7.06 -2.49
CA SER A 42 -0.81 8.50 -2.74
C SER A 42 -2.18 9.12 -3.04
N ASN A 43 -2.95 8.46 -3.88
CA ASN A 43 -4.27 8.95 -4.28
C ASN A 43 -5.19 9.09 -3.08
N LEU A 44 -5.37 8.01 -2.33
CA LEU A 44 -6.30 7.99 -1.20
C LEU A 44 -5.91 9.02 -0.14
N LEU A 45 -4.62 9.14 0.12
CA LEU A 45 -4.15 10.05 1.17
C LEU A 45 -4.34 11.51 0.77
N THR A 46 -4.30 11.80 -0.51
CA THR A 46 -4.42 13.17 -0.97
C THR A 46 -5.87 13.53 -1.33
N THR A 47 -6.79 12.60 -1.09
CA THR A 47 -8.19 12.82 -1.44
C THR A 47 -9.13 12.58 -0.26
N SER A 48 -8.95 11.46 0.45
CA SER A 48 -9.91 11.06 1.47
C SER A 48 -9.62 11.74 2.80
N VAL A 49 -8.35 11.77 3.19
CA VAL A 49 -7.97 12.39 4.46
C VAL A 49 -7.38 13.77 4.21
N PRO A 50 -7.26 14.60 5.26
CA PRO A 50 -6.63 15.92 5.15
C PRO A 50 -5.20 15.81 4.63
N GLN A 51 -4.90 16.58 3.59
CA GLN A 51 -3.59 16.53 2.93
C GLN A 51 -2.48 16.90 3.91
N THR A 52 -2.76 17.86 4.79
CA THR A 52 -1.77 18.31 5.76
C THR A 52 -1.61 17.30 6.89
N GLN A 53 -2.55 16.37 6.99
CA GLN A 53 -2.55 15.40 8.08
C GLN A 53 -2.01 14.05 7.60
N CYS A 54 -2.17 13.77 6.31
CA CYS A 54 -1.79 12.47 5.76
C CYS A 54 -0.30 12.20 5.93
N GLU A 55 0.50 13.25 5.93
CA GLU A 55 1.94 13.12 6.10
C GLU A 55 2.27 12.42 7.42
N ALA A 56 1.58 12.84 8.48
CA ALA A 56 1.80 12.27 9.80
C ALA A 56 1.30 10.83 9.84
N LEU A 57 0.11 10.61 9.28
CA LEU A 57 -0.50 9.28 9.27
C LEU A 57 0.34 8.29 8.47
N ALA A 58 0.75 8.70 7.28
CA ALA A 58 1.55 7.84 6.41
C ALA A 58 2.89 7.51 7.06
N GLN A 59 3.52 8.52 7.65
CA GLN A 59 4.81 8.34 8.31
C GLN A 59 4.66 7.43 9.51
N ALA A 60 3.62 7.66 10.30
CA ALA A 60 3.35 6.84 11.47
C ALA A 60 3.04 5.40 11.07
N PHE A 61 2.22 5.24 10.02
CA PHE A 61 1.86 3.92 9.52
C PHE A 61 3.12 3.18 9.07
N SER A 62 3.98 3.86 8.33
CA SER A 62 5.20 3.27 7.83
C SER A 62 6.13 2.88 8.99
N ASN A 63 6.30 3.80 9.93
CA ASN A 63 7.12 3.51 11.11
C ASN A 63 6.53 2.37 11.93
N SER A 64 5.21 2.27 11.94
CA SER A 64 4.54 1.17 12.61
C SER A 64 4.83 -0.13 11.86
N LEU A 65 4.93 -0.03 10.55
CA LEU A 65 5.31 -1.18 9.73
C LEU A 65 6.76 -1.56 10.00
N ILE A 66 7.61 -0.55 10.22
CA ILE A 66 9.01 -0.78 10.60
C ILE A 66 9.07 -1.62 11.87
N ASN A 67 8.24 -1.25 12.84
CA ASN A 67 8.12 -1.99 14.09
C ASN A 67 7.60 -3.41 13.83
N ALA A 68 6.68 -3.52 12.87
CA ALA A 68 6.15 -4.82 12.48
C ALA A 68 7.23 -5.68 11.84
N VAL A 69 8.06 -5.05 11.01
CA VAL A 69 9.19 -5.73 10.38
C VAL A 69 10.14 -6.28 11.44
N LYS A 70 10.45 -5.46 12.44
CA LYS A 70 11.28 -5.90 13.56
C LYS A 70 10.67 -7.14 14.20
N THR A 71 9.36 -7.07 14.42
CA THR A 71 8.62 -8.18 15.03
C THR A 71 8.57 -9.41 14.11
N ARG A 72 8.67 -9.17 12.80
CA ARG A 72 8.72 -10.27 11.84
C ARG A 72 10.07 -10.96 11.88
N LEU A 73 11.13 -10.16 11.98
CA LEU A 73 12.49 -10.69 12.06
C LEU A 73 12.71 -11.42 13.39
N GLU A 74 12.17 -10.85 14.47
CA GLU A 74 12.25 -11.49 15.78
C GLU A 74 11.35 -12.72 15.80
N HIS A 75 10.06 -12.47 15.73
CA HIS A 75 9.06 -13.53 15.77
C HIS A 75 8.81 -14.06 14.37
N HIS A 76 9.81 -14.76 13.83
CA HIS A 76 9.68 -15.37 12.52
C HIS A 76 8.92 -16.69 12.62
N HIS A 77 8.19 -17.02 11.55
CA HIS A 77 7.25 -18.15 11.57
C HIS A 77 7.97 -19.50 11.44
N HIS A 78 9.29 -19.48 11.61
CA HIS A 78 10.14 -20.67 11.47
C HIS A 78 10.20 -21.10 10.01
N HIS A 79 9.11 -21.65 9.52
CA HIS A 79 9.03 -22.12 8.14
C HIS A 79 8.26 -21.11 7.31
N HIS A 80 8.06 -21.44 6.04
CA HIS A 80 7.29 -20.58 5.14
C HIS A 80 6.45 -21.44 4.21
N MET B 1 15.68 -11.56 -14.16
CA MET B 1 15.23 -11.98 -15.50
C MET B 1 13.84 -11.42 -15.80
N ALA B 2 13.80 -10.48 -16.73
CA ALA B 2 12.54 -9.87 -17.15
C ALA B 2 12.62 -9.41 -18.59
N GLN B 3 11.76 -9.94 -19.43
CA GLN B 3 11.79 -9.63 -20.85
C GLN B 3 10.73 -8.58 -21.22
N HIS B 4 9.58 -8.65 -20.56
CA HIS B 4 8.49 -7.71 -20.84
C HIS B 4 8.36 -6.66 -19.74
N SER B 5 9.37 -6.54 -18.90
CA SER B 5 9.34 -5.57 -17.82
C SER B 5 10.20 -4.36 -18.15
N LYS B 6 9.56 -3.31 -18.64
CA LYS B 6 10.24 -2.06 -18.95
C LYS B 6 9.47 -0.89 -18.37
N TYR B 7 8.54 -1.21 -17.47
CA TYR B 7 7.71 -0.19 -16.81
C TYR B 7 6.80 0.51 -17.82
N SER B 8 5.72 -0.15 -18.16
CA SER B 8 4.74 0.40 -19.07
C SER B 8 3.66 1.11 -18.27
N ASP B 9 3.52 2.41 -18.49
CA ASP B 9 2.45 3.17 -17.88
C ASP B 9 1.11 2.55 -18.26
N ALA B 10 1.10 1.88 -19.40
CA ALA B 10 -0.11 1.24 -19.90
C ALA B 10 -0.38 -0.03 -19.12
N GLN B 11 0.69 -0.75 -18.79
CA GLN B 11 0.56 -1.97 -18.02
C GLN B 11 0.23 -1.64 -16.58
N LEU B 12 0.92 -0.65 -16.04
CA LEU B 12 0.70 -0.22 -14.66
C LEU B 12 -0.72 0.27 -14.47
N SER B 13 -1.16 1.19 -15.32
CA SER B 13 -2.50 1.76 -15.22
C SER B 13 -3.56 0.66 -15.28
N ALA B 14 -3.36 -0.31 -16.16
CA ALA B 14 -4.28 -1.44 -16.29
C ALA B 14 -4.44 -2.18 -14.96
N ILE B 15 -3.33 -2.34 -14.24
CA ILE B 15 -3.35 -3.03 -12.96
C ILE B 15 -4.11 -2.22 -11.91
N VAL B 16 -3.72 -0.96 -11.73
CA VAL B 16 -4.28 -0.13 -10.67
C VAL B 16 -5.73 0.24 -10.98
N ASN B 17 -6.06 0.40 -12.25
CA ASN B 17 -7.41 0.78 -12.66
C ASN B 17 -8.37 -0.38 -12.39
N ASP B 18 -7.94 -1.59 -12.73
CA ASP B 18 -8.73 -2.78 -12.46
C ASP B 18 -8.84 -2.97 -10.97
N MET B 19 -7.71 -2.75 -10.28
CA MET B 19 -7.64 -2.82 -8.83
C MET B 19 -8.78 -2.04 -8.18
N ILE B 20 -8.96 -0.79 -8.60
CA ILE B 20 -10.01 0.06 -8.08
C ILE B 20 -11.39 -0.52 -8.41
N ALA B 21 -11.56 -0.98 -9.64
CA ALA B 21 -12.82 -1.56 -10.07
C ALA B 21 -13.15 -2.82 -9.27
N VAL B 22 -12.12 -3.60 -8.97
CA VAL B 22 -12.26 -4.79 -8.14
C VAL B 22 -12.77 -4.43 -6.75
N LEU B 23 -12.21 -3.36 -6.20
CA LEU B 23 -12.58 -2.91 -4.87
C LEU B 23 -13.99 -2.33 -4.86
N GLU B 24 -14.45 -1.85 -6.01
CA GLU B 24 -15.82 -1.36 -6.16
C GLU B 24 -16.79 -2.53 -6.32
N LYS B 25 -16.32 -3.62 -6.94
CA LYS B 25 -17.11 -4.84 -7.08
C LYS B 25 -17.41 -5.44 -5.70
N HIS B 26 -16.40 -5.41 -4.83
CA HIS B 26 -16.55 -5.90 -3.46
C HIS B 26 -17.15 -4.80 -2.58
N LYS B 27 -17.00 -3.57 -3.07
CA LYS B 27 -17.40 -2.36 -2.35
C LYS B 27 -16.68 -2.25 -1.01
N ALA B 28 -15.44 -1.78 -1.07
CA ALA B 28 -14.64 -1.57 0.12
C ALA B 28 -14.73 -0.10 0.54
N PRO B 29 -15.20 0.17 1.76
CA PRO B 29 -15.48 1.54 2.24
C PRO B 29 -14.22 2.35 2.59
N VAL B 30 -13.14 2.09 1.86
CA VAL B 30 -11.85 2.78 2.06
C VAL B 30 -11.17 2.38 3.36
N ASP B 31 -11.90 2.49 4.46
CA ASP B 31 -11.39 2.22 5.80
C ASP B 31 -10.80 0.81 5.90
N LEU B 32 -11.65 -0.19 5.76
CA LEU B 32 -11.23 -1.59 5.76
C LEU B 32 -10.26 -1.88 4.61
N SER B 33 -10.37 -1.10 3.54
CA SER B 33 -9.51 -1.29 2.37
C SER B 33 -8.08 -0.91 2.72
N LEU B 34 -7.91 0.17 3.46
CA LEU B 34 -6.60 0.61 3.91
C LEU B 34 -5.98 -0.42 4.84
N ILE B 35 -6.80 -1.02 5.69
CA ILE B 35 -6.33 -2.07 6.58
C ILE B 35 -5.92 -3.31 5.77
N ALA B 36 -6.68 -3.61 4.73
CA ALA B 36 -6.39 -4.74 3.86
C ALA B 36 -5.07 -4.55 3.15
N LEU B 37 -4.88 -3.37 2.55
CA LEU B 37 -3.63 -3.08 1.84
C LEU B 37 -2.48 -2.94 2.82
N GLY B 38 -2.78 -2.58 4.06
CA GLY B 38 -1.77 -2.56 5.10
C GLY B 38 -1.28 -3.96 5.43
N ASN B 39 -2.21 -4.89 5.60
CA ASN B 39 -1.89 -6.29 5.79
C ASN B 39 -1.13 -6.83 4.58
N MET B 40 -1.60 -6.44 3.39
CA MET B 40 -0.95 -6.81 2.13
C MET B 40 0.49 -6.30 2.08
N ALA B 41 0.66 -5.01 2.34
CA ALA B 41 1.97 -4.37 2.30
C ALA B 41 2.96 -5.08 3.21
N SER B 42 2.51 -5.37 4.43
CA SER B 42 3.35 -6.04 5.41
C SER B 42 3.88 -7.37 4.86
N ASN B 43 2.96 -8.23 4.41
CA ASN B 43 3.34 -9.52 3.88
C ASN B 43 4.29 -9.39 2.70
N LEU B 44 3.94 -8.53 1.75
CA LEU B 44 4.76 -8.35 0.55
C LEU B 44 6.16 -7.87 0.91
N LEU B 45 6.23 -6.92 1.84
CA LEU B 45 7.50 -6.34 2.24
C LEU B 45 8.32 -7.31 3.08
N THR B 46 7.70 -8.38 3.57
CA THR B 46 8.45 -9.35 4.36
C THR B 46 8.61 -10.69 3.63
N THR B 47 8.08 -10.80 2.42
CA THR B 47 8.15 -12.05 1.67
C THR B 47 8.76 -11.88 0.29
N SER B 48 8.61 -10.70 -0.31
CA SER B 48 9.00 -10.51 -1.70
C SER B 48 10.26 -9.65 -1.83
N VAL B 49 10.33 -8.57 -1.06
CA VAL B 49 11.50 -7.69 -1.10
C VAL B 49 12.52 -8.16 -0.06
N PRO B 50 13.73 -7.55 -0.01
CA PRO B 50 14.73 -7.89 1.00
C PRO B 50 14.23 -7.63 2.41
N GLN B 51 13.82 -8.69 3.09
CA GLN B 51 13.26 -8.58 4.43
C GLN B 51 14.29 -8.05 5.42
N THR B 52 15.55 -8.36 5.17
CA THR B 52 16.64 -7.89 6.02
C THR B 52 16.92 -6.40 5.78
N GLN B 53 16.34 -5.85 4.72
CA GLN B 53 16.55 -4.46 4.37
C GLN B 53 15.21 -3.73 4.29
N CYS B 54 14.15 -4.42 4.75
CA CYS B 54 12.79 -3.91 4.62
C CYS B 54 12.63 -2.55 5.28
N GLU B 55 13.26 -2.39 6.44
CA GLU B 55 13.21 -1.14 7.19
C GLU B 55 13.67 0.03 6.32
N ALA B 56 14.80 -0.16 5.64
CA ALA B 56 15.37 0.89 4.80
C ALA B 56 14.45 1.25 3.64
N LEU B 57 13.93 0.23 2.97
CA LEU B 57 13.06 0.44 1.82
C LEU B 57 11.77 1.14 2.22
N ALA B 58 11.14 0.65 3.28
CA ALA B 58 9.88 1.22 3.75
C ALA B 58 10.08 2.64 4.28
N GLN B 59 11.21 2.87 4.93
CA GLN B 59 11.53 4.19 5.46
C GLN B 59 11.80 5.17 4.33
N ALA B 60 12.34 4.68 3.23
CA ALA B 60 12.61 5.51 2.07
C ALA B 60 11.32 5.86 1.34
N PHE B 61 10.47 4.86 1.14
CA PHE B 61 9.20 5.05 0.44
C PHE B 61 8.35 6.09 1.17
N SER B 62 8.26 5.95 2.49
CA SER B 62 7.45 6.84 3.30
C SER B 62 7.95 8.28 3.23
N ASN B 63 9.21 8.50 3.58
CA ASN B 63 9.78 9.84 3.58
C ASN B 63 9.70 10.49 2.20
N SER B 64 9.97 9.71 1.15
CA SER B 64 9.86 10.22 -0.21
C SER B 64 8.40 10.53 -0.55
N LEU B 65 7.49 9.72 0.00
CA LEU B 65 6.06 9.93 -0.19
C LEU B 65 5.63 11.24 0.46
N ILE B 66 6.20 11.54 1.62
CA ILE B 66 5.91 12.79 2.32
C ILE B 66 6.27 13.99 1.44
N ASN B 67 7.41 13.87 0.77
CA ASN B 67 7.86 14.91 -0.14
C ASN B 67 6.91 15.01 -1.34
N ALA B 68 6.41 13.87 -1.78
CA ALA B 68 5.45 13.82 -2.87
C ALA B 68 4.16 14.56 -2.51
N VAL B 69 3.70 14.35 -1.27
CA VAL B 69 2.53 15.06 -0.76
C VAL B 69 2.76 16.56 -0.82
N LYS B 70 3.92 17.02 -0.35
CA LYS B 70 4.26 18.43 -0.42
C LYS B 70 4.32 18.92 -1.86
N THR B 71 4.74 18.04 -2.77
CA THR B 71 4.82 18.39 -4.19
C THR B 71 3.42 18.44 -4.81
N ARG B 72 2.45 17.89 -4.11
CA ARG B 72 1.05 17.93 -4.54
C ARG B 72 0.40 19.21 -4.02
N LEU B 73 0.92 19.72 -2.91
CA LEU B 73 0.40 20.95 -2.31
C LEU B 73 1.14 22.17 -2.85
N GLU B 74 2.41 21.99 -3.19
CA GLU B 74 3.23 23.07 -3.71
C GLU B 74 3.28 23.00 -5.22
N HIS B 75 3.25 24.16 -5.86
CA HIS B 75 3.23 24.23 -7.32
C HIS B 75 4.60 23.93 -7.90
N HIS B 76 4.67 22.84 -8.65
CA HIS B 76 5.93 22.40 -9.25
C HIS B 76 6.34 23.31 -10.40
N HIS B 77 7.63 23.53 -10.53
CA HIS B 77 8.18 24.40 -11.57
C HIS B 77 9.46 23.78 -12.11
N HIS B 78 9.59 23.78 -13.43
CA HIS B 78 10.68 23.06 -14.09
C HIS B 78 11.54 24.00 -14.94
N HIS B 79 10.89 24.78 -15.78
CA HIS B 79 11.61 25.67 -16.69
C HIS B 79 12.00 26.95 -15.97
N HIS B 80 13.17 27.48 -16.29
CA HIS B 80 13.65 28.70 -15.68
C HIS B 80 13.25 29.89 -16.53
N MET A 1 -8.43 -16.34 21.53
CA MET A 1 -8.93 -14.96 21.40
C MET A 1 -10.21 -14.92 20.56
N ALA A 2 -11.35 -14.99 21.25
CA ALA A 2 -12.64 -14.91 20.59
C ALA A 2 -12.95 -13.46 20.21
N GLN A 3 -12.23 -12.53 20.81
CA GLN A 3 -12.39 -11.12 20.51
C GLN A 3 -11.57 -10.76 19.27
N HIS A 4 -12.22 -10.67 18.13
CA HIS A 4 -11.54 -10.33 16.89
C HIS A 4 -12.48 -9.58 15.95
N SER A 5 -13.29 -8.70 16.52
CA SER A 5 -14.28 -7.98 15.73
C SER A 5 -14.12 -6.47 15.89
N LYS A 6 -14.92 -5.73 15.12
CA LYS A 6 -14.91 -4.28 15.11
C LYS A 6 -15.98 -3.84 14.13
N TYR A 7 -15.74 -4.12 12.86
CA TYR A 7 -16.80 -4.14 11.86
C TYR A 7 -17.05 -5.60 11.51
N SER A 8 -16.10 -6.16 10.78
CA SER A 8 -16.05 -7.58 10.47
C SER A 8 -14.66 -7.91 9.96
N ASP A 9 -13.89 -8.63 10.75
CA ASP A 9 -12.54 -9.05 10.35
C ASP A 9 -12.65 -10.03 9.20
N ALA A 10 -13.82 -10.64 9.09
CA ALA A 10 -14.13 -11.52 7.97
C ALA A 10 -14.21 -10.71 6.69
N GLN A 11 -14.77 -9.51 6.79
CA GLN A 11 -14.81 -8.59 5.65
C GLN A 11 -13.40 -8.26 5.21
N LEU A 12 -12.57 -7.88 6.17
CA LEU A 12 -11.18 -7.52 5.90
C LEU A 12 -10.46 -8.67 5.22
N SER A 13 -10.39 -9.80 5.90
CA SER A 13 -9.63 -10.95 5.43
C SER A 13 -10.06 -11.36 4.02
N ALA A 14 -11.36 -11.35 3.77
CA ALA A 14 -11.89 -11.73 2.46
C ALA A 14 -11.41 -10.78 1.37
N ILE A 15 -11.38 -9.49 1.69
CA ILE A 15 -10.94 -8.47 0.74
C ILE A 15 -9.44 -8.60 0.46
N VAL A 16 -8.65 -8.75 1.51
CA VAL A 16 -7.20 -8.86 1.35
C VAL A 16 -6.85 -10.10 0.55
N ASN A 17 -7.57 -11.20 0.82
CA ASN A 17 -7.37 -12.44 0.09
C ASN A 17 -7.74 -12.28 -1.38
N ASP A 18 -8.81 -11.54 -1.64
CA ASP A 18 -9.27 -11.30 -2.99
C ASP A 18 -8.21 -10.56 -3.76
N MET A 19 -7.73 -9.44 -3.19
CA MET A 19 -6.68 -8.65 -3.81
C MET A 19 -5.48 -9.51 -4.20
N ILE A 20 -5.06 -10.40 -3.30
CA ILE A 20 -3.96 -11.30 -3.57
C ILE A 20 -4.28 -12.23 -4.75
N ALA A 21 -5.47 -12.82 -4.72
CA ALA A 21 -5.90 -13.72 -5.79
C ALA A 21 -6.00 -12.98 -7.12
N VAL A 22 -6.56 -11.78 -7.08
CA VAL A 22 -6.71 -10.95 -8.26
C VAL A 22 -5.34 -10.51 -8.78
N LEU A 23 -4.43 -10.23 -7.87
CA LEU A 23 -3.07 -9.87 -8.22
C LEU A 23 -2.38 -11.04 -8.94
N GLU A 24 -2.49 -12.21 -8.34
CA GLU A 24 -1.91 -13.43 -8.91
C GLU A 24 -2.54 -13.72 -10.27
N LYS A 25 -3.82 -13.43 -10.40
CA LYS A 25 -4.55 -13.63 -11.65
C LYS A 25 -3.95 -12.77 -12.77
N HIS A 26 -3.37 -11.63 -12.40
CA HIS A 26 -2.73 -10.75 -13.36
C HIS A 26 -1.26 -11.14 -13.51
N LYS A 27 -0.76 -11.87 -12.52
CA LYS A 27 0.62 -12.38 -12.51
C LYS A 27 1.61 -11.22 -12.48
N ALA A 28 1.21 -10.12 -11.84
CA ALA A 28 2.07 -8.96 -11.71
C ALA A 28 3.11 -9.20 -10.63
N PRO A 29 4.40 -9.14 -10.98
CA PRO A 29 5.49 -9.36 -10.04
C PRO A 29 5.54 -8.29 -8.94
N VAL A 30 6.45 -8.46 -7.99
CA VAL A 30 6.55 -7.55 -6.85
C VAL A 30 6.90 -6.13 -7.31
N ASP A 31 7.43 -6.01 -8.52
CA ASP A 31 7.77 -4.71 -9.08
C ASP A 31 6.50 -3.94 -9.40
N LEU A 32 5.82 -4.35 -10.45
CA LEU A 32 4.64 -3.66 -10.97
C LEU A 32 3.55 -3.49 -9.93
N SER A 33 3.37 -4.50 -9.07
CA SER A 33 2.33 -4.46 -8.07
C SER A 33 2.55 -3.30 -7.09
N LEU A 34 3.79 -3.13 -6.65
CA LEU A 34 4.13 -2.05 -5.73
C LEU A 34 4.06 -0.70 -6.40
N ILE A 35 4.31 -0.67 -7.71
CA ILE A 35 4.21 0.57 -8.48
C ILE A 35 2.77 1.05 -8.49
N ALA A 36 1.86 0.13 -8.80
CA ALA A 36 0.43 0.43 -8.80
C ALA A 36 -0.03 0.87 -7.42
N LEU A 37 0.40 0.14 -6.40
CA LEU A 37 0.05 0.47 -5.02
C LEU A 37 0.62 1.81 -4.61
N GLY A 38 1.81 2.13 -5.13
CA GLY A 38 2.41 3.43 -4.86
C GLY A 38 1.58 4.57 -5.41
N ASN A 39 1.06 4.38 -6.62
CA ASN A 39 0.20 5.37 -7.24
C ASN A 39 -1.11 5.48 -6.47
N MET A 40 -1.64 4.32 -6.09
CA MET A 40 -2.89 4.23 -5.34
C MET A 40 -2.76 4.89 -3.97
N ALA A 41 -1.68 4.58 -3.26
CA ALA A 41 -1.45 5.10 -1.91
C ALA A 41 -1.44 6.62 -1.89
N SER A 42 -0.65 7.21 -2.78
CA SER A 42 -0.52 8.66 -2.82
C SER A 42 -1.84 9.32 -3.23
N ASN A 43 -2.52 8.71 -4.21
CA ASN A 43 -3.80 9.21 -4.67
C ASN A 43 -4.81 9.21 -3.54
N LEU A 44 -4.81 8.15 -2.75
CA LEU A 44 -5.69 8.05 -1.59
C LEU A 44 -5.30 9.05 -0.52
N LEU A 45 -4.00 9.15 -0.24
CA LEU A 45 -3.51 10.05 0.81
C LEU A 45 -3.83 11.51 0.50
N THR A 46 -4.11 11.79 -0.77
CA THR A 46 -4.49 13.14 -1.15
C THR A 46 -6.00 13.27 -1.39
N THR A 47 -6.75 12.24 -1.05
CA THR A 47 -8.18 12.23 -1.31
C THR A 47 -9.01 11.75 -0.11
N SER A 48 -8.61 10.63 0.49
CA SER A 48 -9.44 9.98 1.49
C SER A 48 -9.14 10.46 2.91
N VAL A 49 -7.90 10.86 3.14
CA VAL A 49 -7.51 11.36 4.45
C VAL A 49 -7.34 12.87 4.42
N PRO A 50 -7.54 13.54 5.57
CA PRO A 50 -7.37 14.99 5.67
C PRO A 50 -5.98 15.44 5.23
N GLN A 51 -5.92 16.34 4.26
CA GLN A 51 -4.65 16.79 3.68
C GLN A 51 -3.77 17.44 4.75
N THR A 52 -4.37 17.92 5.83
CA THR A 52 -3.62 18.53 6.92
C THR A 52 -2.93 17.46 7.77
N GLN A 53 -3.50 16.26 7.79
CA GLN A 53 -3.01 15.20 8.65
C GLN A 53 -2.44 14.05 7.82
N CYS A 54 -2.34 14.27 6.50
CA CYS A 54 -1.92 13.23 5.56
C CYS A 54 -0.54 12.70 5.92
N GLU A 55 0.36 13.60 6.30
CA GLU A 55 1.72 13.24 6.66
C GLU A 55 1.73 12.30 7.87
N ALA A 56 0.79 12.53 8.78
CA ALA A 56 0.70 11.71 9.98
C ALA A 56 0.18 10.32 9.64
N LEU A 57 -0.79 10.24 8.74
CA LEU A 57 -1.35 8.96 8.32
C LEU A 57 -0.28 8.07 7.69
N ALA A 58 0.46 8.63 6.75
CA ALA A 58 1.50 7.88 6.06
C ALA A 58 2.65 7.52 7.00
N GLN A 59 2.87 8.38 7.99
CA GLN A 59 3.95 8.18 8.94
C GLN A 59 3.57 7.12 9.97
N ALA A 60 2.28 7.04 10.26
CA ALA A 60 1.77 6.00 11.16
C ALA A 60 1.72 4.65 10.46
N PHE A 61 1.30 4.67 9.20
CA PHE A 61 1.24 3.47 8.38
C PHE A 61 2.61 2.80 8.31
N SER A 62 3.63 3.61 8.04
CA SER A 62 4.99 3.11 7.94
C SER A 62 5.48 2.58 9.29
N ASN A 63 5.23 3.34 10.36
CA ASN A 63 5.61 2.92 11.71
C ASN A 63 5.03 1.56 12.05
N SER A 64 3.80 1.31 11.63
CA SER A 64 3.17 0.02 11.84
C SER A 64 3.97 -1.07 11.13
N LEU A 65 4.37 -0.78 9.90
CA LEU A 65 5.17 -1.71 9.11
C LEU A 65 6.54 -1.94 9.75
N ILE A 66 7.13 -0.87 10.29
CA ILE A 66 8.45 -0.97 10.92
C ILE A 66 8.40 -1.93 12.11
N ASN A 67 7.29 -1.88 12.85
CA ASN A 67 7.10 -2.79 13.98
C ASN A 67 7.01 -4.22 13.50
N ALA A 68 6.39 -4.42 12.34
CA ALA A 68 6.33 -5.74 11.73
C ALA A 68 7.72 -6.17 11.27
N VAL A 69 8.47 -5.24 10.71
CA VAL A 69 9.86 -5.49 10.31
C VAL A 69 10.71 -5.82 11.52
N LYS A 70 10.44 -5.13 12.62
CA LYS A 70 11.13 -5.39 13.88
C LYS A 70 10.95 -6.85 14.30
N THR A 71 9.75 -7.37 14.13
CA THR A 71 9.47 -8.75 14.49
C THR A 71 10.24 -9.72 13.59
N ARG A 72 10.44 -9.32 12.34
CA ARG A 72 11.29 -10.07 11.41
C ARG A 72 12.71 -10.17 11.95
N LEU A 73 13.26 -9.02 12.28
CA LEU A 73 14.64 -8.92 12.75
C LEU A 73 14.80 -9.57 14.12
N GLU A 74 13.93 -9.21 15.04
CA GLU A 74 14.02 -9.68 16.41
C GLU A 74 12.70 -10.27 16.91
N HIS A 75 12.62 -11.58 16.92
CA HIS A 75 11.46 -12.27 17.46
C HIS A 75 11.53 -12.28 18.98
N HIS A 76 10.82 -11.35 19.61
CA HIS A 76 10.78 -11.28 21.06
C HIS A 76 9.84 -12.34 21.62
N HIS A 77 9.97 -12.61 22.91
CA HIS A 77 9.23 -13.70 23.53
C HIS A 77 7.80 -13.29 23.83
N HIS A 78 6.92 -13.48 22.85
CA HIS A 78 5.50 -13.22 23.03
C HIS A 78 4.77 -14.55 23.22
N HIS A 79 4.54 -14.92 24.46
CA HIS A 79 3.93 -16.20 24.78
C HIS A 79 3.49 -16.24 26.24
N HIS A 80 2.20 -16.40 26.46
CA HIS A 80 1.66 -16.50 27.81
C HIS A 80 1.47 -17.95 28.18
N MET B 1 1.05 -3.18 -30.36
CA MET B 1 0.85 -4.55 -29.86
C MET B 1 1.65 -4.75 -28.58
N ALA B 2 0.99 -4.63 -27.43
CA ALA B 2 1.66 -4.79 -26.15
C ALA B 2 1.58 -6.25 -25.69
N GLN B 3 2.58 -7.04 -26.08
CA GLN B 3 2.62 -8.45 -25.72
C GLN B 3 3.85 -8.74 -24.85
N HIS B 4 4.66 -7.71 -24.65
CA HIS B 4 5.84 -7.84 -23.82
C HIS B 4 5.84 -6.76 -22.74
N SER B 5 6.09 -7.15 -21.50
CA SER B 5 6.12 -6.22 -20.39
C SER B 5 7.26 -5.22 -20.55
N LYS B 6 6.89 -3.96 -20.77
CA LYS B 6 7.88 -2.91 -20.98
C LYS B 6 7.68 -1.79 -19.96
N TYR B 7 6.88 -2.09 -18.93
CA TYR B 7 6.62 -1.15 -17.85
C TYR B 7 5.96 0.12 -18.39
N SER B 8 5.09 -0.04 -19.38
CA SER B 8 4.41 1.08 -20.00
C SER B 8 3.51 1.78 -19.01
N ASP B 9 3.38 3.10 -19.18
CA ASP B 9 2.43 3.87 -18.40
C ASP B 9 1.02 3.39 -18.69
N ALA B 10 0.84 2.82 -19.88
CA ALA B 10 -0.44 2.27 -20.26
C ALA B 10 -0.62 0.89 -19.65
N GLN B 11 0.50 0.19 -19.49
CA GLN B 11 0.49 -1.11 -18.84
C GLN B 11 0.22 -0.93 -17.35
N LEU B 12 0.91 0.04 -16.76
CA LEU B 12 0.75 0.36 -15.36
C LEU B 12 -0.67 0.82 -15.06
N SER B 13 -1.14 1.82 -15.81
CA SER B 13 -2.47 2.37 -15.58
C SER B 13 -3.54 1.29 -15.65
N ALA B 14 -3.36 0.36 -16.57
CA ALA B 14 -4.27 -0.77 -16.70
C ALA B 14 -4.35 -1.54 -15.39
N ILE B 15 -3.19 -1.85 -14.82
CA ILE B 15 -3.13 -2.59 -13.56
C ILE B 15 -3.71 -1.76 -12.40
N VAL B 16 -3.28 -0.51 -12.29
CA VAL B 16 -3.70 0.33 -11.16
C VAL B 16 -5.21 0.57 -11.19
N ASN B 17 -5.74 0.89 -12.38
CA ASN B 17 -7.16 1.17 -12.53
C ASN B 17 -7.99 -0.09 -12.34
N ASP B 18 -7.38 -1.24 -12.60
CA ASP B 18 -8.04 -2.51 -12.41
C ASP B 18 -8.20 -2.74 -10.92
N MET B 19 -7.12 -2.48 -10.18
CA MET B 19 -7.13 -2.59 -8.72
C MET B 19 -8.19 -1.67 -8.12
N ILE B 20 -8.36 -0.50 -8.70
CA ILE B 20 -9.38 0.44 -8.26
C ILE B 20 -10.77 -0.18 -8.44
N ALA B 21 -10.94 -0.88 -9.55
CA ALA B 21 -12.20 -1.58 -9.82
C ALA B 21 -12.36 -2.77 -8.88
N VAL B 22 -11.25 -3.45 -8.58
CA VAL B 22 -11.24 -4.54 -7.63
C VAL B 22 -11.76 -4.05 -6.27
N LEU B 23 -11.21 -2.92 -5.83
CA LEU B 23 -11.60 -2.30 -4.58
C LEU B 23 -13.07 -1.88 -4.65
N GLU B 24 -13.45 -1.30 -5.79
CA GLU B 24 -14.78 -0.74 -5.96
C GLU B 24 -15.85 -1.84 -6.04
N LYS B 25 -15.47 -3.04 -6.46
CA LYS B 25 -16.40 -4.17 -6.49
C LYS B 25 -16.85 -4.52 -5.07
N HIS B 26 -15.93 -4.39 -4.13
CA HIS B 26 -16.21 -4.68 -2.73
C HIS B 26 -16.81 -3.45 -2.06
N LYS B 27 -16.37 -2.29 -2.51
CA LYS B 27 -16.63 -1.03 -1.82
C LYS B 27 -16.11 -1.12 -0.39
N ALA B 28 -14.80 -1.21 -0.26
CA ALA B 28 -14.16 -1.31 1.03
C ALA B 28 -14.09 0.07 1.67
N PRO B 29 -14.55 0.18 2.92
CA PRO B 29 -14.52 1.44 3.67
C PRO B 29 -13.10 1.96 3.81
N VAL B 30 -12.98 3.26 4.09
CA VAL B 30 -11.68 3.92 4.17
C VAL B 30 -10.78 3.23 5.21
N ASP B 31 -11.39 2.67 6.24
CA ASP B 31 -10.65 1.95 7.26
C ASP B 31 -10.23 0.56 6.76
N LEU B 32 -11.21 -0.28 6.43
CA LEU B 32 -10.94 -1.64 5.98
C LEU B 32 -10.00 -1.69 4.77
N SER B 33 -10.17 -0.75 3.83
CA SER B 33 -9.35 -0.74 2.62
C SER B 33 -7.87 -0.52 2.95
N LEU B 34 -7.58 0.41 3.84
CA LEU B 34 -6.21 0.72 4.22
C LEU B 34 -5.60 -0.42 5.02
N ILE B 35 -6.42 -1.09 5.82
CA ILE B 35 -5.94 -2.22 6.60
C ILE B 35 -5.63 -3.41 5.69
N ALA B 36 -6.45 -3.59 4.65
CA ALA B 36 -6.20 -4.62 3.64
C ALA B 36 -4.88 -4.33 2.93
N LEU B 37 -4.69 -3.07 2.54
CA LEU B 37 -3.45 -2.64 1.90
C LEU B 37 -2.29 -2.89 2.85
N GLY B 38 -2.49 -2.55 4.13
CA GLY B 38 -1.49 -2.78 5.15
C GLY B 38 -1.09 -4.24 5.26
N ASN B 39 -2.08 -5.10 5.42
CA ASN B 39 -1.83 -6.55 5.50
C ASN B 39 -1.12 -7.06 4.25
N MET B 40 -1.55 -6.56 3.09
CA MET B 40 -0.97 -6.97 1.82
C MET B 40 0.48 -6.50 1.71
N ALA B 41 0.72 -5.23 2.04
CA ALA B 41 2.05 -4.66 1.99
C ALA B 41 2.97 -5.35 2.99
N SER B 42 2.48 -5.55 4.21
CA SER B 42 3.25 -6.20 5.25
C SER B 42 3.66 -7.61 4.83
N ASN B 43 2.71 -8.33 4.24
CA ASN B 43 2.96 -9.71 3.79
C ASN B 43 4.10 -9.74 2.77
N LEU B 44 4.13 -8.75 1.89
CA LEU B 44 5.16 -8.70 0.86
C LEU B 44 6.51 -8.32 1.44
N LEU B 45 6.51 -7.32 2.30
CA LEU B 45 7.72 -6.82 2.91
C LEU B 45 8.39 -7.89 3.79
N THR B 46 7.59 -8.79 4.32
CA THR B 46 8.09 -9.78 5.26
C THR B 46 8.47 -11.08 4.55
N THR B 47 8.29 -11.13 3.25
CA THR B 47 8.62 -12.32 2.49
C THR B 47 9.63 -12.04 1.38
N SER B 48 9.39 -10.97 0.61
CA SER B 48 10.16 -10.72 -0.59
C SER B 48 11.24 -9.66 -0.38
N VAL B 49 11.26 -9.06 0.80
CA VAL B 49 12.21 -7.99 1.07
C VAL B 49 13.22 -8.41 2.15
N PRO B 50 14.52 -8.25 1.86
CA PRO B 50 15.60 -8.58 2.80
C PRO B 50 15.40 -7.93 4.18
N GLN B 51 15.95 -8.57 5.19
CA GLN B 51 15.74 -8.18 6.58
C GLN B 51 16.05 -6.70 6.83
N THR B 52 17.31 -6.32 6.66
CA THR B 52 17.74 -4.98 7.03
C THR B 52 17.27 -3.95 6.00
N GLN B 53 17.00 -4.40 4.78
CA GLN B 53 16.53 -3.50 3.74
C GLN B 53 15.08 -3.12 3.98
N CYS B 54 14.31 -4.08 4.50
CA CYS B 54 12.88 -3.90 4.72
C CYS B 54 12.60 -2.69 5.61
N GLU B 55 13.35 -2.57 6.69
CA GLU B 55 13.16 -1.47 7.64
C GLU B 55 13.48 -0.12 6.99
N ALA B 56 14.59 -0.07 6.26
CA ALA B 56 15.04 1.18 5.69
C ALA B 56 14.21 1.56 4.48
N LEU B 57 13.71 0.54 3.80
CA LEU B 57 12.92 0.73 2.59
C LEU B 57 11.54 1.28 2.94
N ALA B 58 10.95 0.74 4.01
CA ALA B 58 9.65 1.20 4.47
C ALA B 58 9.71 2.66 4.91
N GLN B 59 10.77 3.00 5.65
CA GLN B 59 10.98 4.38 6.09
C GLN B 59 11.25 5.31 4.91
N ALA B 60 11.92 4.78 3.89
CA ALA B 60 12.22 5.55 2.69
C ALA B 60 10.95 5.77 1.87
N PHE B 61 10.17 4.70 1.72
CA PHE B 61 8.96 4.75 0.91
C PHE B 61 7.97 5.75 1.48
N SER B 62 7.81 5.74 2.80
CA SER B 62 6.88 6.63 3.47
C SER B 62 7.31 8.08 3.28
N ASN B 63 8.56 8.39 3.63
CA ASN B 63 9.07 9.76 3.49
C ASN B 63 9.02 10.22 2.04
N SER B 64 9.21 9.29 1.12
CA SER B 64 9.11 9.58 -0.30
C SER B 64 7.68 10.00 -0.63
N LEU B 65 6.70 9.27 -0.09
CA LEU B 65 5.30 9.58 -0.27
C LEU B 65 4.93 10.89 0.42
N ILE B 66 5.58 11.16 1.56
CA ILE B 66 5.37 12.41 2.28
C ILE B 66 5.62 13.60 1.37
N ASN B 67 6.77 13.59 0.69
CA ASN B 67 7.13 14.66 -0.21
C ASN B 67 6.35 14.56 -1.51
N ALA B 68 5.95 13.34 -1.87
CA ALA B 68 5.12 13.12 -3.04
C ALA B 68 3.77 13.79 -2.85
N VAL B 69 3.14 13.54 -1.71
CA VAL B 69 1.88 14.19 -1.36
C VAL B 69 2.08 15.69 -1.25
N LYS B 70 3.19 16.07 -0.63
CA LYS B 70 3.56 17.47 -0.47
C LYS B 70 3.60 18.20 -1.82
N THR B 71 4.35 17.65 -2.77
CA THR B 71 4.51 18.27 -4.08
C THR B 71 3.26 18.06 -4.94
N ARG B 72 2.40 17.16 -4.51
CA ARG B 72 1.13 16.90 -5.18
C ARG B 72 0.08 17.90 -4.72
N LEU B 73 0.22 18.37 -3.49
CA LEU B 73 -0.66 19.38 -2.94
C LEU B 73 -0.20 20.76 -3.36
N GLU B 74 1.12 20.97 -3.37
CA GLU B 74 1.70 22.25 -3.75
C GLU B 74 1.78 22.37 -5.27
N HIS B 75 0.62 22.67 -5.87
CA HIS B 75 0.51 22.84 -7.31
C HIS B 75 1.12 24.19 -7.70
N HIS B 76 2.35 24.18 -8.18
CA HIS B 76 3.01 25.42 -8.58
C HIS B 76 4.15 25.14 -9.55
N HIS B 77 3.81 24.93 -10.82
CA HIS B 77 4.81 24.77 -11.88
C HIS B 77 4.35 25.54 -13.12
N HIS B 78 4.95 26.71 -13.34
CA HIS B 78 4.59 27.53 -14.51
C HIS B 78 5.78 28.38 -14.94
N HIS B 79 6.97 28.02 -14.47
CA HIS B 79 8.18 28.79 -14.77
C HIS B 79 9.38 28.08 -14.15
N HIS B 80 9.15 27.50 -12.97
CA HIS B 80 10.14 26.68 -12.31
C HIS B 80 9.44 25.84 -11.25
N MET A 1 -2.10 -14.69 20.21
CA MET A 1 -3.33 -15.04 20.96
C MET A 1 -3.94 -13.80 21.61
N ALA A 2 -4.75 -13.08 20.84
CA ALA A 2 -5.42 -11.88 21.33
C ALA A 2 -6.70 -11.64 20.54
N GLN A 3 -7.60 -10.86 21.13
CA GLN A 3 -8.83 -10.49 20.44
C GLN A 3 -8.67 -9.19 19.68
N HIS A 4 -9.08 -9.18 18.42
CA HIS A 4 -8.87 -8.04 17.53
C HIS A 4 -9.91 -7.99 16.41
N SER A 5 -11.00 -7.28 16.64
CA SER A 5 -12.04 -7.12 15.62
C SER A 5 -12.69 -5.74 15.74
N LYS A 6 -13.04 -5.16 14.60
CA LYS A 6 -13.72 -3.87 14.56
C LYS A 6 -15.00 -3.97 13.74
N TYR A 7 -14.88 -3.89 12.43
CA TYR A 7 -16.03 -4.08 11.56
C TYR A 7 -16.24 -5.57 11.30
N SER A 8 -15.48 -6.10 10.36
CA SER A 8 -15.47 -7.52 10.07
C SER A 8 -14.11 -7.87 9.48
N ASP A 9 -13.19 -8.29 10.34
CA ASP A 9 -11.81 -8.56 9.92
C ASP A 9 -11.76 -9.83 9.09
N ALA A 10 -12.84 -10.60 9.12
CA ALA A 10 -12.94 -11.76 8.26
C ALA A 10 -13.34 -11.32 6.86
N GLN A 11 -14.22 -10.32 6.81
CA GLN A 11 -14.59 -9.66 5.56
C GLN A 11 -13.36 -8.99 4.95
N LEU A 12 -12.52 -8.45 5.82
CA LEU A 12 -11.24 -7.87 5.40
C LEU A 12 -10.43 -8.91 4.62
N SER A 13 -10.25 -10.08 5.23
CA SER A 13 -9.49 -11.16 4.63
C SER A 13 -10.03 -11.51 3.24
N ALA A 14 -11.36 -11.47 3.10
CA ALA A 14 -12.00 -11.79 1.83
C ALA A 14 -11.65 -10.76 0.76
N ILE A 15 -11.48 -9.51 1.17
CA ILE A 15 -11.16 -8.44 0.23
C ILE A 15 -9.73 -8.57 -0.25
N VAL A 16 -8.82 -8.82 0.69
CA VAL A 16 -7.40 -8.96 0.36
C VAL A 16 -7.19 -10.23 -0.45
N ASN A 17 -7.93 -11.28 -0.10
CA ASN A 17 -7.83 -12.57 -0.78
C ASN A 17 -8.16 -12.44 -2.26
N ASP A 18 -9.22 -11.70 -2.56
CA ASP A 18 -9.62 -11.49 -3.94
C ASP A 18 -8.54 -10.69 -4.64
N MET A 19 -8.09 -9.63 -3.98
CA MET A 19 -7.02 -8.77 -4.50
C MET A 19 -5.80 -9.59 -4.92
N ILE A 20 -5.41 -10.55 -4.07
CA ILE A 20 -4.28 -11.42 -4.37
C ILE A 20 -4.56 -12.26 -5.62
N ALA A 21 -5.77 -12.78 -5.72
CA ALA A 21 -6.17 -13.58 -6.87
C ALA A 21 -6.20 -12.72 -8.14
N VAL A 22 -6.71 -11.50 -8.00
CA VAL A 22 -6.75 -10.55 -9.11
C VAL A 22 -5.33 -10.25 -9.59
N LEU A 23 -4.44 -10.00 -8.62
CA LEU A 23 -3.05 -9.71 -8.91
C LEU A 23 -2.38 -10.88 -9.63
N GLU A 24 -2.59 -12.08 -9.12
CA GLU A 24 -1.99 -13.28 -9.68
C GLU A 24 -2.54 -13.55 -11.08
N LYS A 25 -3.75 -13.08 -11.33
CA LYS A 25 -4.41 -13.28 -12.62
C LYS A 25 -3.74 -12.46 -13.72
N HIS A 26 -3.40 -11.21 -13.41
CA HIS A 26 -2.86 -10.31 -14.43
C HIS A 26 -1.35 -10.33 -14.48
N LYS A 27 -0.73 -11.10 -13.58
CA LYS A 27 0.72 -11.30 -13.57
C LYS A 27 1.47 -9.99 -13.37
N ALA A 28 1.71 -9.65 -12.12
CA ALA A 28 2.54 -8.51 -11.78
C ALA A 28 3.64 -8.90 -10.81
N PRO A 29 4.90 -8.89 -11.26
CA PRO A 29 6.05 -9.25 -10.43
C PRO A 29 6.19 -8.32 -9.23
N VAL A 30 7.04 -8.70 -8.28
CA VAL A 30 7.23 -7.94 -7.03
C VAL A 30 7.55 -6.48 -7.29
N ASP A 31 8.17 -6.20 -8.44
CA ASP A 31 8.52 -4.84 -8.80
C ASP A 31 7.27 -4.08 -9.25
N LEU A 32 6.64 -4.55 -10.32
CA LEU A 32 5.45 -3.92 -10.88
C LEU A 32 4.30 -3.85 -9.87
N SER A 33 4.11 -4.90 -9.09
CA SER A 33 3.02 -4.94 -8.13
C SER A 33 3.20 -3.87 -7.06
N LEU A 34 4.44 -3.69 -6.63
CA LEU A 34 4.76 -2.67 -5.64
C LEU A 34 4.50 -1.28 -6.24
N ILE A 35 4.77 -1.13 -7.53
CA ILE A 35 4.51 0.11 -8.23
C ILE A 35 3.01 0.41 -8.30
N ALA A 36 2.21 -0.64 -8.55
CA ALA A 36 0.77 -0.51 -8.55
C ALA A 36 0.26 -0.04 -7.18
N LEU A 37 0.72 -0.71 -6.14
CA LEU A 37 0.37 -0.33 -4.77
C LEU A 37 0.84 1.08 -4.47
N GLY A 38 2.05 1.39 -4.90
CA GLY A 38 2.61 2.72 -4.74
C GLY A 38 1.74 3.80 -5.34
N ASN A 39 1.37 3.62 -6.62
CA ASN A 39 0.49 4.58 -7.30
C ASN A 39 -0.83 4.71 -6.57
N MET A 40 -1.40 3.57 -6.18
CA MET A 40 -2.68 3.55 -5.48
C MET A 40 -2.57 4.27 -4.14
N ALA A 41 -1.54 3.93 -3.37
CA ALA A 41 -1.32 4.54 -2.06
C ALA A 41 -1.18 6.05 -2.16
N SER A 42 -0.35 6.51 -3.09
CA SER A 42 -0.10 7.93 -3.28
C SER A 42 -1.41 8.66 -3.58
N ASN A 43 -2.13 8.18 -4.59
CA ASN A 43 -3.41 8.77 -4.99
C ASN A 43 -4.41 8.72 -3.84
N LEU A 44 -4.40 7.63 -3.09
CA LEU A 44 -5.34 7.42 -2.02
C LEU A 44 -5.09 8.40 -0.86
N LEU A 45 -3.86 8.45 -0.39
CA LEU A 45 -3.51 9.29 0.76
C LEU A 45 -3.69 10.77 0.46
N THR A 46 -3.57 11.13 -0.81
CA THR A 46 -3.71 12.53 -1.21
C THR A 46 -5.15 12.86 -1.58
N THR A 47 -6.08 11.96 -1.23
CA THR A 47 -7.48 12.17 -1.55
C THR A 47 -8.39 11.83 -0.37
N SER A 48 -8.20 10.65 0.21
CA SER A 48 -9.14 10.14 1.20
C SER A 48 -8.90 10.73 2.59
N VAL A 49 -7.78 10.35 3.20
CA VAL A 49 -7.44 10.78 4.56
C VAL A 49 -7.42 12.30 4.68
N PRO A 50 -7.88 12.83 5.83
CA PRO A 50 -7.92 14.27 6.09
C PRO A 50 -6.60 14.96 5.77
N GLN A 51 -6.63 15.85 4.78
CA GLN A 51 -5.43 16.53 4.29
C GLN A 51 -4.71 17.26 5.40
N THR A 52 -5.47 17.81 6.34
CA THR A 52 -4.92 18.61 7.42
C THR A 52 -3.91 17.82 8.26
N GLN A 53 -4.15 16.53 8.40
CA GLN A 53 -3.29 15.68 9.22
C GLN A 53 -2.75 14.52 8.39
N CYS A 54 -2.77 14.70 7.08
CA CYS A 54 -2.37 13.64 6.15
C CYS A 54 -0.93 13.19 6.39
N GLU A 55 -0.01 14.14 6.48
CA GLU A 55 1.40 13.82 6.67
C GLU A 55 1.63 13.09 8.00
N ALA A 56 0.81 13.40 8.99
CA ALA A 56 0.91 12.75 10.29
C ALA A 56 0.40 11.31 10.21
N LEU A 57 -0.69 11.12 9.48
CA LEU A 57 -1.26 9.79 9.29
C LEU A 57 -0.34 8.92 8.45
N ALA A 58 0.30 9.53 7.46
CA ALA A 58 1.26 8.83 6.62
C ALA A 58 2.43 8.31 7.45
N GLN A 59 2.94 9.16 8.34
CA GLN A 59 4.02 8.76 9.23
C GLN A 59 3.56 7.69 10.22
N ALA A 60 2.30 7.78 10.63
CA ALA A 60 1.73 6.78 11.52
C ALA A 60 1.67 5.42 10.84
N PHE A 61 1.26 5.42 9.58
CA PHE A 61 1.14 4.20 8.81
C PHE A 61 2.51 3.60 8.54
N SER A 62 3.45 4.43 8.10
CA SER A 62 4.79 3.98 7.76
C SER A 62 5.49 3.38 8.98
N ASN A 63 5.52 4.14 10.07
CA ASN A 63 6.19 3.72 11.29
C ASN A 63 5.60 2.43 11.84
N SER A 64 4.29 2.27 11.71
CA SER A 64 3.63 1.05 12.15
C SER A 64 4.13 -0.14 11.33
N LEU A 65 4.35 0.08 10.04
CA LEU A 65 4.89 -0.96 9.17
C LEU A 65 6.34 -1.26 9.54
N ILE A 66 7.11 -0.21 9.82
CA ILE A 66 8.50 -0.36 10.20
C ILE A 66 8.65 -1.23 11.44
N ASN A 67 7.80 -0.96 12.43
CA ASN A 67 7.85 -1.70 13.69
C ASN A 67 7.16 -3.06 13.55
N ALA A 68 6.28 -3.17 12.56
CA ALA A 68 5.66 -4.46 12.26
C ALA A 68 6.71 -5.42 11.73
N VAL A 69 7.58 -4.92 10.86
CA VAL A 69 8.70 -5.71 10.34
C VAL A 69 9.59 -6.15 11.49
N LYS A 70 9.89 -5.24 12.40
CA LYS A 70 10.67 -5.55 13.59
C LYS A 70 10.02 -6.67 14.39
N THR A 71 8.70 -6.64 14.47
CA THR A 71 7.95 -7.64 15.21
C THR A 71 7.97 -9.00 14.50
N ARG A 72 8.21 -8.98 13.19
CA ARG A 72 8.33 -10.22 12.42
C ARG A 72 9.72 -10.82 12.61
N LEU A 73 10.67 -9.96 12.94
CA LEU A 73 12.06 -10.38 13.13
C LEU A 73 12.30 -10.80 14.57
N GLU A 74 11.73 -10.04 15.49
CA GLU A 74 11.93 -10.26 16.92
C GLU A 74 11.30 -11.59 17.36
N HIS A 75 11.80 -12.13 18.46
CA HIS A 75 11.29 -13.38 19.00
C HIS A 75 10.80 -13.14 20.43
N HIS A 76 9.75 -13.83 20.85
CA HIS A 76 9.25 -13.67 22.20
C HIS A 76 9.46 -14.94 23.00
N HIS A 77 9.97 -14.79 24.22
CA HIS A 77 10.22 -15.93 25.09
C HIS A 77 9.51 -15.72 26.41
N HIS A 78 9.49 -16.76 27.25
CA HIS A 78 9.04 -16.64 28.63
C HIS A 78 7.55 -16.29 28.72
N HIS A 79 6.69 -17.31 28.68
CA HIS A 79 5.25 -17.08 28.79
C HIS A 79 4.83 -17.00 30.26
N HIS A 80 5.60 -17.62 31.13
CA HIS A 80 5.31 -17.60 32.55
C HIS A 80 6.51 -17.08 33.32
N MET B 1 15.45 -4.92 -15.28
CA MET B 1 14.82 -5.05 -16.62
C MET B 1 13.82 -6.20 -16.63
N ALA B 2 12.84 -6.10 -17.50
CA ALA B 2 11.83 -7.14 -17.65
C ALA B 2 11.66 -7.51 -19.11
N GLN B 3 11.41 -8.78 -19.37
CA GLN B 3 11.22 -9.25 -20.74
C GLN B 3 9.74 -9.40 -21.04
N HIS B 4 9.40 -9.33 -22.32
CA HIS B 4 8.00 -9.40 -22.78
C HIS B 4 7.26 -8.12 -22.41
N SER B 5 6.93 -7.99 -21.12
CA SER B 5 6.30 -6.79 -20.63
C SER B 5 7.37 -5.75 -20.29
N LYS B 6 7.68 -4.91 -21.28
CA LYS B 6 8.74 -3.92 -21.17
C LYS B 6 8.28 -2.70 -20.38
N TYR B 7 7.81 -2.96 -19.16
CA TYR B 7 7.27 -1.92 -18.30
C TYR B 7 6.10 -1.22 -18.98
N SER B 8 5.12 -2.02 -19.38
CA SER B 8 3.94 -1.52 -20.02
C SER B 8 3.14 -0.67 -19.06
N ASP B 9 3.15 0.63 -19.29
CA ASP B 9 2.32 1.54 -18.52
C ASP B 9 0.87 1.15 -18.68
N ALA B 10 0.61 0.38 -19.74
CA ALA B 10 -0.73 -0.09 -20.04
C ALA B 10 -1.11 -1.23 -19.11
N GLN B 11 -0.16 -2.14 -18.90
CA GLN B 11 -0.37 -3.25 -17.98
C GLN B 11 -0.44 -2.75 -16.55
N LEU B 12 0.44 -1.81 -16.21
CA LEU B 12 0.45 -1.24 -14.87
C LEU B 12 -0.89 -0.58 -14.57
N SER B 13 -1.27 0.38 -15.40
CA SER B 13 -2.50 1.14 -15.19
C SER B 13 -3.70 0.20 -15.03
N ALA B 14 -3.74 -0.85 -15.84
CA ALA B 14 -4.83 -1.82 -15.77
C ALA B 14 -4.86 -2.52 -14.41
N ILE B 15 -3.69 -2.92 -13.92
CA ILE B 15 -3.60 -3.66 -12.67
C ILE B 15 -3.83 -2.75 -11.46
N VAL B 16 -3.34 -1.51 -11.52
CA VAL B 16 -3.61 -0.56 -10.44
C VAL B 16 -5.10 -0.27 -10.40
N ASN B 17 -5.73 -0.27 -11.57
CA ASN B 17 -7.17 -0.08 -11.66
C ASN B 17 -7.92 -1.30 -11.17
N ASP B 18 -7.29 -2.48 -11.25
CA ASP B 18 -7.88 -3.69 -10.70
C ASP B 18 -8.13 -3.50 -9.22
N MET B 19 -7.06 -3.21 -8.49
CA MET B 19 -7.15 -2.97 -7.04
C MET B 19 -8.23 -1.95 -6.72
N ILE B 20 -8.22 -0.84 -7.42
CA ILE B 20 -9.18 0.23 -7.18
C ILE B 20 -10.61 -0.23 -7.52
N ALA B 21 -10.79 -0.79 -8.70
CA ALA B 21 -12.11 -1.16 -9.19
C ALA B 21 -12.71 -2.30 -8.38
N VAL B 22 -11.91 -3.31 -8.06
CA VAL B 22 -12.40 -4.47 -7.32
C VAL B 22 -12.86 -4.07 -5.93
N LEU B 23 -12.07 -3.22 -5.26
CA LEU B 23 -12.42 -2.76 -3.92
C LEU B 23 -13.60 -1.79 -3.97
N GLU B 24 -13.71 -1.06 -5.08
CA GLU B 24 -14.81 -0.12 -5.27
C GLU B 24 -16.14 -0.87 -5.37
N LYS B 25 -16.12 -2.01 -6.04
CA LYS B 25 -17.33 -2.79 -6.26
C LYS B 25 -17.92 -3.28 -4.93
N HIS B 26 -17.06 -3.73 -4.03
CA HIS B 26 -17.53 -4.16 -2.71
C HIS B 26 -17.70 -2.94 -1.83
N LYS B 27 -16.97 -1.88 -2.19
CA LYS B 27 -17.07 -0.57 -1.56
C LYS B 27 -16.78 -0.63 -0.06
N ALA B 28 -15.50 -0.69 0.27
CA ALA B 28 -15.08 -0.66 1.66
C ALA B 28 -14.85 0.79 2.09
N PRO B 29 -15.27 1.14 3.32
CA PRO B 29 -15.21 2.52 3.83
C PRO B 29 -13.80 2.98 4.22
N VAL B 30 -12.85 2.82 3.29
CA VAL B 30 -11.47 3.29 3.49
C VAL B 30 -10.70 2.41 4.49
N ASP B 31 -11.28 2.17 5.66
CA ASP B 31 -10.63 1.38 6.71
C ASP B 31 -10.15 0.03 6.16
N LEU B 32 -11.10 -0.80 5.76
CA LEU B 32 -10.80 -2.13 5.26
C LEU B 32 -9.96 -2.07 3.99
N SER B 33 -10.20 -1.06 3.18
CA SER B 33 -9.43 -0.85 1.96
C SER B 33 -7.95 -0.64 2.29
N LEU B 34 -7.71 0.20 3.30
CA LEU B 34 -6.36 0.56 3.70
C LEU B 34 -5.67 -0.61 4.37
N ILE B 35 -6.41 -1.33 5.22
CA ILE B 35 -5.85 -2.47 5.94
C ILE B 35 -5.51 -3.61 4.98
N ALA B 36 -6.30 -3.77 3.93
CA ALA B 36 -6.01 -4.76 2.90
C ALA B 36 -4.66 -4.44 2.25
N LEU B 37 -4.46 -3.18 1.92
CA LEU B 37 -3.18 -2.73 1.36
C LEU B 37 -2.07 -2.87 2.39
N GLY B 38 -2.40 -2.60 3.65
CA GLY B 38 -1.45 -2.75 4.74
C GLY B 38 -0.94 -4.16 4.88
N ASN B 39 -1.86 -5.12 4.85
CA ASN B 39 -1.49 -6.54 4.90
C ASN B 39 -0.58 -6.90 3.74
N MET B 40 -0.91 -6.39 2.55
CA MET B 40 -0.10 -6.61 1.36
C MET B 40 1.29 -6.01 1.55
N ALA B 41 1.34 -4.74 1.95
CA ALA B 41 2.60 -4.04 2.16
C ALA B 41 3.48 -4.78 3.15
N SER B 42 2.88 -5.20 4.26
CA SER B 42 3.61 -5.94 5.29
C SER B 42 4.14 -7.26 4.73
N ASN B 43 3.23 -8.06 4.16
CA ASN B 43 3.58 -9.39 3.67
C ASN B 43 4.70 -9.33 2.63
N LEU B 44 4.61 -8.38 1.72
CA LEU B 44 5.61 -8.24 0.67
C LEU B 44 6.98 -7.87 1.22
N LEU B 45 7.01 -6.94 2.16
CA LEU B 45 8.27 -6.46 2.68
C LEU B 45 8.85 -7.41 3.73
N THR B 46 8.08 -8.40 4.13
CA THR B 46 8.57 -9.35 5.12
C THR B 46 8.75 -10.75 4.52
N THR B 47 8.49 -10.87 3.22
CA THR B 47 8.56 -12.18 2.57
C THR B 47 9.20 -12.11 1.19
N SER B 48 8.97 -11.03 0.45
CA SER B 48 9.42 -10.97 -0.93
C SER B 48 10.79 -10.32 -1.06
N VAL B 49 10.96 -9.17 -0.45
CA VAL B 49 12.22 -8.44 -0.54
C VAL B 49 13.17 -8.86 0.59
N PRO B 50 14.49 -8.63 0.40
CA PRO B 50 15.50 -8.90 1.43
C PRO B 50 15.16 -8.22 2.75
N GLN B 51 15.15 -8.99 3.82
CA GLN B 51 14.73 -8.52 5.13
C GLN B 51 15.76 -7.62 5.79
N THR B 52 16.84 -7.36 5.07
CA THR B 52 17.86 -6.43 5.54
C THR B 52 17.64 -5.05 4.91
N GLN B 53 17.13 -5.04 3.69
CA GLN B 53 16.95 -3.80 2.95
C GLN B 53 15.50 -3.33 3.00
N CYS B 54 14.63 -4.18 3.51
CA CYS B 54 13.20 -3.90 3.51
C CYS B 54 12.87 -2.64 4.32
N GLU B 55 13.41 -2.56 5.52
CA GLU B 55 13.17 -1.42 6.41
C GLU B 55 13.68 -0.13 5.77
N ALA B 56 14.80 -0.22 5.06
CA ALA B 56 15.39 0.94 4.40
C ALA B 56 14.49 1.47 3.29
N LEU B 57 14.11 0.58 2.38
CA LEU B 57 13.27 0.95 1.25
C LEU B 57 11.88 1.40 1.71
N ALA B 58 11.35 0.74 2.74
CA ALA B 58 10.05 1.08 3.27
C ALA B 58 10.02 2.53 3.77
N GLN B 59 11.08 2.92 4.47
CA GLN B 59 11.18 4.28 4.99
C GLN B 59 11.40 5.26 3.84
N ALA B 60 12.33 4.96 2.95
CA ALA B 60 12.65 5.83 1.83
C ALA B 60 11.41 6.10 0.96
N PHE B 61 10.64 5.06 0.70
CA PHE B 61 9.44 5.18 -0.12
C PHE B 61 8.41 6.07 0.58
N SER B 62 8.15 5.80 1.84
CA SER B 62 7.17 6.57 2.58
C SER B 62 7.62 8.01 2.78
N ASN B 63 8.92 8.20 3.03
CA ASN B 63 9.49 9.54 3.20
C ASN B 63 9.27 10.39 1.97
N SER B 64 9.48 9.81 0.78
CA SER B 64 9.26 10.56 -0.45
C SER B 64 7.78 10.93 -0.59
N LEU B 65 6.91 10.06 -0.09
CA LEU B 65 5.48 10.33 -0.08
C LEU B 65 5.16 11.47 0.89
N ILE B 66 5.86 11.49 2.02
CA ILE B 66 5.69 12.58 3.00
C ILE B 66 5.97 13.92 2.32
N ASN B 67 7.09 13.97 1.61
CA ASN B 67 7.47 15.18 0.87
C ASN B 67 6.47 15.48 -0.23
N ALA B 68 5.99 14.43 -0.89
CA ALA B 68 5.01 14.58 -1.95
C ALA B 68 3.72 15.17 -1.41
N VAL B 69 3.23 14.64 -0.30
CA VAL B 69 2.01 15.15 0.34
C VAL B 69 2.17 16.63 0.68
N LYS B 70 3.31 16.99 1.28
CA LYS B 70 3.60 18.37 1.61
C LYS B 70 3.63 19.24 0.35
N THR B 71 4.09 18.66 -0.76
CA THR B 71 4.18 19.38 -2.02
C THR B 71 2.80 19.44 -2.71
N ARG B 72 1.90 18.54 -2.33
CA ARG B 72 0.55 18.58 -2.87
C ARG B 72 -0.29 19.61 -2.12
N LEU B 73 -0.15 19.62 -0.80
CA LEU B 73 -0.89 20.56 0.04
C LEU B 73 -0.31 21.96 -0.11
N GLU B 74 1.03 22.04 -0.08
CA GLU B 74 1.75 23.30 -0.16
C GLU B 74 1.34 24.25 0.97
N HIS B 75 1.97 24.09 2.12
CA HIS B 75 1.72 25.00 3.23
C HIS B 75 2.79 26.08 3.26
N HIS B 76 2.35 27.31 3.02
CA HIS B 76 3.26 28.45 2.95
C HIS B 76 3.50 29.02 4.34
N HIS B 77 4.09 30.22 4.39
CA HIS B 77 4.44 30.84 5.66
C HIS B 77 3.21 31.04 6.54
N HIS B 78 3.36 30.70 7.81
CA HIS B 78 2.28 30.86 8.78
C HIS B 78 2.00 32.34 9.04
N HIS B 79 0.96 32.60 9.84
CA HIS B 79 0.53 33.97 10.12
C HIS B 79 1.55 34.65 11.03
N HIS B 80 2.05 33.89 11.98
CA HIS B 80 3.10 34.36 12.86
C HIS B 80 4.14 33.27 13.02
N MET A 1 -22.00 8.25 5.25
CA MET A 1 -21.46 6.89 5.06
C MET A 1 -22.37 6.09 4.14
N ALA A 2 -22.02 6.03 2.86
CA ALA A 2 -22.72 5.20 1.91
C ALA A 2 -22.38 3.74 2.16
N GLN A 3 -21.11 3.51 2.45
CA GLN A 3 -20.62 2.18 2.76
C GLN A 3 -20.43 2.06 4.27
N HIS A 4 -21.46 1.56 4.95
CA HIS A 4 -21.42 1.43 6.40
C HIS A 4 -20.30 0.48 6.83
N SER A 5 -19.40 0.99 7.65
CA SER A 5 -18.27 0.19 8.11
C SER A 5 -18.51 -0.30 9.53
N LYS A 6 -18.11 -1.53 9.79
CA LYS A 6 -18.01 -2.01 11.14
C LYS A 6 -16.58 -2.47 11.32
N TYR A 7 -16.39 -3.73 11.65
CA TYR A 7 -15.05 -4.30 11.82
C TYR A 7 -15.14 -5.82 11.89
N SER A 8 -14.90 -6.45 10.76
CA SER A 8 -14.88 -7.88 10.66
C SER A 8 -13.51 -8.33 10.18
N ASP A 9 -12.76 -8.97 11.05
CA ASP A 9 -11.45 -9.52 10.68
C ASP A 9 -11.66 -10.69 9.74
N ALA A 10 -12.89 -11.19 9.70
CA ALA A 10 -13.25 -12.27 8.80
C ALA A 10 -13.50 -11.72 7.41
N GLN A 11 -14.23 -10.62 7.33
CA GLN A 11 -14.47 -9.96 6.05
C GLN A 11 -13.22 -9.25 5.57
N LEU A 12 -12.43 -8.76 6.53
CA LEU A 12 -11.17 -8.12 6.22
C LEU A 12 -10.26 -9.08 5.48
N SER A 13 -9.93 -10.19 6.12
CA SER A 13 -9.02 -11.18 5.56
C SER A 13 -9.51 -11.68 4.20
N ALA A 14 -10.83 -11.86 4.08
CA ALA A 14 -11.42 -12.27 2.82
C ALA A 14 -11.07 -11.30 1.70
N ILE A 15 -11.10 -10.01 2.01
CA ILE A 15 -10.77 -8.97 1.06
C ILE A 15 -9.26 -8.90 0.80
N VAL A 16 -8.46 -9.02 1.86
CA VAL A 16 -7.00 -8.97 1.71
C VAL A 16 -6.52 -10.12 0.84
N ASN A 17 -7.03 -11.32 1.10
CA ASN A 17 -6.67 -12.50 0.32
C ASN A 17 -7.28 -12.42 -1.08
N ASP A 18 -8.37 -11.66 -1.20
CA ASP A 18 -9.01 -11.43 -2.47
C ASP A 18 -8.06 -10.64 -3.34
N MET A 19 -7.56 -9.54 -2.79
CA MET A 19 -6.59 -8.68 -3.48
C MET A 19 -5.37 -9.48 -3.92
N ILE A 20 -4.94 -10.43 -3.09
CA ILE A 20 -3.82 -11.30 -3.45
C ILE A 20 -4.18 -12.15 -4.66
N ALA A 21 -5.39 -12.72 -4.66
CA ALA A 21 -5.87 -13.51 -5.77
C ALA A 21 -6.01 -12.63 -7.02
N VAL A 22 -6.48 -11.41 -6.81
CA VAL A 22 -6.63 -10.44 -7.88
C VAL A 22 -5.25 -10.04 -8.42
N LEU A 23 -4.27 -10.01 -7.54
CA LEU A 23 -2.90 -9.65 -7.90
C LEU A 23 -2.32 -10.63 -8.90
N GLU A 24 -2.59 -11.91 -8.71
CA GLU A 24 -2.16 -12.93 -9.67
C GLU A 24 -3.21 -13.14 -10.76
N LYS A 25 -4.40 -12.59 -10.53
CA LYS A 25 -5.47 -12.64 -11.53
C LYS A 25 -5.16 -11.68 -12.66
N HIS A 26 -4.69 -10.50 -12.28
CA HIS A 26 -4.17 -9.54 -13.24
C HIS A 26 -2.70 -9.86 -13.51
N LYS A 27 -2.14 -10.58 -12.55
CA LYS A 27 -0.73 -10.98 -12.53
C LYS A 27 0.19 -9.77 -12.63
N ALA A 28 0.56 -9.25 -11.48
CA ALA A 28 1.52 -8.16 -11.40
C ALA A 28 2.75 -8.62 -10.64
N PRO A 29 3.95 -8.29 -11.16
CA PRO A 29 5.20 -8.60 -10.49
C PRO A 29 5.37 -7.77 -9.22
N VAL A 30 6.37 -8.12 -8.41
CA VAL A 30 6.58 -7.46 -7.13
C VAL A 30 6.86 -5.98 -7.31
N ASP A 31 7.70 -5.66 -8.29
CA ASP A 31 8.08 -4.29 -8.56
C ASP A 31 6.91 -3.48 -9.12
N LEU A 32 6.27 -4.00 -10.16
CA LEU A 32 5.08 -3.38 -10.73
C LEU A 32 4.02 -3.14 -9.66
N SER A 33 3.82 -4.14 -8.80
CA SER A 33 2.86 -4.05 -7.72
C SER A 33 3.20 -2.91 -6.76
N LEU A 34 4.47 -2.85 -6.35
CA LEU A 34 4.92 -1.81 -5.42
C LEU A 34 4.76 -0.42 -6.02
N ILE A 35 5.06 -0.28 -7.29
CA ILE A 35 4.91 1.00 -7.98
C ILE A 35 3.43 1.36 -8.12
N ALA A 36 2.62 0.35 -8.43
CA ALA A 36 1.18 0.54 -8.53
C ALA A 36 0.61 0.97 -7.18
N LEU A 37 1.04 0.28 -6.12
CA LEU A 37 0.62 0.63 -4.77
C LEU A 37 1.05 2.04 -4.42
N GLY A 38 2.24 2.42 -4.90
CA GLY A 38 2.72 3.78 -4.70
C GLY A 38 1.79 4.82 -5.30
N ASN A 39 1.44 4.63 -6.57
CA ASN A 39 0.50 5.51 -7.25
C ASN A 39 -0.86 5.47 -6.58
N MET A 40 -1.32 4.25 -6.29
CA MET A 40 -2.63 4.02 -5.71
C MET A 40 -2.76 4.68 -4.34
N ALA A 41 -1.81 4.42 -3.47
CA ALA A 41 -1.84 4.96 -2.11
C ALA A 41 -1.83 6.48 -2.13
N SER A 42 -0.89 7.05 -2.88
CA SER A 42 -0.76 8.50 -2.97
C SER A 42 -2.08 9.13 -3.42
N ASN A 43 -2.65 8.56 -4.49
CA ASN A 43 -3.90 9.06 -5.05
C ASN A 43 -5.01 9.08 -4.01
N LEU A 44 -5.18 7.96 -3.31
CA LEU A 44 -6.26 7.83 -2.33
C LEU A 44 -5.99 8.69 -1.09
N LEU A 45 -4.73 8.75 -0.68
CA LEU A 45 -4.36 9.52 0.50
C LEU A 45 -4.44 11.03 0.24
N THR A 46 -4.55 11.41 -1.02
CA THR A 46 -4.72 12.82 -1.36
C THR A 46 -6.15 13.15 -1.78
N THR A 47 -7.08 12.24 -1.53
CA THR A 47 -8.47 12.49 -1.86
C THR A 47 -9.43 12.10 -0.73
N SER A 48 -9.23 10.94 -0.11
CA SER A 48 -10.14 10.49 0.94
C SER A 48 -9.80 11.14 2.27
N VAL A 49 -8.53 11.21 2.61
CA VAL A 49 -8.12 11.77 3.89
C VAL A 49 -7.59 13.20 3.72
N PRO A 50 -7.75 14.03 4.77
CA PRO A 50 -7.29 15.42 4.76
C PRO A 50 -5.76 15.49 4.71
N GLN A 51 -5.25 16.44 3.94
CA GLN A 51 -3.81 16.62 3.76
C GLN A 51 -3.12 16.84 5.11
N THR A 52 -3.79 17.55 6.01
CA THR A 52 -3.23 17.86 7.31
C THR A 52 -3.04 16.60 8.16
N GLN A 53 -3.73 15.53 7.81
CA GLN A 53 -3.60 14.26 8.53
C GLN A 53 -2.82 13.25 7.70
N CYS A 54 -2.81 13.46 6.40
CA CYS A 54 -2.20 12.53 5.45
C CYS A 54 -0.75 12.22 5.81
N GLU A 55 0.06 13.27 5.96
CA GLU A 55 1.47 13.10 6.27
C GLU A 55 1.65 12.32 7.59
N ALA A 56 0.82 12.64 8.57
CA ALA A 56 0.91 12.01 9.88
C ALA A 56 0.58 10.53 9.79
N LEU A 57 -0.58 10.21 9.22
CA LEU A 57 -1.03 8.83 9.13
C LEU A 57 -0.14 7.99 8.22
N ALA A 58 0.30 8.57 7.12
CA ALA A 58 1.17 7.86 6.18
C ALA A 58 2.51 7.53 6.83
N GLN A 59 3.08 8.50 7.52
CA GLN A 59 4.37 8.32 8.17
C GLN A 59 4.22 7.38 9.36
N ALA A 60 3.09 7.47 10.06
CA ALA A 60 2.79 6.57 11.16
C ALA A 60 2.70 5.12 10.65
N PHE A 61 2.12 4.98 9.46
CA PHE A 61 2.04 3.68 8.80
C PHE A 61 3.44 3.13 8.53
N SER A 62 4.34 4.04 8.15
CA SER A 62 5.73 3.67 7.91
C SER A 62 6.34 3.14 9.21
N ASN A 63 6.21 3.92 10.28
CA ASN A 63 6.73 3.53 11.60
C ASN A 63 6.14 2.19 12.03
N SER A 64 4.88 1.98 11.71
CA SER A 64 4.22 0.71 12.01
C SER A 64 4.89 -0.43 11.26
N LEU A 65 5.22 -0.18 9.99
CA LEU A 65 5.93 -1.17 9.18
C LEU A 65 7.32 -1.41 9.73
N ILE A 66 7.96 -0.34 10.20
CA ILE A 66 9.29 -0.44 10.79
C ILE A 66 9.26 -1.38 12.00
N ASN A 67 8.25 -1.20 12.84
CA ASN A 67 8.06 -2.07 13.99
C ASN A 67 7.71 -3.48 13.55
N ALA A 68 6.86 -3.59 12.54
CA ALA A 68 6.44 -4.88 12.01
C ALA A 68 7.64 -5.68 11.51
N VAL A 69 8.52 -5.02 10.77
CA VAL A 69 9.73 -5.65 10.26
C VAL A 69 10.60 -6.14 11.41
N LYS A 70 10.84 -5.26 12.38
CA LYS A 70 11.62 -5.62 13.55
C LYS A 70 11.00 -6.78 14.31
N THR A 71 9.67 -6.81 14.37
CA THR A 71 8.96 -7.89 15.04
C THR A 71 9.29 -9.24 14.39
N ARG A 72 9.45 -9.23 13.07
CA ARG A 72 9.81 -10.44 12.34
C ARG A 72 11.27 -10.81 12.60
N LEU A 73 12.13 -9.79 12.61
CA LEU A 73 13.56 -9.99 12.86
C LEU A 73 13.81 -10.35 14.32
N GLU A 74 12.81 -10.09 15.16
CA GLU A 74 12.87 -10.46 16.57
C GLU A 74 12.59 -11.95 16.76
N HIS A 75 12.85 -12.72 15.71
CA HIS A 75 12.77 -14.17 15.78
C HIS A 75 13.79 -14.68 16.81
N HIS A 76 13.31 -14.98 18.00
CA HIS A 76 14.19 -15.34 19.11
C HIS A 76 14.45 -16.83 19.12
N HIS A 77 15.71 -17.19 18.97
CA HIS A 77 16.13 -18.58 19.08
C HIS A 77 17.38 -18.68 19.93
N HIS A 78 18.25 -17.68 19.77
CA HIS A 78 19.47 -17.61 20.57
C HIS A 78 19.18 -16.92 21.90
N HIS A 79 18.36 -15.89 21.85
CA HIS A 79 17.95 -15.19 23.06
C HIS A 79 16.68 -15.79 23.60
N HIS A 80 16.72 -16.26 24.82
CA HIS A 80 15.57 -16.87 25.47
C HIS A 80 14.75 -15.79 26.15
N MET B 1 -0.79 11.57 -16.09
CA MET B 1 0.44 12.25 -15.62
C MET B 1 1.32 11.28 -14.85
N ALA B 2 1.25 10.00 -15.21
CA ALA B 2 2.00 8.98 -14.52
C ALA B 2 3.45 8.94 -15.02
N GLN B 3 4.37 9.22 -14.11
CA GLN B 3 5.78 9.19 -14.44
C GLN B 3 6.56 8.35 -13.44
N HIS B 4 6.74 7.08 -13.77
CA HIS B 4 7.54 6.17 -12.97
C HIS B 4 8.23 5.20 -13.91
N SER B 5 8.66 5.74 -15.04
CA SER B 5 9.21 4.96 -16.14
C SER B 5 10.37 4.08 -15.70
N LYS B 6 10.08 2.80 -15.54
CA LYS B 6 11.08 1.78 -15.26
C LYS B 6 10.86 0.59 -16.16
N TYR B 7 9.61 0.20 -16.32
CA TYR B 7 9.24 -0.89 -17.20
C TYR B 7 8.24 -0.40 -18.23
N SER B 8 7.06 -0.02 -17.76
CA SER B 8 6.01 0.51 -18.60
C SER B 8 4.99 1.23 -17.74
N ASP B 9 4.89 2.54 -17.93
CA ASP B 9 3.89 3.33 -17.23
C ASP B 9 2.52 2.94 -17.74
N ALA B 10 2.51 2.40 -18.96
CA ALA B 10 1.28 1.95 -19.59
C ALA B 10 0.80 0.66 -18.96
N GLN B 11 1.72 -0.28 -18.78
CA GLN B 11 1.40 -1.52 -18.09
C GLN B 11 1.07 -1.23 -16.63
N LEU B 12 1.81 -0.28 -16.07
CA LEU B 12 1.60 0.17 -14.71
C LEU B 12 0.17 0.67 -14.52
N SER B 13 -0.23 1.66 -15.30
CA SER B 13 -1.53 2.29 -15.13
C SER B 13 -2.65 1.26 -15.26
N ALA B 14 -2.51 0.32 -16.18
CA ALA B 14 -3.53 -0.72 -16.37
C ALA B 14 -3.70 -1.55 -15.10
N ILE B 15 -2.59 -1.83 -14.42
CA ILE B 15 -2.62 -2.58 -13.16
C ILE B 15 -3.26 -1.76 -12.04
N VAL B 16 -2.78 -0.53 -11.86
CA VAL B 16 -3.29 0.33 -10.79
C VAL B 16 -4.76 0.64 -11.02
N ASN B 17 -5.10 0.94 -12.27
CA ASN B 17 -6.48 1.22 -12.68
C ASN B 17 -7.41 0.11 -12.25
N ASP B 18 -7.02 -1.12 -12.54
CA ASP B 18 -7.82 -2.29 -12.25
C ASP B 18 -8.02 -2.43 -10.76
N MET B 19 -6.92 -2.42 -10.01
CA MET B 19 -6.97 -2.63 -8.56
C MET B 19 -7.90 -1.61 -7.88
N ILE B 20 -7.83 -0.36 -8.32
CA ILE B 20 -8.70 0.68 -7.77
C ILE B 20 -10.17 0.39 -8.11
N ALA B 21 -10.42 -0.04 -9.34
CA ALA B 21 -11.77 -0.37 -9.77
C ALA B 21 -12.29 -1.60 -9.04
N VAL B 22 -11.43 -2.59 -8.86
CA VAL B 22 -11.76 -3.80 -8.12
C VAL B 22 -12.16 -3.45 -6.70
N LEU B 23 -11.37 -2.58 -6.08
CA LEU B 23 -11.63 -2.11 -4.71
C LEU B 23 -12.99 -1.42 -4.64
N GLU B 24 -13.20 -0.47 -5.55
CA GLU B 24 -14.43 0.31 -5.59
C GLU B 24 -15.65 -0.58 -5.83
N LYS B 25 -15.51 -1.53 -6.75
CA LYS B 25 -16.61 -2.41 -7.11
C LYS B 25 -16.83 -3.48 -6.03
N HIS B 26 -15.83 -3.69 -5.19
CA HIS B 26 -15.94 -4.62 -4.07
C HIS B 26 -16.66 -3.95 -2.90
N LYS B 27 -16.82 -2.63 -3.03
CA LYS B 27 -17.56 -1.82 -2.06
C LYS B 27 -16.87 -1.83 -0.69
N ALA B 28 -15.54 -1.88 -0.71
CA ALA B 28 -14.76 -1.87 0.51
C ALA B 28 -14.60 -0.43 1.03
N PRO B 29 -14.99 -0.18 2.29
CA PRO B 29 -14.85 1.13 2.90
C PRO B 29 -13.40 1.44 3.24
N VAL B 30 -13.06 2.73 3.31
CA VAL B 30 -11.68 3.15 3.56
C VAL B 30 -11.14 2.59 4.88
N ASP B 31 -12.04 2.24 5.78
CA ASP B 31 -11.65 1.62 7.05
C ASP B 31 -10.96 0.29 6.80
N LEU B 32 -11.75 -0.68 6.35
CA LEU B 32 -11.26 -2.04 6.17
C LEU B 32 -10.30 -2.13 4.99
N SER B 33 -10.50 -1.28 3.99
CA SER B 33 -9.64 -1.26 2.82
C SER B 33 -8.23 -0.84 3.22
N LEU B 34 -8.13 0.15 4.10
CA LEU B 34 -6.85 0.63 4.58
C LEU B 34 -6.13 -0.49 5.34
N ILE B 35 -6.88 -1.19 6.18
CA ILE B 35 -6.31 -2.29 6.95
C ILE B 35 -5.94 -3.47 6.04
N ALA B 36 -6.74 -3.70 4.99
CA ALA B 36 -6.44 -4.71 3.99
C ALA B 36 -5.12 -4.40 3.32
N LEU B 37 -4.99 -3.18 2.82
CA LEU B 37 -3.74 -2.72 2.19
C LEU B 37 -2.60 -2.81 3.20
N GLY B 38 -2.89 -2.47 4.45
CA GLY B 38 -1.89 -2.58 5.49
C GLY B 38 -1.42 -4.01 5.71
N ASN B 39 -2.36 -4.92 5.94
CA ASN B 39 -2.05 -6.33 6.12
C ASN B 39 -1.36 -6.91 4.89
N MET B 40 -1.82 -6.50 3.71
CA MET B 40 -1.26 -6.98 2.45
C MET B 40 0.16 -6.46 2.27
N ALA B 41 0.34 -5.15 2.42
CA ALA B 41 1.64 -4.53 2.23
C ALA B 41 2.69 -5.13 3.16
N SER B 42 2.37 -5.17 4.46
CA SER B 42 3.30 -5.72 5.43
C SER B 42 3.66 -7.16 5.09
N ASN B 43 2.65 -7.97 4.80
CA ASN B 43 2.87 -9.38 4.43
C ASN B 43 3.78 -9.48 3.21
N LEU B 44 3.58 -8.59 2.24
CA LEU B 44 4.38 -8.61 1.02
C LEU B 44 5.82 -8.22 1.33
N LEU B 45 6.01 -7.07 1.96
CA LEU B 45 7.36 -6.56 2.20
C LEU B 45 8.14 -7.40 3.20
N THR B 46 7.46 -8.34 3.82
CA THR B 46 8.13 -9.27 4.73
C THR B 46 8.25 -10.65 4.10
N THR B 47 7.96 -10.78 2.81
CA THR B 47 8.00 -12.07 2.15
C THR B 47 8.59 -11.99 0.74
N SER B 48 8.16 -11.00 -0.04
CA SER B 48 8.52 -10.94 -1.46
C SER B 48 9.88 -10.27 -1.68
N VAL B 49 10.14 -9.22 -0.91
CA VAL B 49 11.40 -8.49 -1.03
C VAL B 49 12.39 -8.97 0.01
N PRO B 50 13.70 -8.81 -0.25
CA PRO B 50 14.75 -9.20 0.69
C PRO B 50 14.60 -8.51 2.03
N GLN B 51 14.47 -9.31 3.09
CA GLN B 51 14.30 -8.80 4.46
C GLN B 51 15.47 -7.90 4.88
N THR B 52 16.58 -8.02 4.18
CA THR B 52 17.74 -7.19 4.45
C THR B 52 17.42 -5.71 4.25
N GLN B 53 16.62 -5.41 3.24
CA GLN B 53 16.35 -4.03 2.86
C GLN B 53 14.87 -3.71 2.97
N CYS B 54 14.08 -4.68 3.44
CA CYS B 54 12.63 -4.53 3.46
C CYS B 54 12.19 -3.32 4.29
N GLU B 55 12.82 -3.14 5.46
CA GLU B 55 12.50 -2.02 6.34
C GLU B 55 12.78 -0.68 5.63
N ALA B 56 13.90 -0.64 4.91
CA ALA B 56 14.29 0.56 4.19
C ALA B 56 13.29 0.87 3.08
N LEU B 57 12.87 -0.17 2.37
CA LEU B 57 11.89 0.00 1.29
C LEU B 57 10.53 0.39 1.84
N ALA B 58 10.17 -0.14 2.99
CA ALA B 58 8.92 0.23 3.66
C ALA B 58 8.96 1.69 4.08
N GLN B 59 10.08 2.09 4.65
CA GLN B 59 10.29 3.49 5.05
C GLN B 59 10.26 4.38 3.82
N ALA B 60 11.01 3.99 2.80
CA ALA B 60 11.13 4.76 1.56
C ALA B 60 9.79 4.85 0.82
N PHE B 61 8.99 3.79 0.92
CA PHE B 61 7.68 3.76 0.30
C PHE B 61 6.81 4.90 0.85
N SER B 62 6.69 4.93 2.17
CA SER B 62 5.91 5.96 2.84
C SER B 62 6.60 7.32 2.69
N ASN B 63 7.92 7.31 2.74
CA ASN B 63 8.71 8.52 2.56
C ASN B 63 8.39 9.18 1.23
N SER B 64 8.26 8.35 0.19
CA SER B 64 7.90 8.85 -1.12
C SER B 64 6.47 9.36 -1.12
N LEU B 65 5.63 8.77 -0.28
CA LEU B 65 4.25 9.23 -0.11
C LEU B 65 4.24 10.63 0.48
N ILE B 66 5.03 10.82 1.55
CA ILE B 66 5.17 12.12 2.19
C ILE B 66 5.57 13.17 1.16
N ASN B 67 6.54 12.80 0.34
CA ASN B 67 7.04 13.68 -0.70
C ASN B 67 5.96 13.95 -1.75
N ALA B 68 5.24 12.91 -2.14
CA ALA B 68 4.20 13.00 -3.16
C ALA B 68 3.05 13.89 -2.68
N VAL B 69 2.71 13.77 -1.40
CA VAL B 69 1.65 14.60 -0.82
C VAL B 69 1.99 16.07 -0.93
N LYS B 70 3.21 16.44 -0.54
CA LYS B 70 3.63 17.84 -0.60
C LYS B 70 3.76 18.31 -2.04
N THR B 71 4.12 17.39 -2.93
CA THR B 71 4.18 17.69 -4.35
C THR B 71 2.76 17.86 -4.92
N ARG B 72 1.78 17.28 -4.24
CA ARG B 72 0.38 17.45 -4.60
C ARG B 72 -0.12 18.80 -4.06
N LEU B 73 0.50 19.26 -2.97
CA LEU B 73 0.19 20.58 -2.40
C LEU B 73 0.84 21.67 -3.24
N GLU B 74 1.82 21.29 -4.04
CA GLU B 74 2.44 22.20 -5.01
C GLU B 74 1.41 22.71 -6.00
N HIS B 75 0.79 23.83 -5.66
CA HIS B 75 -0.21 24.44 -6.51
C HIS B 75 0.44 25.14 -7.70
N HIS B 76 -0.22 25.09 -8.84
CA HIS B 76 0.35 25.63 -10.07
C HIS B 76 0.34 27.16 -10.07
N HIS B 77 1.38 27.72 -9.50
CA HIS B 77 1.59 29.16 -9.49
C HIS B 77 2.97 29.47 -10.05
N HIS B 78 3.62 28.43 -10.55
CA HIS B 78 4.97 28.56 -11.08
C HIS B 78 4.90 28.87 -12.56
N HIS B 79 5.31 30.06 -12.94
CA HIS B 79 5.27 30.49 -14.33
C HIS B 79 6.60 30.18 -15.00
N HIS B 80 7.67 30.11 -14.22
CA HIS B 80 8.99 29.89 -14.77
C HIS B 80 9.41 28.44 -14.53
N MET A 1 -23.65 -7.23 18.55
CA MET A 1 -23.31 -7.46 19.96
C MET A 1 -21.80 -7.32 20.17
N ALA A 2 -21.04 -8.16 19.48
CA ALA A 2 -19.59 -8.16 19.62
C ALA A 2 -18.94 -8.83 18.42
N GLN A 3 -17.83 -8.29 17.98
CA GLN A 3 -17.05 -8.87 16.89
C GLN A 3 -15.78 -9.49 17.44
N HIS A 4 -15.07 -10.23 16.61
CA HIS A 4 -13.83 -10.86 17.03
C HIS A 4 -12.65 -10.34 16.21
N SER A 5 -12.60 -9.02 16.03
CA SER A 5 -11.52 -8.36 15.32
C SER A 5 -11.74 -6.84 15.31
N LYS A 6 -12.47 -6.39 14.30
CA LYS A 6 -12.89 -4.99 14.18
C LYS A 6 -14.23 -4.95 13.48
N TYR A 7 -14.20 -5.29 12.19
CA TYR A 7 -15.41 -5.53 11.43
C TYR A 7 -15.62 -7.03 11.32
N SER A 8 -14.80 -7.67 10.50
CA SER A 8 -14.77 -9.12 10.39
C SER A 8 -13.45 -9.55 9.79
N ASP A 9 -12.76 -10.45 10.49
CA ASP A 9 -11.53 -11.05 9.95
C ASP A 9 -11.85 -11.74 8.64
N ALA A 10 -13.09 -12.21 8.53
CA ALA A 10 -13.57 -12.85 7.32
C ALA A 10 -13.71 -11.83 6.21
N GLN A 11 -14.19 -10.64 6.57
CA GLN A 11 -14.32 -9.54 5.61
C GLN A 11 -12.95 -9.11 5.12
N LEU A 12 -12.05 -8.88 6.08
CA LEU A 12 -10.71 -8.40 5.76
C LEU A 12 -9.97 -9.39 4.87
N SER A 13 -9.84 -10.63 5.33
CA SER A 13 -9.10 -11.65 4.59
C SER A 13 -9.62 -11.79 3.16
N ALA A 14 -10.94 -11.73 3.00
CA ALA A 14 -11.54 -11.83 1.67
C ALA A 14 -11.02 -10.71 0.76
N ILE A 15 -11.07 -9.48 1.26
CA ILE A 15 -10.65 -8.31 0.49
C ILE A 15 -9.17 -8.40 0.10
N VAL A 16 -8.32 -8.74 1.07
CA VAL A 16 -6.89 -8.78 0.81
C VAL A 16 -6.54 -9.95 -0.10
N ASN A 17 -7.29 -11.04 0.05
CA ASN A 17 -7.11 -12.23 -0.77
C ASN A 17 -7.55 -11.96 -2.21
N ASP A 18 -8.52 -11.06 -2.37
CA ASP A 18 -8.96 -10.66 -3.69
C ASP A 18 -7.82 -9.97 -4.40
N MET A 19 -7.14 -9.07 -3.68
CA MET A 19 -6.00 -8.34 -4.23
C MET A 19 -4.93 -9.31 -4.72
N ILE A 20 -4.73 -10.39 -3.97
CA ILE A 20 -3.79 -11.43 -4.36
C ILE A 20 -4.21 -12.07 -5.68
N ALA A 21 -5.50 -12.35 -5.81
CA ALA A 21 -6.04 -12.91 -7.04
C ALA A 21 -5.95 -11.91 -8.20
N VAL A 22 -6.19 -10.63 -7.88
CA VAL A 22 -6.08 -9.55 -8.86
C VAL A 22 -4.67 -9.52 -9.44
N LEU A 23 -3.69 -9.68 -8.56
CA LEU A 23 -2.28 -9.71 -8.94
C LEU A 23 -2.01 -10.86 -9.91
N GLU A 24 -2.57 -12.02 -9.61
CA GLU A 24 -2.33 -13.22 -10.40
C GLU A 24 -3.04 -13.15 -11.76
N LYS A 25 -4.28 -12.68 -11.76
CA LYS A 25 -5.07 -12.64 -12.98
C LYS A 25 -4.48 -11.68 -14.01
N HIS A 26 -4.03 -10.52 -13.56
CA HIS A 26 -3.46 -9.54 -14.47
C HIS A 26 -1.98 -9.83 -14.68
N LYS A 27 -1.45 -10.74 -13.85
CA LYS A 27 -0.06 -11.17 -13.91
C LYS A 27 0.89 -10.01 -13.61
N ALA A 28 1.16 -9.81 -12.32
CA ALA A 28 2.09 -8.79 -11.89
C ALA A 28 3.09 -9.36 -10.90
N PRO A 29 4.39 -9.07 -11.10
CA PRO A 29 5.44 -9.49 -10.18
C PRO A 29 5.37 -8.70 -8.87
N VAL A 30 6.08 -9.18 -7.86
CA VAL A 30 6.05 -8.56 -6.53
C VAL A 30 6.63 -7.14 -6.53
N ASP A 31 7.36 -6.78 -7.58
CA ASP A 31 7.94 -5.44 -7.65
C ASP A 31 6.97 -4.49 -8.35
N LEU A 32 6.39 -4.91 -9.46
CA LEU A 32 5.42 -4.11 -10.18
C LEU A 32 4.16 -3.89 -9.35
N SER A 33 3.70 -4.95 -8.70
CA SER A 33 2.50 -4.86 -7.86
C SER A 33 2.76 -3.93 -6.68
N LEU A 34 4.00 -3.91 -6.22
CA LEU A 34 4.40 -3.04 -5.11
C LEU A 34 4.30 -1.58 -5.55
N ILE A 35 4.62 -1.32 -6.81
CA ILE A 35 4.53 0.01 -7.36
C ILE A 35 3.06 0.44 -7.49
N ALA A 36 2.20 -0.51 -7.84
CA ALA A 36 0.76 -0.28 -7.89
C ALA A 36 0.25 0.15 -6.53
N LEU A 37 0.75 -0.51 -5.48
CA LEU A 37 0.41 -0.16 -4.11
C LEU A 37 0.80 1.28 -3.82
N GLY A 38 1.98 1.68 -4.28
CA GLY A 38 2.45 3.04 -4.09
C GLY A 38 1.60 4.06 -4.83
N ASN A 39 1.25 3.74 -6.08
CA ASN A 39 0.40 4.60 -6.88
C ASN A 39 -0.96 4.77 -6.21
N MET A 40 -1.51 3.66 -5.72
CA MET A 40 -2.80 3.69 -5.04
C MET A 40 -2.68 4.46 -3.73
N ALA A 41 -1.65 4.16 -2.94
CA ALA A 41 -1.43 4.80 -1.65
C ALA A 41 -1.41 6.33 -1.79
N SER A 42 -0.58 6.83 -2.68
CA SER A 42 -0.43 8.27 -2.87
C SER A 42 -1.76 8.91 -3.33
N ASN A 43 -2.42 8.27 -4.28
CA ASN A 43 -3.69 8.77 -4.80
C ASN A 43 -4.78 8.71 -3.73
N LEU A 44 -4.74 7.67 -2.92
CA LEU A 44 -5.70 7.49 -1.84
C LEU A 44 -5.49 8.52 -0.74
N LEU A 45 -4.22 8.76 -0.39
CA LEU A 45 -3.86 9.72 0.64
C LEU A 45 -4.23 11.14 0.21
N THR A 46 -4.29 11.38 -1.08
CA THR A 46 -4.67 12.68 -1.60
C THR A 46 -6.16 12.76 -1.90
N THR A 47 -6.92 11.80 -1.36
CA THR A 47 -8.35 11.76 -1.61
C THR A 47 -9.16 11.56 -0.31
N SER A 48 -8.80 10.54 0.49
CA SER A 48 -9.63 10.13 1.61
C SER A 48 -9.31 10.87 2.91
N VAL A 49 -8.12 11.45 3.02
CA VAL A 49 -7.70 12.09 4.26
C VAL A 49 -7.38 13.57 4.05
N PRO A 50 -7.80 14.43 5.01
CA PRO A 50 -7.49 15.86 5.01
C PRO A 50 -6.01 16.14 4.79
N GLN A 51 -5.71 17.23 4.10
CA GLN A 51 -4.36 17.55 3.66
C GLN A 51 -3.37 17.60 4.82
N THR A 52 -3.69 18.41 5.83
CA THR A 52 -2.77 18.63 6.95
C THR A 52 -2.56 17.35 7.76
N GLN A 53 -3.51 16.42 7.71
CA GLN A 53 -3.40 15.18 8.46
C GLN A 53 -2.80 14.07 7.61
N CYS A 54 -2.72 14.31 6.31
CA CYS A 54 -2.21 13.31 5.37
C CYS A 54 -0.78 12.92 5.73
N GLU A 55 0.06 13.93 5.96
CA GLU A 55 1.45 13.70 6.33
C GLU A 55 1.57 12.90 7.61
N ALA A 56 0.65 13.13 8.54
CA ALA A 56 0.68 12.48 9.84
C ALA A 56 0.25 11.01 9.73
N LEU A 57 -0.90 10.78 9.13
CA LEU A 57 -1.44 9.42 9.01
C LEU A 57 -0.56 8.55 8.13
N ALA A 58 -0.05 9.12 7.05
CA ALA A 58 0.85 8.39 6.16
C ALA A 58 2.13 8.00 6.88
N GLN A 59 2.61 8.92 7.71
CA GLN A 59 3.81 8.68 8.52
C GLN A 59 3.54 7.56 9.52
N ALA A 60 2.45 7.69 10.26
CA ALA A 60 2.08 6.72 11.28
C ALA A 60 1.89 5.33 10.67
N PHE A 61 1.14 5.26 9.57
CA PHE A 61 0.87 3.99 8.90
C PHE A 61 2.17 3.28 8.54
N SER A 62 3.07 4.02 7.91
CA SER A 62 4.35 3.47 7.49
C SER A 62 5.16 3.00 8.69
N ASN A 63 5.26 3.84 9.71
CA ASN A 63 6.06 3.52 10.90
C ASN A 63 5.49 2.33 11.65
N SER A 64 4.17 2.17 11.65
CA SER A 64 3.56 1.02 12.30
C SER A 64 3.90 -0.25 11.52
N LEU A 65 4.11 -0.12 10.22
CA LEU A 65 4.55 -1.24 9.40
C LEU A 65 6.01 -1.58 9.70
N ILE A 66 6.81 -0.55 9.96
CA ILE A 66 8.21 -0.74 10.36
C ILE A 66 8.26 -1.54 11.66
N ASN A 67 7.32 -1.23 12.55
CA ASN A 67 7.16 -1.95 13.81
C ASN A 67 6.88 -3.43 13.54
N ALA A 68 6.02 -3.68 12.56
CA ALA A 68 5.68 -5.04 12.17
C ALA A 68 6.92 -5.77 11.64
N VAL A 69 7.72 -5.08 10.84
CA VAL A 69 8.98 -5.62 10.34
C VAL A 69 9.86 -6.05 11.50
N LYS A 70 10.06 -5.14 12.46
CA LYS A 70 10.84 -5.44 13.65
C LYS A 70 10.28 -6.63 14.40
N THR A 71 8.96 -6.62 14.61
CA THR A 71 8.31 -7.65 15.40
C THR A 71 8.45 -9.04 14.77
N ARG A 72 8.27 -9.14 13.46
CA ARG A 72 8.34 -10.43 12.78
C ARG A 72 9.72 -11.05 12.88
N LEU A 73 10.75 -10.23 12.66
CA LEU A 73 12.12 -10.72 12.70
C LEU A 73 12.59 -10.89 14.14
N GLU A 74 12.28 -9.91 14.98
CA GLU A 74 12.73 -9.90 16.35
C GLU A 74 11.64 -10.41 17.29
N HIS A 75 11.00 -11.50 16.87
CA HIS A 75 9.96 -12.13 17.69
C HIS A 75 10.52 -12.58 19.03
N HIS A 76 10.14 -11.85 20.08
CA HIS A 76 10.68 -12.09 21.41
C HIS A 76 9.68 -12.89 22.25
N HIS A 77 10.10 -14.05 22.72
CA HIS A 77 9.25 -14.88 23.56
C HIS A 77 9.93 -15.16 24.90
N HIS A 78 9.17 -15.72 25.83
CA HIS A 78 9.68 -16.01 27.16
C HIS A 78 9.06 -17.30 27.69
N HIS A 79 8.58 -18.13 26.75
CA HIS A 79 7.78 -19.31 27.06
C HIS A 79 6.43 -18.91 27.67
N HIS A 80 6.48 -18.43 28.90
CA HIS A 80 5.30 -17.93 29.59
C HIS A 80 5.67 -16.71 30.42
N MET B 1 9.74 -15.39 -27.92
CA MET B 1 11.07 -15.33 -27.27
C MET B 1 11.19 -14.06 -26.45
N ALA B 2 11.97 -14.14 -25.35
CA ALA B 2 12.25 -13.01 -24.48
C ALA B 2 11.01 -12.59 -23.68
N GLN B 3 11.24 -11.75 -22.69
CA GLN B 3 10.15 -11.21 -21.88
C GLN B 3 10.14 -9.69 -21.97
N HIS B 4 8.99 -9.13 -22.33
CA HIS B 4 8.84 -7.70 -22.51
C HIS B 4 8.76 -6.95 -21.17
N SER B 5 9.72 -7.20 -20.30
CA SER B 5 9.78 -6.57 -19.00
C SER B 5 10.38 -5.17 -19.10
N LYS B 6 9.76 -4.33 -19.93
CA LYS B 6 10.23 -2.97 -20.15
C LYS B 6 9.69 -2.02 -19.09
N TYR B 7 8.87 -2.57 -18.18
CA TYR B 7 8.19 -1.79 -17.17
C TYR B 7 7.23 -0.80 -17.81
N SER B 8 6.06 -1.29 -18.22
CA SER B 8 5.05 -0.47 -18.83
C SER B 8 4.27 0.27 -17.76
N ASP B 9 4.43 1.58 -17.73
CA ASP B 9 3.67 2.42 -16.83
C ASP B 9 2.21 2.40 -17.24
N ALA B 10 1.96 1.87 -18.44
CA ALA B 10 0.61 1.71 -18.94
C ALA B 10 0.01 0.42 -18.37
N GLN B 11 0.79 -0.66 -18.47
CA GLN B 11 0.40 -1.93 -17.88
C GLN B 11 0.23 -1.76 -16.37
N LEU B 12 1.18 -1.04 -15.78
CA LEU B 12 1.16 -0.73 -14.36
C LEU B 12 -0.14 -0.02 -13.98
N SER B 13 -0.40 1.12 -14.62
CA SER B 13 -1.55 1.95 -14.28
C SER B 13 -2.86 1.15 -14.38
N ALA B 14 -2.94 0.26 -15.36
CA ALA B 14 -4.12 -0.58 -15.53
C ALA B 14 -4.34 -1.46 -14.30
N ILE B 15 -3.24 -2.01 -13.78
CA ILE B 15 -3.30 -2.86 -12.60
C ILE B 15 -3.69 -2.04 -11.36
N VAL B 16 -3.18 -0.83 -11.28
CA VAL B 16 -3.52 0.05 -10.16
C VAL B 16 -4.99 0.46 -10.25
N ASN B 17 -5.47 0.63 -11.48
CA ASN B 17 -6.86 0.97 -11.72
C ASN B 17 -7.77 -0.21 -11.37
N ASP B 18 -7.26 -1.42 -11.55
CA ASP B 18 -7.96 -2.62 -11.12
C ASP B 18 -8.22 -2.56 -9.63
N MET B 19 -7.19 -2.15 -8.90
CA MET B 19 -7.27 -2.02 -7.44
C MET B 19 -8.41 -1.07 -7.05
N ILE B 20 -8.46 0.08 -7.71
CA ILE B 20 -9.52 1.05 -7.47
C ILE B 20 -10.88 0.46 -7.82
N ALA B 21 -10.95 -0.19 -8.97
CA ALA B 21 -12.18 -0.80 -9.45
C ALA B 21 -12.69 -1.86 -8.48
N VAL B 22 -11.84 -2.83 -8.15
CA VAL B 22 -12.24 -3.93 -7.28
C VAL B 22 -12.56 -3.43 -5.87
N LEU B 23 -11.91 -2.35 -5.47
CA LEU B 23 -12.19 -1.73 -4.18
C LEU B 23 -13.60 -1.16 -4.17
N GLU B 24 -13.94 -0.48 -5.26
CA GLU B 24 -15.26 0.13 -5.39
C GLU B 24 -16.34 -0.94 -5.60
N LYS B 25 -15.90 -2.14 -5.97
CA LYS B 25 -16.82 -3.27 -6.13
C LYS B 25 -17.06 -3.97 -4.80
N HIS B 26 -16.20 -3.70 -3.83
CA HIS B 26 -16.36 -4.26 -2.49
C HIS B 26 -16.96 -3.22 -1.55
N LYS B 27 -16.60 -1.96 -1.81
CA LYS B 27 -17.06 -0.83 -1.00
C LYS B 27 -16.65 -1.00 0.46
N ALA B 28 -15.40 -0.69 0.76
CA ALA B 28 -14.91 -0.73 2.12
C ALA B 28 -14.86 0.68 2.69
N PRO B 29 -15.27 0.85 3.95
CA PRO B 29 -15.41 2.17 4.59
C PRO B 29 -14.07 2.83 4.95
N VAL B 30 -13.10 2.74 4.03
CA VAL B 30 -11.76 3.31 4.19
C VAL B 30 -10.93 2.51 5.22
N ASP B 31 -11.54 2.22 6.37
CA ASP B 31 -10.88 1.44 7.43
C ASP B 31 -10.29 0.15 6.86
N LEU B 32 -11.17 -0.74 6.42
CA LEU B 32 -10.76 -2.03 5.88
C LEU B 32 -9.88 -1.86 4.64
N SER B 33 -10.12 -0.79 3.89
CA SER B 33 -9.36 -0.53 2.68
C SER B 33 -7.88 -0.31 3.03
N LEU B 34 -7.63 0.47 4.07
CA LEU B 34 -6.28 0.75 4.51
C LEU B 34 -5.65 -0.49 5.13
N ILE B 35 -6.43 -1.23 5.91
CA ILE B 35 -5.93 -2.41 6.59
C ILE B 35 -5.49 -3.48 5.57
N ALA B 36 -6.31 -3.70 4.55
CA ALA B 36 -5.98 -4.65 3.50
C ALA B 36 -4.66 -4.27 2.82
N LEU B 37 -4.53 -3.00 2.47
CA LEU B 37 -3.30 -2.50 1.88
C LEU B 37 -2.12 -2.66 2.85
N GLY B 38 -2.38 -2.40 4.12
CA GLY B 38 -1.36 -2.56 5.14
C GLY B 38 -0.90 -3.99 5.28
N ASN B 39 -1.86 -4.92 5.37
CA ASN B 39 -1.53 -6.34 5.46
C ASN B 39 -0.73 -6.79 4.25
N MET B 40 -1.20 -6.40 3.06
CA MET B 40 -0.54 -6.79 1.82
C MET B 40 0.88 -6.21 1.74
N ALA B 41 1.00 -4.92 2.04
CA ALA B 41 2.29 -4.23 1.97
C ALA B 41 3.30 -4.86 2.92
N SER B 42 2.92 -5.01 4.18
CA SER B 42 3.82 -5.55 5.18
C SER B 42 4.21 -6.99 4.86
N ASN B 43 3.23 -7.80 4.48
CA ASN B 43 3.46 -9.20 4.13
C ASN B 43 4.51 -9.31 3.03
N LEU B 44 4.32 -8.55 1.95
CA LEU B 44 5.25 -8.59 0.82
C LEU B 44 6.63 -8.12 1.22
N LEU B 45 6.69 -7.05 2.00
CA LEU B 45 7.98 -6.47 2.36
C LEU B 45 8.72 -7.32 3.39
N THR B 46 8.05 -8.29 3.98
CA THR B 46 8.71 -9.17 4.93
C THR B 46 8.80 -10.59 4.40
N THR B 47 8.48 -10.78 3.12
CA THR B 47 8.49 -12.10 2.53
C THR B 47 9.13 -12.10 1.13
N SER B 48 8.83 -11.10 0.32
CA SER B 48 9.23 -11.10 -1.08
C SER B 48 10.61 -10.47 -1.27
N VAL B 49 10.91 -9.45 -0.49
CA VAL B 49 12.17 -8.72 -0.64
C VAL B 49 13.10 -8.99 0.54
N PRO B 50 14.41 -8.73 0.34
CA PRO B 50 15.44 -8.92 1.39
C PRO B 50 15.05 -8.26 2.71
N GLN B 51 15.11 -9.04 3.78
CA GLN B 51 14.60 -8.65 5.09
C GLN B 51 15.30 -7.42 5.67
N THR B 52 16.52 -7.18 5.24
CA THR B 52 17.30 -6.08 5.79
C THR B 52 17.28 -4.89 4.87
N GLN B 53 16.95 -5.13 3.62
CA GLN B 53 16.94 -4.08 2.63
C GLN B 53 15.52 -3.58 2.46
N CYS B 54 14.57 -4.31 3.03
CA CYS B 54 13.17 -3.95 2.88
C CYS B 54 12.81 -2.82 3.84
N GLU B 55 13.38 -2.87 5.02
CA GLU B 55 13.16 -1.85 6.04
C GLU B 55 13.63 -0.50 5.54
N ALA B 56 14.78 -0.52 4.86
CA ALA B 56 15.36 0.70 4.29
C ALA B 56 14.47 1.25 3.18
N LEU B 57 14.00 0.37 2.30
CA LEU B 57 13.16 0.78 1.19
C LEU B 57 11.78 1.20 1.66
N ALA B 58 11.26 0.55 2.70
CA ALA B 58 9.97 0.91 3.28
C ALA B 58 10.04 2.29 3.91
N GLN B 59 11.18 2.61 4.50
CA GLN B 59 11.39 3.91 5.10
C GLN B 59 11.50 4.98 4.01
N ALA B 60 12.16 4.62 2.91
CA ALA B 60 12.28 5.52 1.77
C ALA B 60 10.93 5.68 1.07
N PHE B 61 10.15 4.61 1.07
CA PHE B 61 8.81 4.60 0.49
C PHE B 61 7.92 5.64 1.16
N SER B 62 7.95 5.66 2.49
CA SER B 62 7.15 6.60 3.26
C SER B 62 7.61 8.04 2.99
N ASN B 63 8.93 8.24 3.00
CA ASN B 63 9.51 9.55 2.65
C ASN B 63 8.94 10.05 1.33
N SER B 64 8.95 9.16 0.33
CA SER B 64 8.45 9.49 -0.99
C SER B 64 6.98 9.88 -0.94
N LEU B 65 6.21 9.21 -0.08
CA LEU B 65 4.79 9.52 0.08
C LEU B 65 4.60 10.93 0.62
N ILE B 66 5.37 11.27 1.66
CA ILE B 66 5.28 12.60 2.28
C ILE B 66 5.63 13.66 1.24
N ASN B 67 6.65 13.39 0.45
CA ASN B 67 7.10 14.32 -0.59
C ASN B 67 6.07 14.41 -1.69
N ALA B 68 5.48 13.29 -2.07
CA ALA B 68 4.46 13.24 -3.11
C ALA B 68 3.28 14.14 -2.77
N VAL B 69 2.83 14.05 -1.52
CA VAL B 69 1.72 14.88 -1.04
C VAL B 69 2.06 16.37 -1.17
N LYS B 70 3.25 16.74 -0.72
CA LYS B 70 3.68 18.13 -0.76
C LYS B 70 3.84 18.63 -2.19
N THR B 71 4.26 17.74 -3.08
CA THR B 71 4.46 18.10 -4.48
C THR B 71 3.11 18.19 -5.20
N ARG B 72 2.14 17.41 -4.74
CA ARG B 72 0.81 17.40 -5.33
C ARG B 72 0.11 18.74 -5.13
N LEU B 73 0.10 19.21 -3.89
CA LEU B 73 -0.50 20.49 -3.57
C LEU B 73 0.42 21.64 -3.96
N GLU B 74 1.72 21.39 -3.87
CA GLU B 74 2.75 22.37 -4.23
C GLU B 74 2.75 23.57 -3.28
N HIS B 75 3.45 24.62 -3.66
CA HIS B 75 3.65 25.79 -2.80
C HIS B 75 3.47 27.07 -3.60
N HIS B 76 2.94 28.11 -2.95
CA HIS B 76 2.84 29.44 -3.56
C HIS B 76 2.12 29.35 -4.91
N HIS B 77 0.81 29.14 -4.87
CA HIS B 77 0.08 28.80 -6.08
C HIS B 77 -1.14 29.71 -6.28
N HIS B 78 -1.42 30.56 -5.29
CA HIS B 78 -2.59 31.43 -5.37
C HIS B 78 -2.39 32.73 -4.61
N HIS B 79 -3.02 33.79 -5.12
CA HIS B 79 -3.10 35.10 -4.46
C HIS B 79 -1.81 35.91 -4.54
N HIS B 80 -0.68 35.23 -4.31
CA HIS B 80 0.60 35.90 -4.07
C HIS B 80 0.59 36.51 -2.67
N MET A 1 -30.98 -1.82 -0.03
CA MET A 1 -31.11 -3.27 0.29
C MET A 1 -29.75 -3.86 0.68
N ALA A 2 -28.86 -3.02 1.17
CA ALA A 2 -27.51 -3.45 1.47
C ALA A 2 -27.25 -3.42 2.97
N GLN A 3 -26.87 -4.57 3.52
CA GLN A 3 -26.51 -4.66 4.92
C GLN A 3 -25.10 -4.11 5.14
N HIS A 4 -24.78 -3.76 6.38
CA HIS A 4 -23.54 -3.09 6.68
C HIS A 4 -22.52 -4.01 7.32
N SER A 5 -21.54 -4.43 6.53
CA SER A 5 -20.41 -5.17 7.06
C SER A 5 -19.45 -4.21 7.74
N LYS A 6 -19.53 -4.16 9.07
CA LYS A 6 -18.80 -3.15 9.84
C LYS A 6 -17.36 -3.56 10.09
N TYR A 7 -17.15 -4.50 11.00
CA TYR A 7 -15.81 -4.91 11.40
C TYR A 7 -15.72 -6.41 11.57
N SER A 8 -15.43 -7.09 10.47
CA SER A 8 -15.18 -8.51 10.49
C SER A 8 -13.78 -8.78 9.96
N ASP A 9 -12.96 -9.45 10.76
CA ASP A 9 -11.63 -9.83 10.30
C ASP A 9 -11.75 -10.83 9.17
N ALA A 10 -12.92 -11.47 9.09
CA ALA A 10 -13.23 -12.38 8.00
C ALA A 10 -13.47 -11.57 6.73
N GLN A 11 -14.13 -10.43 6.89
CA GLN A 11 -14.37 -9.53 5.78
C GLN A 11 -13.05 -8.91 5.34
N LEU A 12 -12.27 -8.47 6.33
CA LEU A 12 -10.95 -7.92 6.09
C LEU A 12 -10.09 -8.90 5.29
N SER A 13 -10.01 -10.13 5.77
CA SER A 13 -9.20 -11.16 5.11
C SER A 13 -9.65 -11.37 3.67
N ALA A 14 -10.97 -11.38 3.45
CA ALA A 14 -11.52 -11.57 2.10
C ALA A 14 -11.10 -10.44 1.17
N ILE A 15 -11.01 -9.24 1.72
CA ILE A 15 -10.61 -8.07 0.94
C ILE A 15 -9.13 -8.15 0.55
N VAL A 16 -8.28 -8.39 1.53
CA VAL A 16 -6.84 -8.42 1.29
C VAL A 16 -6.47 -9.58 0.37
N ASN A 17 -7.09 -10.72 0.59
CA ASN A 17 -6.82 -11.91 -0.23
C ASN A 17 -7.32 -11.72 -1.65
N ASP A 18 -8.38 -10.92 -1.83
CA ASP A 18 -8.91 -10.66 -3.15
C ASP A 18 -7.91 -9.80 -3.91
N MET A 19 -7.45 -8.72 -3.28
CA MET A 19 -6.42 -7.86 -3.87
C MET A 19 -5.23 -8.68 -4.35
N ILE A 20 -4.72 -9.53 -3.46
CA ILE A 20 -3.58 -10.37 -3.78
C ILE A 20 -3.92 -11.36 -4.89
N ALA A 21 -5.06 -12.03 -4.77
CA ALA A 21 -5.47 -13.03 -5.76
C ALA A 21 -5.68 -12.41 -7.14
N VAL A 22 -6.37 -11.28 -7.18
CA VAL A 22 -6.64 -10.61 -8.44
C VAL A 22 -5.33 -10.16 -9.10
N LEU A 23 -4.43 -9.62 -8.28
CA LEU A 23 -3.12 -9.22 -8.75
C LEU A 23 -2.33 -10.44 -9.24
N GLU A 24 -2.40 -11.51 -8.47
CA GLU A 24 -1.76 -12.77 -8.80
C GLU A 24 -2.27 -13.32 -10.14
N LYS A 25 -3.56 -13.14 -10.37
CA LYS A 25 -4.21 -13.65 -11.58
C LYS A 25 -3.79 -12.88 -12.82
N HIS A 26 -3.15 -11.73 -12.62
CA HIS A 26 -2.54 -11.00 -13.72
C HIS A 26 -1.03 -11.24 -13.71
N LYS A 27 -0.50 -11.44 -12.51
CA LYS A 27 0.93 -11.59 -12.28
C LYS A 27 1.65 -10.28 -12.60
N ALA A 28 1.83 -9.46 -11.58
CA ALA A 28 2.55 -8.21 -11.73
C ALA A 28 3.96 -8.34 -11.18
N PRO A 29 4.95 -7.77 -11.87
CA PRO A 29 6.35 -7.81 -11.43
C PRO A 29 6.55 -7.03 -10.14
N VAL A 30 7.55 -7.43 -9.37
CA VAL A 30 7.81 -6.83 -8.06
C VAL A 30 8.04 -5.32 -8.17
N ASP A 31 8.60 -4.89 -9.29
CA ASP A 31 8.84 -3.47 -9.50
C ASP A 31 7.55 -2.74 -9.80
N LEU A 32 6.78 -3.27 -10.73
CA LEU A 32 5.52 -2.64 -11.16
C LEU A 32 4.46 -2.69 -10.08
N SER A 33 4.43 -3.78 -9.31
CA SER A 33 3.46 -3.92 -8.23
C SER A 33 3.67 -2.84 -7.17
N LEU A 34 4.93 -2.54 -6.88
CA LEU A 34 5.26 -1.50 -5.91
C LEU A 34 4.85 -0.13 -6.44
N ILE A 35 5.00 0.08 -7.74
CA ILE A 35 4.61 1.34 -8.36
C ILE A 35 3.09 1.51 -8.31
N ALA A 36 2.38 0.46 -8.69
CA ALA A 36 0.92 0.46 -8.65
C ALA A 36 0.43 0.73 -7.24
N LEU A 37 1.03 0.04 -6.27
CA LEU A 37 0.65 0.21 -4.87
C LEU A 37 1.04 1.60 -4.38
N GLY A 38 2.22 2.08 -4.78
CA GLY A 38 2.67 3.39 -4.39
C GLY A 38 1.76 4.50 -4.90
N ASN A 39 1.45 4.46 -6.20
CA ASN A 39 0.55 5.43 -6.80
C ASN A 39 -0.83 5.37 -6.15
N MET A 40 -1.29 4.15 -5.88
CA MET A 40 -2.61 3.94 -5.28
C MET A 40 -2.64 4.44 -3.84
N ALA A 41 -1.63 4.05 -3.06
CA ALA A 41 -1.55 4.44 -1.66
C ALA A 41 -1.53 5.95 -1.51
N SER A 42 -0.69 6.62 -2.29
CA SER A 42 -0.56 8.06 -2.23
C SER A 42 -1.90 8.74 -2.52
N ASN A 43 -2.57 8.30 -3.59
CA ASN A 43 -3.86 8.86 -3.97
C ASN A 43 -4.87 8.68 -2.85
N LEU A 44 -4.97 7.46 -2.34
CA LEU A 44 -5.93 7.15 -1.29
C LEU A 44 -5.62 7.93 -0.01
N LEU A 45 -4.34 8.14 0.26
CA LEU A 45 -3.93 8.87 1.45
C LEU A 45 -4.14 10.37 1.28
N THR A 46 -4.36 10.82 0.06
CA THR A 46 -4.63 12.23 -0.18
C THR A 46 -6.11 12.50 -0.45
N THR A 47 -6.92 11.44 -0.55
CA THR A 47 -8.34 11.63 -0.85
C THR A 47 -9.26 10.86 0.10
N SER A 48 -8.89 9.65 0.48
CA SER A 48 -9.80 8.78 1.21
C SER A 48 -9.67 8.93 2.71
N VAL A 49 -8.44 9.02 3.19
CA VAL A 49 -8.20 9.27 4.60
C VAL A 49 -8.25 10.77 4.86
N PRO A 50 -8.87 11.20 5.98
CA PRO A 50 -9.02 12.62 6.34
C PRO A 50 -7.79 13.47 5.99
N GLN A 51 -7.94 14.26 4.92
CA GLN A 51 -6.84 15.02 4.37
C GLN A 51 -6.48 16.20 5.27
N THR A 52 -7.36 16.48 6.23
CA THR A 52 -7.10 17.51 7.22
C THR A 52 -6.02 17.03 8.21
N GLN A 53 -5.69 15.74 8.11
CA GLN A 53 -4.64 15.14 8.92
C GLN A 53 -3.77 14.25 8.05
N CYS A 54 -3.78 14.53 6.75
CA CYS A 54 -3.12 13.70 5.75
C CYS A 54 -1.67 13.40 6.12
N GLU A 55 -0.90 14.45 6.35
CA GLU A 55 0.53 14.29 6.64
C GLU A 55 0.75 13.44 7.89
N ALA A 56 -0.02 13.74 8.93
CA ALA A 56 0.11 13.05 10.20
C ALA A 56 -0.21 11.56 10.06
N LEU A 57 -1.34 11.27 9.44
CA LEU A 57 -1.82 9.89 9.34
C LEU A 57 -0.96 9.07 8.38
N ALA A 58 -0.52 9.68 7.29
CA ALA A 58 0.32 9.00 6.32
C ALA A 58 1.66 8.59 6.94
N GLN A 59 2.24 9.49 7.70
CA GLN A 59 3.51 9.22 8.37
C GLN A 59 3.31 8.31 9.57
N ALA A 60 2.15 8.40 10.20
CA ALA A 60 1.80 7.51 11.30
C ALA A 60 1.69 6.07 10.80
N PHE A 61 0.96 5.90 9.70
CA PHE A 61 0.83 4.60 9.05
C PHE A 61 2.20 4.02 8.74
N SER A 62 3.06 4.86 8.19
CA SER A 62 4.42 4.47 7.85
C SER A 62 5.17 3.96 9.09
N ASN A 63 5.25 4.80 10.11
CA ASN A 63 6.00 4.47 11.33
C ASN A 63 5.48 3.21 12.00
N SER A 64 4.16 3.07 12.07
CA SER A 64 3.55 1.89 12.68
C SER A 64 3.77 0.66 11.82
N LEU A 65 3.85 0.86 10.51
CA LEU A 65 4.13 -0.22 9.58
C LEU A 65 5.55 -0.73 9.77
N ILE A 66 6.48 0.20 10.01
CA ILE A 66 7.88 -0.15 10.25
C ILE A 66 7.99 -1.08 11.44
N ASN A 67 7.34 -0.69 12.54
CA ASN A 67 7.38 -1.47 13.77
C ASN A 67 6.73 -2.84 13.57
N ALA A 68 5.69 -2.88 12.74
CA ALA A 68 5.03 -4.14 12.41
C ALA A 68 5.99 -5.08 11.69
N VAL A 69 6.72 -4.54 10.72
CA VAL A 69 7.72 -5.31 9.98
C VAL A 69 8.83 -5.79 10.92
N LYS A 70 9.30 -4.89 11.77
CA LYS A 70 10.34 -5.23 12.74
C LYS A 70 9.89 -6.37 13.65
N THR A 71 8.66 -6.27 14.15
CA THR A 71 8.12 -7.29 15.04
C THR A 71 7.92 -8.62 14.30
N ARG A 72 7.61 -8.53 13.01
CA ARG A 72 7.42 -9.70 12.17
C ARG A 72 8.67 -10.57 12.16
N LEU A 73 9.82 -9.94 12.00
CA LEU A 73 11.08 -10.65 11.94
C LEU A 73 11.71 -10.82 13.33
N GLU A 74 11.82 -9.73 14.07
CA GLU A 74 12.61 -9.71 15.31
C GLU A 74 11.90 -10.47 16.43
N HIS A 75 12.60 -11.42 17.03
CA HIS A 75 12.06 -12.18 18.16
C HIS A 75 12.97 -12.09 19.38
N HIS A 76 14.00 -11.26 19.28
CA HIS A 76 14.91 -11.05 20.41
C HIS A 76 14.22 -10.23 21.49
N HIS A 77 13.77 -10.92 22.53
CA HIS A 77 13.04 -10.27 23.61
C HIS A 77 14.01 -9.83 24.72
N HIS A 78 14.55 -8.64 24.54
CA HIS A 78 15.45 -8.03 25.52
C HIS A 78 15.81 -6.64 25.05
N HIS A 79 15.32 -5.63 25.75
CA HIS A 79 15.45 -4.24 25.30
C HIS A 79 16.83 -3.65 25.62
N HIS A 80 17.83 -4.51 25.68
CA HIS A 80 19.21 -4.09 25.82
C HIS A 80 20.12 -5.27 25.54
N MET B 1 4.43 -15.51 -21.25
CA MET B 1 5.77 -15.18 -21.79
C MET B 1 6.00 -13.68 -21.73
N ALA B 2 7.19 -13.25 -22.16
CA ALA B 2 7.53 -11.84 -22.18
C ALA B 2 8.18 -11.47 -23.50
N GLN B 3 7.58 -10.52 -24.20
CA GLN B 3 8.10 -10.10 -25.49
C GLN B 3 9.00 -8.89 -25.33
N HIS B 4 8.39 -7.75 -25.05
CA HIS B 4 9.12 -6.50 -24.88
C HIS B 4 8.71 -5.82 -23.59
N SER B 5 9.07 -4.55 -23.45
CA SER B 5 8.83 -3.80 -22.23
C SER B 5 7.33 -3.67 -21.93
N LYS B 6 6.94 -4.09 -20.74
CA LYS B 6 5.57 -3.92 -20.26
C LYS B 6 5.50 -2.78 -19.26
N TYR B 7 6.59 -2.02 -19.19
CA TYR B 7 6.69 -0.89 -18.27
C TYR B 7 6.04 0.36 -18.84
N SER B 8 4.86 0.19 -19.43
CA SER B 8 4.13 1.31 -20.01
C SER B 8 3.28 1.98 -18.95
N ASP B 9 3.18 3.29 -19.02
CA ASP B 9 2.26 4.03 -18.15
C ASP B 9 0.85 3.53 -18.40
N ALA B 10 0.60 3.08 -19.62
CA ALA B 10 -0.68 2.52 -19.99
C ALA B 10 -0.87 1.16 -19.33
N GLN B 11 0.22 0.40 -19.20
CA GLN B 11 0.17 -0.90 -18.57
C GLN B 11 0.06 -0.76 -17.06
N LEU B 12 0.83 0.18 -16.52
CA LEU B 12 0.78 0.48 -15.09
C LEU B 12 -0.62 0.91 -14.69
N SER B 13 -1.13 1.95 -15.34
CA SER B 13 -2.44 2.49 -15.03
C SER B 13 -3.52 1.42 -15.13
N ALA B 14 -3.37 0.52 -16.10
CA ALA B 14 -4.31 -0.58 -16.26
C ALA B 14 -4.39 -1.41 -14.98
N ILE B 15 -3.23 -1.74 -14.42
CA ILE B 15 -3.16 -2.55 -13.21
C ILE B 15 -3.68 -1.77 -12.01
N VAL B 16 -3.19 -0.54 -11.84
CA VAL B 16 -3.56 0.28 -10.68
C VAL B 16 -5.06 0.58 -10.70
N ASN B 17 -5.57 0.95 -11.87
CA ASN B 17 -6.97 1.34 -12.01
C ASN B 17 -7.88 0.16 -11.72
N ASP B 18 -7.49 -1.03 -12.16
CA ASP B 18 -8.31 -2.20 -11.96
C ASP B 18 -8.40 -2.49 -10.49
N MET B 19 -7.26 -2.46 -9.80
CA MET B 19 -7.23 -2.71 -8.35
C MET B 19 -8.18 -1.77 -7.62
N ILE B 20 -8.19 -0.50 -8.03
CA ILE B 20 -9.09 0.49 -7.47
C ILE B 20 -10.55 0.12 -7.75
N ALA B 21 -10.82 -0.26 -9.00
CA ALA B 21 -12.16 -0.66 -9.41
C ALA B 21 -12.62 -1.90 -8.66
N VAL B 22 -11.69 -2.83 -8.44
CA VAL B 22 -11.97 -4.07 -7.70
C VAL B 22 -12.30 -3.73 -6.24
N LEU B 23 -11.56 -2.79 -5.67
CA LEU B 23 -11.82 -2.30 -4.33
C LEU B 23 -13.20 -1.65 -4.25
N GLU B 24 -13.58 -0.97 -5.32
CA GLU B 24 -14.88 -0.32 -5.39
C GLU B 24 -15.98 -1.36 -5.63
N LYS B 25 -15.61 -2.42 -6.33
CA LYS B 25 -16.51 -3.54 -6.59
C LYS B 25 -16.94 -4.22 -5.30
N HIS B 26 -15.95 -4.52 -4.45
CA HIS B 26 -16.21 -5.17 -3.18
C HIS B 26 -16.72 -4.13 -2.18
N LYS B 27 -16.32 -2.89 -2.43
CA LYS B 27 -16.67 -1.74 -1.60
C LYS B 27 -16.24 -1.94 -0.15
N ALA B 28 -14.97 -1.64 0.08
CA ALA B 28 -14.43 -1.68 1.43
C ALA B 28 -14.32 -0.27 1.98
N PRO B 29 -14.75 -0.07 3.24
CA PRO B 29 -14.62 1.23 3.90
C PRO B 29 -13.16 1.57 4.19
N VAL B 30 -12.88 2.85 4.42
CA VAL B 30 -11.52 3.31 4.68
C VAL B 30 -10.91 2.58 5.88
N ASP B 31 -11.78 2.12 6.77
CA ASP B 31 -11.36 1.35 7.94
C ASP B 31 -10.63 0.08 7.50
N LEU B 32 -11.41 -0.82 6.90
CA LEU B 32 -10.90 -2.13 6.51
C LEU B 32 -9.93 -2.03 5.33
N SER B 33 -10.15 -1.05 4.47
CA SER B 33 -9.27 -0.84 3.32
C SER B 33 -7.87 -0.45 3.79
N LEU B 34 -7.81 0.33 4.87
CA LEU B 34 -6.54 0.76 5.43
C LEU B 34 -5.80 -0.44 6.01
N ILE B 35 -6.55 -1.29 6.72
CA ILE B 35 -5.98 -2.50 7.30
C ILE B 35 -5.49 -3.44 6.19
N ALA B 36 -6.28 -3.59 5.13
CA ALA B 36 -5.92 -4.41 3.99
C ALA B 36 -4.60 -3.95 3.38
N LEU B 37 -4.51 -2.65 3.09
CA LEU B 37 -3.29 -2.07 2.54
C LEU B 37 -2.13 -2.24 3.52
N GLY B 38 -2.42 -2.11 4.81
CA GLY B 38 -1.41 -2.29 5.83
C GLY B 38 -0.81 -3.69 5.80
N ASN B 39 -1.67 -4.69 5.71
CA ASN B 39 -1.22 -6.07 5.64
C ASN B 39 -0.53 -6.34 4.30
N MET B 40 -1.13 -5.86 3.22
CA MET B 40 -0.59 -6.06 1.89
C MET B 40 0.82 -5.46 1.77
N ALA B 41 0.98 -4.24 2.25
CA ALA B 41 2.27 -3.56 2.21
C ALA B 41 3.32 -4.32 3.03
N SER B 42 2.94 -4.73 4.23
CA SER B 42 3.85 -5.43 5.13
C SER B 42 4.29 -6.75 4.51
N ASN B 43 3.32 -7.55 4.07
CA ASN B 43 3.59 -8.86 3.49
C ASN B 43 4.56 -8.75 2.32
N LEU B 44 4.37 -7.74 1.48
CA LEU B 44 5.26 -7.53 0.35
C LEU B 44 6.66 -7.14 0.82
N LEU B 45 6.73 -6.13 1.67
CA LEU B 45 8.01 -5.57 2.11
C LEU B 45 8.77 -6.55 3.01
N THR B 46 8.16 -7.66 3.37
CA THR B 46 8.84 -8.65 4.19
C THR B 46 9.33 -9.86 3.38
N THR B 47 8.87 -10.02 2.14
CA THR B 47 9.23 -11.21 1.38
C THR B 47 9.59 -10.92 -0.10
N SER B 48 9.18 -9.79 -0.64
CA SER B 48 9.46 -9.49 -2.05
C SER B 48 10.77 -8.73 -2.19
N VAL B 49 11.37 -8.41 -1.06
CA VAL B 49 12.62 -7.66 -1.02
C VAL B 49 13.63 -8.40 -0.14
N PRO B 50 14.86 -7.88 0.01
CA PRO B 50 15.83 -8.43 0.97
C PRO B 50 15.19 -8.57 2.35
N GLN B 51 15.00 -9.82 2.78
CA GLN B 51 14.25 -10.11 3.99
C GLN B 51 14.93 -9.58 5.25
N THR B 52 16.25 -9.49 5.23
CA THR B 52 16.98 -8.96 6.39
C THR B 52 16.96 -7.43 6.36
N GLN B 53 16.44 -6.88 5.27
CA GLN B 53 16.38 -5.44 5.09
C GLN B 53 14.92 -5.01 4.94
N CYS B 54 14.01 -5.86 5.40
CA CYS B 54 12.58 -5.62 5.26
C CYS B 54 12.17 -4.26 5.81
N GLU B 55 12.65 -3.91 7.00
CA GLU B 55 12.30 -2.64 7.60
C GLU B 55 12.98 -1.49 6.87
N ALA B 56 14.11 -1.77 6.24
CA ALA B 56 14.84 -0.75 5.48
C ALA B 56 14.09 -0.43 4.19
N LEU B 57 13.60 -1.46 3.52
CA LEU B 57 12.81 -1.27 2.31
C LEU B 57 11.48 -0.60 2.65
N ALA B 58 10.96 -0.90 3.84
CA ALA B 58 9.77 -0.25 4.34
C ALA B 58 9.99 1.25 4.50
N GLN B 59 11.14 1.61 5.06
CA GLN B 59 11.53 3.01 5.22
C GLN B 59 11.68 3.68 3.85
N ALA B 60 12.28 2.94 2.92
CA ALA B 60 12.45 3.43 1.56
C ALA B 60 11.10 3.68 0.89
N PHE B 61 10.19 2.73 1.06
CA PHE B 61 8.85 2.86 0.50
C PHE B 61 8.12 4.04 1.14
N SER B 62 8.29 4.19 2.45
CA SER B 62 7.71 5.31 3.18
C SER B 62 8.18 6.64 2.60
N ASN B 63 9.50 6.84 2.55
CA ASN B 63 10.08 8.07 2.01
C ASN B 63 9.59 8.35 0.59
N SER B 64 9.43 7.30 -0.20
CA SER B 64 8.92 7.43 -1.55
C SER B 64 7.48 7.94 -1.54
N LEU B 65 6.69 7.42 -0.60
CA LEU B 65 5.30 7.87 -0.44
C LEU B 65 5.23 9.31 0.06
N ILE B 66 6.11 9.67 0.99
CA ILE B 66 6.15 11.02 1.52
C ILE B 66 6.38 12.02 0.40
N ASN B 67 7.33 11.71 -0.47
CA ASN B 67 7.64 12.56 -1.61
C ASN B 67 6.50 12.56 -2.64
N ALA B 68 5.84 11.41 -2.77
CA ALA B 68 4.73 11.28 -3.70
C ALA B 68 3.55 12.14 -3.24
N VAL B 69 3.15 11.97 -1.99
CA VAL B 69 2.07 12.77 -1.40
C VAL B 69 2.41 14.25 -1.47
N LYS B 70 3.65 14.58 -1.13
CA LYS B 70 4.14 15.95 -1.16
C LYS B 70 3.97 16.57 -2.54
N THR B 71 4.44 15.88 -3.56
CA THR B 71 4.40 16.40 -4.93
C THR B 71 2.98 16.38 -5.50
N ARG B 72 2.15 15.47 -4.99
CA ARG B 72 0.76 15.37 -5.42
C ARG B 72 -0.02 16.60 -4.93
N LEU B 73 0.24 16.99 -3.69
CA LEU B 73 -0.48 18.09 -3.07
C LEU B 73 0.16 19.43 -3.42
N GLU B 74 1.48 19.52 -3.29
CA GLU B 74 2.19 20.77 -3.53
C GLU B 74 2.56 20.90 -5.00
N HIS B 75 1.87 21.79 -5.70
CA HIS B 75 2.12 21.98 -7.12
C HIS B 75 3.14 23.09 -7.35
N HIS B 76 3.60 23.70 -6.27
CA HIS B 76 4.70 24.67 -6.39
C HIS B 76 6.03 23.93 -6.28
N HIS B 77 6.49 23.37 -7.40
CA HIS B 77 7.74 22.65 -7.42
C HIS B 77 8.47 22.89 -8.74
N HIS B 78 9.11 24.06 -8.82
CA HIS B 78 9.88 24.47 -10.00
C HIS B 78 9.00 24.75 -11.21
N HIS B 79 9.40 25.72 -12.01
CA HIS B 79 8.71 26.04 -13.24
C HIS B 79 9.73 26.19 -14.37
N HIS B 80 9.44 25.59 -15.51
CA HIS B 80 10.37 25.62 -16.63
C HIS B 80 9.83 26.51 -17.73
N MET A 1 -27.80 -9.02 -0.33
CA MET A 1 -27.76 -9.02 1.15
C MET A 1 -26.42 -8.47 1.62
N ALA A 2 -26.42 -7.24 2.11
CA ALA A 2 -25.20 -6.56 2.51
C ALA A 2 -25.27 -6.16 3.99
N GLN A 3 -26.04 -6.93 4.75
CA GLN A 3 -26.24 -6.67 6.16
C GLN A 3 -24.94 -6.87 6.94
N HIS A 4 -24.01 -7.59 6.34
CA HIS A 4 -22.69 -7.85 6.94
C HIS A 4 -21.70 -6.74 6.60
N SER A 5 -22.20 -5.61 6.10
CA SER A 5 -21.33 -4.51 5.70
C SER A 5 -21.15 -3.52 6.84
N LYS A 6 -21.51 -3.93 8.05
CA LYS A 6 -21.36 -3.09 9.24
C LYS A 6 -19.96 -3.22 9.83
N TYR A 7 -18.95 -3.06 8.98
CA TYR A 7 -17.54 -3.13 9.38
C TYR A 7 -17.22 -4.53 9.93
N SER A 8 -16.96 -5.46 9.02
CA SER A 8 -16.68 -6.82 9.40
C SER A 8 -15.22 -7.15 9.11
N ASP A 9 -14.57 -7.83 10.04
CA ASP A 9 -13.20 -8.30 9.83
C ASP A 9 -13.20 -9.36 8.74
N ALA A 10 -14.36 -10.00 8.56
CA ALA A 10 -14.50 -11.01 7.52
C ALA A 10 -14.78 -10.34 6.19
N GLN A 11 -15.47 -9.20 6.24
CA GLN A 11 -15.72 -8.40 5.05
C GLN A 11 -14.41 -7.80 4.56
N LEU A 12 -13.60 -7.33 5.52
CA LEU A 12 -12.28 -6.80 5.23
C LEU A 12 -11.45 -7.80 4.45
N SER A 13 -11.29 -8.99 5.00
CA SER A 13 -10.43 -9.97 4.39
C SER A 13 -11.05 -10.57 3.15
N ALA A 14 -12.36 -10.51 3.02
CA ALA A 14 -12.98 -10.92 1.77
C ALA A 14 -12.41 -10.06 0.65
N ILE A 15 -12.26 -8.77 0.93
CA ILE A 15 -11.70 -7.83 -0.02
C ILE A 15 -10.20 -8.08 -0.21
N VAL A 16 -9.43 -8.07 0.88
CA VAL A 16 -7.97 -8.17 0.77
C VAL A 16 -7.51 -9.56 0.31
N ASN A 17 -8.25 -10.59 0.69
CA ASN A 17 -7.91 -11.95 0.26
C ASN A 17 -8.30 -12.16 -1.18
N ASP A 18 -9.33 -11.46 -1.65
CA ASP A 18 -9.69 -11.50 -3.05
C ASP A 18 -8.64 -10.71 -3.82
N MET A 19 -8.21 -9.59 -3.24
CA MET A 19 -7.14 -8.77 -3.81
C MET A 19 -5.89 -9.61 -4.08
N ILE A 20 -5.51 -10.44 -3.12
CA ILE A 20 -4.39 -11.34 -3.29
C ILE A 20 -4.65 -12.32 -4.43
N ALA A 21 -5.89 -12.79 -4.53
CA ALA A 21 -6.29 -13.68 -5.62
C ALA A 21 -6.23 -12.94 -6.95
N VAL A 22 -6.58 -11.67 -6.94
CA VAL A 22 -6.53 -10.82 -8.13
C VAL A 22 -5.09 -10.68 -8.63
N LEU A 23 -4.17 -10.56 -7.70
CA LEU A 23 -2.74 -10.50 -8.03
C LEU A 23 -2.33 -11.77 -8.78
N GLU A 24 -2.67 -12.91 -8.20
CA GLU A 24 -2.35 -14.20 -8.81
C GLU A 24 -3.22 -14.46 -10.04
N LYS A 25 -4.30 -13.70 -10.13
CA LYS A 25 -5.23 -13.79 -11.24
C LYS A 25 -4.64 -13.08 -12.45
N HIS A 26 -3.97 -11.98 -12.19
CA HIS A 26 -3.33 -11.19 -13.24
C HIS A 26 -1.95 -11.77 -13.53
N LYS A 27 -1.44 -12.58 -12.59
CA LYS A 27 -0.16 -13.28 -12.74
C LYS A 27 0.99 -12.29 -12.85
N ALA A 28 0.93 -11.19 -12.11
CA ALA A 28 2.00 -10.22 -12.14
C ALA A 28 2.93 -10.45 -10.95
N PRO A 29 4.25 -10.28 -11.16
CA PRO A 29 5.23 -10.55 -10.11
C PRO A 29 5.08 -9.59 -8.93
N VAL A 30 5.59 -9.99 -7.78
CA VAL A 30 5.54 -9.18 -6.58
C VAL A 30 6.16 -7.80 -6.83
N ASP A 31 7.08 -7.73 -7.77
CA ASP A 31 7.73 -6.47 -8.13
C ASP A 31 6.72 -5.49 -8.69
N LEU A 32 6.18 -5.83 -9.86
CA LEU A 32 5.29 -4.94 -10.59
C LEU A 32 3.98 -4.71 -9.84
N SER A 33 3.46 -5.75 -9.21
CA SER A 33 2.20 -5.67 -8.50
C SER A 33 2.32 -4.79 -7.25
N LEU A 34 3.53 -4.72 -6.68
CA LEU A 34 3.76 -3.87 -5.52
C LEU A 34 3.80 -2.42 -5.97
N ILE A 35 4.37 -2.18 -7.15
CA ILE A 35 4.40 -0.83 -7.71
C ILE A 35 2.97 -0.30 -7.91
N ALA A 36 2.07 -1.19 -8.32
CA ALA A 36 0.66 -0.85 -8.45
C ALA A 36 0.09 -0.41 -7.11
N LEU A 37 0.44 -1.16 -6.08
CA LEU A 37 0.03 -0.82 -4.72
C LEU A 37 0.56 0.56 -4.33
N GLY A 38 1.82 0.81 -4.67
CA GLY A 38 2.43 2.09 -4.39
C GLY A 38 1.73 3.24 -5.12
N ASN A 39 1.40 3.01 -6.39
CA ASN A 39 0.66 3.99 -7.18
C ASN A 39 -0.68 4.31 -6.53
N MET A 40 -1.37 3.28 -6.07
CA MET A 40 -2.69 3.47 -5.48
C MET A 40 -2.59 4.09 -4.09
N ALA A 41 -1.59 3.64 -3.31
CA ALA A 41 -1.39 4.15 -1.97
C ALA A 41 -1.18 5.66 -1.96
N SER A 42 -0.28 6.12 -2.82
CA SER A 42 0.04 7.54 -2.89
C SER A 42 -1.17 8.35 -3.35
N ASN A 43 -1.86 7.84 -4.37
CA ASN A 43 -3.04 8.48 -4.92
C ASN A 43 -4.09 8.71 -3.83
N LEU A 44 -4.34 7.66 -3.04
CA LEU A 44 -5.35 7.73 -1.99
C LEU A 44 -4.90 8.62 -0.84
N LEU A 45 -3.63 8.49 -0.44
CA LEU A 45 -3.12 9.20 0.72
C LEU A 45 -2.94 10.69 0.43
N THR A 46 -3.02 11.08 -0.82
CA THR A 46 -2.93 12.50 -1.16
C THR A 46 -4.31 13.11 -1.37
N THR A 47 -5.29 12.28 -1.66
CA THR A 47 -6.63 12.77 -1.96
C THR A 47 -7.56 12.71 -0.75
N SER A 48 -7.60 11.56 -0.08
CA SER A 48 -8.56 11.36 0.99
C SER A 48 -7.90 11.47 2.36
N VAL A 49 -6.79 12.19 2.42
CA VAL A 49 -6.05 12.35 3.66
C VAL A 49 -6.73 13.37 4.58
N PRO A 50 -7.19 12.92 5.76
CA PRO A 50 -7.78 13.81 6.77
C PRO A 50 -6.75 14.75 7.37
N GLN A 51 -5.48 14.32 7.30
CA GLN A 51 -4.32 15.09 7.80
C GLN A 51 -4.29 15.13 9.33
N THR A 52 -5.37 15.65 9.91
CA THR A 52 -5.46 15.94 11.34
C THR A 52 -4.85 14.85 12.22
N GLN A 53 -5.30 13.63 12.02
CA GLN A 53 -4.78 12.48 12.74
C GLN A 53 -4.08 11.52 11.79
N CYS A 54 -4.32 11.72 10.50
CA CYS A 54 -3.84 10.80 9.48
C CYS A 54 -2.33 10.87 9.32
N GLU A 55 -1.76 12.07 9.47
CA GLU A 55 -0.32 12.24 9.30
C GLU A 55 0.42 11.48 10.39
N ALA A 56 -0.10 11.55 11.60
CA ALA A 56 0.46 10.83 12.74
C ALA A 56 0.37 9.33 12.52
N LEU A 57 -0.83 8.85 12.22
CA LEU A 57 -1.06 7.42 12.02
C LEU A 57 -0.27 6.88 10.85
N ALA A 58 -0.07 7.71 9.82
CA ALA A 58 0.73 7.32 8.67
C ALA A 58 2.17 7.05 9.09
N GLN A 59 2.75 8.00 9.83
CA GLN A 59 4.10 7.84 10.34
C GLN A 59 4.18 6.72 11.37
N ALA A 60 3.12 6.54 12.13
CA ALA A 60 3.05 5.46 13.11
C ALA A 60 3.04 4.10 12.42
N PHE A 61 2.16 3.94 11.44
CA PHE A 61 2.06 2.69 10.69
C PHE A 61 3.36 2.43 9.93
N SER A 62 3.94 3.50 9.39
CA SER A 62 5.21 3.42 8.70
C SER A 62 6.26 2.79 9.61
N ASN A 63 6.47 3.41 10.77
CA ASN A 63 7.45 2.92 11.74
C ASN A 63 7.07 1.54 12.28
N SER A 64 5.77 1.22 12.27
CA SER A 64 5.32 -0.11 12.64
C SER A 64 5.88 -1.13 11.66
N LEU A 65 5.83 -0.78 10.37
CA LEU A 65 6.40 -1.62 9.33
C LEU A 65 7.91 -1.67 9.45
N ILE A 66 8.52 -0.52 9.74
CA ILE A 66 9.96 -0.42 9.92
C ILE A 66 10.44 -1.37 11.01
N ASN A 67 9.77 -1.32 12.15
CA ASN A 67 10.12 -2.17 13.28
C ASN A 67 9.82 -3.64 12.98
N ALA A 68 8.81 -3.88 12.15
CA ALA A 68 8.49 -5.24 11.73
C ALA A 68 9.62 -5.82 10.89
N VAL A 69 10.09 -5.02 9.93
CA VAL A 69 11.23 -5.40 9.09
C VAL A 69 12.49 -5.53 9.94
N LYS A 70 12.69 -4.56 10.83
CA LYS A 70 13.81 -4.57 11.77
C LYS A 70 13.86 -5.91 12.52
N THR A 71 12.75 -6.24 13.16
CA THR A 71 12.64 -7.47 13.93
C THR A 71 12.83 -8.70 13.05
N ARG A 72 12.40 -8.60 11.80
CA ARG A 72 12.50 -9.71 10.87
C ARG A 72 13.96 -10.01 10.51
N LEU A 73 14.77 -8.96 10.43
CA LEU A 73 16.18 -9.11 10.11
C LEU A 73 17.01 -9.45 11.35
N GLU A 74 16.46 -9.19 12.51
CA GLU A 74 17.10 -9.56 13.77
C GLU A 74 16.79 -11.00 14.13
N HIS A 75 15.51 -11.31 14.14
CA HIS A 75 15.03 -12.60 14.62
C HIS A 75 14.81 -13.55 13.44
N HIS A 76 15.59 -14.62 13.39
CA HIS A 76 15.47 -15.59 12.32
C HIS A 76 15.19 -16.97 12.88
N HIS A 77 16.05 -17.43 13.78
CA HIS A 77 15.90 -18.73 14.39
C HIS A 77 16.01 -18.65 15.90
N HIS A 78 14.89 -18.83 16.57
CA HIS A 78 14.87 -18.95 18.01
C HIS A 78 14.48 -20.38 18.39
N HIS A 79 15.16 -20.93 19.38
CA HIS A 79 14.95 -22.31 19.81
C HIS A 79 13.53 -22.50 20.36
N HIS A 80 13.34 -22.20 21.62
CA HIS A 80 12.04 -22.27 22.26
C HIS A 80 11.88 -21.11 23.21
N MET B 1 20.58 -9.30 -18.26
CA MET B 1 19.60 -9.62 -19.33
C MET B 1 18.70 -8.42 -19.58
N ALA B 2 18.72 -7.92 -20.82
CA ALA B 2 17.94 -6.74 -21.17
C ALA B 2 16.61 -7.13 -21.80
N GLN B 3 16.27 -8.41 -21.70
CA GLN B 3 14.99 -8.90 -22.22
C GLN B 3 14.06 -9.21 -21.06
N HIS B 4 13.01 -8.43 -20.93
CA HIS B 4 12.06 -8.61 -19.83
C HIS B 4 10.64 -8.43 -20.34
N SER B 5 9.76 -9.33 -19.92
CA SER B 5 8.37 -9.31 -20.35
C SER B 5 7.45 -9.06 -19.17
N LYS B 6 6.23 -8.59 -19.45
CA LYS B 6 5.18 -8.38 -18.44
C LYS B 6 5.48 -7.15 -17.57
N TYR B 7 6.75 -6.87 -17.36
CA TYR B 7 7.17 -5.71 -16.56
C TYR B 7 7.10 -4.46 -17.42
N SER B 8 5.92 -4.18 -17.96
CA SER B 8 5.69 -3.05 -18.83
C SER B 8 4.96 -1.95 -18.09
N ASP B 9 5.29 -0.71 -18.45
CA ASP B 9 4.60 0.45 -17.89
C ASP B 9 3.14 0.41 -18.31
N ALA B 10 2.90 -0.21 -19.46
CA ALA B 10 1.55 -0.40 -19.96
C ALA B 10 0.87 -1.51 -19.17
N GLN B 11 1.66 -2.48 -18.73
CA GLN B 11 1.12 -3.58 -17.94
C GLN B 11 0.76 -3.06 -16.55
N LEU B 12 1.67 -2.28 -15.97
CA LEU B 12 1.46 -1.70 -14.65
C LEU B 12 0.16 -0.91 -14.61
N SER B 13 0.00 0.03 -15.54
CA SER B 13 -1.18 0.87 -15.58
C SER B 13 -2.46 0.03 -15.67
N ALA B 14 -2.42 -1.01 -16.50
CA ALA B 14 -3.55 -1.93 -16.62
C ALA B 14 -3.86 -2.59 -15.26
N ILE B 15 -2.81 -2.94 -14.53
CA ILE B 15 -2.97 -3.59 -13.23
C ILE B 15 -3.59 -2.64 -12.21
N VAL B 16 -3.01 -1.45 -12.07
CA VAL B 16 -3.48 -0.50 -11.07
C VAL B 16 -4.89 -0.04 -11.38
N ASN B 17 -5.15 0.23 -12.66
CA ASN B 17 -6.45 0.73 -13.10
C ASN B 17 -7.54 -0.30 -12.83
N ASP B 18 -7.21 -1.58 -13.03
CA ASP B 18 -8.17 -2.64 -12.76
C ASP B 18 -8.37 -2.77 -11.27
N MET B 19 -7.28 -2.75 -10.51
CA MET B 19 -7.32 -2.86 -9.05
C MET B 19 -8.28 -1.84 -8.45
N ILE B 20 -8.18 -0.60 -8.90
CA ILE B 20 -9.07 0.46 -8.44
C ILE B 20 -10.53 0.12 -8.77
N ALA B 21 -10.74 -0.36 -10.00
CA ALA B 21 -12.08 -0.72 -10.46
C ALA B 21 -12.61 -1.92 -9.68
N VAL B 22 -11.72 -2.85 -9.33
CA VAL B 22 -12.09 -4.01 -8.54
C VAL B 22 -12.72 -3.59 -7.21
N LEU B 23 -12.09 -2.64 -6.55
CA LEU B 23 -12.56 -2.15 -5.26
C LEU B 23 -13.75 -1.20 -5.44
N GLU B 24 -13.78 -0.51 -6.58
CA GLU B 24 -14.89 0.38 -6.91
C GLU B 24 -16.21 -0.40 -7.01
N LYS B 25 -16.13 -1.62 -7.52
CA LYS B 25 -17.31 -2.45 -7.71
C LYS B 25 -17.99 -2.79 -6.38
N HIS B 26 -17.20 -2.89 -5.32
CA HIS B 26 -17.75 -3.19 -3.98
C HIS B 26 -17.83 -1.92 -3.14
N LYS B 27 -17.21 -0.87 -3.63
CA LYS B 27 -17.07 0.40 -2.90
C LYS B 27 -16.28 0.22 -1.62
N ALA B 28 -14.99 0.51 -1.69
CA ALA B 28 -14.16 0.54 -0.50
C ALA B 28 -14.15 1.94 0.09
N PRO B 29 -14.81 2.14 1.25
CA PRO B 29 -15.02 3.47 1.85
C PRO B 29 -13.76 4.03 2.51
N VAL B 30 -12.60 3.78 1.90
CA VAL B 30 -11.31 4.22 2.43
C VAL B 30 -10.89 3.41 3.66
N ASP B 31 -11.79 3.29 4.64
CA ASP B 31 -11.52 2.53 5.87
C ASP B 31 -11.02 1.13 5.53
N LEU B 32 -11.94 0.31 5.01
CA LEU B 32 -11.63 -1.07 4.67
C LEU B 32 -10.53 -1.14 3.62
N SER B 33 -10.45 -0.13 2.77
CA SER B 33 -9.45 -0.09 1.72
C SER B 33 -8.05 -0.03 2.32
N LEU B 34 -7.82 0.95 3.20
CA LEU B 34 -6.50 1.16 3.78
C LEU B 34 -6.10 0.00 4.68
N ILE B 35 -7.07 -0.63 5.32
CA ILE B 35 -6.78 -1.77 6.18
C ILE B 35 -6.35 -2.97 5.35
N ALA B 36 -7.13 -3.28 4.31
CA ALA B 36 -6.75 -4.29 3.33
C ALA B 36 -5.38 -3.98 2.72
N LEU B 37 -5.20 -2.75 2.26
CA LEU B 37 -3.93 -2.33 1.67
C LEU B 37 -2.81 -2.47 2.69
N GLY B 38 -3.09 -2.10 3.94
CA GLY B 38 -2.11 -2.24 5.00
C GLY B 38 -1.78 -3.69 5.29
N ASN B 39 -2.82 -4.52 5.39
CA ASN B 39 -2.65 -5.97 5.57
C ASN B 39 -1.72 -6.53 4.49
N MET B 40 -2.01 -6.19 3.24
CA MET B 40 -1.23 -6.63 2.10
C MET B 40 0.19 -6.07 2.15
N ALA B 41 0.30 -4.76 2.34
CA ALA B 41 1.59 -4.08 2.37
C ALA B 41 2.50 -4.66 3.44
N SER B 42 1.95 -4.84 4.64
CA SER B 42 2.71 -5.38 5.77
C SER B 42 3.31 -6.74 5.41
N ASN B 43 2.46 -7.64 4.92
CA ASN B 43 2.89 -9.00 4.62
C ASN B 43 3.95 -9.00 3.53
N LEU B 44 3.76 -8.15 2.53
CA LEU B 44 4.71 -8.06 1.42
C LEU B 44 6.05 -7.51 1.87
N LEU B 45 6.02 -6.37 2.57
CA LEU B 45 7.24 -5.68 2.97
C LEU B 45 8.01 -6.48 4.02
N THR B 46 7.36 -7.46 4.64
CA THR B 46 8.04 -8.28 5.63
C THR B 46 8.47 -9.63 5.07
N THR B 47 8.10 -9.91 3.83
CA THR B 47 8.41 -11.19 3.22
C THR B 47 9.31 -11.02 1.99
N SER B 48 9.05 -9.99 1.20
CA SER B 48 9.79 -9.76 -0.03
C SER B 48 10.98 -8.83 0.21
N VAL B 49 11.36 -8.68 1.47
CA VAL B 49 12.46 -7.81 1.84
C VAL B 49 13.79 -8.56 1.89
N PRO B 50 14.74 -8.22 1.00
CA PRO B 50 16.08 -8.77 1.03
C PRO B 50 16.81 -8.36 2.30
N GLN B 51 16.86 -7.05 2.53
CA GLN B 51 17.38 -6.49 3.77
C GLN B 51 17.31 -4.97 3.75
N THR B 52 18.35 -4.34 3.21
CA THR B 52 18.48 -2.89 3.28
C THR B 52 17.77 -2.19 2.14
N GLN B 53 17.73 -2.83 0.97
CA GLN B 53 17.12 -2.22 -0.21
C GLN B 53 15.68 -1.82 0.09
N CYS B 54 14.96 -2.72 0.72
CA CYS B 54 13.55 -2.48 1.04
C CYS B 54 13.43 -1.60 2.27
N GLU B 55 14.37 -1.77 3.20
CA GLU B 55 14.40 -0.98 4.43
C GLU B 55 14.51 0.51 4.12
N ALA B 56 15.53 0.86 3.34
CA ALA B 56 15.77 2.26 2.99
C ALA B 56 14.65 2.82 2.13
N LEU B 57 14.29 2.08 1.08
CA LEU B 57 13.27 2.53 0.14
C LEU B 57 11.91 2.68 0.83
N ALA B 58 11.61 1.81 1.79
CA ALA B 58 10.35 1.90 2.53
C ALA B 58 10.27 3.22 3.29
N GLN B 59 11.32 3.54 4.03
CA GLN B 59 11.35 4.78 4.79
C GLN B 59 11.29 5.98 3.85
N ALA B 60 12.11 5.94 2.80
CA ALA B 60 12.16 7.02 1.83
C ALA B 60 10.81 7.24 1.15
N PHE B 61 10.21 6.15 0.67
CA PHE B 61 8.91 6.23 -0.01
C PHE B 61 7.84 6.75 0.92
N SER B 62 7.83 6.24 2.15
CA SER B 62 6.83 6.63 3.14
C SER B 62 6.92 8.14 3.43
N ASN B 63 8.13 8.62 3.69
CA ASN B 63 8.35 10.03 3.95
C ASN B 63 8.05 10.87 2.71
N SER B 64 8.32 10.30 1.54
CA SER B 64 8.02 10.98 0.28
C SER B 64 6.51 11.15 0.13
N LEU B 65 5.75 10.20 0.66
CA LEU B 65 4.29 10.29 0.65
C LEU B 65 3.84 11.44 1.53
N ILE B 66 4.50 11.60 2.68
CA ILE B 66 4.20 12.71 3.58
C ILE B 66 4.46 14.03 2.87
N ASN B 67 5.56 14.06 2.12
CA ASN B 67 5.93 15.21 1.31
C ASN B 67 4.90 15.43 0.19
N ALA B 68 4.43 14.34 -0.39
CA ALA B 68 3.45 14.40 -1.46
C ALA B 68 2.14 15.03 -0.97
N VAL B 69 1.74 14.66 0.24
CA VAL B 69 0.55 15.27 0.86
C VAL B 69 0.73 16.78 0.98
N LYS B 70 1.90 17.17 1.48
CA LYS B 70 2.26 18.58 1.61
C LYS B 70 2.23 19.27 0.24
N THR B 71 2.79 18.61 -0.75
CA THR B 71 2.89 19.17 -2.09
C THR B 71 1.52 19.26 -2.77
N ARG B 72 0.65 18.31 -2.48
CA ARG B 72 -0.67 18.28 -3.09
C ARG B 72 -1.58 19.32 -2.44
N LEU B 73 -1.38 19.54 -1.14
CA LEU B 73 -2.17 20.53 -0.41
C LEU B 73 -1.69 21.94 -0.74
N GLU B 74 -0.46 22.02 -1.22
CA GLU B 74 0.13 23.30 -1.62
C GLU B 74 -0.63 23.85 -2.83
N HIS B 75 -1.30 24.98 -2.62
CA HIS B 75 -2.04 25.64 -3.70
C HIS B 75 -1.06 26.34 -4.64
N HIS B 76 -0.54 25.59 -5.60
CA HIS B 76 0.54 26.04 -6.44
C HIS B 76 0.03 26.86 -7.63
N HIS B 77 -1.30 26.90 -7.77
CA HIS B 77 -1.97 27.71 -8.80
C HIS B 77 -1.85 27.09 -10.19
N HIS B 78 -2.97 26.64 -10.73
CA HIS B 78 -3.01 26.10 -12.09
C HIS B 78 -3.72 27.08 -13.02
N HIS B 79 -4.12 28.21 -12.48
CA HIS B 79 -4.84 29.21 -13.26
C HIS B 79 -4.31 30.60 -12.93
N HIS B 80 -3.85 31.31 -13.94
CA HIS B 80 -3.35 32.66 -13.74
C HIS B 80 -4.47 33.66 -13.97
N MET A 1 -22.26 5.18 16.98
CA MET A 1 -21.02 4.39 16.85
C MET A 1 -21.25 3.15 16.00
N ALA A 2 -20.55 3.07 14.87
CA ALA A 2 -20.67 1.92 13.99
C ALA A 2 -19.42 1.07 14.04
N GLN A 3 -19.47 0.00 14.83
CA GLN A 3 -18.32 -0.89 14.97
C GLN A 3 -18.73 -2.33 14.72
N HIS A 4 -17.76 -3.16 14.37
CA HIS A 4 -17.96 -4.60 14.11
C HIS A 4 -18.70 -4.84 12.79
N SER A 5 -19.55 -3.90 12.40
CA SER A 5 -20.24 -3.97 11.12
C SER A 5 -19.23 -4.06 9.98
N LYS A 6 -19.19 -5.22 9.33
CA LYS A 6 -18.26 -5.52 8.24
C LYS A 6 -16.84 -5.78 8.77
N TYR A 7 -16.60 -5.40 10.03
CA TYR A 7 -15.29 -5.56 10.64
C TYR A 7 -15.09 -6.98 11.15
N SER A 8 -15.19 -7.93 10.25
CA SER A 8 -14.94 -9.31 10.58
C SER A 8 -13.56 -9.68 10.08
N ASP A 9 -12.80 -10.37 10.92
CA ASP A 9 -11.48 -10.85 10.55
C ASP A 9 -11.56 -11.69 9.29
N ALA A 10 -12.71 -12.35 9.13
CA ALA A 10 -12.96 -13.18 7.98
C ALA A 10 -13.35 -12.32 6.79
N GLN A 11 -14.05 -11.22 7.06
CA GLN A 11 -14.46 -10.32 5.99
C GLN A 11 -13.24 -9.60 5.44
N LEU A 12 -12.42 -9.07 6.35
CA LEU A 12 -11.19 -8.38 5.99
C LEU A 12 -10.29 -9.29 5.17
N SER A 13 -10.05 -10.50 5.69
CA SER A 13 -9.15 -11.45 5.02
C SER A 13 -9.59 -11.71 3.58
N ALA A 14 -10.90 -11.84 3.37
CA ALA A 14 -11.44 -12.07 2.03
C ALA A 14 -11.06 -10.93 1.10
N ILE A 15 -11.16 -9.70 1.59
CA ILE A 15 -10.83 -8.53 0.80
C ILE A 15 -9.33 -8.48 0.49
N VAL A 16 -8.51 -8.72 1.50
CA VAL A 16 -7.05 -8.68 1.31
C VAL A 16 -6.62 -9.78 0.34
N ASN A 17 -7.19 -10.96 0.51
CA ASN A 17 -6.87 -12.10 -0.35
C ASN A 17 -7.39 -11.88 -1.77
N ASP A 18 -8.38 -11.01 -1.90
CA ASP A 18 -8.94 -10.70 -3.19
C ASP A 18 -7.97 -9.80 -3.92
N MET A 19 -7.44 -8.81 -3.22
CA MET A 19 -6.45 -7.89 -3.76
C MET A 19 -5.22 -8.66 -4.26
N ILE A 20 -4.84 -9.70 -3.52
CA ILE A 20 -3.73 -10.57 -3.92
C ILE A 20 -4.10 -11.33 -5.20
N ALA A 21 -5.35 -11.80 -5.26
CA ALA A 21 -5.85 -12.48 -6.43
C ALA A 21 -5.90 -11.52 -7.62
N VAL A 22 -6.25 -10.27 -7.35
CA VAL A 22 -6.23 -9.21 -8.35
C VAL A 22 -4.83 -9.06 -8.93
N LEU A 23 -3.85 -8.99 -8.04
CA LEU A 23 -2.44 -8.89 -8.41
C LEU A 23 -2.04 -10.06 -9.33
N GLU A 24 -2.44 -11.27 -8.95
CA GLU A 24 -2.08 -12.46 -9.68
C GLU A 24 -2.84 -12.55 -11.00
N LYS A 25 -4.11 -12.13 -10.96
CA LYS A 25 -4.98 -12.16 -12.14
C LYS A 25 -4.45 -11.25 -13.25
N HIS A 26 -4.10 -10.03 -12.88
CA HIS A 26 -3.67 -9.05 -13.86
C HIS A 26 -2.15 -9.13 -14.07
N LYS A 27 -1.55 -10.18 -13.51
CA LYS A 27 -0.12 -10.47 -13.71
C LYS A 27 0.76 -9.30 -13.27
N ALA A 28 0.63 -8.93 -12.00
CA ALA A 28 1.43 -7.84 -11.45
C ALA A 28 2.66 -8.36 -10.71
N PRO A 29 3.86 -8.10 -11.23
CA PRO A 29 5.10 -8.45 -10.55
C PRO A 29 5.35 -7.54 -9.36
N VAL A 30 6.24 -7.95 -8.47
CA VAL A 30 6.54 -7.17 -7.26
C VAL A 30 6.97 -5.74 -7.60
N ASP A 31 7.61 -5.58 -8.74
CA ASP A 31 8.02 -4.27 -9.22
C ASP A 31 6.81 -3.37 -9.41
N LEU A 32 5.95 -3.76 -10.35
CA LEU A 32 4.82 -2.93 -10.74
C LEU A 32 3.73 -2.90 -9.67
N SER A 33 3.57 -3.99 -8.93
CA SER A 33 2.55 -4.04 -7.89
C SER A 33 2.90 -3.08 -6.77
N LEU A 34 4.18 -2.96 -6.47
CA LEU A 34 4.66 -2.05 -5.45
C LEU A 34 4.40 -0.61 -5.89
N ILE A 35 4.66 -0.33 -7.16
CA ILE A 35 4.40 0.99 -7.72
C ILE A 35 2.89 1.28 -7.75
N ALA A 36 2.10 0.25 -8.05
CA ALA A 36 0.65 0.36 -8.04
C ALA A 36 0.15 0.73 -6.65
N LEU A 37 0.64 0.01 -5.66
CA LEU A 37 0.28 0.28 -4.27
C LEU A 37 0.74 1.68 -3.88
N GLY A 38 1.92 2.07 -4.34
CA GLY A 38 2.43 3.41 -4.06
C GLY A 38 1.58 4.49 -4.70
N ASN A 39 1.22 4.29 -5.97
CA ASN A 39 0.37 5.22 -6.68
C ASN A 39 -0.98 5.37 -5.97
N MET A 40 -1.55 4.24 -5.60
CA MET A 40 -2.86 4.23 -4.94
C MET A 40 -2.75 4.77 -3.51
N ALA A 41 -1.63 4.50 -2.85
CA ALA A 41 -1.39 4.99 -1.50
C ALA A 41 -1.48 6.50 -1.44
N SER A 42 -0.65 7.16 -2.24
CA SER A 42 -0.62 8.62 -2.28
C SER A 42 -1.97 9.17 -2.74
N ASN A 43 -2.58 8.47 -3.69
CA ASN A 43 -3.91 8.84 -4.19
C ASN A 43 -4.92 8.87 -3.05
N LEU A 44 -5.00 7.79 -2.28
CA LEU A 44 -5.95 7.70 -1.18
C LEU A 44 -5.61 8.68 -0.06
N LEU A 45 -4.32 8.85 0.21
CA LEU A 45 -3.88 9.75 1.27
C LEU A 45 -4.23 11.20 0.94
N THR A 46 -4.40 11.50 -0.35
CA THR A 46 -4.74 12.85 -0.76
C THR A 46 -6.22 12.98 -1.08
N THR A 47 -6.99 11.95 -0.71
CA THR A 47 -8.41 11.94 -1.02
C THR A 47 -9.26 11.68 0.24
N SER A 48 -8.92 10.63 0.97
CA SER A 48 -9.79 10.16 2.05
C SER A 48 -9.40 10.76 3.40
N VAL A 49 -8.16 10.51 3.84
CA VAL A 49 -7.74 10.96 5.16
C VAL A 49 -7.61 12.48 5.22
N PRO A 50 -7.76 13.07 6.42
CA PRO A 50 -7.61 14.51 6.63
C PRO A 50 -6.28 15.01 6.10
N GLN A 51 -6.35 15.93 5.14
CA GLN A 51 -5.16 16.41 4.45
C GLN A 51 -4.20 17.16 5.37
N THR A 52 -4.75 17.73 6.44
CA THR A 52 -3.94 18.46 7.41
C THR A 52 -3.20 17.48 8.34
N GLN A 53 -3.58 16.21 8.28
CA GLN A 53 -3.00 15.20 9.14
C GLN A 53 -2.45 14.06 8.28
N CYS A 54 -2.40 14.31 6.97
CA CYS A 54 -2.04 13.29 6.00
C CYS A 54 -0.62 12.77 6.22
N GLU A 55 0.35 13.66 6.12
CA GLU A 55 1.75 13.26 6.25
C GLU A 55 2.09 12.81 7.67
N ALA A 56 1.26 13.22 8.62
CA ALA A 56 1.39 12.76 9.99
C ALA A 56 0.98 11.29 10.10
N LEU A 57 -0.21 10.98 9.60
CA LEU A 57 -0.72 9.62 9.62
C LEU A 57 0.13 8.70 8.75
N ALA A 58 0.66 9.25 7.66
CA ALA A 58 1.54 8.50 6.78
C ALA A 58 2.80 8.05 7.53
N GLN A 59 3.40 8.97 8.27
CA GLN A 59 4.57 8.66 9.08
C GLN A 59 4.21 7.72 10.22
N ALA A 60 3.01 7.89 10.77
CA ALA A 60 2.51 7.01 11.83
C ALA A 60 2.43 5.58 11.32
N PHE A 61 1.78 5.40 10.17
CA PHE A 61 1.66 4.08 9.56
C PHE A 61 3.04 3.53 9.21
N SER A 62 3.90 4.41 8.71
CA SER A 62 5.27 4.05 8.39
C SER A 62 5.98 3.46 9.60
N ASN A 63 6.05 4.24 10.68
CA ASN A 63 6.74 3.80 11.89
C ASN A 63 6.10 2.55 12.47
N SER A 64 4.79 2.42 12.31
CA SER A 64 4.08 1.21 12.75
C SER A 64 4.61 -0.01 12.00
N LEU A 65 4.81 0.15 10.69
CA LEU A 65 5.36 -0.92 9.87
C LEU A 65 6.78 -1.25 10.30
N ILE A 66 7.57 -0.21 10.54
CA ILE A 66 8.96 -0.39 10.96
C ILE A 66 9.03 -1.22 12.23
N ASN A 67 8.17 -0.89 13.19
CA ASN A 67 8.11 -1.60 14.46
C ASN A 67 7.57 -3.02 14.28
N ALA A 68 6.62 -3.17 13.36
CA ALA A 68 6.05 -4.48 13.07
C ALA A 68 7.10 -5.42 12.50
N VAL A 69 7.82 -4.94 11.50
CA VAL A 69 8.92 -5.70 10.90
C VAL A 69 10.03 -5.91 11.92
N LYS A 70 10.20 -4.90 12.79
CA LYS A 70 11.21 -4.94 13.84
C LYS A 70 10.97 -6.13 14.78
N THR A 71 9.71 -6.43 15.06
CA THR A 71 9.38 -7.55 15.91
C THR A 71 9.35 -8.85 15.11
N ARG A 72 8.95 -8.75 13.85
CA ARG A 72 8.95 -9.88 12.93
C ARG A 72 10.35 -10.46 12.82
N LEU A 73 11.30 -9.59 12.53
CA LEU A 73 12.70 -9.97 12.44
C LEU A 73 13.30 -10.16 13.84
N GLU A 74 13.23 -9.10 14.65
CA GLU A 74 13.90 -9.03 15.96
C GLU A 74 15.41 -9.11 15.78
N HIS A 75 15.87 -10.31 15.46
CA HIS A 75 17.28 -10.67 15.35
C HIS A 75 17.35 -12.18 15.46
N HIS A 76 16.25 -12.76 15.95
CA HIS A 76 16.12 -14.19 16.22
C HIS A 76 16.98 -14.54 17.43
N HIS A 77 16.45 -14.21 18.60
CA HIS A 77 17.18 -14.33 19.86
C HIS A 77 17.65 -15.76 20.12
N HIS A 78 18.98 -15.93 20.17
CA HIS A 78 19.59 -17.17 20.63
C HIS A 78 20.71 -16.85 21.62
N HIS A 79 20.52 -15.73 22.32
CA HIS A 79 21.44 -15.31 23.37
C HIS A 79 20.66 -14.98 24.63
N HIS A 80 19.39 -15.38 24.64
CA HIS A 80 18.47 -15.06 25.72
C HIS A 80 17.19 -15.84 25.52
N MET B 1 2.33 -15.69 -24.45
CA MET B 1 2.05 -14.26 -24.21
C MET B 1 3.25 -13.42 -24.61
N ALA B 2 3.04 -12.50 -25.54
CA ALA B 2 4.11 -11.69 -26.09
C ALA B 2 4.56 -10.61 -25.11
N GLN B 3 3.70 -10.29 -24.15
CA GLN B 3 4.03 -9.27 -23.15
C GLN B 3 5.18 -9.70 -22.27
N HIS B 4 6.38 -9.21 -22.61
CA HIS B 4 7.56 -9.41 -21.80
C HIS B 4 8.16 -8.05 -21.46
N SER B 5 7.68 -7.45 -20.39
CA SER B 5 8.09 -6.11 -20.02
C SER B 5 8.51 -6.04 -18.56
N LYS B 6 9.24 -4.98 -18.24
CA LYS B 6 9.64 -4.71 -16.87
C LYS B 6 8.74 -3.64 -16.26
N TYR B 7 8.66 -2.50 -16.95
CA TYR B 7 7.93 -1.36 -16.45
C TYR B 7 7.10 -0.72 -17.54
N SER B 8 5.91 -1.26 -17.74
CA SER B 8 4.96 -0.71 -18.68
C SER B 8 4.01 0.20 -17.93
N ASP B 9 4.05 1.49 -18.23
CA ASP B 9 3.17 2.46 -17.58
C ASP B 9 1.74 2.18 -18.00
N ALA B 10 1.59 1.41 -19.06
CA ALA B 10 0.27 1.04 -19.57
C ALA B 10 -0.22 -0.17 -18.81
N GLN B 11 0.69 -1.10 -18.53
CA GLN B 11 0.35 -2.26 -17.75
C GLN B 11 0.16 -1.86 -16.29
N LEU B 12 1.00 -0.94 -15.82
CA LEU B 12 0.90 -0.45 -14.44
C LEU B 12 -0.48 0.13 -14.19
N SER B 13 -0.86 1.13 -14.99
CA SER B 13 -2.13 1.80 -14.82
C SER B 13 -3.29 0.81 -14.87
N ALA B 14 -3.20 -0.15 -15.79
CA ALA B 14 -4.21 -1.19 -15.89
C ALA B 14 -4.31 -2.01 -14.60
N ILE B 15 -3.16 -2.21 -13.95
CA ILE B 15 -3.12 -2.95 -12.70
C ILE B 15 -3.68 -2.13 -11.54
N VAL B 16 -3.22 -0.88 -11.42
CA VAL B 16 -3.68 -0.01 -10.34
C VAL B 16 -5.18 0.24 -10.49
N ASN B 17 -5.60 0.49 -11.73
CA ASN B 17 -7.01 0.72 -12.03
C ASN B 17 -7.84 -0.54 -11.78
N ASP B 18 -7.21 -1.70 -11.94
CA ASP B 18 -7.87 -2.97 -11.69
C ASP B 18 -8.18 -3.09 -10.21
N MET B 19 -7.19 -2.74 -9.39
CA MET B 19 -7.35 -2.73 -7.93
C MET B 19 -8.45 -1.77 -7.53
N ILE B 20 -8.48 -0.60 -8.15
CA ILE B 20 -9.53 0.37 -7.90
C ILE B 20 -10.89 -0.20 -8.30
N ALA B 21 -10.95 -0.77 -9.49
CA ALA B 21 -12.20 -1.32 -10.02
C ALA B 21 -12.72 -2.46 -9.16
N VAL B 22 -11.84 -3.33 -8.69
CA VAL B 22 -12.26 -4.46 -7.87
C VAL B 22 -12.67 -4.01 -6.47
N LEU B 23 -12.10 -2.91 -6.00
CA LEU B 23 -12.48 -2.34 -4.71
C LEU B 23 -13.87 -1.71 -4.82
N GLU B 24 -14.16 -1.12 -5.97
CA GLU B 24 -15.48 -0.55 -6.22
C GLU B 24 -16.48 -1.63 -6.62
N LYS B 25 -15.96 -2.75 -7.10
CA LYS B 25 -16.81 -3.86 -7.51
C LYS B 25 -17.48 -4.49 -6.30
N HIS B 26 -16.73 -4.63 -5.23
CA HIS B 26 -17.30 -5.04 -3.94
C HIS B 26 -17.77 -3.81 -3.17
N LYS B 27 -17.24 -2.67 -3.59
CA LYS B 27 -17.45 -1.37 -2.94
C LYS B 27 -17.46 -1.45 -1.42
N ALA B 28 -16.26 -1.49 -0.87
CA ALA B 28 -16.08 -1.46 0.57
C ALA B 28 -15.59 -0.08 0.97
N PRO B 29 -15.80 0.34 2.23
CA PRO B 29 -15.38 1.67 2.66
C PRO B 29 -13.86 1.77 2.73
N VAL B 30 -13.37 3.00 2.70
CA VAL B 30 -11.93 3.24 2.65
C VAL B 30 -11.23 2.65 3.87
N ASP B 31 -11.94 2.55 4.99
CA ASP B 31 -11.34 2.04 6.21
C ASP B 31 -10.92 0.58 6.05
N LEU B 32 -11.89 -0.29 5.78
CA LEU B 32 -11.60 -1.71 5.57
C LEU B 32 -10.65 -1.92 4.39
N SER B 33 -10.89 -1.20 3.31
CA SER B 33 -10.10 -1.35 2.09
C SER B 33 -8.65 -0.90 2.31
N LEU B 34 -8.46 0.08 3.19
CA LEU B 34 -7.11 0.56 3.50
C LEU B 34 -6.41 -0.41 4.45
N ILE B 35 -7.17 -1.01 5.35
CA ILE B 35 -6.62 -2.02 6.26
C ILE B 35 -6.15 -3.24 5.48
N ALA B 36 -6.90 -3.60 4.44
CA ALA B 36 -6.50 -4.67 3.54
C ALA B 36 -5.19 -4.32 2.86
N LEU B 37 -5.11 -3.10 2.34
CA LEU B 37 -3.90 -2.60 1.70
C LEU B 37 -2.74 -2.60 2.71
N GLY B 38 -3.04 -2.22 3.95
CA GLY B 38 -2.04 -2.22 5.00
C GLY B 38 -1.50 -3.62 5.28
N ASN B 39 -2.41 -4.58 5.43
CA ASN B 39 -2.02 -5.97 5.64
C ASN B 39 -1.22 -6.51 4.45
N MET B 40 -1.66 -6.16 3.26
CA MET B 40 -0.99 -6.61 2.03
C MET B 40 0.39 -5.96 1.89
N ALA B 41 0.47 -4.67 2.23
CA ALA B 41 1.74 -3.96 2.22
C ALA B 41 2.74 -4.66 3.12
N SER B 42 2.31 -4.92 4.35
CA SER B 42 3.14 -5.65 5.31
C SER B 42 3.49 -7.03 4.75
N ASN B 43 2.48 -7.72 4.25
CA ASN B 43 2.62 -9.07 3.68
C ASN B 43 3.74 -9.12 2.65
N LEU B 44 3.74 -8.18 1.71
CA LEU B 44 4.73 -8.17 0.64
C LEU B 44 6.12 -7.86 1.16
N LEU B 45 6.24 -6.83 1.99
CA LEU B 45 7.55 -6.37 2.46
C LEU B 45 8.10 -7.25 3.56
N THR B 46 7.36 -8.26 3.94
CA THR B 46 7.85 -9.25 4.88
C THR B 46 8.04 -10.62 4.22
N THR B 47 7.83 -10.70 2.92
CA THR B 47 7.88 -11.99 2.25
C THR B 47 8.63 -11.94 0.91
N SER B 48 8.40 -10.91 0.10
CA SER B 48 8.90 -10.92 -1.27
C SER B 48 9.75 -9.69 -1.59
N VAL B 49 10.42 -9.14 -0.59
CA VAL B 49 11.34 -8.04 -0.81
C VAL B 49 12.72 -8.41 -0.31
N PRO B 50 13.76 -7.60 -0.63
CA PRO B 50 15.11 -7.81 -0.09
C PRO B 50 15.09 -7.95 1.43
N GLN B 51 15.36 -9.15 1.90
CA GLN B 51 15.23 -9.49 3.33
C GLN B 51 16.14 -8.63 4.20
N THR B 52 17.38 -8.47 3.79
CA THR B 52 18.37 -7.75 4.59
C THR B 52 18.28 -6.24 4.34
N GLN B 53 17.46 -5.85 3.38
CA GLN B 53 17.34 -4.44 3.01
C GLN B 53 15.87 -4.01 3.07
N CYS B 54 15.08 -4.76 3.83
CA CYS B 54 13.64 -4.53 3.94
C CYS B 54 13.35 -3.17 4.56
N GLU B 55 13.90 -2.93 5.75
CA GLU B 55 13.70 -1.67 6.45
C GLU B 55 14.17 -0.50 5.61
N ALA B 56 15.24 -0.72 4.83
CA ALA B 56 15.78 0.33 3.97
C ALA B 56 14.76 0.76 2.92
N LEU B 57 14.20 -0.21 2.21
CA LEU B 57 13.20 0.08 1.18
C LEU B 57 11.93 0.63 1.80
N ALA B 58 11.53 0.08 2.94
CA ALA B 58 10.33 0.52 3.64
C ALA B 58 10.41 2.01 3.98
N GLN B 59 11.51 2.41 4.62
CA GLN B 59 11.70 3.80 5.01
C GLN B 59 11.87 4.69 3.79
N ALA B 60 12.61 4.18 2.79
CA ALA B 60 12.86 4.94 1.56
C ALA B 60 11.55 5.23 0.83
N PHE B 61 10.77 4.19 0.57
CA PHE B 61 9.51 4.32 -0.14
C PHE B 61 8.57 5.22 0.65
N SER B 62 8.59 5.07 1.97
CA SER B 62 7.76 5.87 2.85
C SER B 62 8.11 7.34 2.73
N ASN B 63 9.39 7.66 2.87
CA ASN B 63 9.86 9.05 2.81
C ASN B 63 9.57 9.66 1.43
N SER B 64 9.79 8.87 0.38
CA SER B 64 9.51 9.34 -0.97
C SER B 64 8.00 9.46 -1.19
N LEU B 65 7.24 8.69 -0.42
CA LEU B 65 5.79 8.73 -0.48
C LEU B 65 5.29 10.02 0.15
N ILE B 66 5.96 10.46 1.22
CA ILE B 66 5.66 11.74 1.86
C ILE B 66 5.92 12.85 0.85
N ASN B 67 7.03 12.72 0.13
CA ASN B 67 7.40 13.67 -0.89
C ASN B 67 6.36 13.67 -2.01
N ALA B 68 5.90 12.47 -2.37
CA ALA B 68 4.86 12.32 -3.38
C ALA B 68 3.57 13.02 -2.95
N VAL B 69 3.17 12.79 -1.71
CA VAL B 69 1.99 13.45 -1.14
C VAL B 69 2.17 14.97 -1.18
N LYS B 70 3.36 15.42 -0.81
CA LYS B 70 3.69 16.84 -0.89
C LYS B 70 3.57 17.35 -2.32
N THR B 71 4.05 16.57 -3.28
CA THR B 71 3.98 16.94 -4.68
C THR B 71 2.53 16.97 -5.18
N ARG B 72 1.67 16.22 -4.52
CA ARG B 72 0.24 16.23 -4.83
C ARG B 72 -0.41 17.48 -4.23
N LEU B 73 -0.04 17.78 -2.98
CA LEU B 73 -0.61 18.89 -2.25
C LEU B 73 -0.12 20.22 -2.82
N GLU B 74 1.16 20.28 -3.18
CA GLU B 74 1.74 21.48 -3.77
C GLU B 74 1.26 21.64 -5.21
N HIS B 75 0.08 22.20 -5.37
CA HIS B 75 -0.47 22.46 -6.69
C HIS B 75 0.17 23.69 -7.28
N HIS B 76 0.88 23.52 -8.40
CA HIS B 76 1.55 24.64 -9.05
C HIS B 76 0.52 25.51 -9.78
N HIS B 77 -0.68 24.96 -9.93
CA HIS B 77 -1.79 25.68 -10.52
C HIS B 77 -2.45 26.58 -9.47
N HIS B 78 -1.62 27.11 -8.59
CA HIS B 78 -2.10 27.96 -7.50
C HIS B 78 -1.56 29.37 -7.66
N HIS B 79 -2.44 30.31 -7.96
CA HIS B 79 -2.06 31.71 -8.06
C HIS B 79 -3.24 32.60 -7.73
N HIS B 80 -3.36 32.96 -6.46
CA HIS B 80 -4.41 33.86 -5.99
C HIS B 80 -3.88 34.73 -4.88
N MET A 1 -32.51 1.07 3.72
CA MET A 1 -32.52 0.32 2.44
C MET A 1 -31.11 -0.16 2.10
N ALA A 2 -30.17 0.76 2.08
CA ALA A 2 -28.79 0.43 1.73
C ALA A 2 -28.01 -0.01 2.95
N GLN A 3 -27.91 -1.31 3.15
CA GLN A 3 -27.12 -1.85 4.25
C GLN A 3 -25.65 -1.80 3.89
N HIS A 4 -24.98 -0.75 4.34
CA HIS A 4 -23.58 -0.50 4.02
C HIS A 4 -22.66 -1.51 4.71
N SER A 5 -21.41 -1.53 4.31
CA SER A 5 -20.40 -2.34 4.95
C SER A 5 -20.24 -1.88 6.41
N LYS A 6 -20.60 -2.75 7.34
CA LYS A 6 -20.53 -2.41 8.76
C LYS A 6 -19.14 -2.70 9.32
N TYR A 7 -18.18 -2.90 8.41
CA TYR A 7 -16.78 -3.14 8.75
C TYR A 7 -16.63 -4.42 9.56
N SER A 8 -16.75 -5.55 8.87
CA SER A 8 -16.59 -6.84 9.48
C SER A 8 -15.19 -7.37 9.17
N ASP A 9 -14.50 -7.86 10.18
CA ASP A 9 -13.18 -8.44 9.96
C ASP A 9 -13.29 -9.66 9.07
N ALA A 10 -14.48 -10.26 9.06
CA ALA A 10 -14.75 -11.40 8.20
C ALA A 10 -15.02 -10.93 6.78
N GLN A 11 -15.66 -9.77 6.70
CA GLN A 11 -15.94 -9.16 5.40
C GLN A 11 -14.63 -8.65 4.80
N LEU A 12 -13.79 -8.13 5.67
CA LEU A 12 -12.46 -7.68 5.29
C LEU A 12 -11.66 -8.83 4.69
N SER A 13 -11.54 -9.93 5.43
CA SER A 13 -10.78 -11.08 5.00
C SER A 13 -11.21 -11.54 3.60
N ALA A 14 -12.51 -11.55 3.35
CA ALA A 14 -13.04 -11.94 2.05
C ALA A 14 -12.51 -11.02 0.94
N ILE A 15 -12.47 -9.72 1.22
CA ILE A 15 -12.00 -8.75 0.25
C ILE A 15 -10.50 -8.89 0.00
N VAL A 16 -9.72 -8.99 1.07
CA VAL A 16 -8.27 -9.09 0.95
C VAL A 16 -7.89 -10.38 0.24
N ASN A 17 -8.58 -11.47 0.59
CA ASN A 17 -8.31 -12.78 0.00
C ASN A 17 -8.59 -12.79 -1.49
N ASP A 18 -9.60 -12.03 -1.91
CA ASP A 18 -9.91 -11.92 -3.32
C ASP A 18 -8.77 -11.24 -4.05
N MET A 19 -8.32 -10.13 -3.48
CA MET A 19 -7.20 -9.37 -4.04
C MET A 19 -5.97 -10.24 -4.21
N ILE A 20 -5.71 -11.11 -3.23
CA ILE A 20 -4.60 -12.06 -3.30
C ILE A 20 -4.76 -12.95 -4.53
N ALA A 21 -5.97 -13.45 -4.72
CA ALA A 21 -6.27 -14.30 -5.88
C ALA A 21 -6.15 -13.49 -7.17
N VAL A 22 -6.70 -12.28 -7.17
CA VAL A 22 -6.64 -11.39 -8.32
C VAL A 22 -5.18 -11.14 -8.73
N LEU A 23 -4.34 -10.85 -7.74
CA LEU A 23 -2.93 -10.59 -7.95
C LEU A 23 -2.23 -11.81 -8.54
N GLU A 24 -2.63 -12.99 -8.06
CA GLU A 24 -2.04 -14.25 -8.48
C GLU A 24 -2.48 -14.62 -9.90
N LYS A 25 -3.75 -14.38 -10.21
CA LYS A 25 -4.31 -14.76 -11.50
C LYS A 25 -3.61 -14.04 -12.66
N HIS A 26 -3.42 -12.74 -12.53
CA HIS A 26 -2.73 -11.97 -13.56
C HIS A 26 -1.22 -12.14 -13.41
N LYS A 27 -0.80 -12.54 -12.22
CA LYS A 27 0.62 -12.65 -11.87
C LYS A 27 1.29 -11.28 -11.94
N ALA A 28 1.17 -10.53 -10.87
CA ALA A 28 1.87 -9.26 -10.77
C ALA A 28 3.11 -9.44 -9.91
N PRO A 29 4.30 -9.36 -10.51
CA PRO A 29 5.55 -9.55 -9.79
C PRO A 29 5.77 -8.49 -8.73
N VAL A 30 6.66 -8.77 -7.79
CA VAL A 30 6.98 -7.85 -6.70
C VAL A 30 7.24 -6.44 -7.23
N ASP A 31 7.82 -6.38 -8.43
CA ASP A 31 8.12 -5.11 -9.08
C ASP A 31 6.86 -4.25 -9.22
N LEU A 32 5.98 -4.68 -10.10
CA LEU A 32 4.78 -3.92 -10.44
C LEU A 32 3.81 -3.89 -9.26
N SER A 33 3.81 -4.93 -8.45
CA SER A 33 2.92 -5.02 -7.31
C SER A 33 3.18 -3.87 -6.33
N LEU A 34 4.46 -3.66 -6.00
CA LEU A 34 4.83 -2.61 -5.07
C LEU A 34 4.57 -1.23 -5.66
N ILE A 35 4.84 -1.08 -6.95
CA ILE A 35 4.63 0.20 -7.61
C ILE A 35 3.13 0.53 -7.68
N ALA A 36 2.31 -0.48 -7.94
CA ALA A 36 0.86 -0.33 -7.94
C ALA A 36 0.38 0.07 -6.55
N LEU A 37 0.92 -0.59 -5.53
CA LEU A 37 0.59 -0.27 -4.14
C LEU A 37 0.98 1.18 -3.85
N GLY A 38 2.17 1.57 -4.30
CA GLY A 38 2.64 2.94 -4.11
C GLY A 38 1.70 3.96 -4.73
N ASN A 39 1.37 3.76 -6.01
CA ASN A 39 0.45 4.65 -6.71
C ASN A 39 -0.91 4.67 -6.04
N MET A 40 -1.38 3.50 -5.61
CA MET A 40 -2.67 3.38 -4.95
C MET A 40 -2.68 4.13 -3.63
N ALA A 41 -1.69 3.85 -2.79
CA ALA A 41 -1.60 4.45 -1.47
C ALA A 41 -1.52 5.97 -1.54
N SER A 42 -0.61 6.47 -2.37
CA SER A 42 -0.40 7.90 -2.51
C SER A 42 -1.64 8.60 -3.07
N ASN A 43 -2.29 7.94 -4.03
CA ASN A 43 -3.48 8.50 -4.66
C ASN A 43 -4.61 8.64 -3.66
N LEU A 44 -4.71 7.68 -2.75
CA LEU A 44 -5.75 7.70 -1.73
C LEU A 44 -5.47 8.77 -0.67
N LEU A 45 -4.23 8.82 -0.21
CA LEU A 45 -3.84 9.76 0.83
C LEU A 45 -3.90 11.21 0.34
N THR A 46 -3.90 11.40 -0.96
CA THR A 46 -3.98 12.74 -1.53
C THR A 46 -5.42 13.10 -1.90
N THR A 47 -6.31 12.13 -1.77
CA THR A 47 -7.72 12.34 -2.07
C THR A 47 -8.53 12.41 -0.78
N SER A 48 -8.41 11.38 0.05
CA SER A 48 -9.19 11.27 1.27
C SER A 48 -8.39 11.81 2.47
N VAL A 49 -7.45 12.69 2.19
CA VAL A 49 -6.62 13.30 3.22
C VAL A 49 -7.48 14.01 4.28
N PRO A 50 -7.33 13.61 5.56
CA PRO A 50 -8.08 14.22 6.67
C PRO A 50 -7.70 15.69 6.90
N GLN A 51 -6.64 15.92 7.67
CA GLN A 51 -6.17 17.28 7.91
C GLN A 51 -4.65 17.33 7.82
N THR A 52 -3.97 17.61 8.93
CA THR A 52 -2.52 17.71 8.94
C THR A 52 -1.90 16.45 9.52
N GLN A 53 -2.72 15.65 10.19
CA GLN A 53 -2.28 14.38 10.75
C GLN A 53 -2.09 13.33 9.66
N CYS A 54 -2.37 13.72 8.42
CA CYS A 54 -2.22 12.85 7.28
C CYS A 54 -0.76 12.36 7.17
N GLU A 55 0.17 13.30 7.27
CA GLU A 55 1.59 13.00 7.26
C GLU A 55 1.97 12.13 8.44
N ALA A 56 1.51 12.52 9.62
CA ALA A 56 1.86 11.85 10.87
C ALA A 56 1.47 10.38 10.84
N LEU A 57 0.21 10.11 10.49
CA LEU A 57 -0.30 8.74 10.46
C LEU A 57 0.38 7.91 9.38
N ALA A 58 0.65 8.54 8.22
CA ALA A 58 1.33 7.85 7.13
C ALA A 58 2.76 7.51 7.52
N GLN A 59 3.41 8.44 8.20
CA GLN A 59 4.76 8.24 8.70
C GLN A 59 4.77 7.15 9.77
N ALA A 60 3.81 7.23 10.69
CA ALA A 60 3.70 6.27 11.78
C ALA A 60 3.48 4.86 11.23
N PHE A 61 2.51 4.71 10.34
CA PHE A 61 2.18 3.41 9.76
C PHE A 61 3.39 2.80 9.08
N SER A 62 4.03 3.57 8.21
CA SER A 62 5.16 3.07 7.44
C SER A 62 6.34 2.75 8.36
N ASN A 63 6.74 3.71 9.19
CA ASN A 63 7.86 3.55 10.12
C ASN A 63 7.67 2.30 10.98
N SER A 64 6.49 2.14 11.54
CA SER A 64 6.19 0.99 12.40
C SER A 64 6.21 -0.30 11.57
N LEU A 65 5.77 -0.20 10.32
CA LEU A 65 5.78 -1.34 9.41
C LEU A 65 7.22 -1.76 9.12
N ILE A 66 8.10 -0.78 8.96
CA ILE A 66 9.52 -1.04 8.75
C ILE A 66 10.09 -1.75 9.97
N ASN A 67 9.72 -1.25 11.14
CA ASN A 67 10.17 -1.80 12.41
C ASN A 67 9.65 -3.22 12.60
N ALA A 68 8.44 -3.48 12.11
CA ALA A 68 7.88 -4.82 12.14
C ALA A 68 8.75 -5.79 11.36
N VAL A 69 9.25 -5.34 10.22
CA VAL A 69 10.17 -6.12 9.41
C VAL A 69 11.46 -6.39 10.18
N LYS A 70 11.97 -5.35 10.83
CA LYS A 70 13.18 -5.48 11.66
C LYS A 70 12.98 -6.51 12.77
N THR A 71 11.76 -6.55 13.30
CA THR A 71 11.43 -7.49 14.36
C THR A 71 11.23 -8.90 13.80
N ARG A 72 10.96 -9.00 12.51
CA ARG A 72 10.82 -10.28 11.85
C ARG A 72 12.20 -10.91 11.68
N LEU A 73 13.14 -10.12 11.18
CA LEU A 73 14.51 -10.58 10.97
C LEU A 73 15.20 -10.84 12.30
N GLU A 74 14.94 -10.00 13.28
CA GLU A 74 15.47 -10.20 14.61
C GLU A 74 14.58 -11.18 15.37
N HIS A 75 14.74 -12.45 15.05
CA HIS A 75 13.98 -13.50 15.70
C HIS A 75 14.94 -14.45 16.39
N HIS A 76 15.17 -14.21 17.68
CA HIS A 76 16.14 -14.98 18.45
C HIS A 76 15.61 -16.39 18.68
N HIS A 77 16.38 -17.38 18.27
CA HIS A 77 16.00 -18.78 18.40
C HIS A 77 17.21 -19.68 18.14
N HIS A 78 17.45 -20.62 19.04
CA HIS A 78 18.53 -21.58 18.87
C HIS A 78 18.32 -22.80 19.77
N HIS A 79 18.15 -22.56 21.07
CA HIS A 79 17.94 -23.66 22.01
C HIS A 79 17.14 -23.19 23.22
N HIS A 80 16.97 -24.07 24.18
CA HIS A 80 16.34 -23.74 25.45
C HIS A 80 17.42 -23.55 26.51
N MET B 1 18.93 0.94 -25.58
CA MET B 1 18.54 0.19 -24.36
C MET B 1 17.29 0.82 -23.75
N ALA B 2 16.60 0.04 -22.92
CA ALA B 2 15.40 0.51 -22.25
C ALA B 2 15.41 0.04 -20.80
N GLN B 3 16.60 0.07 -20.21
CA GLN B 3 16.81 -0.48 -18.89
C GLN B 3 16.42 0.51 -17.81
N HIS B 4 15.15 0.55 -17.48
CA HIS B 4 14.63 1.39 -16.41
C HIS B 4 13.59 0.60 -15.63
N SER B 5 13.29 1.05 -14.42
CA SER B 5 12.37 0.34 -13.55
C SER B 5 10.90 0.58 -13.94
N LYS B 6 10.53 0.08 -15.10
CA LYS B 6 9.15 0.08 -15.57
C LYS B 6 9.07 -0.71 -16.87
N TYR B 7 9.09 -2.03 -16.71
CA TYR B 7 9.13 -2.96 -17.84
C TYR B 7 7.92 -2.72 -18.75
N SER B 8 6.82 -2.36 -18.14
CA SER B 8 5.58 -2.07 -18.84
C SER B 8 4.67 -1.24 -17.94
N ASP B 9 4.73 0.07 -18.10
CA ASP B 9 3.87 0.96 -17.31
C ASP B 9 2.43 0.80 -17.75
N ALA B 10 2.24 0.21 -18.93
CA ALA B 10 0.92 -0.16 -19.40
C ALA B 10 0.35 -1.26 -18.52
N GLN B 11 1.18 -2.26 -18.24
CA GLN B 11 0.81 -3.32 -17.31
C GLN B 11 0.51 -2.73 -15.95
N LEU B 12 1.41 -1.85 -15.49
CA LEU B 12 1.25 -1.20 -14.20
C LEU B 12 -0.08 -0.50 -14.09
N SER B 13 -0.35 0.42 -15.01
CA SER B 13 -1.59 1.20 -15.00
C SER B 13 -2.80 0.29 -14.96
N ALA B 14 -2.77 -0.78 -15.73
CA ALA B 14 -3.85 -1.75 -15.75
C ALA B 14 -4.00 -2.43 -14.40
N ILE B 15 -2.87 -2.79 -13.80
CA ILE B 15 -2.87 -3.45 -12.49
C ILE B 15 -3.39 -2.52 -11.40
N VAL B 16 -2.90 -1.29 -11.37
CA VAL B 16 -3.32 -0.33 -10.37
C VAL B 16 -4.78 0.02 -10.57
N ASN B 17 -5.20 0.06 -11.83
CA ASN B 17 -6.59 0.32 -12.17
C ASN B 17 -7.47 -0.82 -11.71
N ASP B 18 -7.03 -2.06 -11.94
CA ASP B 18 -7.76 -3.23 -11.50
C ASP B 18 -7.84 -3.26 -9.98
N MET B 19 -6.77 -2.83 -9.31
CA MET B 19 -6.79 -2.75 -7.85
C MET B 19 -7.96 -1.88 -7.39
N ILE B 20 -8.16 -0.75 -8.07
CA ILE B 20 -9.25 0.16 -7.75
C ILE B 20 -10.60 -0.41 -8.22
N ALA B 21 -10.61 -0.99 -9.41
CA ALA B 21 -11.82 -1.55 -9.99
C ALA B 21 -12.34 -2.72 -9.16
N VAL B 22 -11.44 -3.63 -8.81
CA VAL B 22 -11.79 -4.79 -7.99
C VAL B 22 -12.21 -4.32 -6.59
N LEU B 23 -11.60 -3.24 -6.13
CA LEU B 23 -11.99 -2.61 -4.88
C LEU B 23 -13.42 -2.11 -4.97
N GLU B 24 -13.68 -1.31 -6.00
CA GLU B 24 -14.97 -0.66 -6.14
C GLU B 24 -16.07 -1.63 -6.57
N LYS B 25 -15.70 -2.75 -7.18
CA LYS B 25 -16.68 -3.75 -7.57
C LYS B 25 -17.21 -4.47 -6.32
N HIS B 26 -16.42 -4.43 -5.25
CA HIS B 26 -16.89 -4.88 -3.95
C HIS B 26 -17.75 -3.80 -3.34
N LYS B 27 -17.45 -2.56 -3.72
CA LYS B 27 -18.21 -1.38 -3.30
C LYS B 27 -18.04 -1.14 -1.80
N ALA B 28 -16.81 -1.31 -1.32
CA ALA B 28 -16.51 -1.06 0.07
C ALA B 28 -15.95 0.33 0.24
N PRO B 29 -16.23 1.02 1.36
CA PRO B 29 -15.74 2.37 1.61
C PRO B 29 -14.21 2.41 1.68
N VAL B 30 -13.63 3.58 1.46
CA VAL B 30 -12.18 3.74 1.44
C VAL B 30 -11.55 3.26 2.74
N ASP B 31 -12.32 3.26 3.82
CA ASP B 31 -11.81 2.85 5.13
C ASP B 31 -11.47 1.36 5.14
N LEU B 32 -12.50 0.52 4.96
CA LEU B 32 -12.34 -0.92 5.01
C LEU B 32 -11.42 -1.41 3.90
N SER B 33 -11.56 -0.81 2.73
CA SER B 33 -10.77 -1.19 1.57
C SER B 33 -9.28 -0.86 1.78
N LEU B 34 -9.02 0.21 2.53
CA LEU B 34 -7.64 0.60 2.83
C LEU B 34 -7.03 -0.40 3.80
N ILE B 35 -7.85 -0.94 4.70
CA ILE B 35 -7.39 -1.95 5.65
C ILE B 35 -6.92 -3.20 4.91
N ALA B 36 -7.66 -3.57 3.85
CA ALA B 36 -7.25 -4.67 2.99
C ALA B 36 -5.88 -4.40 2.37
N LEU B 37 -5.68 -3.17 1.92
CA LEU B 37 -4.40 -2.76 1.38
C LEU B 37 -3.31 -2.81 2.45
N GLY B 38 -3.65 -2.39 3.66
CA GLY B 38 -2.71 -2.44 4.77
C GLY B 38 -2.27 -3.86 5.08
N ASN B 39 -3.24 -4.78 5.11
CA ASN B 39 -2.94 -6.19 5.32
C ASN B 39 -2.04 -6.71 4.20
N MET B 40 -2.34 -6.29 2.98
CA MET B 40 -1.55 -6.67 1.81
C MET B 40 -0.12 -6.16 1.95
N ALA B 41 0.01 -4.86 2.22
CA ALA B 41 1.33 -4.24 2.38
C ALA B 41 2.14 -4.94 3.45
N SER B 42 1.54 -5.13 4.62
CA SER B 42 2.21 -5.80 5.73
C SER B 42 2.70 -7.18 5.32
N ASN B 43 1.81 -7.95 4.68
CA ASN B 43 2.14 -9.31 4.26
C ASN B 43 3.29 -9.31 3.25
N LEU B 44 3.29 -8.35 2.35
CA LEU B 44 4.32 -8.26 1.32
C LEU B 44 5.68 -7.97 1.94
N LEU B 45 5.72 -7.01 2.84
CA LEU B 45 6.97 -6.59 3.47
C LEU B 45 7.50 -7.65 4.43
N THR B 46 6.63 -8.54 4.83
CA THR B 46 7.02 -9.62 5.74
C THR B 46 7.22 -10.94 5.01
N THR B 47 7.04 -10.93 3.69
CA THR B 47 7.16 -12.16 2.91
C THR B 47 8.15 -12.00 1.75
N SER B 48 8.05 -10.90 1.02
CA SER B 48 8.85 -10.71 -0.18
C SER B 48 9.94 -9.66 0.04
N VAL B 49 10.31 -9.47 1.30
CA VAL B 49 11.27 -8.44 1.66
C VAL B 49 12.72 -8.87 1.33
N PRO B 50 13.41 -8.07 0.49
CA PRO B 50 14.83 -8.27 0.18
C PRO B 50 15.75 -7.88 1.34
N GLN B 51 15.13 -7.48 2.45
CA GLN B 51 15.82 -7.23 3.73
C GLN B 51 16.58 -5.90 3.73
N THR B 52 17.50 -5.76 2.78
CA THR B 52 18.41 -4.63 2.81
C THR B 52 17.92 -3.48 1.92
N GLN B 53 17.28 -3.81 0.81
CA GLN B 53 16.85 -2.78 -0.15
C GLN B 53 15.47 -2.24 0.22
N CYS B 54 14.59 -3.14 0.64
CA CYS B 54 13.20 -2.79 0.92
C CYS B 54 13.10 -1.72 2.00
N GLU B 55 13.92 -1.84 3.03
CA GLU B 55 13.87 -0.92 4.16
C GLU B 55 14.12 0.51 3.71
N ALA B 56 15.29 0.74 3.10
CA ALA B 56 15.67 2.06 2.64
C ALA B 56 14.65 2.63 1.65
N LEU B 57 14.24 1.80 0.69
CA LEU B 57 13.33 2.26 -0.36
C LEU B 57 11.94 2.57 0.19
N ALA B 58 11.45 1.73 1.08
CA ALA B 58 10.13 1.93 1.68
C ALA B 58 10.10 3.22 2.48
N GLN B 59 11.14 3.45 3.28
CA GLN B 59 11.26 4.67 4.04
C GLN B 59 11.46 5.87 3.11
N ALA B 60 12.26 5.68 2.06
CA ALA B 60 12.50 6.72 1.08
C ALA B 60 11.21 7.17 0.43
N PHE B 61 10.42 6.21 -0.04
CA PHE B 61 9.13 6.50 -0.66
C PHE B 61 8.23 7.21 0.33
N SER B 62 8.17 6.71 1.55
CA SER B 62 7.36 7.30 2.60
C SER B 62 7.78 8.75 2.86
N ASN B 63 9.06 8.97 3.13
CA ASN B 63 9.57 10.31 3.41
C ASN B 63 9.36 11.25 2.23
N SER B 64 9.51 10.73 1.02
CA SER B 64 9.27 11.51 -0.18
C SER B 64 7.78 11.86 -0.28
N LEU B 65 6.95 10.94 0.14
CA LEU B 65 5.51 11.13 0.12
C LEU B 65 5.10 12.19 1.14
N ILE B 66 5.74 12.15 2.32
CA ILE B 66 5.41 13.07 3.40
C ILE B 66 5.64 14.53 2.97
N ASN B 67 6.81 14.82 2.40
CA ASN B 67 7.12 16.19 2.00
C ASN B 67 6.34 16.58 0.73
N ALA B 68 5.91 15.57 -0.01
CA ALA B 68 5.03 15.80 -1.16
C ALA B 68 3.68 16.30 -0.65
N VAL B 69 3.17 15.65 0.39
CA VAL B 69 1.94 16.09 1.04
C VAL B 69 2.13 17.48 1.64
N LYS B 70 3.30 17.72 2.23
CA LYS B 70 3.64 19.03 2.77
C LYS B 70 3.49 20.13 1.71
N THR B 71 3.94 19.80 0.51
CA THR B 71 3.89 20.74 -0.60
C THR B 71 2.45 20.89 -1.11
N ARG B 72 1.73 19.77 -1.21
CA ARG B 72 0.37 19.78 -1.72
C ARG B 72 -0.58 20.45 -0.72
N LEU B 73 -0.23 20.34 0.56
CA LEU B 73 -0.99 21.01 1.61
C LEU B 73 -0.65 22.50 1.63
N GLU B 74 0.57 22.81 1.19
CA GLU B 74 1.00 24.19 0.97
C GLU B 74 1.11 24.95 2.29
N HIS B 75 1.10 24.22 3.41
CA HIS B 75 1.12 24.84 4.72
C HIS B 75 2.23 24.26 5.59
N HIS B 76 3.40 24.12 5.01
CA HIS B 76 4.57 23.66 5.74
C HIS B 76 5.80 24.43 5.27
N HIS B 77 6.19 24.20 4.02
CA HIS B 77 7.30 24.93 3.42
C HIS B 77 6.97 25.33 1.99
N HIS B 78 6.04 26.25 1.85
CA HIS B 78 5.74 26.83 0.56
C HIS B 78 5.80 28.35 0.66
N HIS B 79 6.97 28.89 0.37
CA HIS B 79 7.16 30.33 0.37
C HIS B 79 6.90 30.86 -1.03
N HIS B 80 7.16 30.00 -2.01
CA HIS B 80 6.87 30.30 -3.40
C HIS B 80 7.03 29.02 -4.23
N MET A 1 -29.12 -6.66 3.05
CA MET A 1 -28.34 -7.04 1.84
C MET A 1 -26.85 -7.00 2.17
N ALA A 2 -26.20 -8.17 2.05
CA ALA A 2 -24.78 -8.32 2.35
C ALA A 2 -24.49 -7.99 3.81
N GLN A 3 -23.22 -7.85 4.15
CA GLN A 3 -22.82 -7.49 5.49
C GLN A 3 -22.71 -5.98 5.62
N HIS A 4 -23.31 -5.43 6.66
CA HIS A 4 -23.23 -4.00 6.92
C HIS A 4 -21.85 -3.65 7.44
N SER A 5 -21.28 -2.55 6.95
CA SER A 5 -19.95 -2.15 7.33
C SER A 5 -19.92 -1.61 8.76
N LYS A 6 -19.74 -2.51 9.71
CA LYS A 6 -19.57 -2.14 11.12
C LYS A 6 -18.23 -2.67 11.61
N TYR A 7 -17.23 -2.60 10.73
CA TYR A 7 -15.93 -3.25 10.95
C TYR A 7 -16.08 -4.76 10.99
N SER A 8 -15.95 -5.39 9.84
CA SER A 8 -15.97 -6.82 9.76
C SER A 8 -14.58 -7.30 9.40
N ASP A 9 -13.89 -7.90 10.36
CA ASP A 9 -12.57 -8.45 10.10
C ASP A 9 -12.69 -9.66 9.20
N ALA A 10 -13.92 -10.14 9.06
CA ALA A 10 -14.21 -11.25 8.15
C ALA A 10 -14.31 -10.74 6.72
N GLN A 11 -14.87 -9.54 6.58
CA GLN A 11 -14.89 -8.86 5.30
C GLN A 11 -13.49 -8.44 4.91
N LEU A 12 -12.76 -7.92 5.89
CA LEU A 12 -11.39 -7.48 5.69
C LEU A 12 -10.56 -8.61 5.10
N SER A 13 -10.50 -9.74 5.79
CA SER A 13 -9.70 -10.87 5.34
C SER A 13 -10.11 -11.33 3.96
N ALA A 14 -11.42 -11.38 3.71
CA ALA A 14 -11.95 -11.79 2.42
C ALA A 14 -11.48 -10.87 1.30
N ILE A 15 -11.48 -9.57 1.56
CA ILE A 15 -11.06 -8.59 0.57
C ILE A 15 -9.59 -8.80 0.20
N VAL A 16 -8.74 -8.96 1.20
CA VAL A 16 -7.32 -9.14 0.95
C VAL A 16 -7.07 -10.50 0.31
N ASN A 17 -7.77 -11.52 0.81
CA ASN A 17 -7.62 -12.89 0.33
C ASN A 17 -7.98 -13.00 -1.14
N ASP A 18 -9.13 -12.41 -1.51
CA ASP A 18 -9.59 -12.48 -2.87
C ASP A 18 -8.65 -11.71 -3.76
N MET A 19 -8.17 -10.56 -3.26
CA MET A 19 -7.22 -9.72 -3.99
C MET A 19 -5.93 -10.48 -4.26
N ILE A 20 -5.52 -11.33 -3.31
CA ILE A 20 -4.37 -12.21 -3.50
C ILE A 20 -4.59 -13.08 -4.73
N ALA A 21 -5.77 -13.67 -4.81
CA ALA A 21 -6.14 -14.49 -5.96
C ALA A 21 -6.24 -13.64 -7.23
N VAL A 22 -6.78 -12.43 -7.09
CA VAL A 22 -6.89 -11.49 -8.21
C VAL A 22 -5.50 -11.16 -8.76
N LEU A 23 -4.56 -10.91 -7.85
CA LEU A 23 -3.19 -10.62 -8.22
C LEU A 23 -2.54 -11.83 -8.87
N GLU A 24 -2.87 -13.02 -8.37
CA GLU A 24 -2.33 -14.27 -8.89
C GLU A 24 -2.85 -14.53 -10.30
N LYS A 25 -4.02 -13.99 -10.62
CA LYS A 25 -4.62 -14.16 -11.94
C LYS A 25 -3.85 -13.40 -13.01
N HIS A 26 -3.17 -12.33 -12.60
CA HIS A 26 -2.42 -11.52 -13.55
C HIS A 26 -0.91 -11.77 -13.40
N LYS A 27 -0.50 -12.05 -12.17
CA LYS A 27 0.91 -12.24 -11.82
C LYS A 27 1.72 -10.98 -12.11
N ALA A 28 1.65 -10.03 -11.18
CA ALA A 28 2.44 -8.82 -11.29
C ALA A 28 3.90 -9.12 -10.94
N PRO A 29 4.85 -8.62 -11.74
CA PRO A 29 6.29 -8.90 -11.56
C PRO A 29 6.89 -8.21 -10.33
N VAL A 30 6.11 -8.12 -9.26
CA VAL A 30 6.52 -7.48 -8.00
C VAL A 30 6.62 -5.97 -8.15
N ASP A 31 7.42 -5.54 -9.12
CA ASP A 31 7.67 -4.13 -9.38
C ASP A 31 6.36 -3.38 -9.57
N LEU A 32 5.64 -3.71 -10.62
CA LEU A 32 4.41 -3.01 -10.98
C LEU A 32 3.37 -3.09 -9.87
N SER A 33 3.42 -4.16 -9.08
CA SER A 33 2.50 -4.31 -7.97
C SER A 33 2.81 -3.27 -6.90
N LEU A 34 4.09 -2.97 -6.72
CA LEU A 34 4.52 -1.98 -5.75
C LEU A 34 4.32 -0.57 -6.28
N ILE A 35 4.45 -0.39 -7.59
CA ILE A 35 4.23 0.91 -8.19
C ILE A 35 2.74 1.27 -8.14
N ALA A 36 1.89 0.32 -8.53
CA ALA A 36 0.44 0.44 -8.37
C ALA A 36 0.09 0.87 -6.95
N LEU A 37 0.59 0.14 -5.97
CA LEU A 37 0.36 0.46 -4.56
C LEU A 37 0.94 1.82 -4.19
N GLY A 38 2.15 2.09 -4.67
CA GLY A 38 2.78 3.37 -4.41
C GLY A 38 1.98 4.55 -4.92
N ASN A 39 1.54 4.47 -6.18
CA ASN A 39 0.72 5.52 -6.75
C ASN A 39 -0.64 5.57 -6.06
N MET A 40 -1.18 4.39 -5.77
CA MET A 40 -2.48 4.28 -5.10
C MET A 40 -2.43 4.94 -3.73
N ALA A 41 -1.39 4.62 -2.96
CA ALA A 41 -1.21 5.18 -1.62
C ALA A 41 -1.27 6.70 -1.65
N SER A 42 -0.42 7.29 -2.47
CA SER A 42 -0.35 8.73 -2.59
C SER A 42 -1.68 9.32 -3.05
N ASN A 43 -2.24 8.73 -4.10
CA ASN A 43 -3.47 9.24 -4.70
C ASN A 43 -4.63 9.16 -3.70
N LEU A 44 -4.77 8.03 -3.01
CA LEU A 44 -5.87 7.85 -2.07
C LEU A 44 -5.70 8.70 -0.82
N LEU A 45 -4.46 8.85 -0.37
CA LEU A 45 -4.19 9.65 0.82
C LEU A 45 -4.43 11.13 0.55
N THR A 46 -4.39 11.51 -0.72
CA THR A 46 -4.62 12.90 -1.06
C THR A 46 -6.05 13.16 -1.56
N THR A 47 -6.91 12.15 -1.48
CA THR A 47 -8.27 12.29 -1.97
C THR A 47 -9.31 11.69 -1.02
N SER A 48 -9.04 10.48 -0.54
CA SER A 48 -10.07 9.70 0.14
C SER A 48 -10.01 9.87 1.65
N VAL A 49 -8.81 9.85 2.21
CA VAL A 49 -8.67 9.98 3.65
C VAL A 49 -8.66 11.45 4.05
N PRO A 50 -9.00 11.76 5.31
CA PRO A 50 -8.97 13.13 5.82
C PRO A 50 -7.61 13.79 5.62
N GLN A 51 -7.58 14.82 4.79
CA GLN A 51 -6.34 15.50 4.44
C GLN A 51 -5.74 16.21 5.66
N THR A 52 -6.58 16.47 6.66
CA THR A 52 -6.11 17.08 7.89
C THR A 52 -5.41 16.04 8.78
N GLN A 53 -5.45 14.79 8.33
CA GLN A 53 -4.82 13.68 9.04
C GLN A 53 -3.97 12.87 8.08
N CYS A 54 -3.69 13.43 6.91
CA CYS A 54 -3.00 12.71 5.85
C CYS A 54 -1.60 12.33 6.29
N GLU A 55 -0.88 13.30 6.83
CA GLU A 55 0.49 13.08 7.29
C GLU A 55 0.51 12.23 8.56
N ALA A 56 -0.49 12.45 9.41
CA ALA A 56 -0.62 11.69 10.65
C ALA A 56 -0.79 10.20 10.36
N LEU A 57 -1.77 9.87 9.52
CA LEU A 57 -2.04 8.48 9.18
C LEU A 57 -0.90 7.87 8.38
N ALA A 58 -0.30 8.67 7.49
CA ALA A 58 0.81 8.20 6.68
C ALA A 58 1.97 7.76 7.56
N GLN A 59 2.38 8.62 8.49
CA GLN A 59 3.49 8.30 9.38
C GLN A 59 3.13 7.15 10.32
N ALA A 60 1.91 7.17 10.85
CA ALA A 60 1.44 6.10 11.73
C ALA A 60 1.50 4.75 11.02
N PHE A 61 0.96 4.72 9.80
CA PHE A 61 0.98 3.50 8.99
C PHE A 61 2.43 3.07 8.72
N SER A 62 3.27 4.03 8.37
CA SER A 62 4.67 3.76 8.08
C SER A 62 5.38 3.13 9.28
N ASN A 63 5.36 3.84 10.42
CA ASN A 63 6.08 3.39 11.62
C ASN A 63 5.58 2.04 12.10
N SER A 64 4.31 1.74 11.86
CA SER A 64 3.77 0.44 12.21
C SER A 64 4.42 -0.65 11.36
N LEU A 65 4.61 -0.37 10.07
CA LEU A 65 5.27 -1.31 9.17
C LEU A 65 6.74 -1.45 9.54
N ILE A 66 7.38 -0.31 9.83
CA ILE A 66 8.78 -0.30 10.25
C ILE A 66 8.97 -1.23 11.43
N ASN A 67 8.08 -1.09 12.40
CA ASN A 67 8.13 -1.88 13.62
C ASN A 67 8.02 -3.38 13.31
N ALA A 68 7.02 -3.73 12.51
CA ALA A 68 6.75 -5.13 12.19
C ALA A 68 7.91 -5.78 11.44
N VAL A 69 8.41 -5.09 10.43
CA VAL A 69 9.49 -5.63 9.61
C VAL A 69 10.79 -5.72 10.41
N LYS A 70 11.07 -4.70 11.21
CA LYS A 70 12.28 -4.66 12.01
C LYS A 70 12.23 -5.71 13.13
N THR A 71 11.05 -5.92 13.69
CA THR A 71 10.86 -6.92 14.72
C THR A 71 10.84 -8.33 14.10
N ARG A 72 10.57 -8.40 12.80
CA ARG A 72 10.68 -9.65 12.08
C ARG A 72 12.15 -10.02 11.92
N LEU A 73 12.96 -9.03 11.55
CA LEU A 73 14.41 -9.21 11.42
C LEU A 73 15.00 -9.57 12.78
N GLU A 74 14.79 -8.66 13.75
CA GLU A 74 15.09 -8.88 15.18
C GLU A 74 16.37 -9.69 15.41
N HIS A 75 17.50 -9.01 15.53
CA HIS A 75 18.76 -9.68 15.79
C HIS A 75 19.12 -9.61 17.26
N HIS A 76 18.96 -10.73 17.96
CA HIS A 76 19.34 -10.81 19.36
C HIS A 76 20.11 -12.10 19.62
N HIS A 77 21.41 -12.03 19.37
CA HIS A 77 22.28 -13.21 19.49
C HIS A 77 22.36 -13.66 20.94
N HIS A 78 22.40 -12.69 21.84
CA HIS A 78 22.33 -12.97 23.26
C HIS A 78 21.26 -12.11 23.90
N HIS A 79 20.44 -12.71 24.74
CA HIS A 79 19.32 -12.01 25.35
C HIS A 79 19.79 -11.05 26.43
N HIS A 80 19.26 -9.83 26.40
CA HIS A 80 19.54 -8.85 27.43
C HIS A 80 18.60 -9.04 28.60
N MET B 1 4.89 12.14 -22.71
CA MET B 1 4.11 12.19 -21.45
C MET B 1 4.58 11.11 -20.48
N ALA B 2 5.10 10.00 -21.01
CA ALA B 2 5.63 8.94 -20.17
C ALA B 2 6.99 9.34 -19.63
N GLN B 3 7.21 9.10 -18.35
CA GLN B 3 8.45 9.48 -17.70
C GLN B 3 9.29 8.25 -17.39
N HIS B 4 9.93 7.70 -18.42
CA HIS B 4 10.77 6.52 -18.30
C HIS B 4 10.00 5.34 -17.74
N SER B 5 9.32 4.62 -18.62
CA SER B 5 8.56 3.44 -18.24
C SER B 5 9.51 2.30 -17.87
N LYS B 6 9.49 1.92 -16.59
CA LYS B 6 10.36 0.84 -16.10
C LYS B 6 9.99 -0.47 -16.80
N TYR B 7 8.70 -0.70 -16.97
CA TYR B 7 8.21 -1.83 -17.72
C TYR B 7 7.23 -1.35 -18.79
N SER B 8 6.01 -1.08 -18.36
CA SER B 8 4.98 -0.52 -19.21
C SER B 8 4.05 0.30 -18.34
N ASP B 9 4.10 1.60 -18.52
CA ASP B 9 3.25 2.51 -17.75
C ASP B 9 1.78 2.21 -18.02
N ALA B 10 1.52 1.62 -19.17
CA ALA B 10 0.17 1.23 -19.54
C ALA B 10 -0.21 -0.05 -18.81
N GLN B 11 0.74 -0.97 -18.69
CA GLN B 11 0.52 -2.22 -18.00
C GLN B 11 0.40 -1.98 -16.50
N LEU B 12 1.25 -1.11 -15.99
CA LEU B 12 1.23 -0.72 -14.59
C LEU B 12 -0.14 -0.23 -14.18
N SER B 13 -0.62 0.78 -14.89
CA SER B 13 -1.84 1.43 -14.49
C SER B 13 -3.07 0.62 -14.85
N ALA B 14 -2.91 -0.38 -15.71
CA ALA B 14 -3.98 -1.31 -15.99
C ALA B 14 -4.23 -2.19 -14.77
N ILE B 15 -3.14 -2.57 -14.10
CA ILE B 15 -3.23 -3.36 -12.88
C ILE B 15 -3.87 -2.56 -11.75
N VAL B 16 -3.38 -1.33 -11.54
CA VAL B 16 -3.91 -0.49 -10.48
C VAL B 16 -5.30 0.03 -10.83
N ASN B 17 -5.63 0.02 -12.12
CA ASN B 17 -6.98 0.35 -12.59
C ASN B 17 -7.97 -0.64 -11.99
N ASP B 18 -7.69 -1.93 -12.20
CA ASP B 18 -8.50 -3.00 -11.62
C ASP B 18 -8.57 -2.85 -10.12
N MET B 19 -7.42 -2.73 -9.47
CA MET B 19 -7.36 -2.65 -8.01
C MET B 19 -8.32 -1.59 -7.47
N ILE B 20 -8.20 -0.36 -7.95
CA ILE B 20 -9.04 0.73 -7.47
C ILE B 20 -10.50 0.52 -7.85
N ALA B 21 -10.74 0.10 -9.08
CA ALA B 21 -12.10 -0.07 -9.58
C ALA B 21 -12.82 -1.22 -8.87
N VAL B 22 -12.07 -2.26 -8.51
CA VAL B 22 -12.63 -3.39 -7.78
C VAL B 22 -13.02 -2.96 -6.36
N LEU B 23 -12.15 -2.17 -5.73
CA LEU B 23 -12.46 -1.61 -4.42
C LEU B 23 -13.70 -0.74 -4.49
N GLU B 24 -13.79 0.03 -5.57
CA GLU B 24 -14.94 0.88 -5.82
C GLU B 24 -16.21 0.04 -5.98
N LYS B 25 -16.17 -0.96 -6.86
CA LYS B 25 -17.32 -1.84 -7.08
C LYS B 25 -17.71 -2.57 -5.80
N HIS B 26 -16.71 -2.90 -4.99
CA HIS B 26 -16.95 -3.61 -3.73
C HIS B 26 -17.53 -2.65 -2.69
N LYS B 27 -17.38 -1.35 -2.94
CA LYS B 27 -17.90 -0.31 -2.05
C LYS B 27 -17.26 -0.41 -0.66
N ALA B 28 -15.99 -0.76 -0.64
CA ALA B 28 -15.26 -0.92 0.61
C ALA B 28 -14.90 0.43 1.20
N PRO B 29 -15.24 0.66 2.47
CA PRO B 29 -14.94 1.93 3.16
C PRO B 29 -13.44 2.17 3.28
N VAL B 30 -13.06 3.41 3.56
CA VAL B 30 -11.65 3.78 3.67
C VAL B 30 -10.95 3.00 4.77
N ASP B 31 -11.73 2.49 5.72
CA ASP B 31 -11.20 1.70 6.82
C ASP B 31 -10.61 0.40 6.31
N LEU B 32 -11.48 -0.47 5.81
CA LEU B 32 -11.08 -1.83 5.42
C LEU B 32 -10.16 -1.84 4.21
N SER B 33 -10.31 -0.86 3.33
CA SER B 33 -9.49 -0.79 2.13
C SER B 33 -8.03 -0.54 2.50
N LEU B 34 -7.79 0.39 3.41
CA LEU B 34 -6.43 0.69 3.87
C LEU B 34 -5.83 -0.49 4.61
N ILE B 35 -6.65 -1.20 5.37
CA ILE B 35 -6.17 -2.37 6.12
C ILE B 35 -5.73 -3.47 5.14
N ALA B 36 -6.53 -3.71 4.11
CA ALA B 36 -6.19 -4.67 3.07
C ALA B 36 -4.87 -4.29 2.40
N LEU B 37 -4.71 -3.01 2.13
CA LEU B 37 -3.46 -2.50 1.57
C LEU B 37 -2.31 -2.70 2.55
N GLY B 38 -2.60 -2.47 3.83
CA GLY B 38 -1.61 -2.68 4.87
C GLY B 38 -1.17 -4.13 4.96
N ASN B 39 -2.11 -5.05 4.78
CA ASN B 39 -1.80 -6.47 4.76
C ASN B 39 -0.87 -6.79 3.60
N MET B 40 -1.21 -6.27 2.43
CA MET B 40 -0.40 -6.46 1.24
C MET B 40 1.00 -5.87 1.42
N ALA B 41 1.04 -4.61 1.86
CA ALA B 41 2.29 -3.88 2.05
C ALA B 41 3.24 -4.66 2.94
N SER B 42 2.79 -5.02 4.14
CA SER B 42 3.61 -5.74 5.10
C SER B 42 4.02 -7.11 4.55
N ASN B 43 3.06 -7.82 3.95
CA ASN B 43 3.30 -9.16 3.41
C ASN B 43 4.38 -9.13 2.33
N LEU B 44 4.34 -8.13 1.46
CA LEU B 44 5.32 -8.02 0.39
C LEU B 44 6.64 -7.46 0.91
N LEU B 45 6.55 -6.50 1.82
CA LEU B 45 7.73 -5.81 2.34
C LEU B 45 8.57 -6.73 3.23
N THR B 46 7.99 -7.85 3.65
CA THR B 46 8.71 -8.80 4.48
C THR B 46 9.31 -9.92 3.64
N THR B 47 8.71 -10.21 2.49
CA THR B 47 9.09 -11.37 1.71
C THR B 47 9.82 -11.00 0.42
N SER B 48 9.42 -9.91 -0.23
CA SER B 48 9.90 -9.60 -1.57
C SER B 48 11.20 -8.78 -1.54
N VAL B 49 11.18 -7.68 -0.80
CA VAL B 49 12.34 -6.78 -0.77
C VAL B 49 13.49 -7.40 0.02
N PRO B 50 14.74 -7.08 -0.36
CA PRO B 50 15.94 -7.60 0.29
C PRO B 50 15.95 -7.35 1.79
N GLN B 51 16.07 -8.43 2.57
CA GLN B 51 16.06 -8.36 4.02
C GLN B 51 17.24 -7.53 4.55
N THR B 52 18.27 -7.38 3.73
CA THR B 52 19.44 -6.61 4.13
C THR B 52 19.14 -5.11 4.12
N GLN B 53 18.03 -4.74 3.47
CA GLN B 53 17.65 -3.34 3.35
C GLN B 53 16.18 -3.16 3.70
N CYS B 54 15.65 -4.10 4.47
CA CYS B 54 14.23 -4.11 4.78
C CYS B 54 13.78 -2.83 5.48
N GLU B 55 14.50 -2.44 6.51
CA GLU B 55 14.14 -1.25 7.29
C GLU B 55 14.47 0.04 6.52
N ALA B 56 15.45 -0.03 5.62
CA ALA B 56 15.81 1.10 4.79
C ALA B 56 14.75 1.33 3.71
N LEU B 57 14.37 0.27 3.03
CA LEU B 57 13.36 0.35 1.97
C LEU B 57 12.00 0.69 2.55
N ALA B 58 11.75 0.22 3.76
CA ALA B 58 10.53 0.56 4.47
C ALA B 58 10.45 2.06 4.72
N GLN B 59 11.57 2.65 5.11
CA GLN B 59 11.66 4.09 5.31
C GLN B 59 11.54 4.84 3.97
N ALA B 60 12.16 4.27 2.94
CA ALA B 60 12.10 4.86 1.61
C ALA B 60 10.65 4.93 1.12
N PHE B 61 9.90 3.85 1.35
CA PHE B 61 8.48 3.82 1.02
C PHE B 61 7.73 4.92 1.78
N SER B 62 8.06 5.06 3.06
CA SER B 62 7.45 6.10 3.88
C SER B 62 7.81 7.49 3.35
N ASN B 63 9.10 7.79 3.30
CA ASN B 63 9.60 9.12 2.94
C ASN B 63 9.05 9.57 1.59
N SER B 64 8.99 8.65 0.64
CA SER B 64 8.53 8.97 -0.69
C SER B 64 7.04 9.31 -0.68
N LEU B 65 6.26 8.59 0.11
CA LEU B 65 4.83 8.88 0.24
C LEU B 65 4.61 10.24 0.90
N ILE B 66 5.35 10.50 1.98
CA ILE B 66 5.21 11.77 2.70
C ILE B 66 5.59 12.92 1.77
N ASN B 67 6.64 12.71 0.99
CA ASN B 67 7.11 13.71 0.05
C ASN B 67 6.12 13.89 -1.10
N ALA B 68 5.48 12.79 -1.50
CA ALA B 68 4.45 12.84 -2.54
C ALA B 68 3.30 13.74 -2.10
N VAL B 69 2.86 13.55 -0.86
CA VAL B 69 1.83 14.40 -0.28
C VAL B 69 2.29 15.86 -0.27
N LYS B 70 3.56 16.06 0.07
CA LYS B 70 4.16 17.40 0.07
C LYS B 70 4.19 17.98 -1.35
N THR B 71 4.32 17.13 -2.34
CA THR B 71 4.38 17.56 -3.73
C THR B 71 2.97 17.72 -4.30
N ARG B 72 1.99 17.28 -3.52
CA ARG B 72 0.59 17.50 -3.88
C ARG B 72 0.07 18.77 -3.23
N LEU B 73 0.33 18.88 -1.94
CA LEU B 73 -0.03 20.06 -1.17
C LEU B 73 0.66 21.30 -1.74
N GLU B 74 1.91 21.14 -2.16
CA GLU B 74 2.65 22.22 -2.78
C GLU B 74 2.58 22.10 -4.30
N HIS B 75 1.83 23.01 -4.90
CA HIS B 75 1.63 23.01 -6.34
C HIS B 75 1.70 24.44 -6.87
N HIS B 76 2.79 24.76 -7.54
CA HIS B 76 3.00 26.11 -8.04
C HIS B 76 3.11 26.09 -9.56
N HIS B 77 2.65 27.15 -10.21
CA HIS B 77 2.79 27.28 -11.64
C HIS B 77 4.07 28.03 -11.97
N HIS B 78 4.28 29.14 -11.27
CA HIS B 78 5.50 29.92 -11.39
C HIS B 78 6.48 29.44 -10.33
N HIS B 79 7.52 28.74 -10.76
CA HIS B 79 8.50 28.16 -9.84
C HIS B 79 7.85 27.12 -8.92
N HIS B 80 8.01 25.85 -9.25
CA HIS B 80 7.47 24.79 -8.42
C HIS B 80 8.24 24.69 -7.11
N MET A 1 -22.86 4.39 14.64
CA MET A 1 -22.06 4.13 13.42
C MET A 1 -22.97 4.17 12.20
N ALA A 2 -22.44 4.67 11.10
CA ALA A 2 -23.21 4.80 9.87
C ALA A 2 -23.49 3.44 9.25
N GLN A 3 -24.76 3.02 9.29
CA GLN A 3 -25.22 1.79 8.64
C GLN A 3 -24.45 0.59 9.17
N HIS A 4 -24.33 -0.45 8.34
CA HIS A 4 -23.55 -1.63 8.70
C HIS A 4 -22.11 -1.48 8.20
N SER A 5 -21.67 -0.25 8.04
CA SER A 5 -20.31 0.04 7.63
C SER A 5 -19.41 0.11 8.86
N LYS A 6 -19.67 -0.78 9.81
CA LYS A 6 -18.99 -0.75 11.10
C LYS A 6 -17.67 -1.50 11.06
N TYR A 7 -17.08 -1.54 9.86
CA TYR A 7 -15.79 -2.18 9.63
C TYR A 7 -15.84 -3.68 9.90
N SER A 8 -16.27 -4.43 8.90
CA SER A 8 -16.30 -5.87 9.00
C SER A 8 -14.94 -6.43 8.66
N ASP A 9 -14.22 -6.87 9.69
CA ASP A 9 -12.92 -7.50 9.50
C ASP A 9 -13.08 -8.77 8.68
N ALA A 10 -14.33 -9.21 8.57
CA ALA A 10 -14.65 -10.38 7.78
C ALA A 10 -14.67 -10.00 6.31
N GLN A 11 -15.25 -8.83 6.04
CA GLN A 11 -15.26 -8.31 4.68
C GLN A 11 -13.85 -7.86 4.28
N LEU A 12 -13.15 -7.26 5.23
CA LEU A 12 -11.77 -6.83 5.02
C LEU A 12 -10.93 -7.99 4.51
N SER A 13 -10.81 -9.03 5.32
CA SER A 13 -9.99 -10.19 4.99
C SER A 13 -10.40 -10.80 3.66
N ALA A 14 -11.72 -10.81 3.39
CA ALA A 14 -12.22 -11.32 2.12
C ALA A 14 -11.67 -10.50 0.95
N ILE A 15 -11.60 -9.20 1.13
CA ILE A 15 -11.07 -8.30 0.12
C ILE A 15 -9.57 -8.52 -0.08
N VAL A 16 -8.84 -8.55 1.03
CA VAL A 16 -7.38 -8.66 0.97
C VAL A 16 -6.97 -10.02 0.37
N ASN A 17 -7.67 -11.08 0.76
CA ASN A 17 -7.40 -12.42 0.24
C ASN A 17 -7.62 -12.49 -1.26
N ASP A 18 -8.70 -11.86 -1.73
CA ASP A 18 -9.00 -11.85 -3.15
C ASP A 18 -7.93 -11.07 -3.88
N MET A 19 -7.66 -9.86 -3.41
CA MET A 19 -6.63 -8.99 -3.98
C MET A 19 -5.30 -9.74 -4.11
N ILE A 20 -4.91 -10.46 -3.07
CA ILE A 20 -3.68 -11.25 -3.12
C ILE A 20 -3.76 -12.31 -4.22
N ALA A 21 -4.85 -13.07 -4.21
CA ALA A 21 -5.04 -14.16 -5.18
C ALA A 21 -5.07 -13.62 -6.61
N VAL A 22 -5.74 -12.49 -6.80
CA VAL A 22 -5.84 -11.86 -8.10
C VAL A 22 -4.45 -11.51 -8.64
N LEU A 23 -3.63 -10.92 -7.78
CA LEU A 23 -2.27 -10.54 -8.18
C LEU A 23 -1.42 -11.77 -8.50
N GLU A 24 -1.64 -12.85 -7.76
CA GLU A 24 -0.93 -14.10 -8.03
C GLU A 24 -1.33 -14.66 -9.38
N LYS A 25 -2.62 -14.57 -9.69
CA LYS A 25 -3.14 -15.04 -10.98
C LYS A 25 -2.66 -14.15 -12.12
N HIS A 26 -2.51 -12.86 -11.82
CA HIS A 26 -2.08 -11.88 -12.83
C HIS A 26 -0.57 -12.00 -13.04
N LYS A 27 0.13 -12.45 -12.00
CA LYS A 27 1.59 -12.56 -12.03
C LYS A 27 2.22 -11.21 -12.36
N ALA A 28 2.25 -10.32 -11.37
CA ALA A 28 2.82 -9.00 -11.56
C ALA A 28 4.10 -8.86 -10.75
N PRO A 29 5.17 -8.30 -11.37
CA PRO A 29 6.45 -8.14 -10.70
C PRO A 29 6.37 -7.07 -9.61
N VAL A 30 7.24 -7.20 -8.61
CA VAL A 30 7.24 -6.30 -7.45
C VAL A 30 7.50 -4.84 -7.87
N ASP A 31 8.03 -4.66 -9.07
CA ASP A 31 8.25 -3.32 -9.59
C ASP A 31 6.92 -2.62 -9.77
N LEU A 32 6.11 -3.12 -10.70
CA LEU A 32 4.81 -2.52 -11.00
C LEU A 32 3.86 -2.67 -9.81
N SER A 33 3.94 -3.81 -9.13
CA SER A 33 3.07 -4.11 -8.00
C SER A 33 3.20 -3.04 -6.91
N LEU A 34 4.44 -2.78 -6.49
CA LEU A 34 4.68 -1.83 -5.41
C LEU A 34 4.48 -0.40 -5.88
N ILE A 35 4.68 -0.13 -7.16
CA ILE A 35 4.42 1.21 -7.69
C ILE A 35 2.93 1.48 -7.76
N ALA A 36 2.16 0.47 -8.15
CA ALA A 36 0.71 0.58 -8.16
C ALA A 36 0.20 0.88 -6.77
N LEU A 37 0.71 0.13 -5.79
CA LEU A 37 0.36 0.35 -4.39
C LEU A 37 0.87 1.69 -3.91
N GLY A 38 2.06 2.09 -4.38
CA GLY A 38 2.62 3.37 -4.02
C GLY A 38 1.79 4.53 -4.53
N ASN A 39 1.50 4.52 -5.83
CA ASN A 39 0.67 5.54 -6.44
C ASN A 39 -0.72 5.55 -5.81
N MET A 40 -1.24 4.35 -5.54
CA MET A 40 -2.55 4.22 -4.91
C MET A 40 -2.53 4.78 -3.49
N ALA A 41 -1.54 4.37 -2.71
CA ALA A 41 -1.40 4.82 -1.33
C ALA A 41 -1.29 6.34 -1.25
N SER A 42 -0.44 6.90 -2.12
CA SER A 42 -0.25 8.35 -2.15
C SER A 42 -1.57 9.06 -2.47
N ASN A 43 -2.25 8.58 -3.50
CA ASN A 43 -3.52 9.17 -3.91
C ASN A 43 -4.57 9.02 -2.82
N LEU A 44 -4.56 7.88 -2.14
CA LEU A 44 -5.48 7.65 -1.04
C LEU A 44 -5.15 8.53 0.16
N LEU A 45 -3.86 8.69 0.44
CA LEU A 45 -3.43 9.54 1.55
C LEU A 45 -3.74 11.01 1.28
N THR A 46 -3.99 11.35 0.02
CA THR A 46 -4.38 12.71 -0.32
C THR A 46 -5.87 12.82 -0.64
N THR A 47 -6.63 11.75 -0.39
CA THR A 47 -8.06 11.73 -0.72
C THR A 47 -8.91 11.10 0.38
N SER A 48 -8.44 9.97 0.90
CA SER A 48 -9.20 9.18 1.86
C SER A 48 -9.07 9.70 3.29
N VAL A 49 -8.10 10.59 3.50
CA VAL A 49 -7.87 11.14 4.83
C VAL A 49 -8.70 12.40 5.02
N PRO A 50 -8.87 12.84 6.29
CA PRO A 50 -9.52 14.11 6.60
C PRO A 50 -8.86 15.28 5.88
N GLN A 51 -7.68 15.67 6.36
CA GLN A 51 -6.89 16.72 5.72
C GLN A 51 -5.59 16.95 6.48
N THR A 52 -5.67 17.71 7.57
CA THR A 52 -4.49 18.12 8.31
C THR A 52 -3.84 16.94 9.03
N GLN A 53 -4.66 16.02 9.50
CA GLN A 53 -4.20 14.87 10.29
C GLN A 53 -3.42 13.89 9.42
N CYS A 54 -3.40 14.13 8.12
CA CYS A 54 -2.72 13.22 7.19
C CYS A 54 -1.25 13.03 7.56
N GLU A 55 -0.60 14.11 8.00
CA GLU A 55 0.82 14.06 8.35
C GLU A 55 1.06 13.05 9.47
N ALA A 56 0.20 13.05 10.46
CA ALA A 56 0.30 12.11 11.57
C ALA A 56 -0.05 10.70 11.13
N LEU A 57 -1.13 10.56 10.38
CA LEU A 57 -1.60 9.25 9.93
C LEU A 57 -0.61 8.60 8.97
N ALA A 58 -0.06 9.38 8.04
CA ALA A 58 0.89 8.88 7.07
C ALA A 58 2.16 8.39 7.77
N GLN A 59 2.63 9.16 8.73
CA GLN A 59 3.83 8.80 9.48
C GLN A 59 3.55 7.60 10.38
N ALA A 60 2.31 7.48 10.84
CA ALA A 60 1.90 6.34 11.62
C ALA A 60 1.94 5.07 10.75
N PHE A 61 1.39 5.17 9.56
CA PHE A 61 1.42 4.06 8.61
C PHE A 61 2.85 3.74 8.22
N SER A 62 3.64 4.79 8.04
CA SER A 62 5.06 4.66 7.76
C SER A 62 5.75 3.80 8.83
N ASN A 63 5.70 4.26 10.07
CA ASN A 63 6.32 3.54 11.19
C ASN A 63 5.69 2.17 11.40
N SER A 64 4.44 2.02 11.03
CA SER A 64 3.76 0.73 11.11
C SER A 64 4.47 -0.27 10.19
N LEU A 65 4.80 0.17 8.98
CA LEU A 65 5.53 -0.65 8.04
C LEU A 65 6.95 -0.89 8.53
N ILE A 66 7.54 0.15 9.12
CA ILE A 66 8.88 0.04 9.68
C ILE A 66 8.91 -1.04 10.74
N ASN A 67 7.96 -0.96 11.68
CA ASN A 67 7.87 -1.92 12.77
C ASN A 67 7.58 -3.31 12.24
N ALA A 68 6.78 -3.40 11.19
CA ALA A 68 6.45 -4.67 10.55
C ALA A 68 7.72 -5.37 10.07
N VAL A 69 8.57 -4.62 9.38
CA VAL A 69 9.84 -5.16 8.90
C VAL A 69 10.76 -5.55 10.06
N LYS A 70 10.81 -4.70 11.08
CA LYS A 70 11.62 -4.98 12.27
C LYS A 70 11.13 -6.25 12.97
N THR A 71 9.82 -6.42 13.04
CA THR A 71 9.22 -7.58 13.67
C THR A 71 9.36 -8.81 12.76
N ARG A 72 9.57 -8.58 11.47
CA ARG A 72 9.80 -9.66 10.53
C ARG A 72 11.20 -10.23 10.75
N LEU A 73 12.14 -9.35 11.05
CA LEU A 73 13.52 -9.75 11.32
C LEU A 73 13.67 -10.22 12.77
N GLU A 74 12.98 -9.53 13.67
CA GLU A 74 13.04 -9.79 15.11
C GLU A 74 14.40 -9.44 15.70
N HIS A 75 14.38 -8.70 16.79
CA HIS A 75 15.61 -8.27 17.45
C HIS A 75 16.25 -9.43 18.21
N HIS A 76 15.45 -10.44 18.51
CA HIS A 76 15.94 -11.65 19.15
C HIS A 76 15.89 -12.81 18.17
N HIS A 77 17.03 -13.17 17.60
CA HIS A 77 17.08 -14.25 16.61
C HIS A 77 17.72 -15.50 17.21
N HIS A 78 18.55 -15.30 18.23
CA HIS A 78 19.29 -16.38 18.89
C HIS A 78 20.22 -17.08 17.90
N HIS A 79 19.68 -18.06 17.19
CA HIS A 79 20.44 -18.87 16.24
C HIS A 79 19.58 -20.06 15.77
N HIS A 80 18.52 -20.33 16.54
CA HIS A 80 17.63 -21.47 16.31
C HIS A 80 18.35 -22.76 16.66
N MET B 1 15.04 13.19 -16.73
CA MET B 1 13.90 12.28 -16.46
C MET B 1 13.18 11.95 -17.75
N ALA B 2 13.40 10.74 -18.26
CA ALA B 2 12.79 10.32 -19.51
C ALA B 2 12.11 8.96 -19.36
N GLN B 3 12.62 8.13 -18.47
CA GLN B 3 12.06 6.80 -18.27
C GLN B 3 11.15 6.80 -17.03
N HIS B 4 9.85 6.66 -17.28
CA HIS B 4 8.88 6.67 -16.19
C HIS B 4 8.55 5.24 -15.77
N SER B 5 8.43 4.37 -16.75
CA SER B 5 8.22 2.96 -16.50
C SER B 5 8.84 2.15 -17.64
N LYS B 6 9.93 1.47 -17.35
CA LYS B 6 10.64 0.68 -18.35
C LYS B 6 9.80 -0.52 -18.78
N TYR B 7 8.95 -0.98 -17.87
CA TYR B 7 8.05 -2.08 -18.17
C TYR B 7 6.92 -1.60 -19.07
N SER B 8 6.04 -0.78 -18.50
CA SER B 8 4.88 -0.29 -19.22
C SER B 8 4.00 0.53 -18.27
N ASP B 9 3.81 1.80 -18.60
CA ASP B 9 2.89 2.65 -17.88
C ASP B 9 1.46 2.13 -18.08
N ALA B 10 1.28 1.40 -19.18
CA ALA B 10 -0.01 0.81 -19.49
C ALA B 10 -0.27 -0.39 -18.58
N GLN B 11 0.78 -1.15 -18.31
CA GLN B 11 0.66 -2.30 -17.40
C GLN B 11 0.48 -1.83 -15.97
N LEU B 12 1.19 -0.77 -15.59
CA LEU B 12 1.09 -0.22 -14.25
C LEU B 12 -0.34 0.21 -13.97
N SER B 13 -0.87 1.09 -14.82
CA SER B 13 -2.21 1.63 -14.64
C SER B 13 -3.26 0.51 -14.63
N ALA B 14 -3.06 -0.50 -15.47
CA ALA B 14 -3.99 -1.63 -15.55
C ALA B 14 -4.08 -2.36 -14.21
N ILE B 15 -2.97 -2.46 -13.50
CA ILE B 15 -2.95 -3.12 -12.21
C ILE B 15 -3.71 -2.28 -11.17
N VAL B 16 -3.49 -0.97 -11.19
CA VAL B 16 -4.17 -0.09 -10.24
C VAL B 16 -5.66 0.01 -10.60
N ASN B 17 -5.97 -0.17 -11.88
CA ASN B 17 -7.35 -0.19 -12.34
C ASN B 17 -8.07 -1.42 -11.81
N ASP B 18 -7.35 -2.52 -11.66
CA ASP B 18 -7.93 -3.73 -11.10
C ASP B 18 -8.24 -3.48 -9.64
N MET B 19 -7.31 -2.83 -8.94
CA MET B 19 -7.50 -2.45 -7.55
C MET B 19 -8.80 -1.68 -7.37
N ILE B 20 -9.05 -0.73 -8.27
CA ILE B 20 -10.29 0.04 -8.27
C ILE B 20 -11.49 -0.88 -8.40
N ALA B 21 -11.37 -1.86 -9.29
CA ALA B 21 -12.43 -2.84 -9.51
C ALA B 21 -12.61 -3.72 -8.28
N VAL B 22 -11.50 -4.07 -7.63
CA VAL B 22 -11.52 -4.86 -6.40
C VAL B 22 -12.34 -4.15 -5.33
N LEU B 23 -12.11 -2.85 -5.18
CA LEU B 23 -12.87 -2.04 -4.25
C LEU B 23 -14.33 -1.98 -4.67
N GLU B 24 -14.54 -1.78 -5.98
CA GLU B 24 -15.87 -1.70 -6.56
C GLU B 24 -16.66 -2.99 -6.34
N LYS B 25 -15.96 -4.12 -6.20
CA LYS B 25 -16.61 -5.41 -5.96
C LYS B 25 -17.45 -5.36 -4.68
N HIS B 26 -16.85 -4.88 -3.60
CA HIS B 26 -17.52 -4.85 -2.31
C HIS B 26 -18.14 -3.50 -2.01
N LYS B 27 -17.67 -2.48 -2.73
CA LYS B 27 -18.13 -1.11 -2.51
C LYS B 27 -17.90 -0.72 -1.05
N ALA B 28 -16.63 -0.78 -0.66
CA ALA B 28 -16.24 -0.57 0.73
C ALA B 28 -15.82 0.88 0.97
N PRO B 29 -15.89 1.35 2.23
CA PRO B 29 -15.43 2.70 2.60
C PRO B 29 -13.90 2.80 2.57
N VAL B 30 -13.40 4.03 2.74
CA VAL B 30 -11.97 4.30 2.65
C VAL B 30 -11.18 3.52 3.70
N ASP B 31 -11.78 3.29 4.87
CA ASP B 31 -11.09 2.61 5.95
C ASP B 31 -10.74 1.18 5.55
N LEU B 32 -11.74 0.41 5.15
CA LEU B 32 -11.54 -0.98 4.76
C LEU B 32 -10.59 -1.07 3.56
N SER B 33 -10.73 -0.15 2.63
CA SER B 33 -9.86 -0.09 1.47
C SER B 33 -8.42 0.16 1.90
N LEU B 34 -8.25 1.00 2.91
CA LEU B 34 -6.93 1.39 3.37
C LEU B 34 -6.27 0.26 4.15
N ILE B 35 -7.05 -0.44 4.97
CA ILE B 35 -6.52 -1.52 5.79
C ILE B 35 -6.13 -2.72 4.93
N ALA B 36 -6.90 -2.99 3.87
CA ALA B 36 -6.56 -4.03 2.92
C ALA B 36 -5.22 -3.72 2.27
N LEU B 37 -5.05 -2.46 1.87
CA LEU B 37 -3.79 -2.00 1.30
C LEU B 37 -2.68 -2.10 2.35
N GLY B 38 -3.03 -1.76 3.59
CA GLY B 38 -2.08 -1.86 4.69
C GLY B 38 -1.57 -3.27 4.90
N ASN B 39 -2.49 -4.23 5.01
CA ASN B 39 -2.12 -5.63 5.19
C ASN B 39 -1.34 -6.12 3.98
N MET B 40 -1.76 -5.70 2.78
CA MET B 40 -1.09 -6.09 1.54
C MET B 40 0.33 -5.53 1.50
N ALA B 41 0.47 -4.25 1.82
CA ALA B 41 1.77 -3.60 1.83
C ALA B 41 2.71 -4.30 2.79
N SER B 42 2.24 -4.53 4.01
CA SER B 42 3.01 -5.21 5.03
C SER B 42 3.41 -6.61 4.53
N ASN B 43 2.43 -7.35 4.02
CA ASN B 43 2.67 -8.69 3.48
C ASN B 43 3.77 -8.67 2.43
N LEU B 44 3.65 -7.77 1.46
CA LEU B 44 4.61 -7.71 0.37
C LEU B 44 5.99 -7.26 0.85
N LEU B 45 6.03 -6.28 1.75
CA LEU B 45 7.29 -5.73 2.21
C LEU B 45 8.00 -6.69 3.18
N THR B 46 7.30 -7.73 3.61
CA THR B 46 7.91 -8.69 4.51
C THR B 46 8.24 -10.01 3.80
N THR B 47 7.88 -10.11 2.52
CA THR B 47 8.06 -11.35 1.78
C THR B 47 8.74 -11.16 0.43
N SER B 48 8.35 -10.12 -0.30
CA SER B 48 8.74 -10.01 -1.70
C SER B 48 9.70 -8.84 -1.95
N VAL B 49 10.48 -8.49 -0.94
CA VAL B 49 11.49 -7.46 -1.10
C VAL B 49 12.88 -8.04 -0.88
N PRO B 50 13.92 -7.43 -1.49
CA PRO B 50 15.30 -7.84 -1.26
C PRO B 50 15.63 -7.90 0.23
N GLN B 51 15.86 -9.09 0.73
CA GLN B 51 16.02 -9.34 2.16
C GLN B 51 17.20 -8.57 2.77
N THR B 52 18.22 -8.30 1.97
CA THR B 52 19.39 -7.60 2.47
C THR B 52 19.19 -6.10 2.48
N GLN B 53 18.43 -5.62 1.50
CA GLN B 53 18.22 -4.19 1.34
C GLN B 53 16.83 -3.83 1.83
N CYS B 54 16.24 -4.75 2.60
CA CYS B 54 14.89 -4.56 3.13
C CYS B 54 14.78 -3.28 3.94
N GLU B 55 15.78 -3.04 4.81
CA GLU B 55 15.82 -1.86 5.65
C GLU B 55 15.69 -0.59 4.82
N ALA B 56 16.45 -0.53 3.74
CA ALA B 56 16.48 0.65 2.87
C ALA B 56 15.16 0.82 2.14
N LEU B 57 14.61 -0.26 1.62
CA LEU B 57 13.36 -0.19 0.85
C LEU B 57 12.16 0.12 1.74
N ALA B 58 12.15 -0.44 2.95
CA ALA B 58 11.07 -0.19 3.89
C ALA B 58 10.97 1.30 4.20
N GLN B 59 12.10 1.90 4.52
CA GLN B 59 12.14 3.33 4.83
C GLN B 59 11.93 4.16 3.56
N ALA B 60 12.39 3.64 2.44
CA ALA B 60 12.24 4.33 1.16
C ALA B 60 10.76 4.47 0.79
N PHE B 61 10.03 3.36 0.85
CA PHE B 61 8.63 3.35 0.46
C PHE B 61 7.81 4.26 1.38
N SER B 62 8.05 4.14 2.68
CA SER B 62 7.30 4.88 3.67
C SER B 62 7.57 6.40 3.55
N ASN B 63 8.84 6.78 3.55
CA ASN B 63 9.22 8.18 3.46
C ASN B 63 8.83 8.76 2.09
N SER B 64 8.76 7.90 1.09
CA SER B 64 8.33 8.32 -0.24
C SER B 64 6.88 8.77 -0.19
N LEU B 65 6.06 8.05 0.56
CA LEU B 65 4.66 8.41 0.73
C LEU B 65 4.53 9.77 1.41
N ILE B 66 5.35 9.98 2.44
CA ILE B 66 5.34 11.23 3.18
C ILE B 66 5.60 12.41 2.25
N ASN B 67 6.62 12.27 1.43
CA ASN B 67 7.01 13.31 0.48
C ASN B 67 5.96 13.46 -0.62
N ALA B 68 5.42 12.34 -1.10
CA ALA B 68 4.41 12.37 -2.15
C ALA B 68 3.18 13.16 -1.72
N VAL B 69 2.69 12.87 -0.51
CA VAL B 69 1.54 13.60 0.03
C VAL B 69 1.87 15.09 0.17
N LYS B 70 3.02 15.36 0.78
CA LYS B 70 3.48 16.72 1.02
C LYS B 70 3.54 17.52 -0.28
N THR B 71 4.23 16.98 -1.27
CA THR B 71 4.46 17.69 -2.53
C THR B 71 3.18 17.80 -3.36
N ARG B 72 2.24 16.88 -3.16
CA ARG B 72 0.96 16.98 -3.85
C ARG B 72 0.12 18.07 -3.21
N LEU B 73 -0.02 18.00 -1.88
CA LEU B 73 -0.82 18.95 -1.13
C LEU B 73 -0.24 20.36 -1.23
N GLU B 74 1.08 20.42 -1.41
CA GLU B 74 1.77 21.69 -1.60
C GLU B 74 1.18 22.47 -2.78
N HIS B 75 0.70 23.67 -2.50
CA HIS B 75 0.15 24.52 -3.53
C HIS B 75 1.28 25.34 -4.15
N HIS B 76 2.21 24.61 -4.76
CA HIS B 76 3.44 25.19 -5.29
C HIS B 76 3.15 26.21 -6.40
N HIS B 77 3.79 27.36 -6.31
CA HIS B 77 3.63 28.40 -7.32
C HIS B 77 4.56 28.11 -8.50
N HIS B 78 4.41 28.87 -9.57
CA HIS B 78 5.16 28.63 -10.80
C HIS B 78 5.88 29.89 -11.24
N HIS B 79 6.30 30.69 -10.26
CA HIS B 79 6.85 32.03 -10.48
C HIS B 79 5.76 32.99 -10.90
N HIS B 80 5.91 34.25 -10.54
CA HIS B 80 4.91 35.25 -10.89
C HIS B 80 5.61 36.51 -11.42
#